data_7FSB
#
_entry.id   7FSB
#
_cell.length_a   208.049
_cell.length_b   113.231
_cell.length_c   188.473
_cell.angle_alpha   90.000
_cell.angle_beta   91.840
_cell.angle_gamma   90.000
#
_symmetry.space_group_name_H-M   'C 1 2 1'
#
loop_
_entity.id
_entity.type
_entity.pdbx_description
1 polymer 'Pyruvate kinase PKLR'
2 non-polymer 1,6-di-O-phosphono-beta-D-fructofuranose
3 non-polymer 'OXALATE ION'
4 non-polymer 'MAGNESIUM ION'
5 non-polymer 'POTASSIUM ION'
6 non-polymer N-({4-[(3,4-dihydroxyphenyl)methyl]phenyl}methyl)-3,4-dihydroxybenzene-1-sulfonamide
7 water water
#
_entity_poly.entity_id   1
_entity_poly.type   'polypeptide(L)'
_entity_poly.pdbx_seq_one_letter_code
;GSMEGPAGYLRRADVAQLTQELGTAFFQQQQLPAAMADTFLEHLCLLDIDSEPVAARSTSIIATIGPASRSVERLKEMIK
AGMNIARLNFSHGSHEYHAESIANVREAVESFAGSPLSYRPVAIALDTKGPGSGPGLSEQDVRDLRFGVEHGVDIVFASF
VRKASDVAAVRAALGPEGHGIKIISKIENHEGVKRFDEILEVSDGIMVARGDLGIEIPAEKVFLAQKMMIGRCNLAGKPV
VCATQMLESMITKPRPTRAETSDVANAVLDGADCIMLSGETAKGNFPVEAVKMQHAIAREAEAAVYHRQLFEELRRAAPL
SRDPTEVTAIGAVEAAFKCCAAAIIVLTTTGRSAQLLSRYRPRAAVIAVTRSAQAARQVHLCRGVFPLLYREPPEAIWAD
DVDRRVQFGIESGKLRGFLRVGDLVIVVTGWRPGSGYTNIMRVLSIS
;
_entity_poly.pdbx_strand_id   A,B,C,D,E,F,G,H
#
loop_
_chem_comp.id
_chem_comp.type
_chem_comp.name
_chem_comp.formula
FBP D-saccharide, beta linking 1,6-di-O-phosphono-beta-D-fructofuranose 'C6 H14 O12 P2'
K non-polymer 'POTASSIUM ION' 'K 1'
MG non-polymer 'MAGNESIUM ION' 'Mg 2'
OE0 non-polymer N-({4-[(3,4-dihydroxyphenyl)methyl]phenyl}methyl)-3,4-dihydroxybenzene-1-sulfonamide 'C20 H19 N O6 S'
OXL non-polymer 'OXALATE ION' 'C2 O4 -2'
#
# COMPACT_ATOMS: atom_id res chain seq x y z
N ALA A 25 27.89 -5.74 -19.59
CA ALA A 25 27.35 -6.61 -20.64
C ALA A 25 27.93 -8.01 -20.59
N PHE A 26 29.20 -8.14 -20.16
CA PHE A 26 29.88 -9.43 -20.06
C PHE A 26 29.21 -10.31 -19.01
N PHE A 27 28.83 -9.69 -17.87
CA PHE A 27 28.24 -10.40 -16.74
C PHE A 27 26.75 -10.76 -16.91
N GLN A 28 26.13 -10.39 -18.05
CA GLN A 28 24.75 -10.78 -18.34
C GLN A 28 24.71 -12.05 -19.24
N GLN A 29 25.77 -12.25 -20.06
CA GLN A 29 25.92 -13.39 -20.97
C GLN A 29 26.33 -14.68 -20.24
N GLN A 30 26.28 -15.82 -20.97
CA GLN A 30 26.62 -17.21 -20.59
C GLN A 30 26.14 -17.61 -19.17
N GLN A 31 24.91 -17.18 -18.81
CA GLN A 31 24.25 -17.45 -17.52
C GLN A 31 25.13 -17.11 -16.32
N LEU A 32 25.89 -16.00 -16.43
CA LEU A 32 26.76 -15.57 -15.33
C LEU A 32 25.99 -15.16 -14.08
N PRO A 33 24.80 -14.50 -14.14
CA PRO A 33 24.05 -14.20 -12.90
C PRO A 33 23.62 -15.48 -12.19
N ALA A 34 23.19 -16.49 -12.96
CA ALA A 34 22.76 -17.80 -12.46
C ALA A 34 23.90 -18.60 -11.81
N ALA A 35 25.12 -18.50 -12.36
CA ALA A 35 26.28 -19.23 -11.82
C ALA A 35 26.86 -18.60 -10.54
N MET A 36 26.62 -17.28 -10.33
CA MET A 36 27.04 -16.54 -9.13
C MET A 36 26.13 -16.80 -7.91
N ALA A 37 24.95 -17.43 -8.11
CA ALA A 37 23.97 -17.69 -7.08
C ALA A 37 24.52 -18.53 -5.94
N ASP A 38 24.10 -18.22 -4.69
CA ASP A 38 24.54 -18.90 -3.46
C ASP A 38 23.89 -20.27 -3.27
N THR A 39 22.70 -20.48 -3.85
CA THR A 39 21.99 -21.76 -3.78
C THR A 39 21.59 -22.25 -5.17
N PHE A 40 21.32 -23.55 -5.29
CA PHE A 40 20.86 -24.16 -6.53
C PHE A 40 19.44 -23.68 -6.90
N LEU A 41 18.59 -23.41 -5.90
CA LEU A 41 17.24 -22.89 -6.16
C LEU A 41 17.35 -21.50 -6.78
N GLU A 42 18.24 -20.64 -6.21
CA GLU A 42 18.50 -19.29 -6.71
C GLU A 42 19.11 -19.34 -8.12
N HIS A 43 19.97 -20.34 -8.39
CA HIS A 43 20.61 -20.59 -9.67
C HIS A 43 19.53 -20.84 -10.72
N LEU A 44 18.55 -21.72 -10.41
CA LEU A 44 17.45 -22.03 -11.31
C LEU A 44 16.62 -20.79 -11.61
N CYS A 45 16.29 -20.01 -10.57
CA CYS A 45 15.50 -18.79 -10.71
C CYS A 45 16.19 -17.71 -11.55
N LEU A 46 17.53 -17.71 -11.57
CA LEU A 46 18.31 -16.73 -12.32
C LEU A 46 18.63 -17.15 -13.77
N LEU A 47 18.09 -18.29 -14.25
CA LEU A 47 18.32 -18.71 -15.63
C LEU A 47 17.55 -17.78 -16.55
N ASP A 48 18.23 -17.22 -17.56
CA ASP A 48 17.68 -16.25 -18.48
C ASP A 48 17.75 -16.77 -19.92
N ILE A 49 16.60 -16.81 -20.65
CA ILE A 49 16.62 -17.24 -22.05
C ILE A 49 17.28 -16.17 -22.97
N ASP A 50 17.33 -14.91 -22.52
CA ASP A 50 17.99 -13.81 -23.23
C ASP A 50 19.51 -13.74 -22.98
N SER A 51 20.03 -14.58 -22.06
CA SER A 51 21.46 -14.66 -21.75
C SER A 51 22.07 -15.60 -22.78
N GLU A 52 22.81 -15.04 -23.75
CA GLU A 52 23.39 -15.83 -24.83
C GLU A 52 24.72 -16.50 -24.45
N PRO A 53 24.94 -17.74 -24.95
CA PRO A 53 26.22 -18.42 -24.63
C PRO A 53 27.36 -17.80 -25.43
N VAL A 54 28.48 -17.51 -24.77
CA VAL A 54 29.64 -16.94 -25.46
C VAL A 54 30.70 -18.00 -25.69
N ALA A 55 30.93 -18.88 -24.69
CA ALA A 55 31.94 -19.94 -24.79
C ALA A 55 31.68 -20.97 -25.92
N ALA A 56 32.74 -21.63 -26.38
CA ALA A 56 32.62 -22.63 -27.43
C ALA A 56 31.98 -23.90 -26.86
N ARG A 57 31.31 -24.68 -27.72
CA ARG A 57 30.64 -25.88 -27.30
C ARG A 57 31.63 -26.97 -26.89
N SER A 58 31.61 -27.31 -25.60
CA SER A 58 32.51 -28.26 -24.96
C SER A 58 32.10 -29.76 -25.07
N THR A 59 30.79 -30.08 -24.97
CA THR A 59 30.33 -31.46 -25.06
C THR A 59 30.48 -31.95 -26.48
N SER A 60 31.27 -33.00 -26.70
CA SER A 60 31.53 -33.48 -28.05
C SER A 60 30.35 -34.25 -28.66
N ILE A 61 30.20 -34.18 -29.99
CA ILE A 61 29.11 -34.83 -30.71
C ILE A 61 29.61 -36.04 -31.51
N ILE A 62 29.04 -37.23 -31.22
CA ILE A 62 29.36 -38.45 -31.93
C ILE A 62 28.24 -38.67 -32.94
N ALA A 63 28.59 -38.81 -34.22
CA ALA A 63 27.61 -39.02 -35.26
C ALA A 63 27.80 -40.38 -35.88
N THR A 64 26.72 -41.20 -35.94
CA THR A 64 26.79 -42.52 -36.56
C THR A 64 26.76 -42.36 -38.08
N ILE A 65 27.73 -42.97 -38.75
CA ILE A 65 27.86 -42.89 -40.20
C ILE A 65 27.09 -44.04 -40.87
N GLY A 66 26.22 -43.68 -41.79
CA GLY A 66 25.42 -44.64 -42.54
C GLY A 66 25.16 -44.14 -43.95
N PRO A 67 24.10 -44.67 -44.60
CA PRO A 67 23.78 -44.23 -45.96
C PRO A 67 23.50 -42.73 -46.09
N ALA A 68 22.81 -42.15 -45.09
CA ALA A 68 22.44 -40.73 -45.07
C ALA A 68 23.60 -39.76 -44.83
N SER A 69 24.77 -40.27 -44.41
CA SER A 69 25.90 -39.41 -44.06
C SER A 69 27.24 -40.00 -44.51
N ARG A 70 27.26 -40.69 -45.66
CA ARG A 70 28.49 -41.32 -46.13
C ARG A 70 29.26 -40.55 -47.20
N SER A 71 28.60 -39.63 -47.93
CA SER A 71 29.29 -38.89 -48.98
C SER A 71 30.31 -37.91 -48.43
N VAL A 72 31.44 -37.74 -49.13
CA VAL A 72 32.51 -36.83 -48.71
C VAL A 72 31.99 -35.41 -48.52
N GLU A 73 31.09 -34.96 -49.40
CA GLU A 73 30.49 -33.62 -49.35
C GLU A 73 29.51 -33.47 -48.16
N ARG A 74 28.78 -34.57 -47.81
CA ARG A 74 27.84 -34.66 -46.67
C ARG A 74 28.60 -34.61 -45.35
N LEU A 75 29.76 -35.30 -45.29
CA LEU A 75 30.65 -35.38 -44.15
C LEU A 75 31.31 -34.05 -43.83
N LYS A 76 31.68 -33.26 -44.87
CA LYS A 76 32.25 -31.92 -44.73
C LYS A 76 31.25 -30.96 -44.07
N GLU A 77 29.95 -31.12 -44.40
CA GLU A 77 28.88 -30.31 -43.81
C GLU A 77 28.68 -30.66 -42.35
N MET A 78 28.82 -31.96 -42.00
CA MET A 78 28.67 -32.41 -40.63
CA MET A 78 28.67 -32.41 -40.63
C MET A 78 29.85 -31.97 -39.78
N ILE A 79 31.06 -31.90 -40.37
CA ILE A 79 32.25 -31.43 -39.67
C ILE A 79 32.04 -29.94 -39.33
N LYS A 80 31.55 -29.16 -40.31
CA LYS A 80 31.24 -27.74 -40.12
C LYS A 80 30.10 -27.51 -39.12
N ALA A 81 29.13 -28.44 -39.07
CA ALA A 81 28.00 -28.40 -38.14
C ALA A 81 28.41 -28.72 -36.69
N GLY A 82 29.50 -29.46 -36.51
CA GLY A 82 30.02 -29.77 -35.18
C GLY A 82 30.35 -31.21 -34.85
N MET A 83 30.40 -32.11 -35.84
CA MET A 83 30.72 -33.51 -35.57
C MET A 83 32.18 -33.62 -35.11
N ASN A 84 32.41 -34.31 -33.98
CA ASN A 84 33.77 -34.47 -33.46
C ASN A 84 34.24 -35.90 -33.59
N ILE A 85 33.32 -36.88 -33.43
CA ILE A 85 33.63 -38.30 -33.52
C ILE A 85 32.67 -38.97 -34.51
N ALA A 86 33.19 -39.85 -35.37
CA ALA A 86 32.41 -40.58 -36.37
C ALA A 86 32.27 -42.03 -35.93
N ARG A 87 31.04 -42.48 -35.65
CA ARG A 87 30.77 -43.84 -35.18
C ARG A 87 30.45 -44.80 -36.32
N LEU A 88 31.09 -45.98 -36.34
CA LEU A 88 30.83 -47.02 -37.34
C LEU A 88 30.12 -48.16 -36.64
N ASN A 89 28.84 -48.39 -36.94
CA ASN A 89 28.12 -49.50 -36.31
C ASN A 89 28.42 -50.80 -37.04
N PHE A 90 29.21 -51.68 -36.41
CA PHE A 90 29.56 -52.96 -37.04
C PHE A 90 28.45 -54.03 -36.97
N SER A 91 27.26 -53.65 -36.47
CA SER A 91 26.08 -54.53 -36.49
C SER A 91 25.51 -54.61 -37.93
N HIS A 92 25.75 -53.56 -38.74
CA HIS A 92 25.28 -53.45 -40.11
C HIS A 92 26.47 -53.09 -41.01
N GLY A 93 26.50 -53.66 -42.22
CA GLY A 93 27.56 -53.38 -43.18
C GLY A 93 28.75 -54.32 -43.15
N SER A 94 29.43 -54.42 -44.29
CA SER A 94 30.61 -55.28 -44.45
C SER A 94 31.90 -54.52 -44.12
N HIS A 95 33.04 -55.24 -44.02
CA HIS A 95 34.34 -54.59 -43.78
C HIS A 95 34.70 -53.64 -44.94
N GLU A 96 34.33 -54.00 -46.18
CA GLU A 96 34.58 -53.18 -47.37
C GLU A 96 33.78 -51.87 -47.29
N TYR A 97 32.54 -51.95 -46.77
CA TYR A 97 31.65 -50.81 -46.60
C TYR A 97 32.24 -49.83 -45.60
N HIS A 98 32.66 -50.33 -44.43
CA HIS A 98 33.23 -49.51 -43.37
C HIS A 98 34.59 -48.93 -43.73
N ALA A 99 35.39 -49.64 -44.54
CA ALA A 99 36.69 -49.10 -44.99
C ALA A 99 36.46 -47.89 -45.91
N GLU A 100 35.38 -47.93 -46.74
CA GLU A 100 35.03 -46.82 -47.63
C GLU A 100 34.56 -45.63 -46.79
N SER A 101 33.81 -45.89 -45.70
CA SER A 101 33.35 -44.85 -44.80
C SER A 101 34.57 -44.14 -44.17
N ILE A 102 35.54 -44.92 -43.64
CA ILE A 102 36.79 -44.41 -43.04
C ILE A 102 37.55 -43.52 -44.01
N ALA A 103 37.67 -43.96 -45.27
CA ALA A 103 38.36 -43.22 -46.31
C ALA A 103 37.63 -41.91 -46.65
N ASN A 104 36.29 -41.94 -46.71
CA ASN A 104 35.46 -40.77 -47.00
C ASN A 104 35.55 -39.74 -45.89
N VAL A 105 35.56 -40.21 -44.63
CA VAL A 105 35.69 -39.35 -43.47
C VAL A 105 37.07 -38.70 -43.50
N ARG A 106 38.15 -39.49 -43.67
CA ARG A 106 39.50 -38.95 -43.73
C ARG A 106 39.69 -37.92 -44.86
N GLU A 107 39.05 -38.16 -46.01
CA GLU A 107 39.11 -37.24 -47.15
C GLU A 107 38.43 -35.91 -46.80
N ALA A 108 37.25 -35.98 -46.14
CA ALA A 108 36.51 -34.80 -45.71
C ALA A 108 37.26 -34.00 -44.62
N VAL A 109 37.91 -34.70 -43.67
CA VAL A 109 38.64 -34.05 -42.58
C VAL A 109 39.91 -33.38 -43.11
N GLU A 110 40.65 -34.09 -43.98
CA GLU A 110 41.89 -33.55 -44.52
C GLU A 110 41.69 -32.44 -45.56
N SER A 111 40.45 -32.22 -46.02
CA SER A 111 40.16 -31.11 -46.93
C SER A 111 40.37 -29.74 -46.22
N PHE A 112 40.37 -29.71 -44.88
CA PHE A 112 40.56 -28.50 -44.08
C PHE A 112 41.99 -28.33 -43.53
N ALA A 113 42.88 -29.31 -43.79
CA ALA A 113 44.26 -29.31 -43.30
C ALA A 113 45.15 -28.19 -43.87
N GLY A 114 44.69 -27.52 -44.92
CA GLY A 114 45.41 -26.42 -45.55
C GLY A 114 45.60 -25.21 -44.66
N SER A 115 44.74 -25.07 -43.65
CA SER A 115 44.82 -23.97 -42.69
C SER A 115 44.97 -24.61 -41.31
N PRO A 116 46.21 -24.87 -40.84
CA PRO A 116 46.39 -25.56 -39.54
C PRO A 116 45.90 -24.83 -38.28
N LEU A 117 45.68 -23.50 -38.37
CA LEU A 117 45.15 -22.72 -37.26
C LEU A 117 43.63 -22.91 -37.09
N SER A 118 42.93 -23.41 -38.13
CA SER A 118 41.49 -23.67 -38.09
C SER A 118 41.11 -25.13 -38.45
N TYR A 119 42.10 -26.05 -38.49
CA TYR A 119 41.89 -27.46 -38.81
C TYR A 119 41.25 -28.16 -37.60
N ARG A 120 40.20 -28.92 -37.85
CA ARG A 120 39.52 -29.64 -36.79
C ARG A 120 39.71 -31.17 -36.90
N PRO A 121 40.42 -31.79 -35.94
CA PRO A 121 40.58 -33.25 -35.98
C PRO A 121 39.27 -33.98 -35.71
N VAL A 122 39.02 -35.12 -36.36
CA VAL A 122 37.80 -35.90 -36.12
C VAL A 122 38.18 -37.32 -35.76
N ALA A 123 37.73 -37.84 -34.61
CA ALA A 123 38.03 -39.22 -34.20
C ALA A 123 37.18 -40.23 -34.96
N ILE A 124 37.68 -41.46 -35.10
CA ILE A 124 36.92 -42.54 -35.73
C ILE A 124 36.71 -43.63 -34.69
N ALA A 125 35.46 -43.97 -34.41
CA ALA A 125 35.14 -44.97 -33.40
C ALA A 125 34.45 -46.20 -33.99
N LEU A 126 34.85 -47.38 -33.54
CA LEU A 126 34.29 -48.64 -34.01
C LEU A 126 33.35 -49.19 -32.95
N ASP A 127 32.07 -49.32 -33.27
CA ASP A 127 31.10 -49.87 -32.34
C ASP A 127 30.92 -51.35 -32.69
N THR A 128 31.36 -52.25 -31.79
CA THR A 128 31.28 -53.69 -32.04
C THR A 128 29.84 -54.24 -32.06
N LYS A 129 29.64 -55.36 -32.77
CA LYS A 129 28.33 -56.02 -32.91
C LYS A 129 27.84 -56.56 -31.56
N GLY A 130 28.73 -57.19 -30.81
CA GLY A 130 28.40 -57.71 -29.48
C GLY A 130 28.43 -59.23 -29.35
N PRO A 131 28.41 -59.71 -28.09
CA PRO A 131 28.43 -61.17 -27.87
C PRO A 131 27.09 -61.88 -28.06
N GLY A 132 25.99 -61.12 -28.05
CA GLY A 132 24.64 -61.65 -28.19
C GLY A 132 24.31 -62.72 -27.16
N SER A 133 23.94 -63.92 -27.64
CA SER A 133 23.63 -65.06 -26.77
C SER A 133 24.85 -65.59 -26.01
N GLY A 134 26.03 -65.45 -26.63
CA GLY A 134 27.30 -65.92 -26.08
C GLY A 134 27.76 -65.22 -24.83
N GLY A 136 31.57 -65.15 -24.19
CA GLY A 136 32.74 -64.30 -24.28
C GLY A 136 32.73 -63.43 -25.52
N LEU A 137 33.92 -63.03 -25.99
CA LEU A 137 34.06 -62.20 -27.19
C LEU A 137 33.72 -63.05 -28.40
N SER A 138 32.77 -62.61 -29.22
CA SER A 138 32.36 -63.38 -30.40
C SER A 138 33.46 -63.46 -31.47
N GLU A 139 33.35 -64.42 -32.41
CA GLU A 139 34.34 -64.57 -33.47
C GLU A 139 34.31 -63.36 -34.40
N GLN A 140 33.10 -62.82 -34.68
CA GLN A 140 32.95 -61.65 -35.54
C GLN A 140 33.60 -60.43 -34.89
N ASP A 141 33.45 -60.28 -33.57
CA ASP A 141 34.07 -59.16 -32.85
C ASP A 141 35.59 -59.19 -32.93
N VAL A 142 36.20 -60.38 -32.86
CA VAL A 142 37.64 -60.52 -32.97
C VAL A 142 38.13 -60.06 -34.37
N ARG A 143 37.34 -60.36 -35.40
CA ARG A 143 37.66 -59.96 -36.77
C ARG A 143 37.46 -58.46 -36.99
N ASP A 144 36.39 -57.90 -36.42
CA ASP A 144 36.07 -56.48 -36.52
C ASP A 144 37.11 -55.63 -35.77
N LEU A 145 37.58 -56.12 -34.61
CA LEU A 145 38.61 -55.43 -33.80
C LEU A 145 39.95 -55.43 -34.51
N ARG A 146 40.33 -56.53 -35.17
CA ARG A 146 41.57 -56.57 -35.93
C ARG A 146 41.47 -55.60 -37.13
N PHE A 147 40.27 -55.46 -37.74
CA PHE A 147 40.00 -54.51 -38.81
C PHE A 147 40.25 -53.08 -38.31
N GLY A 148 39.74 -52.77 -37.13
CA GLY A 148 39.90 -51.45 -36.52
C GLY A 148 41.36 -51.09 -36.30
N VAL A 149 42.15 -52.08 -35.86
CA VAL A 149 43.57 -51.89 -35.63
C VAL A 149 44.27 -51.62 -36.96
N GLU A 150 43.99 -52.45 -37.99
CA GLU A 150 44.57 -52.30 -39.33
C GLU A 150 44.18 -50.98 -39.99
N HIS A 151 43.02 -50.43 -39.66
CA HIS A 151 42.56 -49.19 -40.26
C HIS A 151 42.78 -47.94 -39.40
N GLY A 152 43.45 -48.08 -38.25
CA GLY A 152 43.77 -46.97 -37.39
C GLY A 152 42.63 -46.25 -36.70
N VAL A 153 41.66 -47.02 -36.17
CA VAL A 153 40.56 -46.39 -35.43
C VAL A 153 41.11 -45.88 -34.09
N ASP A 154 40.48 -44.83 -33.54
CA ASP A 154 40.95 -44.23 -32.30
C ASP A 154 40.22 -44.78 -31.08
N ILE A 155 38.92 -45.05 -31.22
CA ILE A 155 38.09 -45.52 -30.12
C ILE A 155 37.32 -46.79 -30.49
N VAL A 156 36.99 -47.59 -29.48
CA VAL A 156 36.17 -48.79 -29.63
C VAL A 156 35.03 -48.66 -28.63
N PHE A 157 33.78 -48.80 -29.09
CA PHE A 157 32.64 -48.82 -28.20
C PHE A 157 32.34 -50.31 -28.08
N ALA A 158 32.82 -50.93 -27.01
CA ALA A 158 32.61 -52.36 -26.80
C ALA A 158 31.18 -52.62 -26.33
N SER A 159 30.36 -53.30 -27.17
CA SER A 159 28.96 -53.62 -26.87
C SER A 159 28.80 -54.69 -25.79
N PHE A 160 27.71 -54.56 -25.01
CA PHE A 160 27.28 -55.48 -23.95
C PHE A 160 28.39 -55.93 -22.98
N VAL A 161 29.11 -54.96 -22.39
CA VAL A 161 30.13 -55.28 -21.40
C VAL A 161 29.37 -55.67 -20.12
N ARG A 162 29.68 -56.85 -19.56
CA ARG A 162 29.01 -57.34 -18.35
C ARG A 162 29.96 -57.42 -17.15
N LYS A 163 31.27 -57.54 -17.38
CA LYS A 163 32.27 -57.70 -16.33
C LYS A 163 33.65 -57.19 -16.81
N ALA A 164 34.63 -57.10 -15.90
CA ALA A 164 35.98 -56.62 -16.26
C ALA A 164 36.70 -57.58 -17.22
N SER A 165 36.37 -58.88 -17.17
CA SER A 165 36.98 -59.87 -18.07
C SER A 165 36.61 -59.63 -19.54
N ASP A 166 35.43 -59.03 -19.80
CA ASP A 166 34.96 -58.67 -21.14
C ASP A 166 35.83 -57.56 -21.73
N VAL A 167 36.22 -56.57 -20.90
CA VAL A 167 37.09 -55.48 -21.32
C VAL A 167 38.48 -56.01 -21.65
N ALA A 168 38.98 -56.95 -20.82
CA ALA A 168 40.28 -57.58 -21.00
C ALA A 168 40.33 -58.35 -22.32
N ALA A 169 39.20 -59.00 -22.69
CA ALA A 169 39.09 -59.74 -23.95
C ALA A 169 39.20 -58.81 -25.15
N VAL A 170 38.59 -57.62 -25.08
CA VAL A 170 38.65 -56.61 -26.14
C VAL A 170 40.08 -56.05 -26.27
N ARG A 171 40.73 -55.80 -25.13
CA ARG A 171 42.10 -55.31 -25.12
C ARG A 171 43.07 -56.33 -25.73
N ALA A 172 42.83 -57.63 -25.46
CA ALA A 172 43.62 -58.72 -26.00
C ALA A 172 43.42 -58.86 -27.53
N ALA A 173 42.15 -58.79 -28.00
CA ALA A 173 41.80 -58.88 -29.44
C ALA A 173 42.32 -57.70 -30.28
N LEU A 174 42.73 -56.59 -29.63
CA LEU A 174 43.36 -55.44 -30.30
C LEU A 174 44.87 -55.72 -30.55
N GLY A 175 45.46 -56.64 -29.78
CA GLY A 175 46.84 -57.07 -29.90
C GLY A 175 47.87 -56.02 -29.54
N PRO A 176 49.14 -56.30 -29.89
CA PRO A 176 50.21 -55.34 -29.59
C PRO A 176 50.20 -54.08 -30.48
N GLU A 177 49.44 -54.13 -31.58
CA GLU A 177 49.28 -52.98 -32.46
C GLU A 177 48.16 -52.04 -31.94
N GLY A 178 47.14 -52.61 -31.29
CA GLY A 178 46.02 -51.86 -30.73
C GLY A 178 46.16 -51.55 -29.25
N HIS A 179 47.27 -50.89 -28.87
CA HIS A 179 47.57 -50.51 -27.48
C HIS A 179 47.04 -49.12 -27.14
N GLY A 180 47.12 -48.20 -28.10
CA GLY A 180 46.71 -46.81 -27.93
C GLY A 180 45.23 -46.52 -28.14
N ILE A 181 44.45 -47.54 -28.55
CA ILE A 181 43.01 -47.44 -28.79
C ILE A 181 42.27 -47.26 -27.47
N LYS A 182 41.30 -46.33 -27.42
CA LYS A 182 40.51 -46.13 -26.21
C LYS A 182 39.32 -47.09 -26.16
N ILE A 183 39.08 -47.74 -25.01
CA ILE A 183 37.94 -48.64 -24.87
C ILE A 183 36.84 -48.01 -24.03
N ILE A 184 35.72 -47.69 -24.68
CA ILE A 184 34.53 -47.13 -24.04
C ILE A 184 33.55 -48.29 -23.88
N SER A 185 33.32 -48.75 -22.64
CA SER A 185 32.44 -49.89 -22.39
C SER A 185 30.97 -49.51 -22.40
N LYS A 186 30.20 -50.12 -23.32
CA LYS A 186 28.76 -49.86 -23.37
C LYS A 186 28.05 -50.68 -22.31
N ILE A 187 27.36 -50.00 -21.39
CA ILE A 187 26.58 -50.68 -20.36
C ILE A 187 25.17 -50.78 -20.92
N GLU A 188 24.74 -51.99 -21.30
CA GLU A 188 23.44 -52.20 -21.96
C GLU A 188 22.49 -53.15 -21.22
N ASN A 189 22.90 -53.72 -20.09
CA ASN A 189 22.05 -54.67 -19.35
C ASN A 189 22.20 -54.56 -17.82
N HIS A 190 21.36 -55.29 -17.06
CA HIS A 190 21.40 -55.26 -15.61
C HIS A 190 22.75 -55.68 -15.01
N GLU A 191 23.40 -56.71 -15.57
CA GLU A 191 24.68 -57.18 -15.03
C GLU A 191 25.76 -56.12 -15.13
N GLY A 192 25.79 -55.39 -16.25
CA GLY A 192 26.74 -54.31 -16.48
C GLY A 192 26.57 -53.18 -15.49
N VAL A 193 25.29 -52.85 -15.19
CA VAL A 193 24.96 -51.80 -14.22
C VAL A 193 25.43 -52.20 -12.82
N LYS A 194 25.26 -53.47 -12.45
CA LYS A 194 25.66 -53.96 -11.14
C LYS A 194 27.17 -54.10 -11.00
N ARG A 195 27.85 -54.57 -12.03
CA ARG A 195 29.31 -54.71 -11.98
C ARG A 195 30.06 -53.46 -12.47
N PHE A 196 29.36 -52.31 -12.57
CA PHE A 196 29.85 -51.03 -13.06
C PHE A 196 31.22 -50.61 -12.52
N ASP A 197 31.43 -50.69 -11.21
CA ASP A 197 32.69 -50.24 -10.62
C ASP A 197 33.91 -51.02 -11.13
N GLU A 198 33.76 -52.34 -11.34
CA GLU A 198 34.87 -53.16 -11.84
C GLU A 198 35.13 -52.93 -13.33
N ILE A 199 34.07 -52.61 -14.09
CA ILE A 199 34.13 -52.33 -15.52
C ILE A 199 34.80 -50.98 -15.75
N LEU A 200 34.35 -49.92 -15.04
CA LEU A 200 34.92 -48.58 -15.16
C LEU A 200 36.39 -48.56 -14.78
N GLU A 201 36.79 -49.38 -13.79
CA GLU A 201 38.17 -49.43 -13.34
C GLU A 201 39.14 -49.86 -14.44
N VAL A 202 38.70 -50.78 -15.31
CA VAL A 202 39.53 -51.29 -16.41
C VAL A 202 39.23 -50.65 -17.78
N SER A 203 38.21 -49.79 -17.87
CA SER A 203 37.86 -49.11 -19.12
C SER A 203 38.44 -47.70 -19.17
N ASP A 204 38.56 -47.14 -20.37
CA ASP A 204 39.00 -45.74 -20.54
C ASP A 204 37.83 -44.74 -20.32
N GLY A 205 36.60 -45.23 -20.49
CA GLY A 205 35.37 -44.48 -20.33
C GLY A 205 34.14 -45.38 -20.48
N ILE A 206 32.94 -44.80 -20.37
CA ILE A 206 31.69 -45.57 -20.44
C ILE A 206 30.70 -44.98 -21.42
N MET A 207 29.79 -45.80 -21.93
CA MET A 207 28.71 -45.33 -22.76
C MET A 207 27.40 -45.84 -22.18
N VAL A 208 26.46 -44.93 -21.93
CA VAL A 208 25.15 -45.30 -21.42
C VAL A 208 24.28 -45.61 -22.63
N ALA A 209 24.30 -46.88 -23.03
CA ALA A 209 23.58 -47.41 -24.18
C ALA A 209 22.14 -47.65 -23.75
N ARG A 210 21.33 -46.57 -23.75
CA ARG A 210 19.94 -46.55 -23.28
C ARG A 210 18.94 -47.41 -24.07
N GLY A 211 19.23 -47.69 -25.34
CA GLY A 211 18.35 -48.51 -26.17
C GLY A 211 18.18 -49.91 -25.63
N ASP A 212 19.28 -50.68 -25.54
CA ASP A 212 19.22 -52.04 -24.99
C ASP A 212 18.95 -52.00 -23.48
N LEU A 213 19.49 -51.00 -22.78
CA LEU A 213 19.29 -50.83 -21.34
C LEU A 213 17.81 -50.65 -20.99
N GLY A 214 17.07 -49.95 -21.86
CA GLY A 214 15.64 -49.72 -21.70
C GLY A 214 14.76 -50.95 -21.93
N ILE A 215 15.35 -52.04 -22.43
CA ILE A 215 14.69 -53.31 -22.68
C ILE A 215 15.10 -54.32 -21.59
N GLU A 216 16.40 -54.32 -21.21
CA GLU A 216 16.97 -55.22 -20.19
C GLU A 216 16.46 -54.89 -18.78
N ILE A 217 16.33 -53.58 -18.47
CA ILE A 217 15.80 -53.09 -17.19
C ILE A 217 14.49 -52.30 -17.44
N PRO A 218 13.61 -52.08 -16.43
CA PRO A 218 12.37 -51.32 -16.68
C PRO A 218 12.65 -49.95 -17.29
N ALA A 219 11.89 -49.56 -18.33
CA ALA A 219 12.09 -48.28 -19.02
C ALA A 219 12.13 -47.07 -18.08
N GLU A 220 11.33 -47.11 -17.01
CA GLU A 220 11.21 -46.04 -16.01
C GLU A 220 12.38 -45.97 -15.03
N LYS A 221 13.35 -46.90 -15.11
CA LYS A 221 14.53 -46.91 -14.24
C LYS A 221 15.82 -46.49 -14.94
N VAL A 222 15.80 -46.35 -16.28
CA VAL A 222 16.98 -46.02 -17.09
C VAL A 222 17.63 -44.68 -16.69
N PHE A 223 16.82 -43.67 -16.34
CA PHE A 223 17.34 -42.37 -15.92
C PHE A 223 18.19 -42.45 -14.64
N LEU A 224 17.88 -43.40 -13.72
CA LEU A 224 18.65 -43.61 -12.49
C LEU A 224 20.04 -44.13 -12.84
N ALA A 225 20.08 -45.10 -13.79
CA ALA A 225 21.30 -45.73 -14.27
C ALA A 225 22.15 -44.71 -15.00
N GLN A 226 21.54 -43.87 -15.86
CA GLN A 226 22.25 -42.84 -16.58
C GLN A 226 22.93 -41.86 -15.61
N LYS A 227 22.14 -41.27 -14.68
CA LYS A 227 22.62 -40.32 -13.68
C LYS A 227 23.69 -40.88 -12.75
N MET A 228 23.54 -42.14 -12.30
CA MET A 228 24.54 -42.77 -11.44
C MET A 228 25.86 -42.97 -12.20
N MET A 229 25.77 -43.49 -13.44
CA MET A 229 26.95 -43.77 -14.25
C MET A 229 27.69 -42.52 -14.62
N ILE A 230 26.97 -41.47 -15.04
CA ILE A 230 27.59 -40.19 -15.36
C ILE A 230 28.35 -39.61 -14.14
N GLY A 231 27.70 -39.64 -12.98
CA GLY A 231 28.27 -39.16 -11.73
C GLY A 231 29.51 -39.94 -11.31
N ARG A 232 29.47 -41.26 -11.45
CA ARG A 232 30.60 -42.10 -11.10
C ARG A 232 31.78 -41.87 -12.05
N CYS A 233 31.48 -41.63 -13.35
CA CYS A 233 32.51 -41.34 -14.35
C CYS A 233 33.15 -40.00 -14.06
N ASN A 234 32.32 -39.00 -13.70
CA ASN A 234 32.80 -37.65 -13.36
C ASN A 234 33.74 -37.69 -12.15
N LEU A 235 33.39 -38.55 -11.17
CA LEU A 235 34.18 -38.75 -9.96
CA LEU A 235 34.17 -38.76 -9.96
C LEU A 235 35.52 -39.38 -10.33
N ALA A 236 35.50 -40.39 -11.23
CA ALA A 236 36.67 -41.12 -11.71
C ALA A 236 37.58 -40.32 -12.67
N GLY A 237 37.04 -39.26 -13.27
CA GLY A 237 37.77 -38.45 -14.25
C GLY A 237 37.85 -39.10 -15.63
N LYS A 238 36.91 -40.02 -15.94
CA LYS A 238 36.86 -40.74 -17.20
C LYS A 238 35.67 -40.31 -18.06
N PRO A 239 35.84 -40.23 -19.39
CA PRO A 239 34.71 -39.81 -20.24
C PRO A 239 33.47 -40.69 -20.17
N VAL A 240 32.29 -40.07 -20.33
CA VAL A 240 31.02 -40.78 -20.31
C VAL A 240 30.15 -40.28 -21.47
N VAL A 241 29.64 -41.19 -22.30
CA VAL A 241 28.82 -40.86 -23.48
C VAL A 241 27.36 -41.17 -23.20
N CYS A 242 26.45 -40.24 -23.54
CA CYS A 242 25.02 -40.51 -23.44
C CYS A 242 24.57 -40.87 -24.84
N ALA A 243 23.92 -42.03 -24.98
CA ALA A 243 23.54 -42.53 -26.29
C ALA A 243 22.05 -42.95 -26.42
N THR A 244 21.56 -43.05 -27.68
CA THR A 244 20.26 -43.58 -28.16
C THR A 244 18.99 -42.73 -27.89
N GLN A 245 18.23 -42.49 -28.98
CA GLN A 245 16.95 -41.81 -29.06
C GLN A 245 16.94 -40.40 -28.51
N MET A 246 18.09 -39.69 -28.56
CA MET A 246 18.20 -38.32 -28.07
C MET A 246 17.34 -37.34 -28.90
N LEU A 247 17.39 -37.44 -30.24
CA LEU A 247 16.58 -36.60 -31.13
C LEU A 247 15.89 -37.51 -32.16
N GLU A 248 15.35 -38.65 -31.72
CA GLU A 248 14.70 -39.66 -32.56
C GLU A 248 13.71 -39.12 -33.58
N SER A 249 12.86 -38.15 -33.22
CA SER A 249 11.88 -37.59 -34.16
C SER A 249 12.53 -36.88 -35.36
N MET A 250 13.79 -36.43 -35.22
CA MET A 250 14.52 -35.79 -36.30
C MET A 250 14.93 -36.75 -37.43
N ILE A 251 14.67 -38.06 -37.30
CA ILE A 251 14.93 -39.04 -38.36
C ILE A 251 13.96 -38.72 -39.53
N THR A 252 12.70 -38.42 -39.19
CA THR A 252 11.66 -38.11 -40.17
C THR A 252 11.29 -36.60 -40.23
N LYS A 253 11.36 -35.87 -39.09
CA LYS A 253 10.95 -34.46 -38.98
C LYS A 253 12.09 -33.44 -38.86
N PRO A 254 11.93 -32.20 -39.37
CA PRO A 254 13.02 -31.20 -39.30
C PRO A 254 13.25 -30.56 -37.93
N ARG A 255 12.32 -30.74 -37.00
CA ARG A 255 12.39 -30.19 -35.66
C ARG A 255 12.16 -31.29 -34.62
N PRO A 256 12.86 -31.25 -33.46
CA PRO A 256 12.62 -32.29 -32.45
C PRO A 256 11.46 -31.99 -31.50
N THR A 257 11.06 -32.98 -30.69
CA THR A 257 9.99 -32.81 -29.72
C THR A 257 10.49 -32.04 -28.48
N ARG A 258 9.56 -31.58 -27.62
CA ARG A 258 9.93 -30.87 -26.40
C ARG A 258 10.67 -31.77 -25.41
N ALA A 259 10.40 -33.09 -25.45
CA ALA A 259 11.06 -34.08 -24.63
C ALA A 259 12.51 -34.31 -25.09
N GLU A 260 12.76 -34.26 -26.41
CA GLU A 260 14.06 -34.48 -27.03
C GLU A 260 15.05 -33.39 -26.76
N THR A 261 14.62 -32.12 -26.89
CA THR A 261 15.51 -30.99 -26.58
C THR A 261 15.85 -31.01 -25.06
N SER A 262 14.84 -31.32 -24.23
CA SER A 262 14.97 -31.46 -22.78
C SER A 262 16.00 -32.57 -22.46
N ASP A 263 15.89 -33.73 -23.13
CA ASP A 263 16.78 -34.86 -22.94
C ASP A 263 18.25 -34.52 -23.21
N VAL A 264 18.54 -33.89 -24.36
CA VAL A 264 19.90 -33.51 -24.76
C VAL A 264 20.50 -32.57 -23.72
N ALA A 265 19.73 -31.55 -23.33
CA ALA A 265 20.15 -30.57 -22.36
C ALA A 265 20.41 -31.19 -20.99
N ASN A 266 19.57 -32.17 -20.60
CA ASN A 266 19.73 -32.83 -19.32
C ASN A 266 20.91 -33.78 -19.28
N ALA A 267 21.27 -34.42 -20.41
CA ALA A 267 22.45 -35.27 -20.47
C ALA A 267 23.71 -34.41 -20.24
N VAL A 268 23.75 -33.22 -20.84
CA VAL A 268 24.84 -32.27 -20.64
C VAL A 268 24.85 -31.80 -19.19
N LEU A 269 23.69 -31.40 -18.66
CA LEU A 269 23.59 -30.95 -17.28
C LEU A 269 24.00 -32.02 -16.26
N ASP A 270 23.73 -33.30 -16.57
CA ASP A 270 24.12 -34.45 -15.72
C ASP A 270 25.65 -34.56 -15.60
N GLY A 271 26.36 -34.20 -16.66
CA GLY A 271 27.82 -34.25 -16.71
C GLY A 271 28.37 -35.15 -17.80
N ALA A 272 27.59 -35.40 -18.87
CA ALA A 272 28.06 -36.27 -19.96
C ALA A 272 29.14 -35.55 -20.76
N ASP A 273 30.24 -36.25 -21.04
CA ASP A 273 31.34 -35.70 -21.83
C ASP A 273 30.98 -35.65 -23.32
N CYS A 274 30.20 -36.66 -23.80
CA CYS A 274 29.77 -36.76 -25.19
C CYS A 274 28.29 -37.05 -25.31
N ILE A 275 27.70 -36.60 -26.42
CA ILE A 275 26.31 -36.90 -26.77
C ILE A 275 26.32 -37.56 -28.15
N MET A 276 25.39 -38.49 -28.39
CA MET A 276 25.40 -39.27 -29.63
C MET A 276 24.10 -39.21 -30.48
N LEU A 277 24.27 -39.41 -31.79
CA LEU A 277 23.17 -39.48 -32.74
C LEU A 277 23.31 -40.80 -33.47
N SER A 278 22.32 -41.70 -33.35
CA SER A 278 22.38 -43.00 -34.02
C SER A 278 21.64 -42.95 -35.39
N GLY A 279 20.35 -43.31 -35.44
CA GLY A 279 19.54 -43.28 -36.64
C GLY A 279 19.35 -41.88 -37.20
N GLU A 280 19.39 -40.86 -36.32
CA GLU A 280 19.23 -39.44 -36.63
C GLU A 280 20.19 -38.96 -37.74
N THR A 281 21.41 -39.52 -37.77
CA THR A 281 22.40 -39.17 -38.80
C THR A 281 22.67 -40.34 -39.77
N ALA A 282 22.68 -41.58 -39.27
CA ALA A 282 22.96 -42.75 -40.12
C ALA A 282 21.90 -42.99 -41.20
N LYS A 283 20.62 -42.87 -40.87
CA LYS A 283 19.55 -43.14 -41.85
C LYS A 283 18.46 -42.05 -41.96
N GLY A 284 18.52 -41.03 -41.11
CA GLY A 284 17.52 -39.97 -41.05
C GLY A 284 17.66 -38.87 -42.08
N ASN A 285 16.50 -38.31 -42.50
CA ASN A 285 16.36 -37.25 -43.51
C ASN A 285 17.09 -35.95 -43.13
N PHE A 286 17.40 -35.76 -41.84
CA PHE A 286 18.05 -34.54 -41.39
C PHE A 286 19.33 -34.83 -40.59
N PRO A 287 20.41 -35.35 -41.21
CA PRO A 287 21.63 -35.64 -40.44
C PRO A 287 22.43 -34.40 -40.04
N VAL A 288 22.61 -33.44 -40.97
CA VAL A 288 23.31 -32.20 -40.67
C VAL A 288 22.50 -31.34 -39.68
N GLU A 289 21.16 -31.38 -39.78
CA GLU A 289 20.28 -30.63 -38.90
C GLU A 289 20.26 -31.20 -37.49
N ALA A 290 20.45 -32.53 -37.34
CA ALA A 290 20.49 -33.16 -36.03
C ALA A 290 21.79 -32.78 -35.31
N VAL A 291 22.92 -32.67 -36.05
CA VAL A 291 24.21 -32.25 -35.51
C VAL A 291 24.13 -30.78 -35.07
N LYS A 292 23.56 -29.91 -35.93
CA LYS A 292 23.38 -28.49 -35.62
C LYS A 292 22.50 -28.32 -34.38
N MET A 293 21.44 -29.13 -34.25
CA MET A 293 20.54 -29.08 -33.09
C MET A 293 21.25 -29.53 -31.81
N GLN A 294 22.02 -30.63 -31.85
CA GLN A 294 22.78 -31.06 -30.67
C GLN A 294 23.81 -30.00 -30.28
N HIS A 295 24.43 -29.34 -31.26
CA HIS A 295 25.39 -28.29 -30.99
C HIS A 295 24.71 -27.12 -30.25
N ALA A 296 23.56 -26.66 -30.79
CA ALA A 296 22.79 -25.54 -30.23
C ALA A 296 22.33 -25.78 -28.80
N ILE A 297 21.77 -26.98 -28.49
CA ILE A 297 21.30 -27.34 -27.16
C ILE A 297 22.47 -27.45 -26.18
N ALA A 298 23.55 -28.15 -26.56
CA ALA A 298 24.72 -28.33 -25.69
C ALA A 298 25.31 -26.99 -25.25
N ARG A 299 25.50 -26.05 -26.18
CA ARG A 299 26.02 -24.71 -25.89
C ARG A 299 25.21 -24.00 -24.80
N GLU A 300 23.86 -24.11 -24.87
CA GLU A 300 22.95 -23.49 -23.91
C GLU A 300 23.06 -24.17 -22.55
N ALA A 301 23.06 -25.51 -22.54
CA ALA A 301 23.11 -26.34 -21.35
C ALA A 301 24.40 -26.18 -20.57
N GLU A 302 25.54 -26.00 -21.26
CA GLU A 302 26.84 -25.81 -20.62
C GLU A 302 26.92 -24.48 -19.86
N ALA A 303 26.29 -23.43 -20.39
CA ALA A 303 26.26 -22.14 -19.72
C ALA A 303 25.43 -22.24 -18.44
N ALA A 304 24.33 -23.02 -18.47
CA ALA A 304 23.43 -23.26 -17.35
C ALA A 304 23.99 -24.21 -16.26
N VAL A 305 25.22 -24.69 -16.42
CA VAL A 305 25.84 -25.56 -15.41
C VAL A 305 26.20 -24.73 -14.17
N TYR A 306 25.78 -25.21 -12.99
CA TYR A 306 26.02 -24.55 -11.72
C TYR A 306 27.46 -24.81 -11.26
N HIS A 307 28.44 -24.13 -11.88
CA HIS A 307 29.87 -24.32 -11.58
C HIS A 307 30.25 -24.12 -10.12
N ARG A 308 29.56 -23.21 -9.39
CA ARG A 308 29.86 -22.97 -7.98
C ARG A 308 29.87 -24.25 -7.13
N GLN A 309 28.78 -25.02 -7.20
CA GLN A 309 28.69 -26.28 -6.48
C GLN A 309 29.41 -27.41 -7.21
N LEU A 310 29.40 -27.40 -8.55
CA LEU A 310 30.07 -28.43 -9.33
C LEU A 310 31.56 -28.50 -9.02
N PHE A 311 32.27 -27.38 -9.15
CA PHE A 311 33.71 -27.34 -8.91
C PHE A 311 34.02 -27.68 -7.47
N GLU A 312 33.25 -27.15 -6.53
CA GLU A 312 33.43 -27.41 -5.10
C GLU A 312 33.28 -28.87 -4.73
N GLU A 313 32.29 -29.54 -5.32
CA GLU A 313 32.04 -30.96 -5.07
C GLU A 313 33.08 -31.81 -5.75
N LEU A 314 33.50 -31.45 -6.97
CA LEU A 314 34.55 -32.17 -7.69
C LEU A 314 35.86 -32.06 -6.93
N ARG A 315 36.16 -30.89 -6.38
CA ARG A 315 37.35 -30.65 -5.60
C ARG A 315 37.40 -31.49 -4.33
N ARG A 316 36.32 -31.48 -3.54
CA ARG A 316 36.23 -32.24 -2.29
C ARG A 316 36.28 -33.76 -2.57
N ALA A 317 35.53 -34.20 -3.59
CA ALA A 317 35.44 -35.61 -3.96
C ALA A 317 36.72 -36.20 -4.52
N ALA A 318 37.53 -35.38 -5.19
CA ALA A 318 38.79 -35.87 -5.75
C ALA A 318 39.76 -36.14 -4.62
N PRO A 319 40.40 -37.33 -4.59
CA PRO A 319 41.34 -37.62 -3.51
C PRO A 319 42.63 -36.84 -3.63
N LEU A 320 43.36 -36.72 -2.51
CA LEU A 320 44.65 -36.05 -2.52
C LEU A 320 45.61 -36.83 -3.44
N SER A 321 46.52 -36.11 -4.09
CA SER A 321 47.42 -36.74 -5.03
C SER A 321 48.80 -36.19 -4.91
N ARG A 322 49.79 -37.06 -5.11
CA ARG A 322 51.17 -36.63 -5.10
CA ARG A 322 51.18 -36.64 -5.11
C ARG A 322 51.76 -36.62 -6.53
N ASP A 323 50.90 -36.65 -7.58
CA ASP A 323 51.29 -36.61 -8.98
C ASP A 323 51.29 -35.14 -9.41
N PRO A 324 52.45 -34.61 -9.81
CA PRO A 324 52.52 -33.18 -10.20
C PRO A 324 51.56 -32.77 -11.31
N THR A 325 51.21 -33.69 -12.23
CA THR A 325 50.26 -33.39 -13.29
C THR A 325 48.89 -33.14 -12.67
N GLU A 326 48.48 -34.01 -11.73
CA GLU A 326 47.20 -33.91 -11.01
C GLU A 326 47.09 -32.67 -10.17
N VAL A 327 48.19 -32.30 -9.51
CA VAL A 327 48.29 -31.12 -8.65
C VAL A 327 48.28 -29.83 -9.45
N THR A 328 49.02 -29.81 -10.56
CA THR A 328 49.06 -28.64 -11.44
C THR A 328 47.70 -28.40 -12.09
N ALA A 329 46.96 -29.49 -12.41
CA ALA A 329 45.63 -29.40 -13.02
C ALA A 329 44.64 -28.67 -12.13
N ILE A 330 44.59 -29.01 -10.83
CA ILE A 330 43.66 -28.33 -9.91
C ILE A 330 44.10 -26.88 -9.65
N GLY A 331 45.41 -26.63 -9.60
CA GLY A 331 45.92 -25.29 -9.39
C GLY A 331 45.57 -24.39 -10.57
N ALA A 332 45.68 -24.92 -11.81
CA ALA A 332 45.38 -24.17 -13.03
C ALA A 332 43.90 -23.87 -13.19
N VAL A 333 43.04 -24.84 -12.84
CA VAL A 333 41.59 -24.63 -12.93
C VAL A 333 41.16 -23.57 -11.89
N GLU A 334 41.73 -23.61 -10.70
CA GLU A 334 41.45 -22.62 -9.65
C GLU A 334 41.89 -21.23 -10.09
N ALA A 335 43.08 -21.13 -10.71
CA ALA A 335 43.61 -19.86 -11.20
C ALA A 335 42.72 -19.30 -12.32
N ALA A 336 42.24 -20.19 -13.22
CA ALA A 336 41.36 -19.83 -14.33
C ALA A 336 40.03 -19.25 -13.85
N PHE A 337 39.50 -19.80 -12.75
CA PHE A 337 38.25 -19.30 -12.22
C PHE A 337 38.43 -17.92 -11.56
N LYS A 338 39.54 -17.71 -10.87
CA LYS A 338 39.87 -16.46 -10.17
C LYS A 338 39.92 -15.22 -11.09
N CYS A 339 40.42 -15.38 -12.31
CA CYS A 339 40.53 -14.25 -13.24
C CYS A 339 39.54 -14.29 -14.41
N CYS A 340 38.65 -15.31 -14.46
CA CYS A 340 37.73 -15.55 -15.58
C CYS A 340 38.53 -15.70 -16.87
N ALA A 341 39.53 -16.60 -16.80
CA ALA A 341 40.44 -16.89 -17.91
C ALA A 341 39.66 -17.35 -19.11
N ALA A 342 40.02 -16.81 -20.28
CA ALA A 342 39.34 -17.17 -21.51
C ALA A 342 39.64 -18.61 -21.90
N ALA A 343 40.85 -19.09 -21.58
CA ALA A 343 41.27 -20.44 -21.92
C ALA A 343 42.44 -20.91 -21.04
N ILE A 344 42.64 -22.23 -20.99
CA ILE A 344 43.76 -22.88 -20.35
C ILE A 344 44.48 -23.55 -21.51
N ILE A 345 45.70 -23.13 -21.84
CA ILE A 345 46.46 -23.72 -22.93
C ILE A 345 47.41 -24.75 -22.35
N VAL A 346 47.27 -26.01 -22.73
CA VAL A 346 48.11 -27.08 -22.19
C VAL A 346 48.86 -27.83 -23.29
N LEU A 347 50.17 -28.08 -23.08
CA LEU A 347 51.05 -28.81 -23.99
C LEU A 347 50.99 -30.30 -23.58
N THR A 348 50.37 -31.16 -24.40
CA THR A 348 50.21 -32.59 -24.05
C THR A 348 50.72 -33.54 -25.14
N THR A 349 51.26 -34.70 -24.74
CA THR A 349 51.79 -35.69 -25.66
C THR A 349 50.75 -36.84 -25.86
N THR A 350 50.17 -37.35 -24.77
CA THR A 350 49.17 -38.43 -24.79
C THR A 350 47.72 -37.98 -24.56
N GLY A 351 47.53 -36.70 -24.26
CA GLY A 351 46.21 -36.14 -23.92
C GLY A 351 45.88 -36.18 -22.43
N ARG A 352 46.75 -36.83 -21.63
CA ARG A 352 46.53 -36.98 -20.18
C ARG A 352 46.44 -35.66 -19.42
N SER A 353 47.36 -34.72 -19.67
CA SER A 353 47.34 -33.42 -18.98
C SER A 353 46.04 -32.65 -19.26
N ALA A 354 45.56 -32.72 -20.49
CA ALA A 354 44.30 -32.08 -20.86
C ALA A 354 43.13 -32.79 -20.16
N GLN A 355 43.19 -34.13 -20.05
CA GLN A 355 42.14 -34.90 -19.39
C GLN A 355 42.03 -34.52 -17.92
N LEU A 356 43.18 -34.35 -17.24
CA LEU A 356 43.19 -33.96 -15.83
C LEU A 356 42.70 -32.55 -15.58
N LEU A 357 42.81 -31.66 -16.57
CA LEU A 357 42.27 -30.31 -16.46
C LEU A 357 40.74 -30.42 -16.60
N SER A 358 40.27 -31.20 -17.60
CA SER A 358 38.87 -31.46 -17.96
C SER A 358 38.02 -32.01 -16.81
N ARG A 359 38.57 -32.94 -16.03
CA ARG A 359 37.85 -33.57 -14.91
C ARG A 359 37.33 -32.58 -13.86
N TYR A 360 37.99 -31.40 -13.72
CA TYR A 360 37.57 -30.35 -12.80
C TYR A 360 36.51 -29.39 -13.39
N ARG A 361 36.05 -29.66 -14.63
CA ARG A 361 35.03 -28.91 -15.36
C ARG A 361 35.20 -27.39 -15.32
N PRO A 362 36.33 -26.87 -15.81
CA PRO A 362 36.51 -25.41 -15.84
C PRO A 362 35.58 -24.75 -16.85
N ARG A 363 35.24 -23.48 -16.63
CA ARG A 363 34.45 -22.72 -17.60
C ARG A 363 35.38 -22.31 -18.79
N ALA A 364 36.70 -22.14 -18.54
CA ALA A 364 37.70 -21.80 -19.56
C ALA A 364 37.95 -22.99 -20.46
N ALA A 365 38.12 -22.72 -21.76
CA ALA A 365 38.36 -23.78 -22.73
C ALA A 365 39.72 -24.36 -22.54
N VAL A 366 39.82 -25.70 -22.57
CA VAL A 366 41.13 -26.34 -22.47
C VAL A 366 41.67 -26.51 -23.87
N ILE A 367 42.49 -25.56 -24.31
CA ILE A 367 43.11 -25.62 -25.63
C ILE A 367 44.34 -26.53 -25.52
N ALA A 368 44.25 -27.75 -26.05
CA ALA A 368 45.32 -28.72 -25.96
C ALA A 368 46.16 -28.74 -27.22
N VAL A 369 47.46 -28.38 -27.10
CA VAL A 369 48.38 -28.39 -28.24
C VAL A 369 49.21 -29.69 -28.20
N THR A 370 49.00 -30.56 -29.20
CA THR A 370 49.69 -31.83 -29.27
C THR A 370 50.26 -32.08 -30.66
N ARG A 371 51.34 -32.86 -30.72
CA ARG A 371 51.96 -33.30 -31.97
C ARG A 371 51.37 -34.68 -32.39
N SER A 372 50.72 -35.43 -31.47
CA SER A 372 50.13 -36.70 -31.81
C SER A 372 48.78 -36.43 -32.45
N ALA A 373 48.54 -37.01 -33.62
CA ALA A 373 47.27 -36.91 -34.33
C ALA A 373 46.23 -37.82 -33.64
N GLN A 374 46.65 -39.00 -33.16
CA GLN A 374 45.76 -39.91 -32.44
C GLN A 374 45.26 -39.26 -31.14
N ALA A 375 46.17 -38.67 -30.35
CA ALA A 375 45.80 -37.97 -29.10
C ALA A 375 44.85 -36.82 -29.41
N ALA A 376 45.10 -36.04 -30.47
CA ALA A 376 44.24 -34.92 -30.86
C ALA A 376 42.82 -35.38 -31.17
N ARG A 377 42.68 -36.56 -31.78
CA ARG A 377 41.36 -37.11 -32.11
C ARG A 377 40.70 -37.65 -30.86
N GLN A 378 41.45 -38.37 -30.03
CA GLN A 378 40.92 -38.99 -28.80
C GLN A 378 40.52 -38.01 -27.67
N VAL A 379 41.11 -36.81 -27.60
CA VAL A 379 40.72 -35.87 -26.55
C VAL A 379 39.31 -35.29 -26.74
N HIS A 380 38.65 -35.58 -27.88
CA HIS A 380 37.25 -35.19 -28.08
C HIS A 380 36.36 -35.94 -27.07
N LEU A 381 36.82 -37.10 -26.54
CA LEU A 381 36.11 -37.82 -25.51
C LEU A 381 36.00 -36.99 -24.22
N CYS A 382 36.94 -36.06 -23.96
CA CYS A 382 36.91 -35.21 -22.77
C CYS A 382 36.22 -33.88 -23.03
N ARG A 383 35.22 -33.58 -22.20
CA ARG A 383 34.47 -32.36 -22.32
C ARG A 383 35.33 -31.14 -22.08
N GLY A 384 35.21 -30.16 -22.96
CA GLY A 384 35.93 -28.89 -22.81
C GLY A 384 37.34 -28.87 -23.34
N VAL A 385 37.80 -29.98 -23.94
CA VAL A 385 39.13 -30.02 -24.53
C VAL A 385 39.00 -29.76 -26.02
N PHE A 386 39.74 -28.75 -26.50
CA PHE A 386 39.78 -28.31 -27.88
C PHE A 386 41.15 -28.62 -28.44
N PRO A 387 41.28 -29.76 -29.16
CA PRO A 387 42.59 -30.15 -29.67
C PRO A 387 43.10 -29.36 -30.86
N LEU A 388 44.41 -29.09 -30.87
CA LEU A 388 45.12 -28.41 -31.95
C LEU A 388 46.29 -29.30 -32.34
N LEU A 389 46.41 -29.67 -33.64
CA LEU A 389 47.52 -30.49 -34.09
C LEU A 389 48.68 -29.60 -34.55
N TYR A 390 49.82 -29.70 -33.86
CA TYR A 390 51.01 -28.91 -34.17
C TYR A 390 51.85 -29.68 -35.20
N ARG A 391 52.03 -29.07 -36.40
CA ARG A 391 52.74 -29.65 -37.54
C ARG A 391 54.02 -28.92 -37.95
N GLU A 392 54.70 -28.32 -36.98
CA GLU A 392 55.98 -27.66 -37.23
CA GLU A 392 55.98 -27.66 -37.23
C GLU A 392 57.09 -28.53 -36.61
N PRO A 393 58.29 -28.53 -37.21
CA PRO A 393 59.37 -29.39 -36.67
C PRO A 393 59.97 -28.88 -35.38
N PRO A 394 60.45 -29.80 -34.51
CA PRO A 394 61.04 -29.37 -33.22
C PRO A 394 62.23 -28.43 -33.34
N GLU A 395 62.24 -27.35 -32.54
CA GLU A 395 63.31 -26.37 -32.48
C GLU A 395 64.51 -26.96 -31.74
N ALA A 396 65.70 -26.38 -31.98
CA ALA A 396 66.94 -26.78 -31.33
C ALA A 396 66.89 -26.54 -29.82
N ILE A 397 66.47 -25.33 -29.39
CA ILE A 397 66.32 -25.00 -27.96
C ILE A 397 64.92 -25.43 -27.51
N TRP A 398 64.83 -26.39 -26.56
CA TRP A 398 63.54 -26.89 -26.07
C TRP A 398 62.65 -25.79 -25.53
N ALA A 399 63.26 -24.78 -24.87
CA ALA A 399 62.60 -23.59 -24.32
C ALA A 399 61.86 -22.77 -25.38
N ASP A 400 62.39 -22.75 -26.59
CA ASP A 400 61.80 -22.03 -27.71
C ASP A 400 60.72 -22.87 -28.41
N ASP A 401 60.88 -24.21 -28.44
CA ASP A 401 59.92 -25.14 -29.02
C ASP A 401 58.59 -25.08 -28.26
N VAL A 402 58.69 -24.96 -26.92
CA VAL A 402 57.54 -24.82 -26.04
C VAL A 402 56.84 -23.49 -26.33
N ASP A 403 57.61 -22.38 -26.33
CA ASP A 403 57.05 -21.06 -26.59
CA ASP A 403 57.05 -21.05 -26.58
C ASP A 403 56.34 -20.97 -27.95
N ARG A 404 56.82 -21.74 -28.95
CA ARG A 404 56.19 -21.75 -30.26
C ARG A 404 54.83 -22.47 -30.22
N ARG A 405 54.74 -23.56 -29.43
CA ARG A 405 53.50 -24.29 -29.29
C ARG A 405 52.45 -23.49 -28.52
N VAL A 406 52.89 -22.69 -27.54
CA VAL A 406 52.02 -21.80 -26.75
C VAL A 406 51.48 -20.68 -27.67
N GLN A 407 52.34 -20.12 -28.54
CA GLN A 407 51.93 -19.09 -29.49
C GLN A 407 51.01 -19.64 -30.56
N PHE A 408 51.18 -20.91 -30.94
CA PHE A 408 50.29 -21.59 -31.88
C PHE A 408 48.88 -21.70 -31.29
N GLY A 409 48.81 -21.98 -29.98
CA GLY A 409 47.56 -22.07 -29.26
C GLY A 409 46.88 -20.72 -29.13
N ILE A 410 47.67 -19.64 -28.95
CA ILE A 410 47.10 -18.30 -28.85
C ILE A 410 46.59 -17.85 -30.21
N GLU A 411 47.38 -18.05 -31.27
CA GLU A 411 46.96 -17.67 -32.61
C GLU A 411 45.75 -18.47 -33.07
N SER A 412 45.70 -19.78 -32.75
CA SER A 412 44.53 -20.58 -33.11
C SER A 412 43.29 -20.10 -32.34
N GLY A 413 43.48 -19.80 -31.06
CA GLY A 413 42.41 -19.34 -30.20
C GLY A 413 41.88 -17.98 -30.57
N LYS A 414 42.78 -17.09 -31.04
CA LYS A 414 42.41 -15.73 -31.47
C LYS A 414 41.57 -15.83 -32.73
N LEU A 415 42.04 -16.63 -33.70
CA LEU A 415 41.39 -16.88 -34.97
C LEU A 415 40.04 -17.56 -34.77
N ARG A 416 39.94 -18.53 -33.85
CA ARG A 416 38.68 -19.24 -33.64
C ARG A 416 37.68 -18.55 -32.73
N GLY A 417 38.03 -17.38 -32.19
CA GLY A 417 37.13 -16.60 -31.35
C GLY A 417 37.22 -16.81 -29.86
N PHE A 418 38.05 -17.78 -29.39
CA PHE A 418 38.21 -18.04 -27.96
C PHE A 418 38.93 -16.90 -27.25
N LEU A 419 39.85 -16.23 -27.94
CA LEU A 419 40.68 -15.20 -27.32
C LEU A 419 40.63 -13.87 -28.00
N ARG A 420 40.75 -12.84 -27.20
CA ARG A 420 40.85 -11.46 -27.63
C ARG A 420 42.02 -10.81 -26.89
N VAL A 421 42.54 -9.72 -27.43
CA VAL A 421 43.64 -9.00 -26.79
C VAL A 421 43.13 -8.41 -25.46
N GLY A 422 43.92 -8.56 -24.40
CA GLY A 422 43.49 -8.10 -23.08
C GLY A 422 43.03 -9.23 -22.19
N ASP A 423 42.60 -10.37 -22.79
CA ASP A 423 42.16 -11.57 -22.06
C ASP A 423 43.30 -12.18 -21.23
N LEU A 424 42.95 -12.97 -20.22
CA LEU A 424 43.94 -13.67 -19.42
C LEU A 424 43.85 -15.16 -19.74
N VAL A 425 45.00 -15.83 -19.86
CA VAL A 425 45.04 -17.27 -20.11
C VAL A 425 45.97 -17.96 -19.13
N ILE A 426 45.68 -19.22 -18.84
CA ILE A 426 46.53 -20.01 -17.97
C ILE A 426 47.29 -20.96 -18.86
N VAL A 427 48.61 -20.97 -18.78
CA VAL A 427 49.42 -21.85 -19.62
C VAL A 427 50.01 -22.96 -18.77
N VAL A 428 49.76 -24.21 -19.15
CA VAL A 428 50.22 -25.39 -18.42
C VAL A 428 51.24 -26.16 -19.25
N THR A 429 52.50 -26.21 -18.75
CA THR A 429 53.65 -26.85 -19.40
C THR A 429 54.42 -27.79 -18.41
N GLY A 430 55.52 -28.40 -18.87
CA GLY A 430 56.35 -29.23 -18.03
C GLY A 430 57.75 -28.69 -17.85
N TRP A 431 58.59 -29.44 -17.14
CA TRP A 431 59.97 -29.04 -16.91
C TRP A 431 60.95 -29.73 -17.87
N ARG A 432 60.56 -30.88 -18.42
CA ARG A 432 61.37 -31.66 -19.34
C ARG A 432 60.46 -32.44 -20.32
N PRO A 433 60.93 -32.66 -21.58
CA PRO A 433 60.09 -33.36 -22.58
C PRO A 433 59.59 -34.76 -22.20
N GLY A 434 58.83 -35.41 -23.09
CA GLY A 434 58.26 -36.72 -22.81
C GLY A 434 56.98 -36.62 -22.03
N SER A 435 56.21 -37.69 -22.00
CA SER A 435 54.94 -37.72 -21.29
C SER A 435 55.08 -37.79 -19.76
N GLY A 436 54.15 -37.13 -19.06
CA GLY A 436 54.06 -37.19 -17.60
C GLY A 436 54.85 -36.22 -16.75
N TYR A 437 55.46 -35.19 -17.35
CA TYR A 437 56.26 -34.24 -16.58
C TYR A 437 55.64 -32.87 -16.42
N THR A 438 54.31 -32.78 -16.56
CA THR A 438 53.61 -31.51 -16.44
C THR A 438 53.69 -31.05 -14.99
N ASN A 439 54.16 -29.83 -14.75
CA ASN A 439 54.27 -29.33 -13.37
C ASN A 439 54.25 -27.79 -13.26
N ILE A 440 54.06 -27.06 -14.37
CA ILE A 440 54.12 -25.61 -14.34
C ILE A 440 52.80 -24.94 -14.78
N MET A 441 52.47 -23.81 -14.13
CA MET A 441 51.31 -23.01 -14.47
CA MET A 441 51.28 -23.01 -14.41
C MET A 441 51.72 -21.54 -14.55
N ARG A 442 51.32 -20.87 -15.63
CA ARG A 442 51.70 -19.47 -15.87
C ARG A 442 50.47 -18.64 -16.15
N VAL A 443 50.42 -17.42 -15.62
CA VAL A 443 49.32 -16.50 -15.89
C VAL A 443 49.79 -15.53 -16.98
N LEU A 444 49.18 -15.60 -18.17
CA LEU A 444 49.58 -14.77 -19.32
C LEU A 444 48.49 -13.82 -19.81
N SER A 445 48.88 -12.62 -20.22
CA SER A 445 47.94 -11.64 -20.76
C SER A 445 48.04 -11.68 -22.28
N ILE A 446 46.92 -11.87 -22.99
CA ILE A 446 46.93 -11.92 -24.44
C ILE A 446 47.27 -10.59 -25.08
N SER A 447 48.31 -10.63 -25.95
CA SER A 447 48.86 -9.56 -26.80
C SER A 447 48.97 -8.19 -26.10
N ARG B 12 36.03 -41.61 2.86
CA ARG B 12 37.32 -42.28 3.01
C ARG B 12 38.02 -42.51 1.65
N ALA B 13 37.27 -42.54 0.54
CA ALA B 13 37.88 -42.71 -0.78
C ALA B 13 38.79 -41.54 -1.17
N ASP B 14 38.55 -40.35 -0.60
CA ASP B 14 39.36 -39.16 -0.84
C ASP B 14 40.70 -39.16 -0.06
N VAL B 15 40.93 -40.15 0.82
CA VAL B 15 42.19 -40.27 1.56
C VAL B 15 42.84 -41.67 1.36
N ALA B 16 42.03 -42.72 1.07
CA ALA B 16 42.42 -44.13 0.92
C ALA B 16 43.80 -44.38 0.29
N GLN B 17 44.11 -43.75 -0.85
CA GLN B 17 45.39 -43.94 -1.53
C GLN B 17 46.53 -43.22 -0.81
N LEU B 18 46.33 -41.94 -0.43
CA LEU B 18 47.38 -41.23 0.30
C LEU B 18 47.60 -41.77 1.73
N THR B 19 46.63 -42.54 2.26
CA THR B 19 46.67 -43.21 3.56
C THR B 19 47.60 -44.41 3.43
N GLN B 20 47.45 -45.19 2.36
CA GLN B 20 48.30 -46.32 2.07
C GLN B 20 49.73 -45.85 1.80
N GLU B 21 49.91 -44.69 1.14
CA GLU B 21 51.19 -44.08 0.79
C GLU B 21 51.93 -43.41 1.95
N LEU B 22 51.36 -42.34 2.52
CA LEU B 22 51.97 -41.60 3.64
C LEU B 22 51.84 -42.31 5.00
N GLY B 23 50.90 -43.27 5.09
CA GLY B 23 50.69 -44.09 6.27
C GLY B 23 49.56 -43.64 7.16
N THR B 24 49.11 -44.54 8.06
CA THR B 24 48.08 -44.19 9.02
C THR B 24 48.62 -43.25 10.11
N ALA B 25 49.94 -43.30 10.42
CA ALA B 25 50.55 -42.43 11.42
C ALA B 25 50.61 -40.97 10.97
N PHE B 26 50.77 -40.70 9.67
CA PHE B 26 50.81 -39.32 9.15
C PHE B 26 49.47 -38.64 9.35
N PHE B 27 48.39 -39.38 9.06
CA PHE B 27 47.03 -38.87 9.13
C PHE B 27 46.46 -38.78 10.55
N GLN B 28 47.22 -39.16 11.59
CA GLN B 28 46.79 -38.98 12.98
C GLN B 28 47.38 -37.68 13.55
N GLN B 29 48.54 -37.21 13.05
CA GLN B 29 49.22 -36.01 13.51
C GLN B 29 48.57 -34.72 12.97
N GLN B 30 49.00 -33.56 13.52
CA GLN B 30 48.60 -32.16 13.23
C GLN B 30 47.08 -31.97 13.01
N GLN B 31 46.26 -32.67 13.84
CA GLN B 31 44.79 -32.66 13.83
C GLN B 31 44.22 -32.93 12.45
N LEU B 32 44.85 -33.83 11.70
CA LEU B 32 44.40 -34.17 10.36
C LEU B 32 43.03 -34.82 10.34
N PRO B 33 42.62 -35.70 11.29
CA PRO B 33 41.25 -36.25 11.23
C PRO B 33 40.21 -35.15 11.45
N ALA B 34 40.50 -34.19 12.33
CA ALA B 34 39.64 -33.06 12.65
C ALA B 34 39.50 -32.09 11.46
N ALA B 35 40.58 -31.87 10.69
CA ALA B 35 40.53 -30.97 9.53
C ALA B 35 39.83 -31.58 8.29
N MET B 36 39.75 -32.92 8.22
CA MET B 36 39.06 -33.65 7.13
C MET B 36 37.53 -33.74 7.37
N ALA B 37 37.04 -33.35 8.56
CA ALA B 37 35.64 -33.41 8.92
C ALA B 37 34.76 -32.57 8.00
N ASP B 38 33.53 -33.07 7.70
CA ASP B 38 32.55 -32.41 6.82
C ASP B 38 31.85 -31.23 7.47
N THR B 39 31.75 -31.24 8.82
CA THR B 39 31.12 -30.16 9.56
C THR B 39 32.06 -29.64 10.66
N PHE B 40 31.80 -28.42 11.14
CA PHE B 40 32.54 -27.79 12.22
C PHE B 40 32.28 -28.52 13.56
N LEU B 41 31.06 -29.07 13.76
CA LEU B 41 30.74 -29.82 14.96
C LEU B 41 31.58 -31.09 14.97
N GLU B 42 31.67 -31.79 13.83
CA GLU B 42 32.47 -33.01 13.65
C GLU B 42 33.96 -32.70 13.85
N HIS B 43 34.40 -31.53 13.39
CA HIS B 43 35.76 -31.05 13.51
C HIS B 43 36.12 -30.91 14.99
N LEU B 44 35.23 -30.29 15.79
CA LEU B 44 35.45 -30.11 17.22
C LEU B 44 35.54 -31.47 17.91
N CYS B 45 34.61 -32.39 17.59
CA CYS B 45 34.59 -33.74 18.17
C CYS B 45 35.83 -34.55 17.85
N LEU B 46 36.47 -34.30 16.69
CA LEU B 46 37.65 -35.02 16.27
C LEU B 46 38.97 -34.43 16.76
N LEU B 47 38.94 -33.38 17.61
CA LEU B 47 40.17 -32.82 18.13
C LEU B 47 40.78 -33.83 19.10
N ASP B 48 42.07 -34.11 18.97
CA ASP B 48 42.76 -35.13 19.75
C ASP B 48 43.95 -34.51 20.47
N ILE B 49 44.03 -34.69 21.81
CA ILE B 49 45.18 -34.18 22.56
C ILE B 49 46.47 -35.00 22.28
N ASP B 50 46.31 -36.25 21.81
CA ASP B 50 47.41 -37.13 21.42
C ASP B 50 47.92 -36.89 19.98
N SER B 51 47.24 -36.02 19.21
CA SER B 51 47.62 -35.64 17.88
C SER B 51 48.64 -34.49 18.00
N GLU B 52 49.91 -34.79 17.77
CA GLU B 52 50.97 -33.81 17.90
C GLU B 52 51.14 -32.90 16.69
N PRO B 53 51.44 -31.61 16.92
CA PRO B 53 51.66 -30.69 15.78
C PRO B 53 52.99 -30.96 15.08
N VAL B 54 52.98 -31.07 13.74
CA VAL B 54 54.21 -31.34 13.01
C VAL B 54 54.72 -30.05 12.36
N ALA B 55 53.81 -29.23 11.80
CA ALA B 55 54.19 -27.98 11.14
C ALA B 55 54.90 -26.95 12.03
N ALA B 56 55.68 -26.04 11.43
CA ALA B 56 56.36 -24.99 12.18
C ALA B 56 55.34 -23.93 12.60
N ARG B 57 55.64 -23.22 13.67
CA ARG B 57 54.72 -22.23 14.22
C ARG B 57 54.63 -21.01 13.31
N SER B 58 53.44 -20.80 12.75
CA SER B 58 53.13 -19.74 11.80
C SER B 58 52.76 -18.37 12.43
N THR B 59 52.02 -18.34 13.54
CA THR B 59 51.63 -17.07 14.17
C THR B 59 52.85 -16.45 14.81
N SER B 60 53.21 -15.25 14.39
CA SER B 60 54.42 -14.60 14.89
C SER B 60 54.25 -14.04 16.30
N ILE B 61 55.35 -14.00 17.06
CA ILE B 61 55.36 -13.52 18.43
C ILE B 61 56.06 -12.17 18.56
N ILE B 62 55.33 -11.17 19.04
CA ILE B 62 55.88 -9.84 19.29
C ILE B 62 56.21 -9.78 20.77
N ALA B 63 57.46 -9.46 21.11
CA ALA B 63 57.87 -9.37 22.50
C ALA B 63 58.24 -7.94 22.82
N THR B 64 57.67 -7.37 23.88
CA THR B 64 58.00 -6.01 24.30
C THR B 64 59.32 -6.04 25.02
N ILE B 65 60.26 -5.18 24.62
CA ILE B 65 61.58 -5.12 25.19
C ILE B 65 61.60 -4.12 26.32
N GLY B 66 62.08 -4.56 27.48
CA GLY B 66 62.20 -3.74 28.66
C GLY B 66 63.38 -4.15 29.50
N PRO B 67 63.37 -3.79 30.79
CA PRO B 67 64.49 -4.18 31.65
C PRO B 67 64.73 -5.69 31.77
N ALA B 68 63.65 -6.47 31.78
CA ALA B 68 63.73 -7.94 31.90
C ALA B 68 64.25 -8.66 30.64
N SER B 69 64.28 -7.96 29.51
CA SER B 69 64.66 -8.58 28.24
C SER B 69 65.56 -7.67 27.39
N ARG B 70 66.45 -6.92 28.01
CA ARG B 70 67.31 -5.96 27.29
C ARG B 70 68.72 -6.47 27.06
N SER B 71 69.21 -7.41 27.89
CA SER B 71 70.57 -7.91 27.74
C SER B 71 70.73 -8.71 26.47
N VAL B 72 71.90 -8.57 25.81
CA VAL B 72 72.19 -9.27 24.58
C VAL B 72 72.05 -10.80 24.72
N GLU B 73 72.48 -11.34 25.87
CA GLU B 73 72.42 -12.77 26.19
C GLU B 73 70.99 -13.26 26.39
N ARG B 74 70.11 -12.42 26.98
CA ARG B 74 68.71 -12.74 27.22
C ARG B 74 67.95 -12.69 25.90
N LEU B 75 68.27 -11.69 25.04
CA LEU B 75 67.67 -11.52 23.72
C LEU B 75 67.94 -12.71 22.83
N LYS B 76 69.14 -13.31 22.93
CA LYS B 76 69.54 -14.51 22.17
C LYS B 76 68.68 -15.71 22.56
N GLU B 77 68.34 -15.80 23.86
CA GLU B 77 67.48 -16.88 24.38
C GLU B 77 66.03 -16.69 23.89
N MET B 78 65.57 -15.44 23.79
CA MET B 78 64.22 -15.15 23.31
CA MET B 78 64.23 -15.15 23.31
C MET B 78 64.11 -15.41 21.81
N ILE B 79 65.20 -15.17 21.06
CA ILE B 79 65.23 -15.44 19.62
C ILE B 79 65.11 -16.96 19.42
N LYS B 80 65.87 -17.74 20.23
CA LYS B 80 65.84 -19.20 20.19
C LYS B 80 64.48 -19.75 20.62
N ALA B 81 63.80 -19.06 21.58
CA ALA B 81 62.48 -19.43 22.10
C ALA B 81 61.34 -19.15 21.08
N GLY B 82 61.55 -18.20 20.17
CA GLY B 82 60.58 -17.90 19.13
C GLY B 82 60.18 -16.46 18.89
N MET B 83 60.91 -15.49 19.47
CA MET B 83 60.58 -14.08 19.25
C MET B 83 60.82 -13.71 17.78
N ASN B 84 59.83 -13.07 17.13
CA ASN B 84 59.95 -12.67 15.73
C ASN B 84 60.04 -11.16 15.59
N ILE B 85 59.31 -10.43 16.42
CA ILE B 85 59.27 -8.97 16.39
C ILE B 85 59.57 -8.43 17.79
N ALA B 86 60.40 -7.40 17.89
CA ALA B 86 60.76 -6.75 19.14
C ALA B 86 60.04 -5.40 19.23
N ARG B 87 59.14 -5.25 20.21
CA ARG B 87 58.37 -4.01 20.39
C ARG B 87 59.05 -3.05 21.36
N LEU B 88 59.16 -1.77 20.97
CA LEU B 88 59.72 -0.74 21.83
C LEU B 88 58.58 0.17 22.23
N ASN B 89 58.22 0.18 23.53
CA ASN B 89 57.12 1.04 23.99
C ASN B 89 57.65 2.44 24.27
N PHE B 90 57.31 3.41 23.42
CA PHE B 90 57.79 4.78 23.60
C PHE B 90 57.02 5.58 24.67
N SER B 91 56.11 4.92 25.40
CA SER B 91 55.42 5.51 26.56
C SER B 91 56.40 5.59 27.76
N HIS B 92 57.41 4.70 27.80
CA HIS B 92 58.41 4.61 28.85
C HIS B 92 59.80 4.62 28.21
N GLY B 93 60.76 5.28 28.85
CA GLY B 93 62.13 5.33 28.35
C GLY B 93 62.47 6.48 27.43
N SER B 94 63.76 6.85 27.42
CA SER B 94 64.27 7.94 26.60
C SER B 94 64.73 7.44 25.21
N HIS B 95 65.04 8.37 24.29
CA HIS B 95 65.55 8.00 22.98
C HIS B 95 66.90 7.26 23.09
N GLU B 96 67.73 7.65 24.07
CA GLU B 96 69.02 7.01 24.31
C GLU B 96 68.83 5.57 24.80
N TYR B 97 67.80 5.33 25.63
CA TYR B 97 67.46 4.02 26.16
C TYR B 97 67.02 3.10 25.02
N HIS B 98 66.11 3.56 24.17
CA HIS B 98 65.60 2.78 23.06
C HIS B 98 66.65 2.53 21.97
N ALA B 99 67.59 3.46 21.77
CA ALA B 99 68.67 3.23 20.81
C ALA B 99 69.60 2.09 21.30
N GLU B 100 69.81 2.00 22.64
CA GLU B 100 70.62 0.92 23.22
C GLU B 100 69.89 -0.41 23.07
N SER B 101 68.56 -0.42 23.23
CA SER B 101 67.74 -1.61 23.05
C SER B 101 67.89 -2.12 21.59
N ILE B 102 67.73 -1.21 20.60
CA ILE B 102 67.87 -1.50 19.17
C ILE B 102 69.23 -2.13 18.88
N ALA B 103 70.29 -1.56 19.45
CA ALA B 103 71.65 -2.05 19.26
C ALA B 103 71.85 -3.43 19.87
N ASN B 104 71.27 -3.66 21.07
CA ASN B 104 71.37 -4.96 21.76
C ASN B 104 70.63 -6.05 21.00
N VAL B 105 69.46 -5.70 20.46
CA VAL B 105 68.66 -6.62 19.65
C VAL B 105 69.45 -6.96 18.37
N ARG B 106 69.94 -5.94 17.65
CA ARG B 106 70.73 -6.19 16.44
C ARG B 106 71.98 -7.02 16.69
N GLU B 107 72.64 -6.84 17.85
CA GLU B 107 73.82 -7.61 18.23
C GLU B 107 73.46 -9.08 18.45
N ALA B 108 72.33 -9.33 19.14
CA ALA B 108 71.84 -10.68 19.41
C ALA B 108 71.36 -11.39 18.12
N VAL B 109 70.73 -10.66 17.19
CA VAL B 109 70.24 -11.24 15.92
C VAL B 109 71.41 -11.55 15.01
N GLU B 110 72.37 -10.63 14.91
CA GLU B 110 73.52 -10.83 14.04
C GLU B 110 74.52 -11.86 14.56
N SER B 111 74.39 -12.31 15.81
CA SER B 111 75.25 -13.37 16.33
C SER B 111 74.98 -14.72 15.62
N PHE B 112 73.82 -14.87 14.94
CA PHE B 112 73.46 -16.08 14.20
C PHE B 112 73.68 -15.96 12.68
N ALA B 113 74.14 -14.80 12.19
CA ALA B 113 74.35 -14.52 10.75
C ALA B 113 75.45 -15.33 10.08
N GLY B 114 76.30 -15.98 10.88
CA GLY B 114 77.39 -16.81 10.37
C GLY B 114 76.92 -18.00 9.56
N SER B 115 75.69 -18.45 9.81
CA SER B 115 75.12 -19.56 9.06
C SER B 115 73.84 -19.03 8.43
N PRO B 116 73.92 -18.54 7.18
CA PRO B 116 72.72 -17.96 6.52
C PRO B 116 71.56 -18.93 6.25
N LEU B 117 71.81 -20.25 6.28
CA LEU B 117 70.78 -21.25 6.09
C LEU B 117 69.91 -21.42 7.36
N SER B 118 70.40 -20.98 8.54
CA SER B 118 69.67 -21.06 9.80
C SER B 118 69.53 -19.69 10.53
N TYR B 119 69.82 -18.58 9.82
CA TYR B 119 69.72 -17.22 10.37
C TYR B 119 68.26 -16.82 10.46
N ARG B 120 67.85 -16.26 11.61
CA ARG B 120 66.47 -15.82 11.78
C ARG B 120 66.36 -14.29 11.88
N PRO B 121 65.72 -13.64 10.89
CA PRO B 121 65.57 -12.17 10.97
C PRO B 121 64.58 -11.77 12.07
N VAL B 122 64.83 -10.64 12.74
CA VAL B 122 63.91 -10.17 13.78
C VAL B 122 63.52 -8.72 13.47
N ALA B 123 62.22 -8.43 13.35
CA ALA B 123 61.74 -7.09 13.09
C ALA B 123 61.81 -6.19 14.32
N ILE B 124 61.93 -4.88 14.12
CA ILE B 124 61.92 -3.93 15.24
C ILE B 124 60.72 -3.01 15.06
N ALA B 125 59.82 -2.98 16.04
CA ALA B 125 58.62 -2.16 15.95
C ALA B 125 58.59 -1.06 16.99
N LEU B 126 58.17 0.14 16.59
CA LEU B 126 58.10 1.29 17.50
C LEU B 126 56.64 1.53 17.85
N ASP B 127 56.31 1.42 19.12
CA ASP B 127 54.94 1.68 19.57
C ASP B 127 54.90 3.12 20.10
N THR B 128 54.17 4.00 19.41
CA THR B 128 54.09 5.41 19.80
C THR B 128 53.36 5.64 21.11
N LYS B 129 53.68 6.75 21.80
CA LYS B 129 53.08 7.13 23.08
C LYS B 129 51.58 7.44 22.92
N GLY B 130 51.22 8.17 21.87
CA GLY B 130 49.82 8.50 21.59
C GLY B 130 49.47 9.97 21.71
N PRO B 131 48.27 10.33 21.21
CA PRO B 131 47.85 11.73 21.27
C PRO B 131 47.33 12.21 22.62
N GLY B 132 46.97 11.28 23.50
CA GLY B 132 46.44 11.62 24.83
C GLY B 132 45.26 12.56 24.79
N SER B 133 45.38 13.71 25.48
CA SER B 133 44.32 14.72 25.50
C SER B 133 44.13 15.42 24.13
N GLY B 134 45.21 15.51 23.36
CA GLY B 134 45.22 16.16 22.06
C GLY B 134 44.43 15.48 20.96
N PRO B 135 44.14 16.24 19.87
CA PRO B 135 43.38 15.68 18.74
C PRO B 135 44.23 15.00 17.66
N GLY B 136 45.25 15.69 17.14
CA GLY B 136 46.11 15.16 16.10
C GLY B 136 47.35 14.48 16.65
N LEU B 137 48.39 14.43 15.83
CA LEU B 137 49.64 13.79 16.21
C LEU B 137 50.37 14.69 17.20
N SER B 138 50.74 14.13 18.36
CA SER B 138 51.44 14.92 19.39
C SER B 138 52.87 15.33 18.97
N GLU B 139 53.46 16.32 19.66
CA GLU B 139 54.82 16.75 19.35
C GLU B 139 55.82 15.67 19.66
N GLN B 140 55.61 14.92 20.76
CA GLN B 140 56.50 13.83 21.14
C GLN B 140 56.45 12.71 20.11
N ASP B 141 55.26 12.42 19.58
CA ASP B 141 55.11 11.39 18.55
C ASP B 141 55.89 11.75 17.28
N VAL B 142 55.88 13.03 16.88
CA VAL B 142 56.63 13.47 15.70
C VAL B 142 58.13 13.25 15.90
N ARG B 143 58.62 13.47 17.12
CA ARG B 143 60.03 13.27 17.44
C ARG B 143 60.39 11.79 17.51
N ASP B 144 59.50 10.96 18.10
CA ASP B 144 59.70 9.52 18.23
C ASP B 144 59.67 8.83 16.86
N LEU B 145 58.80 9.30 15.95
CA LEU B 145 58.68 8.76 14.60
C LEU B 145 59.93 9.13 13.77
N ARG B 146 60.45 10.36 13.94
CA ARG B 146 61.68 10.78 13.27
C ARG B 146 62.87 9.90 13.74
N PHE B 147 62.87 9.52 15.05
CA PHE B 147 63.85 8.64 15.68
C PHE B 147 63.80 7.25 15.03
N GLY B 148 62.59 6.73 14.85
CA GLY B 148 62.37 5.42 14.23
C GLY B 148 62.91 5.36 12.83
N VAL B 149 62.72 6.44 12.05
CA VAL B 149 63.22 6.52 10.70
C VAL B 149 64.75 6.52 10.71
N GLU B 150 65.35 7.38 11.56
CA GLU B 150 66.81 7.48 11.70
C GLU B 150 67.46 6.19 12.18
N HIS B 151 66.72 5.38 12.94
CA HIS B 151 67.26 4.12 13.46
C HIS B 151 66.85 2.87 12.69
N GLY B 152 66.13 3.04 11.58
CA GLY B 152 65.74 1.94 10.72
C GLY B 152 64.75 0.95 11.30
N VAL B 153 63.69 1.45 11.96
CA VAL B 153 62.64 0.56 12.46
C VAL B 153 61.84 0.04 11.26
N ASP B 154 61.27 -1.15 11.39
CA ASP B 154 60.52 -1.76 10.31
C ASP B 154 59.01 -1.47 10.41
N ILE B 155 58.48 -1.48 11.64
CA ILE B 155 57.04 -1.30 11.87
C ILE B 155 56.79 -0.19 12.89
N VAL B 156 55.62 0.44 12.80
CA VAL B 156 55.14 1.44 13.74
C VAL B 156 53.77 0.99 14.22
N PHE B 157 53.57 0.90 15.53
CA PHE B 157 52.26 0.60 16.08
C PHE B 157 51.75 1.97 16.48
N ALA B 158 50.94 2.60 15.62
CA ALA B 158 50.42 3.92 15.90
C ALA B 158 49.28 3.85 16.91
N SER B 159 49.51 4.41 18.12
CA SER B 159 48.53 4.43 19.21
C SER B 159 47.33 5.35 18.95
N PHE B 160 46.16 4.92 19.45
CA PHE B 160 44.87 5.62 19.41
C PHE B 160 44.49 6.20 18.04
N VAL B 161 44.48 5.34 17.01
CA VAL B 161 44.03 5.78 15.69
C VAL B 161 42.50 5.89 15.77
N ARG B 162 41.94 7.07 15.42
CA ARG B 162 40.50 7.35 15.48
C ARG B 162 39.84 7.67 14.14
N LYS B 163 40.63 7.80 13.05
CA LYS B 163 40.17 8.10 11.69
C LYS B 163 41.32 7.92 10.68
N ALA B 164 41.02 7.94 9.36
CA ALA B 164 42.04 7.79 8.33
C ALA B 164 43.06 8.95 8.30
N SER B 165 42.62 10.15 8.74
CA SER B 165 43.49 11.33 8.78
C SER B 165 44.64 11.16 9.80
N ASP B 166 44.41 10.37 10.86
CA ASP B 166 45.40 10.07 11.89
C ASP B 166 46.53 9.22 11.29
N VAL B 167 46.19 8.26 10.42
CA VAL B 167 47.21 7.40 9.82
C VAL B 167 48.02 8.23 8.79
N ALA B 168 47.36 9.17 8.09
CA ALA B 168 48.02 10.04 7.14
C ALA B 168 49.04 10.93 7.87
N ALA B 169 48.71 11.39 9.10
CA ALA B 169 49.60 12.20 9.92
C ALA B 169 50.86 11.42 10.30
N VAL B 170 50.72 10.14 10.62
CA VAL B 170 51.86 9.27 10.97
C VAL B 170 52.76 9.04 9.74
N ARG B 171 52.13 8.81 8.57
CA ARG B 171 52.87 8.60 7.33
CA ARG B 171 52.87 8.60 7.33
C ARG B 171 53.66 9.86 6.95
N ALA B 172 53.07 11.06 7.18
CA ALA B 172 53.70 12.34 6.91
C ALA B 172 54.88 12.58 7.88
N ALA B 173 54.71 12.28 9.17
CA ALA B 173 55.78 12.45 10.15
C ALA B 173 57.00 11.53 9.89
N LEU B 174 56.77 10.40 9.20
CA LEU B 174 57.86 9.49 8.83
C LEU B 174 58.76 10.08 7.71
N GLY B 175 58.22 11.04 6.96
CA GLY B 175 58.96 11.72 5.89
C GLY B 175 59.13 10.88 4.65
N PRO B 176 60.04 11.33 3.76
CA PRO B 176 60.25 10.59 2.51
C PRO B 176 60.97 9.25 2.69
N GLU B 177 61.87 9.20 3.68
CA GLU B 177 62.66 8.01 4.00
C GLU B 177 61.90 6.92 4.74
N GLY B 178 60.80 7.29 5.40
CA GLY B 178 59.97 6.34 6.13
C GLY B 178 58.81 5.80 5.33
N HIS B 179 58.97 5.72 4.01
CA HIS B 179 57.93 5.22 3.13
C HIS B 179 57.80 3.68 3.21
N GLY B 180 58.92 2.98 3.46
CA GLY B 180 58.94 1.53 3.54
C GLY B 180 58.47 0.94 4.87
N ILE B 181 58.37 1.79 5.91
CA ILE B 181 57.93 1.38 7.26
C ILE B 181 56.45 1.00 7.23
N LYS B 182 56.08 -0.08 7.91
CA LYS B 182 54.69 -0.54 7.94
C LYS B 182 53.93 0.14 9.09
N ILE B 183 52.71 0.62 8.82
CA ILE B 183 51.89 1.23 9.84
C ILE B 183 50.75 0.31 10.29
N ILE B 184 50.85 -0.17 11.54
CA ILE B 184 49.85 -1.02 12.17
C ILE B 184 49.04 -0.10 13.09
N SER B 185 47.78 0.18 12.74
CA SER B 185 46.94 1.08 13.51
C SER B 185 46.35 0.42 14.74
N LYS B 186 46.66 0.93 15.93
CA LYS B 186 46.08 0.39 17.16
C LYS B 186 44.69 0.95 17.35
N ILE B 187 43.68 0.05 17.39
CA ILE B 187 42.30 0.46 17.65
C ILE B 187 42.12 0.33 19.15
N GLU B 188 42.02 1.45 19.86
CA GLU B 188 41.94 1.45 21.32
C GLU B 188 40.68 2.11 21.90
N ASN B 189 39.78 2.63 21.07
CA ASN B 189 38.58 3.31 21.57
C ASN B 189 37.33 3.08 20.67
N HIS B 190 36.15 3.55 21.12
CA HIS B 190 34.92 3.39 20.36
C HIS B 190 34.96 4.02 18.96
N GLU B 191 35.56 5.21 18.81
CA GLU B 191 35.60 5.88 17.52
C GLU B 191 36.39 5.07 16.49
N GLY B 192 37.51 4.49 16.92
CA GLY B 192 38.34 3.65 16.07
C GLY B 192 37.60 2.42 15.59
N VAL B 193 36.80 1.81 16.48
CA VAL B 193 36.01 0.64 16.15
C VAL B 193 34.93 0.98 15.11
N LYS B 194 34.29 2.15 15.25
CA LYS B 194 33.26 2.59 14.32
C LYS B 194 33.80 3.02 12.95
N ARG B 195 34.94 3.72 12.95
CA ARG B 195 35.56 4.15 11.69
C ARG B 195 36.57 3.12 11.13
N PHE B 196 36.52 1.86 11.63
CA PHE B 196 37.42 0.78 11.27
C PHE B 196 37.69 0.59 9.77
N ASP B 197 36.63 0.58 8.96
CA ASP B 197 36.80 0.35 7.52
C ASP B 197 37.68 1.41 6.83
N GLU B 198 37.54 2.68 7.23
CA GLU B 198 38.33 3.77 6.64
C GLU B 198 39.79 3.74 7.13
N ILE B 199 40.01 3.29 8.37
CA ILE B 199 41.32 3.17 8.98
C ILE B 199 42.09 2.00 8.34
N LEU B 200 41.46 0.82 8.23
CA LEU B 200 42.09 -0.36 7.64
C LEU B 200 42.46 -0.10 6.19
N GLU B 201 41.64 0.68 5.46
CA GLU B 201 41.90 0.97 4.05
C GLU B 201 43.24 1.67 3.84
N VAL B 202 43.59 2.57 4.76
CA VAL B 202 44.82 3.36 4.66
C VAL B 202 45.99 2.80 5.52
N SER B 203 45.76 1.75 6.33
CA SER B 203 46.80 1.14 7.14
C SER B 203 47.37 -0.11 6.49
N ASP B 204 48.56 -0.52 6.90
CA ASP B 204 49.17 -1.78 6.42
C ASP B 204 48.61 -3.02 7.18
N GLY B 205 48.07 -2.77 8.38
CA GLY B 205 47.50 -3.77 9.28
C GLY B 205 46.91 -3.13 10.52
N ILE B 206 46.34 -3.95 11.42
CA ILE B 206 45.69 -3.45 12.64
C ILE B 206 46.20 -4.15 13.90
N MET B 207 46.07 -3.49 15.03
CA MET B 207 46.36 -4.09 16.32
C MET B 207 45.16 -3.91 17.23
N VAL B 208 44.67 -5.02 17.80
CA VAL B 208 43.56 -4.97 18.73
C VAL B 208 44.15 -4.73 20.11
N ALA B 209 44.28 -3.45 20.45
CA ALA B 209 44.86 -2.96 21.70
C ALA B 209 43.77 -3.06 22.77
N ARG B 210 43.62 -4.28 23.34
CA ARG B 210 42.57 -4.63 24.30
C ARG B 210 42.63 -3.90 25.63
N GLY B 211 43.83 -3.44 26.05
CA GLY B 211 43.96 -2.72 27.31
C GLY B 211 43.13 -1.44 27.37
N ASP B 212 43.40 -0.49 26.46
CA ASP B 212 42.64 0.75 26.41
C ASP B 212 41.23 0.51 25.91
N LEU B 213 41.07 -0.43 24.97
CA LEU B 213 39.76 -0.77 24.42
C LEU B 213 38.81 -1.29 25.51
N GLY B 214 39.35 -2.04 26.48
CA GLY B 214 38.59 -2.56 27.61
C GLY B 214 38.14 -1.52 28.62
N ILE B 215 38.65 -0.28 28.49
CA ILE B 215 38.32 0.86 29.36
C ILE B 215 37.38 1.82 28.60
N GLU B 216 37.64 2.02 27.29
CA GLU B 216 36.86 2.91 26.42
C GLU B 216 35.46 2.35 26.12
N ILE B 217 35.40 1.02 25.89
CA ILE B 217 34.13 0.30 25.66
C ILE B 217 33.88 -0.69 26.81
N PRO B 218 32.63 -1.16 27.04
CA PRO B 218 32.39 -2.11 28.14
C PRO B 218 33.29 -3.34 28.05
N ALA B 219 33.89 -3.75 29.16
CA ALA B 219 34.81 -4.89 29.16
C ALA B 219 34.23 -6.17 28.50
N GLU B 220 32.91 -6.39 28.67
CA GLU B 220 32.22 -7.56 28.14
C GLU B 220 31.93 -7.50 26.64
N LYS B 221 32.28 -6.38 25.96
CA LYS B 221 32.09 -6.22 24.52
C LYS B 221 33.40 -6.32 23.73
N VAL B 222 34.57 -6.31 24.39
CA VAL B 222 35.89 -6.34 23.72
C VAL B 222 36.09 -7.55 22.81
N PHE B 223 35.57 -8.72 23.18
CA PHE B 223 35.71 -9.94 22.37
C PHE B 223 35.00 -9.80 21.02
N LEU B 224 33.88 -9.03 20.97
CA LEU B 224 33.14 -8.80 19.71
C LEU B 224 33.99 -7.96 18.77
N ALA B 225 34.64 -6.93 19.31
CA ALA B 225 35.52 -6.01 18.59
C ALA B 225 36.74 -6.76 18.10
N GLN B 226 37.36 -7.60 18.94
CA GLN B 226 38.51 -8.39 18.54
C GLN B 226 38.14 -9.31 17.34
N LYS B 227 37.07 -10.13 17.49
CA LYS B 227 36.60 -11.05 16.47
C LYS B 227 36.19 -10.38 15.15
N MET B 228 35.51 -9.22 15.23
CA MET B 228 35.11 -8.49 14.01
C MET B 228 36.35 -7.95 13.30
N MET B 229 37.27 -7.32 14.04
CA MET B 229 38.48 -6.74 13.46
C MET B 229 39.37 -7.78 12.83
N ILE B 230 39.60 -8.90 13.53
CA ILE B 230 40.39 -10.00 12.98
C ILE B 230 39.78 -10.53 11.65
N GLY B 231 38.46 -10.75 11.64
CA GLY B 231 37.73 -11.23 10.47
C GLY B 231 37.77 -10.27 9.31
N ARG B 232 37.65 -8.96 9.57
CA ARG B 232 37.74 -7.95 8.53
C ARG B 232 39.15 -7.84 7.97
N CYS B 233 40.17 -8.01 8.83
CA CYS B 233 41.58 -8.00 8.40
C CYS B 233 41.87 -9.23 7.54
N ASN B 234 41.34 -10.38 7.93
CA ASN B 234 41.49 -11.63 7.19
C ASN B 234 40.88 -11.50 5.78
N LEU B 235 39.72 -10.84 5.71
CA LEU B 235 39.00 -10.59 4.47
C LEU B 235 39.85 -9.66 3.56
N ALA B 236 40.43 -8.61 4.15
CA ALA B 236 41.27 -7.60 3.49
C ALA B 236 42.66 -8.10 3.10
N GLY B 237 43.13 -9.18 3.71
CA GLY B 237 44.47 -9.73 3.46
C GLY B 237 45.56 -8.95 4.15
N LYS B 238 45.22 -8.21 5.23
CA LYS B 238 46.19 -7.39 5.98
C LYS B 238 46.45 -7.97 7.37
N PRO B 239 47.70 -7.88 7.86
CA PRO B 239 47.99 -8.45 9.19
C PRO B 239 47.19 -7.86 10.35
N VAL B 240 46.88 -8.70 11.34
CA VAL B 240 46.15 -8.27 12.54
C VAL B 240 46.85 -8.84 13.78
N VAL B 241 47.19 -7.97 14.74
CA VAL B 241 47.88 -8.36 15.97
C VAL B 241 46.90 -8.39 17.13
N CYS B 242 46.95 -9.45 17.95
CA CYS B 242 46.14 -9.49 19.17
C CYS B 242 47.08 -9.10 20.31
N ALA B 243 46.69 -8.07 21.09
CA ALA B 243 47.57 -7.55 22.11
C ALA B 243 46.93 -7.42 23.50
N THR B 244 47.80 -7.30 24.56
CA THR B 244 47.53 -7.00 25.98
C THR B 244 46.91 -8.12 26.83
N GLN B 245 47.56 -8.41 27.97
CA GLN B 245 47.13 -9.34 29.02
C GLN B 245 46.91 -10.78 28.56
N MET B 246 47.59 -11.21 27.50
CA MET B 246 47.47 -12.58 26.99
C MET B 246 47.97 -13.64 28.00
N LEU B 247 49.13 -13.41 28.63
CA LEU B 247 49.69 -14.31 29.63
C LEU B 247 50.10 -13.49 30.86
N GLU B 248 49.28 -12.51 31.26
CA GLU B 248 49.50 -11.59 32.37
C GLU B 248 50.05 -12.24 33.66
N SER B 249 49.52 -13.40 34.08
CA SER B 249 50.00 -14.07 35.31
C SER B 249 51.46 -14.52 35.21
N MET B 250 51.98 -14.71 33.99
CA MET B 250 53.38 -15.10 33.78
C MET B 250 54.39 -13.98 34.10
N ILE B 251 53.92 -12.75 34.42
CA ILE B 251 54.80 -11.66 34.86
C ILE B 251 55.44 -12.09 36.20
N THR B 252 54.64 -12.67 37.10
CA THR B 252 55.06 -13.10 38.42
C THR B 252 55.20 -14.64 38.55
N LYS B 253 54.37 -15.43 37.85
CA LYS B 253 54.32 -16.89 37.96
C LYS B 253 54.92 -17.66 36.77
N PRO B 254 55.49 -18.87 37.01
CA PRO B 254 56.10 -19.63 35.90
C PRO B 254 55.11 -20.33 34.96
N ARG B 255 53.84 -20.42 35.35
CA ARG B 255 52.80 -21.07 34.55
C ARG B 255 51.59 -20.12 34.42
N PRO B 256 50.91 -20.11 33.25
CA PRO B 256 49.74 -19.22 33.11
C PRO B 256 48.44 -19.84 33.61
N THR B 257 47.38 -19.02 33.71
CA THR B 257 46.07 -19.47 34.13
C THR B 257 45.37 -20.22 33.00
N ARG B 258 44.27 -20.92 33.31
CA ARG B 258 43.50 -21.66 32.31
C ARG B 258 42.82 -20.71 31.32
N ALA B 259 42.53 -19.47 31.75
CA ALA B 259 41.93 -18.43 30.91
C ALA B 259 42.96 -17.88 29.90
N GLU B 260 44.24 -17.78 30.33
CA GLU B 260 45.35 -17.25 29.54
C GLU B 260 45.75 -18.15 28.41
N THR B 261 45.88 -19.45 28.67
CA THR B 261 46.21 -20.40 27.61
C THR B 261 45.06 -20.44 26.58
N SER B 262 43.80 -20.41 27.09
CA SER B 262 42.58 -20.38 26.29
C SER B 262 42.57 -19.13 25.41
N ASP B 263 42.92 -17.97 25.97
CA ASP B 263 42.95 -16.70 25.26
C ASP B 263 43.94 -16.72 24.08
N VAL B 264 45.18 -17.18 24.30
CA VAL B 264 46.20 -17.25 23.27
C VAL B 264 45.74 -18.14 22.12
N ALA B 265 45.23 -19.31 22.46
CA ALA B 265 44.75 -20.27 21.48
C ALA B 265 43.57 -19.73 20.69
N ASN B 266 42.68 -18.98 21.36
CA ASN B 266 41.50 -18.40 20.71
C ASN B 266 41.86 -17.25 19.81
N ALA B 267 42.90 -16.46 20.11
CA ALA B 267 43.34 -15.38 19.24
C ALA B 267 43.87 -15.97 17.92
N VAL B 268 44.61 -17.07 18.00
CA VAL B 268 45.12 -17.80 16.84
C VAL B 268 43.93 -18.37 16.08
N LEU B 269 43.00 -19.04 16.78
CA LEU B 269 41.83 -19.62 16.14
C LEU B 269 40.94 -18.58 15.45
N ASP B 270 40.88 -17.36 15.99
CA ASP B 270 40.11 -16.25 15.41
C ASP B 270 40.67 -15.85 14.05
N GLY B 271 42.01 -15.96 13.89
CA GLY B 271 42.71 -15.62 12.65
C GLY B 271 43.75 -14.52 12.82
N ALA B 272 44.28 -14.35 14.04
CA ALA B 272 45.28 -13.32 14.29
C ALA B 272 46.61 -13.72 13.66
N ASP B 273 47.25 -12.79 12.96
CA ASP B 273 48.53 -13.01 12.31
C ASP B 273 49.65 -13.01 13.35
N CYS B 274 49.53 -12.14 14.38
CA CYS B 274 50.51 -12.01 15.44
C CYS B 274 49.88 -12.05 16.82
N ILE B 275 50.65 -12.51 17.80
CA ILE B 275 50.27 -12.48 19.23
C ILE B 275 51.35 -11.69 19.98
N MET B 276 50.97 -10.95 21.01
CA MET B 276 51.92 -10.08 21.72
C MET B 276 52.09 -10.33 23.23
N LEU B 277 53.27 -9.97 23.76
CA LEU B 277 53.59 -10.06 25.17
C LEU B 277 54.06 -8.67 25.57
N SER B 278 53.33 -7.99 26.47
CA SER B 278 53.70 -6.65 26.92
C SER B 278 54.57 -6.76 28.23
N GLY B 279 53.95 -6.65 29.42
CA GLY B 279 54.62 -6.78 30.70
C GLY B 279 55.25 -8.14 30.89
N GLU B 280 54.66 -9.17 30.28
CA GLU B 280 55.10 -10.56 30.36
C GLU B 280 56.63 -10.72 30.09
N THR B 281 57.14 -9.99 29.05
CA THR B 281 58.56 -10.04 28.66
C THR B 281 59.31 -8.74 29.00
N ALA B 282 58.63 -7.58 29.01
CA ALA B 282 59.29 -6.32 29.34
C ALA B 282 59.72 -6.21 30.80
N LYS B 283 58.84 -6.58 31.74
CA LYS B 283 59.14 -6.47 33.18
C LYS B 283 58.97 -7.76 33.99
N GLY B 284 58.45 -8.81 33.38
CA GLY B 284 58.19 -10.07 34.07
C GLY B 284 59.40 -10.93 34.40
N ASN B 285 59.26 -11.76 35.44
CA ASN B 285 60.26 -12.70 35.93
C ASN B 285 60.51 -13.88 34.97
N PHE B 286 59.57 -14.13 34.04
CA PHE B 286 59.71 -15.24 33.10
C PHE B 286 59.53 -14.74 31.65
N PRO B 287 60.47 -13.96 31.08
CA PRO B 287 60.28 -13.48 29.70
C PRO B 287 60.51 -14.56 28.64
N VAL B 288 61.55 -15.38 28.81
CA VAL B 288 61.84 -16.49 27.89
C VAL B 288 60.74 -17.56 27.99
N GLU B 289 60.21 -17.80 29.20
CA GLU B 289 59.16 -18.79 29.44
C GLU B 289 57.83 -18.33 28.86
N ALA B 290 57.56 -17.00 28.82
CA ALA B 290 56.34 -16.47 28.22
C ALA B 290 56.37 -16.66 26.68
N VAL B 291 57.56 -16.46 26.06
CA VAL B 291 57.76 -16.66 24.63
C VAL B 291 57.59 -18.14 24.28
N LYS B 292 58.23 -19.03 25.07
CA LYS B 292 58.11 -20.47 24.86
C LYS B 292 56.67 -20.93 24.99
N MET B 293 55.92 -20.35 25.95
CA MET B 293 54.51 -20.70 26.17
C MET B 293 53.65 -20.24 25.00
N GLN B 294 53.85 -19.00 24.51
CA GLN B 294 53.10 -18.53 23.34
C GLN B 294 53.41 -19.37 22.12
N HIS B 295 54.66 -19.81 21.97
CA HIS B 295 55.05 -20.67 20.86
C HIS B 295 54.30 -22.02 20.93
N ALA B 296 54.33 -22.65 22.11
CA ALA B 296 53.68 -23.94 22.36
C ALA B 296 52.19 -23.94 22.09
N ILE B 297 51.46 -22.91 22.58
CA ILE B 297 50.02 -22.76 22.40
C ILE B 297 49.69 -22.49 20.93
N ALA B 298 50.40 -21.55 20.27
CA ALA B 298 50.16 -21.24 18.86
C ALA B 298 50.29 -22.46 17.97
N ARG B 299 51.34 -23.29 18.15
CA ARG B 299 51.56 -24.54 17.39
C ARG B 299 50.37 -25.52 17.50
N GLU B 300 49.77 -25.60 18.67
CA GLU B 300 48.64 -26.50 18.90
C GLU B 300 47.39 -25.92 18.24
N ALA B 301 47.15 -24.60 18.42
CA ALA B 301 45.99 -23.88 17.92
C ALA B 301 45.92 -23.84 16.42
N GLU B 302 47.08 -23.71 15.73
CA GLU B 302 47.16 -23.68 14.28
C GLU B 302 46.78 -25.02 13.66
N ALA B 303 47.14 -26.13 14.31
CA ALA B 303 46.77 -27.46 13.82
C ALA B 303 45.25 -27.65 13.92
N ALA B 304 44.64 -27.11 14.99
CA ALA B 304 43.20 -27.17 15.25
C ALA B 304 42.36 -26.21 14.39
N VAL B 305 42.99 -25.44 13.48
CA VAL B 305 42.25 -24.54 12.58
C VAL B 305 41.51 -25.39 11.54
N TYR B 306 40.20 -25.12 11.38
CA TYR B 306 39.35 -25.85 10.44
C TYR B 306 39.59 -25.31 9.02
N HIS B 307 40.72 -25.73 8.39
CA HIS B 307 41.10 -25.25 7.07
C HIS B 307 40.06 -25.52 5.98
N ARG B 308 39.29 -26.63 6.08
CA ARG B 308 38.28 -26.96 5.08
C ARG B 308 37.32 -25.79 4.82
N GLN B 309 36.70 -25.26 5.87
CA GLN B 309 35.78 -24.14 5.73
C GLN B 309 36.52 -22.83 5.63
N LEU B 310 37.64 -22.67 6.34
CA LEU B 310 38.43 -21.44 6.30
C LEU B 310 38.87 -21.08 4.87
N PHE B 311 39.54 -22.02 4.18
CA PHE B 311 40.01 -21.79 2.82
C PHE B 311 38.85 -21.53 1.86
N GLU B 312 37.78 -22.34 1.96
CA GLU B 312 36.61 -22.21 1.11
C GLU B 312 35.91 -20.86 1.27
N GLU B 313 35.83 -20.35 2.51
CA GLU B 313 35.20 -19.06 2.79
C GLU B 313 36.10 -17.92 2.33
N LEU B 314 37.41 -18.05 2.55
CA LEU B 314 38.38 -17.03 2.10
C LEU B 314 38.35 -16.93 0.58
N ARG B 315 38.25 -18.08 -0.09
CA ARG B 315 38.16 -18.18 -1.53
C ARG B 315 36.87 -17.50 -2.10
N ARG B 316 35.69 -17.84 -1.55
CA ARG B 316 34.43 -17.26 -1.99
C ARG B 316 34.37 -15.76 -1.70
N ALA B 317 34.85 -15.35 -0.53
CA ALA B 317 34.86 -13.94 -0.11
C ALA B 317 35.80 -13.06 -0.93
N ALA B 318 36.94 -13.62 -1.37
CA ALA B 318 37.90 -12.85 -2.16
C ALA B 318 37.29 -12.55 -3.54
N PRO B 319 37.35 -11.29 -3.97
CA PRO B 319 36.79 -10.93 -5.27
C PRO B 319 37.65 -11.43 -6.42
N LEU B 320 37.08 -11.49 -7.63
CA LEU B 320 37.84 -11.89 -8.81
C LEU B 320 38.97 -10.91 -9.04
N SER B 321 40.10 -11.40 -9.57
CA SER B 321 41.24 -10.52 -9.80
C SER B 321 41.90 -10.78 -11.10
N ARG B 322 42.38 -9.72 -11.72
CA ARG B 322 43.13 -9.82 -12.95
C ARG B 322 44.64 -9.52 -12.72
N ASP B 323 45.11 -9.55 -11.45
CA ASP B 323 46.49 -9.34 -11.06
C ASP B 323 47.15 -10.71 -11.04
N PRO B 324 48.17 -10.93 -11.87
CA PRO B 324 48.80 -12.25 -11.92
C PRO B 324 49.36 -12.74 -10.58
N THR B 325 49.81 -11.83 -9.71
CA THR B 325 50.32 -12.20 -8.40
C THR B 325 49.18 -12.79 -7.57
N GLU B 326 48.02 -12.14 -7.58
CA GLU B 326 46.83 -12.55 -6.86
C GLU B 326 46.28 -13.89 -7.38
N VAL B 327 46.31 -14.10 -8.70
CA VAL B 327 45.85 -15.32 -9.36
C VAL B 327 46.78 -16.48 -9.09
N THR B 328 48.08 -16.24 -9.16
CA THR B 328 49.08 -17.27 -8.90
C THR B 328 49.02 -17.71 -7.45
N ALA B 329 48.76 -16.76 -6.52
CA ALA B 329 48.68 -17.06 -5.09
C ALA B 329 47.57 -18.06 -4.76
N ILE B 330 46.37 -17.88 -5.33
CA ILE B 330 45.27 -18.81 -5.06
C ILE B 330 45.50 -20.17 -5.74
N GLY B 331 46.12 -20.16 -6.92
CA GLY B 331 46.44 -21.39 -7.62
C GLY B 331 47.45 -22.22 -6.86
N ALA B 332 48.48 -21.54 -6.29
CA ALA B 332 49.55 -22.19 -5.52
C ALA B 332 49.06 -22.77 -4.20
N VAL B 333 48.18 -22.04 -3.49
CA VAL B 333 47.63 -22.51 -2.24
C VAL B 333 46.72 -23.73 -2.50
N GLU B 334 45.94 -23.70 -3.59
CA GLU B 334 45.07 -24.83 -3.96
C GLU B 334 45.92 -26.05 -4.29
N ALA B 335 47.02 -25.85 -5.02
CA ALA B 335 47.93 -26.93 -5.39
C ALA B 335 48.57 -27.53 -4.13
N ALA B 336 49.00 -26.66 -3.18
CA ALA B 336 49.61 -27.08 -1.91
C ALA B 336 48.68 -27.95 -1.06
N PHE B 337 47.37 -27.64 -1.08
CA PHE B 337 46.41 -28.42 -0.32
C PHE B 337 46.19 -29.79 -0.95
N LYS B 338 46.14 -29.86 -2.29
CA LYS B 338 45.91 -31.08 -3.05
C LYS B 338 46.94 -32.19 -2.78
N CYS B 339 48.20 -31.82 -2.63
CA CYS B 339 49.27 -32.80 -2.42
C CYS B 339 49.84 -32.85 -1.00
N CYS B 340 49.31 -32.02 -0.07
CA CYS B 340 49.81 -31.87 1.29
C CYS B 340 51.25 -31.43 1.24
N ALA B 341 51.48 -30.35 0.48
CA ALA B 341 52.80 -29.78 0.25
C ALA B 341 53.41 -29.37 1.56
N ALA B 342 54.69 -29.70 1.74
CA ALA B 342 55.39 -29.34 2.96
C ALA B 342 55.62 -27.84 3.05
N ALA B 343 55.78 -27.17 1.91
CA ALA B 343 56.04 -25.74 1.89
C ALA B 343 55.71 -25.13 0.52
N ILE B 344 55.55 -23.81 0.48
CA ILE B 344 55.39 -23.02 -0.71
C ILE B 344 56.61 -22.09 -0.67
N ILE B 345 57.54 -22.23 -1.63
CA ILE B 345 58.73 -21.36 -1.67
C ILE B 345 58.47 -20.23 -2.64
N VAL B 346 58.51 -18.99 -2.16
CA VAL B 346 58.23 -17.84 -3.00
C VAL B 346 59.36 -16.82 -3.02
N LEU B 347 59.68 -16.31 -4.22
CA LEU B 347 60.70 -15.28 -4.38
C LEU B 347 59.98 -13.96 -4.28
N THR B 348 60.43 -13.09 -3.39
CA THR B 348 59.77 -11.80 -3.19
C THR B 348 60.76 -10.68 -2.96
N THR B 349 60.38 -9.47 -3.37
CA THR B 349 61.23 -8.31 -3.25
C THR B 349 60.73 -7.41 -2.13
N THR B 350 59.43 -7.11 -2.15
CA THR B 350 58.78 -6.27 -1.13
C THR B 350 58.01 -7.07 -0.06
N GLY B 351 57.89 -8.38 -0.24
CA GLY B 351 57.11 -9.23 0.64
C GLY B 351 55.68 -9.43 0.18
N ARG B 352 55.25 -8.69 -0.87
CA ARG B 352 53.88 -8.73 -1.37
C ARG B 352 53.43 -10.12 -1.85
N SER B 353 54.25 -10.82 -2.63
CA SER B 353 53.87 -12.17 -3.12
C SER B 353 53.67 -13.15 -1.98
N ALA B 354 54.50 -13.05 -0.94
CA ALA B 354 54.37 -13.89 0.23
C ALA B 354 53.08 -13.52 1.00
N GLN B 355 52.75 -12.22 1.06
CA GLN B 355 51.55 -11.74 1.73
C GLN B 355 50.30 -12.27 1.05
N LEU B 356 50.28 -12.29 -0.28
CA LEU B 356 49.14 -12.80 -1.04
C LEU B 356 48.98 -14.31 -0.92
N LEU B 357 50.04 -15.03 -0.63
CA LEU B 357 49.95 -16.48 -0.40
C LEU B 357 49.35 -16.68 1.00
N SER B 358 49.84 -15.91 2.00
CA SER B 358 49.46 -15.90 3.40
C SER B 358 47.97 -15.65 3.64
N ARG B 359 47.36 -14.71 2.89
CA ARG B 359 45.96 -14.35 3.04
C ARG B 359 44.99 -15.53 2.84
N TYR B 360 45.39 -16.56 2.07
CA TYR B 360 44.58 -17.76 1.84
C TYR B 360 44.77 -18.84 2.91
N ARG B 361 45.58 -18.55 3.94
CA ARG B 361 45.85 -19.40 5.08
C ARG B 361 46.20 -20.85 4.74
N PRO B 362 47.28 -21.06 3.98
CA PRO B 362 47.66 -22.44 3.66
C PRO B 362 48.23 -23.16 4.88
N ARG B 363 48.10 -24.49 4.91
CA ARG B 363 48.71 -25.29 5.96
C ARG B 363 50.25 -25.39 5.69
N ALA B 364 50.69 -25.32 4.39
CA ALA B 364 52.10 -25.35 3.99
C ALA B 364 52.79 -24.06 4.37
N ALA B 365 54.03 -24.17 4.81
CA ALA B 365 54.80 -23.01 5.22
C ALA B 365 55.16 -22.17 4.02
N VAL B 366 54.99 -20.85 4.11
CA VAL B 366 55.38 -19.97 3.02
C VAL B 366 56.82 -19.56 3.25
N ILE B 367 57.76 -20.28 2.64
CA ILE B 367 59.18 -19.95 2.75
C ILE B 367 59.49 -18.81 1.77
N ALA B 368 59.68 -17.60 2.26
CA ALA B 368 59.92 -16.44 1.41
C ALA B 368 61.38 -16.11 1.29
N VAL B 369 61.94 -16.19 0.07
CA VAL B 369 63.34 -15.86 -0.18
C VAL B 369 63.46 -14.44 -0.73
N THR B 370 64.10 -13.56 0.03
CA THR B 370 64.26 -12.17 -0.36
C THR B 370 65.68 -11.69 -0.11
N ARG B 371 66.08 -10.69 -0.89
CA ARG B 371 67.35 -10.01 -0.70
C ARG B 371 67.17 -8.76 0.19
N SER B 372 65.92 -8.29 0.39
CA SER B 372 65.66 -7.14 1.22
C SER B 372 65.61 -7.55 2.69
N ALA B 373 66.54 -7.03 3.50
CA ALA B 373 66.58 -7.29 4.92
C ALA B 373 65.34 -6.72 5.60
N GLN B 374 64.88 -5.53 5.17
CA GLN B 374 63.67 -4.90 5.69
C GLN B 374 62.44 -5.78 5.39
N ALA B 375 62.27 -6.23 4.13
CA ALA B 375 61.15 -7.10 3.76
C ALA B 375 61.19 -8.40 4.56
N ALA B 376 62.38 -8.99 4.75
CA ALA B 376 62.52 -10.24 5.52
C ALA B 376 62.05 -10.06 6.97
N ARG B 377 62.30 -8.88 7.56
CA ARG B 377 61.87 -8.60 8.92
C ARG B 377 60.37 -8.34 8.96
N GLN B 378 59.85 -7.54 8.01
CA GLN B 378 58.44 -7.17 7.94
C GLN B 378 57.45 -8.30 7.59
N VAL B 379 57.90 -9.37 6.89
CA VAL B 379 56.98 -10.47 6.58
C VAL B 379 56.59 -11.29 7.81
N HIS B 380 57.21 -11.05 8.97
CA HIS B 380 56.80 -11.70 10.22
C HIS B 380 55.36 -11.26 10.59
N LEU B 381 54.91 -10.08 10.11
CA LEU B 381 53.56 -9.62 10.31
C LEU B 381 52.53 -10.56 9.67
N CYS B 382 52.91 -11.29 8.61
CA CYS B 382 52.02 -12.22 7.93
C CYS B 382 52.15 -13.63 8.45
N ARG B 383 51.02 -14.21 8.84
CA ARG B 383 51.00 -15.55 9.39
C ARG B 383 51.44 -16.58 8.37
N GLY B 384 52.33 -17.46 8.80
CA GLY B 384 52.79 -18.56 7.96
C GLY B 384 53.93 -18.22 7.03
N VAL B 385 54.44 -17.00 7.10
CA VAL B 385 55.57 -16.62 6.25
C VAL B 385 56.86 -16.76 7.04
N PHE B 386 57.79 -17.55 6.50
CA PHE B 386 59.08 -17.85 7.09
C PHE B 386 60.17 -17.21 6.21
N PRO B 387 60.63 -16.01 6.59
CA PRO B 387 61.62 -15.31 5.75
C PRO B 387 63.04 -15.87 5.78
N LEU B 388 63.70 -15.83 4.61
CA LEU B 388 65.08 -16.22 4.43
C LEU B 388 65.79 -15.06 3.74
N LEU B 389 66.89 -14.57 4.32
CA LEU B 389 67.64 -13.48 3.71
C LEU B 389 68.75 -14.05 2.83
N TYR B 390 68.68 -13.77 1.53
CA TYR B 390 69.67 -14.24 0.56
C TYR B 390 70.78 -13.18 0.47
N ARG B 391 72.02 -13.58 0.79
CA ARG B 391 73.15 -12.64 0.84
C ARG B 391 74.09 -12.73 -0.39
N GLU B 392 73.97 -13.78 -1.21
CA GLU B 392 74.81 -13.99 -2.39
C GLU B 392 74.64 -12.91 -3.45
N PRO B 393 75.72 -12.60 -4.21
CA PRO B 393 75.60 -11.59 -5.26
C PRO B 393 74.86 -12.09 -6.49
N PRO B 394 74.17 -11.19 -7.22
CA PRO B 394 73.41 -11.63 -8.40
C PRO B 394 74.23 -12.29 -9.50
N GLU B 395 73.74 -13.41 -10.05
CA GLU B 395 74.38 -14.12 -11.16
C GLU B 395 74.18 -13.33 -12.46
N ALA B 396 75.04 -13.58 -13.46
CA ALA B 396 74.96 -12.91 -14.75
C ALA B 396 73.65 -13.27 -15.49
N ILE B 397 73.29 -14.56 -15.50
CA ILE B 397 72.06 -15.01 -16.13
C ILE B 397 70.94 -14.95 -15.08
N TRP B 398 69.88 -14.15 -15.31
CA TRP B 398 68.78 -14.03 -14.35
C TRP B 398 68.12 -15.36 -14.02
N ALA B 399 67.89 -16.21 -15.03
CA ALA B 399 67.28 -17.52 -14.82
C ALA B 399 68.08 -18.41 -13.88
N ASP B 400 69.41 -18.24 -13.84
CA ASP B 400 70.30 -18.99 -12.95
C ASP B 400 70.25 -18.42 -11.52
N ASP B 401 70.12 -17.09 -11.40
CA ASP B 401 70.02 -16.38 -10.12
C ASP B 401 68.73 -16.81 -9.37
N VAL B 402 67.64 -17.01 -10.13
CA VAL B 402 66.35 -17.47 -9.63
C VAL B 402 66.51 -18.88 -9.08
N ASP B 403 67.13 -19.79 -9.86
CA ASP B 403 67.37 -21.18 -9.47
C ASP B 403 68.20 -21.30 -8.21
N ARG B 404 69.17 -20.38 -8.01
CA ARG B 404 70.01 -20.40 -6.83
C ARG B 404 69.20 -20.01 -5.59
N ARG B 405 68.29 -19.04 -5.72
CA ARG B 405 67.45 -18.62 -4.61
C ARG B 405 66.43 -19.70 -4.24
N VAL B 406 65.92 -20.45 -5.22
CA VAL B 406 64.99 -21.56 -4.98
C VAL B 406 65.72 -22.71 -4.23
N GLN B 407 66.96 -22.99 -4.65
CA GLN B 407 67.78 -24.01 -4.00
C GLN B 407 68.18 -23.60 -2.60
N PHE B 408 68.39 -22.29 -2.37
CA PHE B 408 68.68 -21.74 -1.05
C PHE B 408 67.49 -22.00 -0.11
N GLY B 409 66.27 -21.86 -0.64
CA GLY B 409 65.04 -22.11 0.11
C GLY B 409 64.86 -23.58 0.41
N ILE B 410 65.25 -24.47 -0.51
CA ILE B 410 65.14 -25.91 -0.28
C ILE B 410 66.16 -26.34 0.75
N GLU B 411 67.40 -25.89 0.60
CA GLU B 411 68.46 -26.23 1.55
C GLU B 411 68.17 -25.67 2.93
N SER B 412 67.64 -24.44 3.04
CA SER B 412 67.27 -23.87 4.35
C SER B 412 66.13 -24.68 4.95
N GLY B 413 65.14 -25.06 4.13
CA GLY B 413 63.98 -25.83 4.56
C GLY B 413 64.30 -27.25 4.96
N LYS B 414 65.32 -27.85 4.34
CA LYS B 414 65.75 -29.20 4.66
C LYS B 414 66.46 -29.16 6.02
N LEU B 415 67.39 -28.21 6.16
CA LEU B 415 68.18 -27.98 7.35
C LEU B 415 67.29 -27.57 8.50
N ARG B 416 66.23 -26.76 8.32
CA ARG B 416 65.38 -26.36 9.46
C ARG B 416 64.28 -27.36 9.82
N GLY B 417 64.16 -28.46 9.08
CA GLY B 417 63.16 -29.47 9.38
C GLY B 417 61.84 -29.36 8.64
N PHE B 418 61.65 -28.29 7.84
CA PHE B 418 60.41 -28.12 7.05
C PHE B 418 60.30 -29.14 5.92
N LEU B 419 61.44 -29.52 5.35
CA LEU B 419 61.44 -30.41 4.20
C LEU B 419 62.23 -31.65 4.41
N ARG B 420 61.66 -32.73 3.93
CA ARG B 420 62.20 -34.08 3.93
C ARG B 420 62.27 -34.56 2.47
N VAL B 421 63.17 -35.51 2.17
CA VAL B 421 63.26 -36.09 0.84
C VAL B 421 61.96 -36.91 0.60
N GLY B 422 61.34 -36.73 -0.57
CA GLY B 422 60.07 -37.36 -0.88
C GLY B 422 58.91 -36.39 -0.80
N ASP B 423 59.07 -35.29 -0.04
CA ASP B 423 58.07 -34.23 0.12
C ASP B 423 57.82 -33.49 -1.19
N LEU B 424 56.65 -32.84 -1.30
CA LEU B 424 56.31 -32.04 -2.46
C LEU B 424 56.31 -30.58 -2.05
N VAL B 425 56.80 -29.70 -2.90
CA VAL B 425 56.80 -28.26 -2.63
C VAL B 425 56.25 -27.49 -3.82
N ILE B 426 55.64 -26.34 -3.56
CA ILE B 426 55.14 -25.48 -4.62
C ILE B 426 56.10 -24.31 -4.70
N VAL B 427 56.65 -24.05 -5.89
CA VAL B 427 57.59 -22.93 -6.06
C VAL B 427 56.90 -21.81 -6.84
N VAL B 428 56.88 -20.60 -6.27
CA VAL B 428 56.24 -19.43 -6.86
C VAL B 428 57.28 -18.38 -7.21
N THR B 429 57.43 -18.06 -8.51
CA THR B 429 58.42 -17.11 -9.05
C THR B 429 57.76 -16.11 -10.07
N GLY B 430 58.55 -15.17 -10.60
CA GLY B 430 58.09 -14.24 -11.63
C GLY B 430 58.70 -14.54 -12.99
N TRP B 431 58.31 -13.79 -14.05
CA TRP B 431 58.84 -13.98 -15.41
C TRP B 431 60.01 -13.01 -15.73
N ARG B 432 60.07 -11.88 -15.01
CA ARG B 432 61.09 -10.85 -15.18
C ARG B 432 61.44 -10.24 -13.81
N PRO B 433 62.66 -9.71 -13.66
CA PRO B 433 63.05 -9.09 -12.37
C PRO B 433 62.27 -7.82 -12.05
N GLY B 434 62.30 -7.42 -10.80
CA GLY B 434 61.55 -6.26 -10.34
C GLY B 434 60.26 -6.67 -9.66
N SER B 435 59.76 -5.83 -8.78
CA SER B 435 58.57 -6.14 -8.02
C SER B 435 57.29 -6.15 -8.87
N GLY B 436 56.37 -7.04 -8.51
CA GLY B 436 55.05 -7.14 -9.13
C GLY B 436 54.86 -8.05 -10.33
N TYR B 437 55.87 -8.84 -10.68
CA TYR B 437 55.76 -9.71 -11.85
C TYR B 437 55.64 -11.19 -11.54
N THR B 438 55.23 -11.54 -10.31
CA THR B 438 55.05 -12.94 -9.91
C THR B 438 53.92 -13.53 -10.76
N ASN B 439 54.15 -14.67 -11.44
CA ASN B 439 53.12 -15.27 -12.28
C ASN B 439 53.30 -16.78 -12.54
N ILE B 440 54.29 -17.42 -11.91
CA ILE B 440 54.57 -18.82 -12.18
C ILE B 440 54.45 -19.71 -10.94
N MET B 441 53.94 -20.93 -11.12
CA MET B 441 53.82 -21.91 -10.05
CA MET B 441 53.75 -21.93 -10.07
C MET B 441 54.35 -23.26 -10.56
N ARG B 442 55.22 -23.89 -9.79
CA ARG B 442 55.84 -25.16 -10.15
C ARG B 442 55.66 -26.19 -9.06
N VAL B 443 55.37 -27.44 -9.42
CA VAL B 443 55.25 -28.53 -8.44
C VAL B 443 56.58 -29.30 -8.45
N LEU B 444 57.34 -29.26 -7.35
CA LEU B 444 58.63 -29.95 -7.28
CA LEU B 444 58.63 -29.93 -7.26
C LEU B 444 58.70 -31.04 -6.21
N SER B 445 59.41 -32.15 -6.49
CA SER B 445 59.58 -33.27 -5.55
C SER B 445 60.96 -33.16 -4.92
N ILE B 446 61.03 -33.11 -3.59
CA ILE B 446 62.30 -32.97 -2.89
C ILE B 446 63.17 -34.21 -3.03
N SER B 447 64.35 -34.04 -3.62
CA SER B 447 65.30 -35.13 -3.81
C SER B 447 66.55 -34.95 -2.90
N GLU C 21 14.16 -51.04 14.60
CA GLU C 21 12.75 -50.63 14.67
C GLU C 21 12.06 -50.63 13.28
N LEU C 22 12.85 -50.47 12.19
CA LEU C 22 12.33 -50.47 10.81
C LEU C 22 12.98 -51.56 9.92
N GLY C 23 14.23 -51.93 10.23
CA GLY C 23 14.96 -52.98 9.53
C GLY C 23 15.94 -52.51 8.48
N THR C 24 16.85 -53.41 8.07
CA THR C 24 17.85 -53.10 7.04
C THR C 24 17.20 -53.01 5.63
N ALA C 25 16.10 -53.75 5.41
CA ALA C 25 15.36 -53.77 4.15
C ALA C 25 14.65 -52.45 3.89
N PHE C 26 14.17 -51.77 4.96
CA PHE C 26 13.47 -50.49 4.81
C PHE C 26 14.41 -49.43 4.24
N PHE C 27 15.66 -49.40 4.74
CA PHE C 27 16.66 -48.40 4.37
C PHE C 27 17.34 -48.64 3.01
N GLN C 28 16.96 -49.72 2.30
CA GLN C 28 17.48 -49.95 0.95
C GLN C 28 16.46 -49.49 -0.14
N GLN C 29 15.16 -49.46 0.21
CA GLN C 29 14.08 -49.02 -0.66
C GLN C 29 13.99 -47.49 -0.78
N GLN C 30 13.14 -47.01 -1.74
CA GLN C 30 12.83 -45.61 -2.09
C GLN C 30 14.05 -44.68 -2.11
N GLN C 31 15.20 -45.16 -2.64
CA GLN C 31 16.47 -44.43 -2.76
C GLN C 31 16.92 -43.79 -1.45
N LEU C 32 16.71 -44.49 -0.33
CA LEU C 32 17.11 -43.98 0.97
C LEU C 32 18.63 -43.83 1.13
N PRO C 33 19.50 -44.74 0.60
CA PRO C 33 20.95 -44.49 0.71
C PRO C 33 21.39 -43.23 -0.04
N ALA C 34 20.77 -42.99 -1.21
CA ALA C 34 21.03 -41.82 -2.06
C ALA C 34 20.59 -40.51 -1.41
N ALA C 35 19.47 -40.53 -0.67
CA ALA C 35 18.95 -39.33 -0.01
C ALA C 35 19.74 -38.95 1.25
N MET C 36 20.42 -39.94 1.89
CA MET C 36 21.26 -39.72 3.07
C MET C 36 22.64 -39.11 2.73
N ALA C 37 23.02 -39.09 1.44
CA ALA C 37 24.32 -38.59 0.98
C ALA C 37 24.59 -37.13 1.36
N ASP C 38 25.85 -36.82 1.70
CA ASP C 38 26.27 -35.48 2.13
C ASP C 38 26.41 -34.49 0.96
N THR C 39 26.64 -35.01 -0.26
CA THR C 39 26.77 -34.19 -1.47
C THR C 39 25.84 -34.68 -2.57
N PHE C 40 25.55 -33.81 -3.55
CA PHE C 40 24.72 -34.14 -4.70
C PHE C 40 25.43 -35.14 -5.62
N LEU C 41 26.78 -35.05 -5.73
CA LEU C 41 27.55 -35.98 -6.53
C LEU C 41 27.43 -37.39 -5.92
N GLU C 42 27.56 -37.48 -4.57
CA GLU C 42 27.42 -38.74 -3.83
C GLU C 42 26.00 -39.29 -3.96
N HIS C 43 25.00 -38.40 -3.97
CA HIS C 43 23.59 -38.74 -4.13
C HIS C 43 23.38 -39.43 -5.48
N LEU C 44 23.95 -38.86 -6.55
CA LEU C 44 23.84 -39.41 -7.90
C LEU C 44 24.48 -40.79 -7.96
N CYS C 45 25.69 -40.93 -7.37
CA CYS C 45 26.41 -42.20 -7.34
C CYS C 45 25.70 -43.29 -6.56
N LEU C 46 24.87 -42.92 -5.57
CA LEU C 46 24.13 -43.86 -4.73
C LEU C 46 22.74 -44.23 -5.27
N LEU C 47 22.37 -43.76 -6.48
CA LEU C 47 21.07 -44.12 -7.06
C LEU C 47 21.13 -45.57 -7.46
N ASP C 48 20.14 -46.34 -7.02
CA ASP C 48 20.10 -47.78 -7.26
C ASP C 48 18.85 -48.15 -8.07
N ILE C 49 19.01 -48.82 -9.22
CA ILE C 49 17.86 -49.26 -10.01
C ILE C 49 17.10 -50.42 -9.32
N ASP C 50 17.77 -51.14 -8.40
CA ASP C 50 17.19 -52.23 -7.61
C ASP C 50 16.43 -51.71 -6.36
N SER C 51 16.51 -50.39 -6.06
CA SER C 51 15.83 -49.75 -4.96
C SER C 51 14.41 -49.39 -5.44
N GLU C 52 13.42 -50.15 -4.97
CA GLU C 52 12.04 -49.96 -5.39
C GLU C 52 11.30 -48.86 -4.63
N PRO C 53 10.42 -48.12 -5.33
CA PRO C 53 9.67 -47.06 -4.63
C PRO C 53 8.57 -47.63 -3.74
N VAL C 54 8.48 -47.13 -2.50
CA VAL C 54 7.45 -47.59 -1.58
C VAL C 54 6.34 -46.55 -1.47
N ALA C 55 6.69 -45.25 -1.44
CA ALA C 55 5.74 -44.15 -1.32
C ALA C 55 4.73 -44.07 -2.47
N ALA C 56 3.55 -43.48 -2.21
CA ALA C 56 2.54 -43.33 -3.26
C ALA C 56 2.96 -42.23 -4.23
N ARG C 57 2.48 -42.30 -5.47
CA ARG C 57 2.83 -41.31 -6.49
C ARG C 57 2.26 -39.93 -6.19
N SER C 58 3.14 -38.97 -5.94
CA SER C 58 2.81 -37.61 -5.55
C SER C 58 2.54 -36.62 -6.70
N THR C 59 3.29 -36.70 -7.82
CA THR C 59 3.07 -35.80 -8.96
C THR C 59 1.75 -36.14 -9.65
N SER C 60 0.82 -35.19 -9.70
CA SER C 60 -0.49 -35.45 -10.27
C SER C 60 -0.50 -35.52 -11.78
N ILE C 61 -1.43 -36.32 -12.32
CA ILE C 61 -1.56 -36.54 -13.76
C ILE C 61 -2.81 -35.87 -14.35
N ILE C 62 -2.58 -34.93 -15.31
CA ILE C 62 -3.68 -34.25 -16.02
C ILE C 62 -3.87 -34.96 -17.32
N ALA C 63 -5.08 -35.44 -17.59
CA ALA C 63 -5.37 -36.15 -18.82
C ALA C 63 -6.36 -35.35 -19.64
N THR C 64 -6.02 -35.08 -20.93
CA THR C 64 -6.92 -34.35 -21.82
C THR C 64 -8.04 -35.26 -22.28
N ILE C 65 -9.29 -34.84 -22.14
CA ILE C 65 -10.45 -35.61 -22.51
C ILE C 65 -10.84 -35.29 -23.95
N GLY C 66 -10.97 -36.33 -24.76
CA GLY C 66 -11.36 -36.21 -26.16
C GLY C 66 -12.16 -37.41 -26.61
N PRO C 67 -12.21 -37.67 -27.92
CA PRO C 67 -12.96 -38.84 -28.41
C PRO C 67 -12.46 -40.18 -27.87
N ALA C 68 -11.12 -40.31 -27.73
CA ALA C 68 -10.48 -41.53 -27.22
C ALA C 68 -10.70 -41.80 -25.71
N SER C 69 -11.22 -40.82 -24.96
CA SER C 69 -11.37 -40.97 -23.52
C SER C 69 -12.64 -40.30 -22.99
N ARG C 70 -13.73 -40.39 -23.74
CA ARG C 70 -14.98 -39.71 -23.36
C ARG C 70 -16.03 -40.61 -22.74
N SER C 71 -15.97 -41.91 -23.03
CA SER C 71 -16.97 -42.85 -22.53
C SER C 71 -16.87 -43.02 -21.00
N VAL C 72 -18.01 -43.17 -20.32
CA VAL C 72 -18.05 -43.36 -18.89
C VAL C 72 -17.18 -44.55 -18.43
N GLU C 73 -17.20 -45.64 -19.22
CA GLU C 73 -16.42 -46.84 -18.93
C GLU C 73 -14.93 -46.67 -19.13
N ARG C 74 -14.52 -45.85 -20.10
CA ARG C 74 -13.11 -45.56 -20.37
C ARG C 74 -12.55 -44.62 -19.29
N LEU C 75 -13.37 -43.65 -18.86
CA LEU C 75 -13.02 -42.70 -17.82
C LEU C 75 -12.77 -43.41 -16.49
N LYS C 76 -13.56 -44.46 -16.17
CA LYS C 76 -13.41 -45.30 -14.96
C LYS C 76 -12.05 -46.01 -14.98
N GLU C 77 -11.60 -46.45 -16.16
CA GLU C 77 -10.31 -47.11 -16.32
C GLU C 77 -9.16 -46.13 -16.12
N MET C 78 -9.34 -44.88 -16.57
CA MET C 78 -8.32 -43.85 -16.42
CA MET C 78 -8.32 -43.84 -16.43
C MET C 78 -8.22 -43.38 -14.96
N ILE C 79 -9.36 -43.37 -14.24
CA ILE C 79 -9.37 -43.02 -12.82
C ILE C 79 -8.56 -44.10 -12.07
N LYS C 80 -8.80 -45.39 -12.39
CA LYS C 80 -8.08 -46.53 -11.82
C LYS C 80 -6.59 -46.54 -12.21
N ALA C 81 -6.26 -46.00 -13.38
CA ALA C 81 -4.87 -45.90 -13.83
C ALA C 81 -4.06 -44.78 -13.13
N GLY C 82 -4.78 -43.76 -12.63
CA GLY C 82 -4.13 -42.66 -11.92
C GLY C 82 -4.46 -41.24 -12.36
N MET C 83 -5.52 -41.05 -13.16
CA MET C 83 -5.89 -39.71 -13.61
C MET C 83 -6.39 -38.92 -12.42
N ASN C 84 -5.86 -37.71 -12.23
CA ASN C 84 -6.29 -36.87 -11.12
C ASN C 84 -7.09 -35.68 -11.60
N ILE C 85 -6.68 -35.09 -12.75
CA ILE C 85 -7.34 -33.93 -13.32
C ILE C 85 -7.72 -34.23 -14.77
N ALA C 86 -8.94 -33.85 -15.16
CA ALA C 86 -9.46 -34.03 -16.52
C ALA C 86 -9.45 -32.68 -17.24
N ARG C 87 -8.64 -32.56 -18.30
CA ARG C 87 -8.52 -31.31 -19.07
C ARG C 87 -9.48 -31.26 -20.24
N LEU C 88 -10.24 -30.17 -20.38
CA LEU C 88 -11.13 -29.95 -21.51
C LEU C 88 -10.48 -28.88 -22.42
N ASN C 89 -10.05 -29.26 -23.64
CA ASN C 89 -9.43 -28.28 -24.56
C ASN C 89 -10.52 -27.55 -25.31
N PHE C 90 -10.72 -26.27 -24.97
CA PHE C 90 -11.76 -25.47 -25.61
C PHE C 90 -11.36 -24.94 -27.02
N SER C 91 -10.20 -25.36 -27.53
CA SER C 91 -9.78 -25.07 -28.91
C SER C 91 -10.61 -25.94 -29.89
N HIS C 92 -11.10 -27.09 -29.46
CA HIS C 92 -11.88 -28.02 -30.26
C HIS C 92 -13.16 -28.35 -29.49
N GLY C 93 -14.27 -28.52 -30.20
CA GLY C 93 -15.53 -28.92 -29.59
C GLY C 93 -16.44 -27.79 -29.17
N SER C 94 -17.75 -28.10 -29.12
CA SER C 94 -18.78 -27.13 -28.76
C SER C 94 -19.06 -27.15 -27.24
N HIS C 95 -19.84 -26.17 -26.73
CA HIS C 95 -20.23 -26.15 -25.33
C HIS C 95 -21.05 -27.38 -24.97
N GLU C 96 -21.89 -27.86 -25.90
CA GLU C 96 -22.74 -29.05 -25.68
C GLU C 96 -21.86 -30.30 -25.56
N TYR C 97 -20.78 -30.37 -26.36
CA TYR C 97 -19.84 -31.48 -26.35
C TYR C 97 -19.11 -31.53 -25.00
N HIS C 98 -18.58 -30.38 -24.55
CA HIS C 98 -17.85 -30.31 -23.30
C HIS C 98 -18.75 -30.54 -22.09
N ALA C 99 -20.03 -30.13 -22.13
CA ALA C 99 -20.95 -30.39 -21.04
C ALA C 99 -21.21 -31.89 -20.89
N GLU C 100 -21.25 -32.64 -22.02
CA GLU C 100 -21.43 -34.08 -22.00
C GLU C 100 -20.18 -34.75 -21.42
N SER C 101 -18.97 -34.22 -21.75
CA SER C 101 -17.72 -34.72 -21.19
C SER C 101 -17.73 -34.57 -19.64
N ILE C 102 -18.09 -33.36 -19.13
CA ILE C 102 -18.19 -33.05 -17.72
C ILE C 102 -19.14 -34.02 -17.00
N ALA C 103 -20.30 -34.28 -17.62
CA ALA C 103 -21.30 -35.19 -17.05
C ALA C 103 -20.81 -36.65 -17.01
N ASN C 104 -20.09 -37.07 -18.05
CA ASN C 104 -19.54 -38.42 -18.13
C ASN C 104 -18.44 -38.62 -17.10
N VAL C 105 -17.60 -37.61 -16.91
CA VAL C 105 -16.52 -37.64 -15.92
C VAL C 105 -17.16 -37.72 -14.53
N ARG C 106 -18.13 -36.84 -14.23
CA ARG C 106 -18.81 -36.88 -12.92
C ARG C 106 -19.50 -38.23 -12.64
N GLU C 107 -20.09 -38.84 -13.67
CA GLU C 107 -20.74 -40.15 -13.55
C GLU C 107 -19.68 -41.25 -13.24
N ALA C 108 -18.53 -41.21 -13.92
CA ALA C 108 -17.46 -42.18 -13.68
C ALA C 108 -16.84 -42.01 -12.26
N VAL C 109 -16.73 -40.77 -11.77
CA VAL C 109 -16.17 -40.46 -10.45
C VAL C 109 -17.11 -40.89 -9.34
N GLU C 110 -18.40 -40.58 -9.51
CA GLU C 110 -19.40 -40.93 -8.50
C GLU C 110 -19.77 -42.40 -8.48
N SER C 111 -19.32 -43.20 -9.47
CA SER C 111 -19.55 -44.65 -9.45
C SER C 111 -18.78 -45.33 -8.28
N PHE C 112 -17.73 -44.67 -7.75
CA PHE C 112 -16.93 -45.20 -6.65
C PHE C 112 -17.28 -44.56 -5.28
N ALA C 113 -18.27 -43.68 -5.22
CA ALA C 113 -18.64 -42.93 -4.01
C ALA C 113 -19.50 -43.68 -2.98
N GLY C 114 -19.68 -44.98 -3.19
CA GLY C 114 -20.42 -45.86 -2.29
C GLY C 114 -19.57 -46.34 -1.13
N SER C 115 -18.24 -46.47 -1.38
CA SER C 115 -17.20 -46.84 -0.42
C SER C 115 -16.43 -45.52 -0.14
N PRO C 116 -16.86 -44.69 0.83
CA PRO C 116 -16.25 -43.37 1.02
C PRO C 116 -14.81 -43.31 1.54
N LEU C 117 -14.29 -44.38 2.18
CA LEU C 117 -12.90 -44.37 2.66
C LEU C 117 -11.92 -44.47 1.47
N SER C 118 -12.32 -45.20 0.40
CA SER C 118 -11.57 -45.45 -0.84
C SER C 118 -12.00 -44.54 -2.03
N TYR C 119 -12.94 -43.57 -1.84
CA TYR C 119 -13.40 -42.72 -2.95
C TYR C 119 -12.33 -41.75 -3.42
N ARG C 120 -12.14 -41.62 -4.75
CA ARG C 120 -11.15 -40.69 -5.28
C ARG C 120 -11.80 -39.50 -5.98
N PRO C 121 -11.54 -38.24 -5.57
CA PRO C 121 -12.09 -37.10 -6.33
C PRO C 121 -11.24 -36.79 -7.56
N VAL C 122 -11.83 -36.22 -8.62
CA VAL C 122 -11.10 -35.87 -9.85
C VAL C 122 -11.44 -34.45 -10.23
N ALA C 123 -10.44 -33.59 -10.43
CA ALA C 123 -10.66 -32.18 -10.79
C ALA C 123 -11.04 -32.03 -12.26
N ILE C 124 -11.79 -30.98 -12.60
CA ILE C 124 -12.12 -30.68 -13.99
C ILE C 124 -11.47 -29.34 -14.36
N ALA C 125 -10.59 -29.34 -15.37
CA ALA C 125 -9.90 -28.12 -15.78
C ALA C 125 -10.30 -27.67 -17.17
N LEU C 126 -10.49 -26.37 -17.37
CA LEU C 126 -10.88 -25.80 -18.66
C LEU C 126 -9.70 -25.12 -19.25
N ASP C 127 -9.22 -25.60 -20.40
CA ASP C 127 -8.10 -24.98 -21.09
C ASP C 127 -8.67 -24.04 -22.18
N THR C 128 -8.48 -22.72 -22.01
CA THR C 128 -9.04 -21.74 -22.95
C THR C 128 -8.39 -21.77 -24.33
N LYS C 129 -9.15 -21.33 -25.37
CA LYS C 129 -8.69 -21.28 -26.75
C LYS C 129 -7.51 -20.30 -26.93
N GLY C 130 -7.62 -19.11 -26.33
CA GLY C 130 -6.56 -18.12 -26.38
C GLY C 130 -6.91 -16.84 -27.11
N PRO C 131 -6.09 -15.80 -26.95
CA PRO C 131 -6.36 -14.52 -27.62
C PRO C 131 -5.92 -14.50 -29.08
N GLY C 134 -5.17 -11.34 -31.35
CA GLY C 134 -5.86 -10.36 -30.53
C GLY C 134 -5.06 -9.94 -29.31
N PRO C 135 -5.39 -8.76 -28.74
CA PRO C 135 -4.63 -8.26 -27.57
C PRO C 135 -5.11 -8.72 -26.19
N GLY C 136 -6.39 -8.45 -25.87
CA GLY C 136 -6.96 -8.82 -24.59
C GLY C 136 -7.63 -10.17 -24.62
N LEU C 137 -8.59 -10.35 -23.71
CA LEU C 137 -9.33 -11.59 -23.63
C LEU C 137 -10.30 -11.67 -24.80
N SER C 138 -10.26 -12.76 -25.59
CA SER C 138 -11.14 -12.90 -26.74
C SER C 138 -12.62 -13.05 -26.36
N GLU C 139 -13.53 -12.84 -27.32
CA GLU C 139 -14.96 -12.97 -27.07
C GLU C 139 -15.30 -14.42 -26.75
N GLN C 140 -14.67 -15.38 -27.45
CA GLN C 140 -14.92 -16.80 -27.23
C GLN C 140 -14.46 -17.20 -25.85
N ASP C 141 -13.31 -16.68 -25.39
CA ASP C 141 -12.79 -16.98 -24.06
C ASP C 141 -13.75 -16.50 -22.96
N VAL C 142 -14.36 -15.34 -23.12
CA VAL C 142 -15.34 -14.84 -22.16
C VAL C 142 -16.53 -15.77 -22.05
N ARG C 143 -16.96 -16.34 -23.17
CA ARG C 143 -18.09 -17.26 -23.21
C ARG C 143 -17.73 -18.61 -22.63
N ASP C 144 -16.52 -19.11 -22.94
CA ASP C 144 -16.02 -20.39 -22.42
C ASP C 144 -15.79 -20.34 -20.91
N LEU C 145 -15.28 -19.19 -20.38
CA LEU C 145 -15.05 -18.99 -18.95
C LEU C 145 -16.38 -18.92 -18.21
N ARG C 146 -17.40 -18.28 -18.81
CA ARG C 146 -18.74 -18.22 -18.22
C ARG C 146 -19.32 -19.66 -18.13
N PHE C 147 -19.06 -20.47 -19.17
CA PHE C 147 -19.49 -21.86 -19.24
C PHE C 147 -18.84 -22.65 -18.09
N GLY C 148 -17.54 -22.44 -17.87
CA GLY C 148 -16.80 -23.11 -16.81
C GLY C 148 -17.37 -22.80 -15.44
N VAL C 149 -17.75 -21.55 -15.23
CA VAL C 149 -18.35 -21.14 -13.97
C VAL C 149 -19.69 -21.81 -13.80
N GLU C 150 -20.54 -21.77 -14.83
CA GLU C 150 -21.87 -22.39 -14.77
C GLU C 150 -21.83 -23.91 -14.61
N HIS C 151 -20.75 -24.54 -15.05
CA HIS C 151 -20.62 -25.98 -14.95
C HIS C 151 -19.73 -26.46 -13.81
N GLY C 152 -19.26 -25.54 -12.97
CA GLY C 152 -18.47 -25.89 -11.80
C GLY C 152 -17.09 -26.46 -12.05
N VAL C 153 -16.35 -25.88 -13.00
CA VAL C 153 -14.97 -26.32 -13.22
C VAL C 153 -14.12 -25.85 -12.02
N ASP C 154 -13.05 -26.57 -11.76
CA ASP C 154 -12.20 -26.27 -10.61
C ASP C 154 -10.99 -25.43 -11.01
N ILE C 155 -10.43 -25.72 -12.17
CA ILE C 155 -9.23 -25.03 -12.65
C ILE C 155 -9.42 -24.48 -14.06
N VAL C 156 -8.68 -23.40 -14.39
CA VAL C 156 -8.65 -22.79 -15.71
C VAL C 156 -7.21 -22.74 -16.12
N PHE C 157 -6.87 -23.27 -17.31
CA PHE C 157 -5.53 -23.13 -17.86
C PHE C 157 -5.67 -22.00 -18.85
N ALA C 158 -5.31 -20.78 -18.44
CA ALA C 158 -5.45 -19.62 -19.30
C ALA C 158 -4.34 -19.60 -20.32
N SER C 159 -4.69 -19.75 -21.63
CA SER C 159 -3.74 -19.75 -22.74
C SER C 159 -3.16 -18.37 -23.02
N PHE C 160 -1.89 -18.37 -23.45
CA PHE C 160 -1.08 -17.22 -23.86
C PHE C 160 -1.14 -16.02 -22.91
N VAL C 161 -0.81 -16.24 -21.64
CA VAL C 161 -0.74 -15.15 -20.69
C VAL C 161 0.56 -14.40 -20.99
N ARG C 162 0.50 -13.06 -21.14
CA ARG C 162 1.70 -12.27 -21.46
C ARG C 162 2.06 -11.24 -20.40
N LYS C 163 1.11 -10.86 -19.57
CA LYS C 163 1.28 -9.85 -18.53
C LYS C 163 0.25 -10.07 -17.40
N ALA C 164 0.38 -9.37 -16.27
CA ALA C 164 -0.56 -9.50 -15.14
C ALA C 164 -1.97 -9.06 -15.49
N SER C 165 -2.11 -8.10 -16.43
CA SER C 165 -3.43 -7.61 -16.84
C SER C 165 -4.26 -8.71 -17.53
N ASP C 166 -3.59 -9.67 -18.19
CA ASP C 166 -4.23 -10.81 -18.85
C ASP C 166 -4.86 -11.73 -17.80
N VAL C 167 -4.16 -11.95 -16.67
CA VAL C 167 -4.68 -12.79 -15.60
C VAL C 167 -5.88 -12.11 -14.94
N ALA C 168 -5.79 -10.78 -14.76
CA ALA C 168 -6.87 -10.02 -14.16
C ALA C 168 -8.12 -10.09 -15.03
N ALA C 169 -7.95 -10.14 -16.38
CA ALA C 169 -9.06 -10.25 -17.30
C ALA C 169 -9.74 -11.61 -17.15
N VAL C 170 -8.96 -12.69 -16.97
CA VAL C 170 -9.53 -14.03 -16.77
C VAL C 170 -10.24 -14.10 -15.42
N ARG C 171 -9.63 -13.50 -14.42
CA ARG C 171 -10.11 -13.42 -13.06
C ARG C 171 -11.46 -12.71 -13.05
N ALA C 172 -11.60 -11.61 -13.82
CA ALA C 172 -12.81 -10.81 -14.01
C ALA C 172 -13.88 -11.60 -14.75
N ALA C 173 -13.45 -12.42 -15.72
CA ALA C 173 -14.31 -13.28 -16.51
C ALA C 173 -14.85 -14.46 -15.71
N LEU C 174 -14.16 -14.83 -14.60
CA LEU C 174 -14.68 -15.94 -13.80
C LEU C 174 -15.95 -15.45 -12.99
N GLY C 175 -16.70 -14.52 -13.60
CA GLY C 175 -17.95 -13.89 -13.20
C GLY C 175 -18.01 -13.65 -11.72
N PRO C 176 -19.23 -13.55 -11.14
CA PRO C 176 -19.29 -13.38 -9.67
C PRO C 176 -19.07 -14.70 -8.90
N GLU C 177 -19.55 -15.81 -9.45
CA GLU C 177 -19.49 -17.11 -8.80
C GLU C 177 -18.17 -17.84 -8.86
N GLY C 178 -17.36 -17.63 -9.89
CA GLY C 178 -16.13 -18.40 -10.07
C GLY C 178 -14.84 -17.90 -9.44
N HIS C 179 -14.92 -17.02 -8.42
CA HIS C 179 -13.70 -16.56 -7.75
C HIS C 179 -12.90 -17.69 -7.05
N GLY C 180 -13.54 -18.83 -6.75
CA GLY C 180 -12.89 -19.98 -6.15
C GLY C 180 -12.07 -20.83 -7.12
N ILE C 181 -12.30 -20.64 -8.44
CA ILE C 181 -11.59 -21.36 -9.48
C ILE C 181 -10.12 -20.98 -9.48
N LYS C 182 -9.24 -21.96 -9.70
CA LYS C 182 -7.81 -21.70 -9.73
C LYS C 182 -7.36 -21.31 -11.13
N ILE C 183 -6.54 -20.25 -11.26
CA ILE C 183 -6.03 -19.85 -12.56
C ILE C 183 -4.56 -20.25 -12.72
N ILE C 184 -4.32 -21.21 -13.61
CA ILE C 184 -2.99 -21.68 -13.97
C ILE C 184 -2.63 -20.95 -15.29
N SER C 185 -1.68 -20.00 -15.26
CA SER C 185 -1.29 -19.22 -16.42
C SER C 185 -0.35 -19.96 -17.32
N LYS C 186 -0.76 -20.21 -18.57
CA LYS C 186 0.10 -20.89 -19.53
C LYS C 186 1.09 -19.88 -20.10
N ILE C 187 2.39 -20.11 -19.88
CA ILE C 187 3.44 -19.26 -20.42
C ILE C 187 3.82 -19.91 -21.74
N GLU C 188 3.41 -19.27 -22.87
CA GLU C 188 3.62 -19.83 -24.20
C GLU C 188 4.46 -18.97 -25.14
N ASN C 189 4.93 -17.77 -24.71
CA ASN C 189 5.70 -16.90 -25.58
C ASN C 189 6.82 -16.12 -24.84
N HIS C 190 7.69 -15.39 -25.58
CA HIS C 190 8.79 -14.63 -24.98
C HIS C 190 8.30 -13.57 -23.97
N GLU C 191 7.14 -12.94 -24.24
CA GLU C 191 6.61 -11.91 -23.33
C GLU C 191 6.24 -12.47 -21.96
N GLY C 192 5.61 -13.64 -21.95
CA GLY C 192 5.24 -14.35 -20.73
C GLY C 192 6.45 -14.72 -19.91
N VAL C 193 7.51 -15.21 -20.60
CA VAL C 193 8.76 -15.56 -19.94
C VAL C 193 9.43 -14.35 -19.28
N LYS C 194 9.42 -13.20 -19.96
CA LYS C 194 10.01 -11.98 -19.41
C LYS C 194 9.16 -11.36 -18.32
N ARG C 195 7.83 -11.38 -18.48
CA ARG C 195 6.94 -10.84 -17.45
C ARG C 195 6.52 -11.86 -16.36
N PHE C 196 7.22 -13.00 -16.32
CA PHE C 196 6.96 -14.11 -15.42
C PHE C 196 6.68 -13.71 -13.96
N ASP C 197 7.53 -12.88 -13.35
CA ASP C 197 7.35 -12.53 -11.95
C ASP C 197 6.02 -11.83 -11.66
N GLU C 198 5.59 -10.94 -12.57
CA GLU C 198 4.33 -10.22 -12.38
C GLU C 198 3.12 -11.12 -12.63
N ILE C 199 3.27 -12.11 -13.52
CA ILE C 199 2.23 -13.08 -13.87
C ILE C 199 2.04 -14.06 -12.71
N LEU C 200 3.14 -14.65 -12.21
CA LEU C 200 3.09 -15.59 -11.10
C LEU C 200 2.51 -14.95 -9.85
N GLU C 201 2.79 -13.67 -9.62
CA GLU C 201 2.29 -12.97 -8.44
C GLU C 201 0.76 -12.94 -8.37
N VAL C 202 0.11 -12.81 -9.54
CA VAL C 202 -1.35 -12.73 -9.62
C VAL C 202 -2.03 -14.07 -10.01
N SER C 203 -1.23 -15.10 -10.36
CA SER C 203 -1.77 -16.41 -10.73
C SER C 203 -1.74 -17.36 -9.55
N ASP C 204 -2.55 -18.43 -9.61
CA ASP C 204 -2.55 -19.47 -8.59
C ASP C 204 -1.42 -20.50 -8.84
N GLY C 205 -0.94 -20.57 -10.07
CA GLY C 205 0.10 -21.47 -10.52
C GLY C 205 0.43 -21.23 -11.98
N ILE C 206 1.38 -21.97 -12.53
CA ILE C 206 1.84 -21.77 -13.89
C ILE C 206 1.85 -23.07 -14.67
N MET C 207 1.74 -22.99 -15.98
CA MET C 207 1.88 -24.13 -16.85
C MET C 207 2.94 -23.82 -17.88
N VAL C 208 3.94 -24.68 -17.99
CA VAL C 208 5.01 -24.50 -18.96
C VAL C 208 4.51 -25.16 -20.23
N ALA C 209 3.82 -24.35 -21.05
CA ALA C 209 3.21 -24.76 -22.31
C ALA C 209 4.32 -24.76 -23.36
N ARG C 210 5.09 -25.87 -23.38
CA ARG C 210 6.26 -26.08 -24.22
C ARG C 210 5.99 -26.10 -25.74
N GLY C 211 4.78 -26.48 -26.15
CA GLY C 211 4.42 -26.51 -27.55
C GLY C 211 4.56 -25.18 -28.25
N ASP C 212 3.78 -24.19 -27.82
CA ASP C 212 3.85 -22.85 -28.39
C ASP C 212 5.15 -22.16 -28.01
N LEU C 213 5.65 -22.41 -26.79
CA LEU C 213 6.91 -21.82 -26.32
C LEU C 213 8.09 -22.24 -27.18
N GLY C 214 8.07 -23.47 -27.69
CA GLY C 214 9.09 -23.99 -28.58
C GLY C 214 9.09 -23.41 -29.99
N ILE C 215 8.03 -22.64 -30.33
CA ILE C 215 7.85 -21.97 -31.62
C ILE C 215 8.15 -20.46 -31.44
N GLU C 216 7.68 -19.86 -30.32
CA GLU C 216 7.86 -18.43 -30.01
C GLU C 216 9.32 -18.10 -29.66
N ILE C 217 10.00 -18.99 -28.93
CA ILE C 217 11.40 -18.84 -28.59
C ILE C 217 12.22 -19.99 -29.25
N PRO C 218 13.56 -19.87 -29.41
CA PRO C 218 14.34 -20.96 -30.02
C PRO C 218 14.11 -22.30 -29.31
N ALA C 219 13.89 -23.38 -30.07
CA ALA C 219 13.62 -24.70 -29.48
C ALA C 219 14.66 -25.14 -28.44
N GLU C 220 15.92 -24.78 -28.67
CA GLU C 220 17.03 -25.13 -27.80
C GLU C 220 17.10 -24.31 -26.50
N LYS C 221 16.20 -23.34 -26.30
CA LYS C 221 16.17 -22.51 -25.09
C LYS C 221 14.99 -22.86 -24.16
N VAL C 222 14.03 -23.70 -24.62
CA VAL C 222 12.83 -24.07 -23.85
C VAL C 222 13.15 -24.72 -22.48
N PHE C 223 14.20 -25.56 -22.42
CA PHE C 223 14.58 -26.21 -21.17
C PHE C 223 15.02 -25.20 -20.08
N LEU C 224 15.62 -24.05 -20.48
CA LEU C 224 16.05 -23.00 -19.53
C LEU C 224 14.82 -22.35 -18.91
N ALA C 225 13.81 -22.08 -19.75
CA ALA C 225 12.56 -21.47 -19.37
C ALA C 225 11.79 -22.41 -18.45
N GLN C 226 11.74 -23.73 -18.80
CA GLN C 226 11.07 -24.72 -17.96
C GLN C 226 11.70 -24.76 -16.56
N LYS C 227 13.03 -24.97 -16.49
CA LYS C 227 13.76 -25.04 -15.24
C LYS C 227 13.69 -23.76 -14.40
N MET C 228 13.73 -22.58 -15.02
CA MET C 228 13.63 -21.33 -14.28
C MET C 228 12.23 -21.16 -13.69
N MET C 229 11.21 -21.41 -14.50
CA MET C 229 9.81 -21.28 -14.09
C MET C 229 9.45 -22.26 -12.99
N ILE C 230 9.86 -23.54 -13.12
CA ILE C 230 9.62 -24.53 -12.07
C ILE C 230 10.27 -24.09 -10.74
N GLY C 231 11.52 -23.65 -10.80
CA GLY C 231 12.26 -23.19 -9.63
C GLY C 231 11.63 -21.98 -8.98
N ARG C 232 11.16 -21.02 -9.79
CA ARG C 232 10.53 -19.82 -9.25
C ARG C 232 9.18 -20.14 -8.62
N CYS C 233 8.44 -21.13 -9.20
CA CYS C 233 7.16 -21.57 -8.66
C CYS C 233 7.39 -22.29 -7.34
N ASN C 234 8.42 -23.14 -7.27
CA ASN C 234 8.79 -23.86 -6.05
C ASN C 234 9.15 -22.87 -4.92
N LEU C 235 9.85 -21.79 -5.27
CA LEU C 235 10.23 -20.73 -4.34
C LEU C 235 8.97 -19.99 -3.84
N ALA C 236 8.02 -19.71 -4.75
CA ALA C 236 6.76 -19.03 -4.46
C ALA C 236 5.73 -19.89 -3.73
N GLY C 237 5.89 -21.23 -3.78
CA GLY C 237 4.96 -22.17 -3.17
C GLY C 237 3.67 -22.35 -3.95
N LYS C 238 3.74 -22.14 -5.28
CA LYS C 238 2.60 -22.26 -6.18
C LYS C 238 2.79 -23.43 -7.14
N PRO C 239 1.68 -24.16 -7.48
CA PRO C 239 1.81 -25.29 -8.41
C PRO C 239 2.39 -24.94 -9.78
N VAL C 240 3.12 -25.87 -10.39
CA VAL C 240 3.69 -25.69 -11.72
C VAL C 240 3.45 -26.97 -12.52
N VAL C 241 2.82 -26.85 -13.70
CA VAL C 241 2.50 -27.98 -14.55
C VAL C 241 3.49 -28.04 -15.70
N CYS C 242 4.00 -29.23 -16.02
CA CYS C 242 4.85 -29.40 -17.18
C CYS C 242 3.94 -30.00 -18.24
N ALA C 243 3.88 -29.33 -19.42
CA ALA C 243 2.94 -29.74 -20.45
C ALA C 243 3.59 -29.91 -21.82
N THR C 244 2.89 -30.66 -22.72
CA THR C 244 3.12 -30.89 -24.14
C THR C 244 4.29 -31.81 -24.50
N GLN C 245 3.99 -32.82 -25.34
CA GLN C 245 4.88 -33.78 -25.95
C GLN C 245 5.68 -34.62 -24.97
N MET C 246 5.14 -34.85 -23.75
CA MET C 246 5.84 -35.64 -22.73
C MET C 246 5.98 -37.11 -23.14
N LEU C 247 4.90 -37.71 -23.67
CA LEU C 247 4.94 -39.10 -24.14
C LEU C 247 4.28 -39.15 -25.54
N GLU C 248 4.61 -38.17 -26.40
CA GLU C 248 4.07 -38.01 -27.75
C GLU C 248 3.99 -39.30 -28.58
N SER C 249 5.04 -40.14 -28.55
CA SER C 249 5.04 -41.39 -29.30
C SER C 249 3.95 -42.36 -28.87
N MET C 250 3.43 -42.24 -27.64
CA MET C 250 2.36 -43.09 -27.14
C MET C 250 0.97 -42.81 -27.77
N ILE C 251 0.87 -41.78 -28.64
CA ILE C 251 -0.37 -41.52 -29.37
C ILE C 251 -0.62 -42.68 -30.34
N THR C 252 0.45 -43.13 -31.01
CA THR C 252 0.42 -44.20 -31.98
C THR C 252 1.01 -45.53 -31.46
N LYS C 253 2.04 -45.48 -30.59
CA LYS C 253 2.78 -46.66 -30.09
C LYS C 253 2.47 -47.05 -28.63
N PRO C 254 2.53 -48.35 -28.27
CA PRO C 254 2.22 -48.75 -26.88
C PRO C 254 3.31 -48.46 -25.85
N ARG C 255 4.53 -48.12 -26.30
CA ARG C 255 5.65 -47.83 -25.44
C ARG C 255 6.30 -46.50 -25.84
N PRO C 256 6.80 -45.70 -24.89
CA PRO C 256 7.43 -44.43 -25.26
C PRO C 256 8.93 -44.55 -25.59
N THR C 257 9.50 -43.47 -26.12
CA THR C 257 10.92 -43.43 -26.47
C THR C 257 11.78 -43.21 -25.22
N ARG C 258 13.10 -43.43 -25.33
CA ARG C 258 14.03 -43.19 -24.24
C ARG C 258 14.10 -41.72 -23.83
N ALA C 259 13.84 -40.80 -24.78
CA ALA C 259 13.83 -39.37 -24.51
C ALA C 259 12.57 -38.97 -23.72
N GLU C 260 11.43 -39.63 -24.00
CA GLU C 260 10.14 -39.38 -23.38
C GLU C 260 10.10 -39.79 -21.93
N THR C 261 10.59 -41.00 -21.60
CA THR C 261 10.64 -41.44 -20.21
C THR C 261 11.60 -40.53 -19.43
N SER C 262 12.73 -40.16 -20.04
CA SER C 262 13.73 -39.24 -19.48
C SER C 262 13.09 -37.88 -19.19
N ASP C 263 12.31 -37.36 -20.14
CA ASP C 263 11.62 -36.08 -20.01
C ASP C 263 10.64 -36.05 -18.82
N VAL C 264 9.78 -37.07 -18.69
CA VAL C 264 8.80 -37.16 -17.61
C VAL C 264 9.52 -37.19 -16.27
N ALA C 265 10.55 -38.01 -16.17
CA ALA C 265 11.34 -38.13 -14.95
C ALA C 265 12.07 -36.84 -14.59
N ASN C 266 12.57 -36.13 -15.60
CA ASN C 266 13.29 -34.86 -15.36
C ASN C 266 12.37 -33.72 -14.99
N ALA C 267 11.11 -33.72 -15.48
CA ALA C 267 10.13 -32.71 -15.10
C ALA C 267 9.83 -32.87 -13.59
N VAL C 268 9.70 -34.14 -13.12
CA VAL C 268 9.48 -34.45 -11.72
C VAL C 268 10.71 -34.02 -10.91
N LEU C 269 11.90 -34.41 -11.38
CA LEU C 269 13.13 -34.05 -10.69
C LEU C 269 13.37 -32.53 -10.59
N ASP C 270 12.91 -31.77 -11.61
CA ASP C 270 13.02 -30.30 -11.63
C ASP C 270 12.17 -29.67 -10.50
N GLY C 271 11.03 -30.30 -10.20
CA GLY C 271 10.14 -29.84 -9.16
C GLY C 271 8.74 -29.54 -9.66
N ALA C 272 8.30 -30.19 -10.76
CA ALA C 272 6.95 -29.97 -11.30
C ALA C 272 5.91 -30.63 -10.43
N ASP C 273 4.85 -29.90 -10.09
CA ASP C 273 3.76 -30.41 -9.29
C ASP C 273 2.86 -31.36 -10.10
N CYS C 274 2.67 -31.06 -11.38
CA CYS C 274 1.81 -31.85 -12.28
C CYS C 274 2.51 -32.16 -13.58
N ILE C 275 2.09 -33.27 -14.20
CA ILE C 275 2.53 -33.64 -15.51
C ILE C 275 1.28 -33.84 -16.38
N MET C 276 1.37 -33.51 -17.68
CA MET C 276 0.19 -33.56 -18.54
C MET C 276 0.31 -34.46 -19.78
N LEU C 277 -0.86 -34.96 -20.23
CA LEU C 277 -0.99 -35.75 -21.44
C LEU C 277 -2.03 -35.06 -22.31
N SER C 278 -1.63 -34.61 -23.51
CA SER C 278 -2.54 -33.92 -24.43
C SER C 278 -3.17 -34.91 -25.46
N GLY C 279 -2.56 -35.04 -26.64
CA GLY C 279 -3.04 -35.97 -27.66
C GLY C 279 -2.94 -37.42 -27.22
N GLU C 280 -1.96 -37.70 -26.33
CA GLU C 280 -1.68 -39.02 -25.77
C GLU C 280 -2.95 -39.68 -25.17
N THR C 281 -3.83 -38.86 -24.55
CA THR C 281 -5.07 -39.28 -23.89
C THR C 281 -6.37 -38.93 -24.65
N ALA C 282 -6.36 -37.78 -25.34
CA ALA C 282 -7.53 -37.25 -26.07
C ALA C 282 -7.84 -37.92 -27.40
N LYS C 283 -6.82 -38.20 -28.20
CA LYS C 283 -7.02 -38.77 -29.53
C LYS C 283 -6.17 -40.02 -29.81
N GLY C 284 -5.19 -40.32 -28.97
CA GLY C 284 -4.31 -41.46 -29.17
C GLY C 284 -4.97 -42.81 -29.05
N ASN C 285 -4.23 -43.84 -29.39
CA ASN C 285 -4.65 -45.23 -29.33
C ASN C 285 -4.43 -45.85 -27.93
N PHE C 286 -3.58 -45.22 -27.09
CA PHE C 286 -3.28 -45.76 -25.77
C PHE C 286 -3.52 -44.71 -24.67
N PRO C 287 -4.77 -44.30 -24.38
CA PRO C 287 -4.98 -43.30 -23.33
C PRO C 287 -4.77 -43.84 -21.91
N VAL C 288 -5.30 -45.03 -21.61
CA VAL C 288 -5.12 -45.67 -20.30
C VAL C 288 -3.64 -46.03 -20.07
N GLU C 289 -2.96 -46.47 -21.12
CA GLU C 289 -1.55 -46.86 -21.06
C GLU C 289 -0.62 -45.66 -20.87
N ALA C 290 -1.01 -44.49 -21.38
CA ALA C 290 -0.20 -43.27 -21.21
C ALA C 290 -0.29 -42.79 -19.74
N VAL C 291 -1.47 -42.93 -19.12
CA VAL C 291 -1.70 -42.58 -17.72
C VAL C 291 -0.88 -43.54 -16.82
N LYS C 292 -0.96 -44.86 -17.10
CA LYS C 292 -0.19 -45.85 -16.37
C LYS C 292 1.32 -45.60 -16.46
N MET C 293 1.80 -45.21 -17.66
CA MET C 293 3.22 -44.92 -17.86
C MET C 293 3.67 -43.70 -17.09
N GLN C 294 2.88 -42.61 -17.13
CA GLN C 294 3.23 -41.40 -16.37
C GLN C 294 3.26 -41.70 -14.87
N HIS C 295 2.35 -42.57 -14.41
CA HIS C 295 2.30 -42.98 -13.01
C HIS C 295 3.61 -43.71 -12.63
N ALA C 296 3.99 -44.70 -13.42
CA ALA C 296 5.18 -45.50 -13.21
C ALA C 296 6.50 -44.69 -13.14
N ILE C 297 6.68 -43.77 -14.08
CA ILE C 297 7.88 -42.93 -14.15
C ILE C 297 7.94 -41.96 -12.97
N ALA C 298 6.81 -41.28 -12.67
CA ALA C 298 6.76 -40.30 -11.58
C ALA C 298 7.15 -40.93 -10.24
N ARG C 299 6.60 -42.12 -9.92
CA ARG C 299 6.91 -42.88 -8.71
C ARG C 299 8.44 -43.09 -8.52
N GLU C 300 9.13 -43.43 -9.62
CA GLU C 300 10.56 -43.68 -9.60
C GLU C 300 11.35 -42.39 -9.37
N ALA C 301 10.97 -41.34 -10.11
CA ALA C 301 11.62 -40.03 -10.08
C ALA C 301 11.51 -39.32 -8.72
N GLU C 302 10.36 -39.48 -8.05
CA GLU C 302 10.13 -38.88 -6.74
C GLU C 302 11.04 -39.47 -5.66
N ALA C 303 11.31 -40.79 -5.75
CA ALA C 303 12.22 -41.45 -4.82
C ALA C 303 13.64 -40.90 -4.99
N ALA C 304 14.04 -40.62 -6.23
CA ALA C 304 15.35 -40.10 -6.57
C ALA C 304 15.58 -38.61 -6.24
N VAL C 305 14.58 -37.95 -5.66
CA VAL C 305 14.73 -36.54 -5.30
C VAL C 305 15.69 -36.39 -4.10
N TYR C 306 16.67 -35.46 -4.19
CA TYR C 306 17.66 -35.19 -3.14
C TYR C 306 17.06 -34.29 -2.04
N HIS C 307 16.22 -34.86 -1.19
CA HIS C 307 15.52 -34.13 -0.15
C HIS C 307 16.41 -33.37 0.81
N ARG C 308 17.61 -33.90 1.11
CA ARG C 308 18.55 -33.23 2.03
C ARG C 308 18.82 -31.77 1.67
N GLN C 309 19.24 -31.52 0.41
CA GLN C 309 19.50 -30.17 -0.06
C GLN C 309 18.24 -29.46 -0.47
N LEU C 310 17.26 -30.20 -1.03
CA LEU C 310 16.00 -29.61 -1.43
C LEU C 310 15.29 -28.92 -0.25
N PHE C 311 15.03 -29.65 0.84
CA PHE C 311 14.32 -29.11 1.99
C PHE C 311 15.16 -28.02 2.71
N GLU C 312 16.49 -28.14 2.74
CA GLU C 312 17.39 -27.14 3.36
C GLU C 312 17.38 -25.82 2.56
N GLU C 313 17.34 -25.92 1.23
CA GLU C 313 17.32 -24.75 0.36
C GLU C 313 15.96 -24.13 0.38
N LEU C 314 14.88 -24.94 0.35
CA LEU C 314 13.52 -24.44 0.43
C LEU C 314 13.32 -23.71 1.75
N ARG C 315 13.90 -24.28 2.83
CA ARG C 315 13.90 -23.77 4.20
C ARG C 315 14.53 -22.37 4.25
N ARG C 316 15.80 -22.25 3.79
CA ARG C 316 16.59 -21.01 3.81
C ARG C 316 15.98 -19.94 2.90
N ALA C 317 15.53 -20.35 1.69
CA ALA C 317 14.93 -19.46 0.71
C ALA C 317 13.58 -18.90 1.17
N ALA C 318 12.79 -19.70 1.91
CA ALA C 318 11.51 -19.23 2.39
C ALA C 318 11.73 -18.14 3.43
N PRO C 319 11.02 -17.02 3.30
CA PRO C 319 11.24 -15.92 4.27
C PRO C 319 10.67 -16.24 5.62
N LEU C 320 11.09 -15.50 6.65
CA LEU C 320 10.49 -15.65 7.98
C LEU C 320 8.99 -15.29 7.88
N SER C 321 8.17 -15.99 8.65
CA SER C 321 6.75 -15.72 8.60
C SER C 321 6.18 -15.68 9.95
N ARG C 322 5.22 -14.80 10.15
CA ARG C 322 4.48 -14.75 11.41
C ARG C 322 3.05 -15.29 11.23
N ASP C 323 2.82 -16.08 10.16
CA ASP C 323 1.53 -16.73 9.89
C ASP C 323 1.64 -18.13 10.50
N PRO C 324 0.79 -18.42 11.48
CA PRO C 324 0.85 -19.73 12.14
C PRO C 324 0.72 -20.91 11.20
N THR C 325 -0.02 -20.78 10.08
CA THR C 325 -0.15 -21.86 9.13
C THR C 325 1.22 -22.12 8.48
N GLU C 326 1.90 -21.07 8.09
CA GLU C 326 3.20 -21.18 7.44
CA GLU C 326 3.21 -21.18 7.44
C GLU C 326 4.29 -21.75 8.39
N VAL C 327 4.25 -21.35 9.66
CA VAL C 327 5.17 -21.80 10.71
C VAL C 327 4.90 -23.27 11.07
N THR C 328 3.61 -23.65 11.22
CA THR C 328 3.23 -25.02 11.51
C THR C 328 3.65 -25.95 10.38
N ALA C 329 3.54 -25.51 9.12
CA ALA C 329 3.87 -26.33 7.97
C ALA C 329 5.34 -26.72 7.96
N ILE C 330 6.27 -25.77 8.25
CA ILE C 330 7.69 -26.11 8.26
C ILE C 330 8.06 -26.99 9.47
N GLY C 331 7.40 -26.74 10.61
CA GLY C 331 7.60 -27.55 11.79
C GLY C 331 7.19 -28.99 11.53
N ALA C 332 6.03 -29.18 10.85
CA ALA C 332 5.48 -30.51 10.56
C ALA C 332 6.30 -31.27 9.58
N VAL C 333 6.84 -30.62 8.57
CA VAL C 333 7.68 -31.30 7.56
C VAL C 333 9.04 -31.66 8.16
N GLU C 334 9.58 -30.80 9.04
CA GLU C 334 10.82 -31.09 9.74
CA GLU C 334 10.82 -31.09 9.74
C GLU C 334 10.61 -32.31 10.66
N ALA C 335 9.47 -32.35 11.39
CA ALA C 335 9.12 -33.45 12.27
C ALA C 335 8.96 -34.73 11.46
N ALA C 336 8.29 -34.66 10.28
CA ALA C 336 8.05 -35.81 9.42
C ALA C 336 9.33 -36.44 8.95
N PHE C 337 10.33 -35.64 8.69
CA PHE C 337 11.62 -36.11 8.22
C PHE C 337 12.44 -36.76 9.35
N LYS C 338 12.36 -36.21 10.54
CA LYS C 338 13.06 -36.73 11.70
C LYS C 338 12.63 -38.15 12.06
N CYS C 339 11.35 -38.51 11.92
CA CYS C 339 10.88 -39.85 12.29
C CYS C 339 10.53 -40.74 11.11
N CYS C 340 10.73 -40.26 9.87
CA CYS C 340 10.35 -40.96 8.65
C CYS C 340 8.86 -41.30 8.68
N ALA C 341 8.04 -40.27 9.01
CA ALA C 341 6.61 -40.32 9.10
C ALA C 341 6.01 -40.89 7.85
N ALA C 342 5.08 -41.83 7.99
CA ALA C 342 4.43 -42.44 6.84
C ALA C 342 3.57 -41.41 6.08
N ALA C 343 2.97 -40.46 6.82
CA ALA C 343 2.10 -39.46 6.24
C ALA C 343 1.98 -38.25 7.17
N ILE C 344 1.53 -37.12 6.60
CA ILE C 344 1.17 -35.91 7.33
C ILE C 344 -0.34 -35.79 7.09
N ILE C 345 -1.18 -35.89 8.14
CA ILE C 345 -2.61 -35.75 7.98
C ILE C 345 -2.95 -34.34 8.32
N VAL C 346 -3.44 -33.59 7.35
CA VAL C 346 -3.83 -32.20 7.57
C VAL C 346 -5.33 -32.03 7.26
N LEU C 347 -6.03 -31.33 8.12
CA LEU C 347 -7.43 -30.99 7.99
C LEU C 347 -7.38 -29.64 7.34
N THR C 348 -8.01 -29.51 6.18
CA THR C 348 -8.06 -28.25 5.44
C THR C 348 -9.41 -27.97 4.87
N THR C 349 -9.73 -26.71 4.65
CA THR C 349 -11.06 -26.31 4.14
C THR C 349 -10.98 -25.68 2.76
N THR C 350 -9.95 -24.90 2.56
CA THR C 350 -9.67 -24.25 1.30
C THR C 350 -8.51 -24.96 0.54
N GLY C 351 -7.81 -25.89 1.20
CA GLY C 351 -6.64 -26.55 0.64
C GLY C 351 -5.35 -25.83 0.99
N ARG C 352 -5.43 -24.64 1.63
CA ARG C 352 -4.26 -23.84 1.92
C ARG C 352 -3.22 -24.51 2.82
N SER C 353 -3.66 -25.13 3.93
CA SER C 353 -2.77 -25.80 4.85
C SER C 353 -2.02 -26.94 4.17
N ALA C 354 -2.70 -27.68 3.30
CA ALA C 354 -2.09 -28.77 2.57
C ALA C 354 -1.08 -28.20 1.57
N GLN C 355 -1.39 -27.03 0.96
CA GLN C 355 -0.50 -26.40 0.00
C GLN C 355 0.79 -25.97 0.67
N LEU C 356 0.70 -25.37 1.87
CA LEU C 356 1.87 -24.94 2.61
C LEU C 356 2.74 -26.10 3.10
N LEU C 357 2.15 -27.28 3.30
CA LEU C 357 2.92 -28.47 3.67
C LEU C 357 3.66 -28.93 2.43
N SER C 358 2.96 -28.99 1.29
CA SER C 358 3.43 -29.42 -0.03
C SER C 358 4.66 -28.62 -0.54
N ARG C 359 4.69 -27.29 -0.34
CA ARG C 359 5.79 -26.42 -0.79
C ARG C 359 7.14 -26.81 -0.23
N TYR C 360 7.18 -27.47 0.98
CA TYR C 360 8.44 -27.94 1.60
C TYR C 360 8.88 -29.33 1.11
N ARG C 361 8.15 -29.90 0.16
CA ARG C 361 8.40 -31.17 -0.49
C ARG C 361 8.70 -32.33 0.45
N PRO C 362 7.78 -32.65 1.38
CA PRO C 362 8.03 -33.77 2.28
C PRO C 362 8.04 -35.11 1.57
N ARG C 363 8.75 -36.08 2.12
CA ARG C 363 8.73 -37.43 1.59
C ARG C 363 7.42 -38.14 2.07
N ALA C 364 6.83 -37.69 3.18
CA ALA C 364 5.60 -38.25 3.72
C ALA C 364 4.42 -37.75 2.89
N ALA C 365 3.43 -38.61 2.66
CA ALA C 365 2.25 -38.22 1.91
C ALA C 365 1.43 -37.24 2.69
N VAL C 366 0.96 -36.16 2.05
CA VAL C 366 0.10 -35.20 2.72
C VAL C 366 -1.33 -35.66 2.52
N ILE C 367 -1.88 -36.39 3.48
CA ILE C 367 -3.27 -36.82 3.42
C ILE C 367 -4.13 -35.65 3.88
N ALA C 368 -4.85 -35.01 2.94
CA ALA C 368 -5.66 -33.84 3.27
C ALA C 368 -7.09 -34.21 3.42
N VAL C 369 -7.65 -34.04 4.59
CA VAL C 369 -9.04 -34.34 4.84
C VAL C 369 -9.82 -33.04 4.77
N THR C 370 -10.77 -32.99 3.86
CA THR C 370 -11.61 -31.81 3.70
C THR C 370 -13.07 -32.15 3.50
N ARG C 371 -13.92 -31.22 3.88
CA ARG C 371 -15.35 -31.29 3.61
C ARG C 371 -15.68 -30.57 2.28
N SER C 372 -14.72 -29.81 1.68
CA SER C 372 -14.96 -29.10 0.44
C SER C 372 -14.64 -30.00 -0.75
N ALA C 373 -15.65 -30.32 -1.55
CA ALA C 373 -15.45 -31.13 -2.73
C ALA C 373 -14.58 -30.39 -3.73
N GLN C 374 -14.77 -29.03 -3.84
CA GLN C 374 -13.93 -28.25 -4.74
C GLN C 374 -12.47 -28.27 -4.29
N ALA C 375 -12.22 -28.01 -2.98
CA ALA C 375 -10.86 -28.05 -2.44
C ALA C 375 -10.23 -29.43 -2.64
N ALA C 376 -10.99 -30.51 -2.45
CA ALA C 376 -10.49 -31.86 -2.63
C ALA C 376 -10.03 -32.08 -4.06
N ARG C 377 -10.73 -31.52 -5.04
CA ARG C 377 -10.38 -31.66 -6.43
C ARG C 377 -9.19 -30.79 -6.76
N GLN C 378 -9.19 -29.54 -6.28
CA GLN C 378 -8.11 -28.60 -6.56
C GLN C 378 -6.75 -28.93 -5.96
N VAL C 379 -6.69 -29.64 -4.80
CA VAL C 379 -5.40 -29.94 -4.20
C VAL C 379 -4.58 -30.92 -5.02
N HIS C 380 -5.14 -31.51 -6.09
CA HIS C 380 -4.36 -32.36 -6.98
C HIS C 380 -3.28 -31.50 -7.70
N LEU C 381 -3.45 -30.18 -7.79
CA LEU C 381 -2.45 -29.28 -8.33
C LEU C 381 -1.17 -29.28 -7.47
N CYS C 382 -1.26 -29.58 -6.18
CA CYS C 382 -0.10 -29.62 -5.29
C CYS C 382 0.47 -31.01 -5.16
N ARG C 383 1.77 -31.12 -5.41
CA ARG C 383 2.49 -32.38 -5.34
C ARG C 383 2.47 -32.96 -3.95
N GLY C 384 2.15 -34.24 -3.87
CA GLY C 384 2.16 -34.98 -2.62
C GLY C 384 0.91 -34.84 -1.79
N VAL C 385 -0.13 -34.15 -2.29
CA VAL C 385 -1.35 -34.00 -1.52
C VAL C 385 -2.33 -35.03 -2.02
N PHE C 386 -2.84 -35.89 -1.11
CA PHE C 386 -3.79 -36.97 -1.36
C PHE C 386 -5.11 -36.60 -0.71
N PRO C 387 -6.04 -36.02 -1.48
CA PRO C 387 -7.30 -35.54 -0.87
C PRO C 387 -8.30 -36.66 -0.52
N LEU C 388 -9.01 -36.43 0.63
CA LEU C 388 -10.08 -37.24 1.19
C LEU C 388 -11.23 -36.30 1.46
N LEU C 389 -12.35 -36.52 0.75
CA LEU C 389 -13.57 -35.74 0.96
C LEU C 389 -14.32 -36.43 2.08
N TYR C 390 -14.68 -35.69 3.13
CA TYR C 390 -15.30 -36.26 4.30
C TYR C 390 -16.72 -35.79 4.29
N ARG C 391 -17.63 -36.75 4.16
CA ARG C 391 -19.05 -36.49 3.98
C ARG C 391 -19.91 -36.67 5.20
N GLU C 392 -19.32 -37.10 6.33
CA GLU C 392 -20.02 -37.44 7.54
C GLU C 392 -20.79 -36.31 8.16
N PRO C 393 -21.83 -36.60 8.97
CA PRO C 393 -22.53 -35.53 9.65
C PRO C 393 -21.64 -35.00 10.75
N PRO C 394 -21.70 -33.67 10.96
CA PRO C 394 -20.86 -33.06 11.98
C PRO C 394 -21.29 -33.40 13.38
N GLU C 395 -20.32 -33.41 14.32
CA GLU C 395 -20.52 -33.70 15.74
C GLU C 395 -20.76 -32.42 16.49
N ALA C 396 -21.48 -32.54 17.62
CA ALA C 396 -21.84 -31.41 18.46
C ALA C 396 -20.60 -30.70 19.03
N ILE C 397 -19.64 -31.47 19.56
CA ILE C 397 -18.40 -30.93 20.11
C ILE C 397 -17.37 -30.82 18.98
N TRP C 398 -16.84 -29.61 18.72
CA TRP C 398 -15.90 -29.42 17.63
C TRP C 398 -14.63 -30.25 17.75
N ALA C 399 -14.12 -30.41 18.98
CA ALA C 399 -12.92 -31.22 19.18
C ALA C 399 -13.16 -32.68 18.83
N ASP C 400 -14.40 -33.18 19.01
CA ASP C 400 -14.74 -34.55 18.63
C ASP C 400 -14.89 -34.66 17.11
N ASP C 401 -15.42 -33.59 16.47
CA ASP C 401 -15.50 -33.54 15.01
C ASP C 401 -14.11 -33.53 14.44
N VAL C 402 -13.17 -32.76 15.06
CA VAL C 402 -11.79 -32.76 14.60
C VAL C 402 -11.18 -34.19 14.61
N ASP C 403 -11.38 -34.87 15.74
CA ASP C 403 -10.92 -36.23 15.99
C ASP C 403 -11.46 -37.27 15.06
N ARG C 404 -12.76 -37.19 14.71
CA ARG C 404 -13.36 -38.12 13.75
C ARG C 404 -12.73 -37.99 12.35
N ARG C 405 -12.42 -36.74 11.91
CA ARG C 405 -11.77 -36.51 10.61
C ARG C 405 -10.32 -36.96 10.58
N VAL C 406 -9.61 -36.82 11.72
CA VAL C 406 -8.21 -37.26 11.83
C VAL C 406 -8.15 -38.78 11.70
N GLN C 407 -9.03 -39.46 12.43
CA GLN C 407 -9.14 -40.92 12.32
C GLN C 407 -9.67 -41.37 10.97
N PHE C 408 -10.49 -40.55 10.32
CA PHE C 408 -10.97 -40.85 8.97
C PHE C 408 -9.80 -40.90 8.00
N GLY C 409 -8.82 -40.01 8.22
CA GLY C 409 -7.60 -39.90 7.45
C GLY C 409 -6.71 -41.07 7.70
N ILE C 410 -6.63 -41.55 8.94
CA ILE C 410 -5.86 -42.75 9.32
C ILE C 410 -6.53 -43.99 8.73
N GLU C 411 -7.85 -44.16 8.92
CA GLU C 411 -8.55 -45.33 8.40
C GLU C 411 -8.42 -45.44 6.90
N SER C 412 -8.59 -44.31 6.15
CA SER C 412 -8.38 -44.32 4.69
C SER C 412 -6.93 -44.64 4.37
N GLY C 413 -5.99 -44.02 5.07
CA GLY C 413 -4.57 -44.23 4.88
C GLY C 413 -4.18 -45.68 5.03
N LYS C 414 -4.80 -46.38 6.03
CA LYS C 414 -4.59 -47.82 6.35
C LYS C 414 -5.08 -48.66 5.20
N LEU C 415 -6.33 -48.39 4.76
CA LEU C 415 -7.00 -49.05 3.69
C LEU C 415 -6.27 -48.91 2.34
N ARG C 416 -5.72 -47.73 2.03
CA ARG C 416 -5.01 -47.48 0.75
C ARG C 416 -3.53 -47.90 0.76
N GLY C 417 -3.03 -48.38 1.88
CA GLY C 417 -1.66 -48.86 1.98
C GLY C 417 -0.62 -47.86 2.44
N PHE C 418 -1.00 -46.59 2.67
CA PHE C 418 -0.04 -45.59 3.15
C PHE C 418 0.38 -45.87 4.61
N LEU C 419 -0.52 -46.43 5.43
CA LEU C 419 -0.27 -46.61 6.86
C LEU C 419 -0.45 -48.03 7.35
N ARG C 420 0.31 -48.37 8.37
CA ARG C 420 0.26 -49.64 9.09
C ARG C 420 0.32 -49.32 10.59
N VAL C 421 -0.14 -50.23 11.43
CA VAL C 421 -0.09 -50.06 12.89
C VAL C 421 1.39 -50.03 13.30
N GLY C 422 1.76 -49.10 14.17
CA GLY C 422 3.15 -48.92 14.55
C GLY C 422 3.83 -47.75 13.85
N ASP C 423 3.30 -47.33 12.68
CA ASP C 423 3.80 -46.17 11.93
C ASP C 423 3.62 -44.87 12.69
N LEU C 424 4.42 -43.84 12.33
CA LEU C 424 4.29 -42.54 12.96
C LEU C 424 3.70 -41.58 11.94
N VAL C 425 2.76 -40.72 12.37
CA VAL C 425 2.16 -39.73 11.50
C VAL C 425 2.17 -38.37 12.15
N ILE C 426 2.23 -37.32 11.34
CA ILE C 426 2.19 -35.96 11.87
C ILE C 426 0.80 -35.45 11.56
N VAL C 427 0.13 -34.88 12.56
CA VAL C 427 -1.23 -34.38 12.37
C VAL C 427 -1.25 -32.86 12.54
N VAL C 428 -1.60 -32.17 11.46
CA VAL C 428 -1.73 -30.71 11.44
C VAL C 428 -3.24 -30.32 11.50
N THR C 429 -3.60 -29.48 12.45
CA THR C 429 -4.97 -28.98 12.67
C THR C 429 -4.83 -27.53 13.21
N GLY C 430 -5.93 -26.86 13.40
CA GLY C 430 -5.97 -25.55 14.00
C GLY C 430 -6.61 -25.65 15.36
N TRP C 431 -6.74 -24.53 16.02
CA TRP C 431 -7.27 -24.42 17.38
C TRP C 431 -8.76 -24.06 17.47
N ARG C 432 -9.30 -23.53 16.37
CA ARG C 432 -10.69 -23.16 16.31
C ARG C 432 -11.26 -23.45 14.89
N PRO C 433 -12.61 -23.64 14.73
CA PRO C 433 -13.15 -23.94 13.38
C PRO C 433 -13.06 -22.73 12.48
N GLY C 434 -13.09 -23.02 11.20
CA GLY C 434 -13.02 -21.98 10.21
C GLY C 434 -11.65 -21.97 9.61
N SER C 435 -11.56 -21.52 8.39
CA SER C 435 -10.31 -21.48 7.68
C SER C 435 -9.30 -20.47 8.24
N GLY C 436 -8.01 -20.79 8.06
CA GLY C 436 -6.89 -19.93 8.42
C GLY C 436 -6.36 -19.96 9.82
N TYR C 437 -6.76 -20.92 10.65
CA TYR C 437 -6.30 -21.04 12.04
C TYR C 437 -5.42 -22.22 12.30
N THR C 438 -4.83 -22.85 11.27
CA THR C 438 -3.94 -23.99 11.47
C THR C 438 -2.76 -23.57 12.31
N ASN C 439 -2.53 -24.19 13.47
CA ASN C 439 -1.40 -23.84 14.32
C ASN C 439 -0.83 -25.00 15.14
N ILE C 440 -1.41 -26.23 14.98
CA ILE C 440 -0.99 -27.35 15.79
C ILE C 440 -0.35 -28.42 14.96
N MET C 441 0.65 -29.07 15.51
CA MET C 441 1.33 -30.20 14.90
C MET C 441 1.44 -31.24 16.01
N ARG C 442 0.89 -32.47 15.82
CA ARG C 442 0.93 -33.56 16.80
C ARG C 442 1.65 -34.75 16.21
N VAL C 443 2.46 -35.43 17.02
CA VAL C 443 3.17 -36.64 16.58
C VAL C 443 2.34 -37.81 17.12
N LEU C 444 1.71 -38.58 16.21
CA LEU C 444 0.86 -39.71 16.58
C LEU C 444 1.38 -41.07 16.13
N SER C 445 1.21 -42.08 16.96
CA SER C 445 1.58 -43.45 16.64
CA SER C 445 1.59 -43.45 16.65
C SER C 445 0.31 -44.18 16.17
N ILE C 446 0.30 -44.73 14.95
CA ILE C 446 -0.86 -45.45 14.44
C ILE C 446 -1.17 -46.70 15.28
N SER C 447 -2.36 -46.74 15.85
CA SER C 447 -2.83 -47.85 16.66
C SER C 447 -3.98 -48.63 15.95
N GLY D 23 9.95 -4.06 12.91
CA GLY D 23 10.63 -2.77 12.82
C GLY D 23 12.10 -2.85 12.48
N THR D 24 12.69 -1.72 12.08
CA THR D 24 14.12 -1.66 11.73
C THR D 24 15.02 -1.79 12.97
N ALA D 25 14.53 -1.29 14.13
CA ALA D 25 15.26 -1.33 15.39
C ALA D 25 15.44 -2.75 15.89
N PHE D 26 14.46 -3.64 15.67
CA PHE D 26 14.53 -5.03 16.13
C PHE D 26 15.67 -5.76 15.45
N PHE D 27 15.83 -5.54 14.15
CA PHE D 27 16.83 -6.24 13.34
C PHE D 27 18.26 -5.70 13.49
N GLN D 28 18.46 -4.63 14.30
CA GLN D 28 19.82 -4.15 14.57
C GLN D 28 20.36 -4.76 15.90
N GLN D 29 19.47 -5.12 16.85
CA GLN D 29 19.79 -5.69 18.15
C GLN D 29 20.16 -7.18 18.06
N GLN D 30 20.68 -7.75 19.17
CA GLN D 30 21.10 -9.14 19.43
C GLN D 30 21.88 -9.78 18.28
N GLN D 31 22.78 -9.00 17.64
CA GLN D 31 23.63 -9.40 16.51
C GLN D 31 22.84 -10.06 15.38
N LEU D 32 21.64 -9.53 15.10
CA LEU D 32 20.80 -10.08 14.04
C LEU D 32 21.43 -9.92 12.63
N PRO D 33 22.11 -8.81 12.29
CA PRO D 33 22.76 -8.74 10.97
C PRO D 33 23.85 -9.81 10.81
N ALA D 34 24.62 -10.06 11.89
CA ALA D 34 25.69 -11.05 11.94
C ALA D 34 25.17 -12.49 11.83
N ALA D 35 23.99 -12.78 12.42
CA ALA D 35 23.41 -14.14 12.38
C ALA D 35 22.76 -14.48 11.03
N MET D 36 22.36 -13.44 10.25
CA MET D 36 21.77 -13.60 8.91
C MET D 36 22.84 -13.86 7.83
N ALA D 37 24.13 -13.67 8.14
CA ALA D 37 25.25 -13.84 7.21
C ALA D 37 25.33 -15.23 6.61
N ASP D 38 25.71 -15.31 5.32
CA ASP D 38 25.81 -16.57 4.56
C ASP D 38 27.06 -17.38 4.89
N THR D 39 28.11 -16.71 5.37
CA THR D 39 29.35 -17.35 5.77
C THR D 39 29.76 -16.94 7.20
N PHE D 40 30.61 -17.75 7.82
CA PHE D 40 31.16 -17.49 9.15
C PHE D 40 32.11 -16.26 9.12
N LEU D 41 32.84 -16.07 8.02
CA LEU D 41 33.73 -14.91 7.89
C LEU D 41 32.88 -13.64 7.85
N GLU D 42 31.77 -13.66 7.08
CA GLU D 42 30.84 -12.54 6.97
C GLU D 42 30.16 -12.26 8.33
N HIS D 43 29.85 -13.34 9.08
CA HIS D 43 29.24 -13.29 10.40
C HIS D 43 30.18 -12.52 11.35
N LEU D 44 31.49 -12.85 11.34
CA LEU D 44 32.47 -12.19 12.18
C LEU D 44 32.56 -10.72 11.83
N CYS D 45 32.61 -10.39 10.53
CA CYS D 45 32.70 -9.01 10.06
C CYS D 45 31.47 -8.17 10.41
N LEU D 46 30.30 -8.82 10.57
CA LEU D 46 29.05 -8.13 10.92
C LEU D 46 28.79 -8.00 12.43
N LEU D 47 29.75 -8.40 13.29
CA LEU D 47 29.58 -8.28 14.74
C LEU D 47 29.69 -6.80 15.08
N ASP D 48 28.71 -6.31 15.83
CA ASP D 48 28.61 -4.90 16.18
C ASP D 48 28.62 -4.74 17.71
N ILE D 49 29.53 -3.91 18.26
CA ILE D 49 29.57 -3.64 19.68
C ILE D 49 28.38 -2.74 20.10
N ASP D 50 27.75 -2.01 19.16
CA ASP D 50 26.57 -1.18 19.41
C ASP D 50 25.26 -1.97 19.34
N SER D 51 25.31 -3.24 18.92
CA SER D 51 24.17 -4.12 18.84
C SER D 51 23.97 -4.71 20.26
N GLU D 52 22.94 -4.24 20.98
CA GLU D 52 22.71 -4.70 22.34
C GLU D 52 21.96 -6.03 22.44
N PRO D 53 22.32 -6.89 23.42
CA PRO D 53 21.61 -8.17 23.54
C PRO D 53 20.19 -8.00 24.08
N VAL D 54 19.21 -8.68 23.45
CA VAL D 54 17.76 -8.58 23.77
C VAL D 54 17.27 -9.75 24.61
N ALA D 55 17.76 -10.93 24.25
CA ALA D 55 17.38 -12.17 24.89
C ALA D 55 17.96 -12.31 26.32
N ALA D 56 17.34 -13.17 27.12
CA ALA D 56 17.80 -13.43 28.46
C ALA D 56 19.02 -14.32 28.41
N ARG D 57 19.85 -14.22 29.45
CA ARG D 57 21.08 -15.00 29.50
C ARG D 57 20.79 -16.48 29.67
N SER D 58 21.16 -17.27 28.67
CA SER D 58 20.93 -18.69 28.62
C SER D 58 21.99 -19.60 29.31
N THR D 59 23.27 -19.25 29.24
CA THR D 59 24.32 -20.04 29.88
C THR D 59 24.20 -19.88 31.40
N SER D 60 24.01 -20.98 32.12
CA SER D 60 23.83 -20.91 33.58
CA SER D 60 23.83 -20.96 33.57
C SER D 60 25.15 -20.66 34.30
N ILE D 61 25.06 -19.99 35.46
CA ILE D 61 26.22 -19.66 36.27
C ILE D 61 26.26 -20.52 37.53
N ILE D 62 27.34 -21.29 37.72
CA ILE D 62 27.56 -22.07 38.94
C ILE D 62 28.50 -21.25 39.85
N ALA D 63 28.10 -20.98 41.09
CA ALA D 63 28.92 -20.22 42.01
C ALA D 63 29.28 -21.12 43.16
N THR D 64 30.58 -21.24 43.43
CA THR D 64 31.05 -22.05 44.55
C THR D 64 30.83 -21.29 45.83
N ILE D 65 30.28 -21.98 46.84
CA ILE D 65 29.93 -21.41 48.13
C ILE D 65 31.06 -21.61 49.14
N GLY D 66 31.51 -20.51 49.73
CA GLY D 66 32.57 -20.49 50.71
C GLY D 66 32.36 -19.35 51.69
N PRO D 67 33.42 -18.95 52.40
CA PRO D 67 33.26 -17.88 53.40
C PRO D 67 32.73 -16.57 52.82
N ALA D 68 33.12 -16.27 51.58
CA ALA D 68 32.71 -15.04 50.92
C ALA D 68 31.25 -14.96 50.53
N SER D 69 30.57 -16.09 50.49
CA SER D 69 29.26 -16.20 49.92
C SER D 69 28.29 -17.02 50.71
N ARG D 70 28.53 -17.29 51.98
CA ARG D 70 27.57 -18.05 52.78
C ARG D 70 26.51 -17.18 53.45
N SER D 71 26.72 -15.89 53.52
CA SER D 71 25.81 -14.98 54.16
C SER D 71 24.44 -15.08 53.48
N VAL D 72 23.35 -15.33 54.23
CA VAL D 72 22.01 -15.36 53.63
C VAL D 72 21.71 -14.09 52.78
N GLU D 73 22.07 -12.91 53.29
CA GLU D 73 21.92 -11.63 52.59
C GLU D 73 22.78 -11.52 51.37
N ARG D 74 23.91 -12.20 51.35
CA ARG D 74 24.82 -12.18 50.22
C ARG D 74 24.35 -13.12 49.16
N LEU D 75 23.80 -14.29 49.54
CA LEU D 75 23.24 -15.27 48.61
C LEU D 75 22.03 -14.67 47.89
N LYS D 76 21.25 -13.84 48.56
CA LYS D 76 20.13 -13.12 47.91
C LYS D 76 20.62 -12.19 46.82
N GLU D 77 21.76 -11.54 47.06
CA GLU D 77 22.36 -10.66 46.06
C GLU D 77 22.91 -11.44 44.88
N MET D 78 23.47 -12.62 45.14
CA MET D 78 24.00 -13.48 44.08
CA MET D 78 24.00 -13.49 44.09
C MET D 78 22.88 -14.08 43.26
N ILE D 79 21.73 -14.38 43.88
CA ILE D 79 20.57 -14.91 43.16
C ILE D 79 20.08 -13.81 42.22
N LYS D 80 19.98 -12.58 42.71
CA LYS D 80 19.57 -11.42 41.91
C LYS D 80 20.55 -11.12 40.79
N ALA D 81 21.85 -11.38 41.02
CA ALA D 81 22.94 -11.16 40.05
C ALA D 81 22.95 -12.19 38.95
N GLY D 82 22.41 -13.37 39.22
CA GLY D 82 22.31 -14.41 38.20
C GLY D 82 22.79 -15.81 38.56
N MET D 83 23.09 -16.09 39.84
CA MET D 83 23.54 -17.42 40.24
C MET D 83 22.40 -18.43 40.01
N ASN D 84 22.71 -19.55 39.33
CA ASN D 84 21.70 -20.56 39.04
C ASN D 84 21.96 -21.83 39.83
N ILE D 85 23.21 -22.20 39.99
CA ILE D 85 23.61 -23.42 40.71
C ILE D 85 24.63 -23.04 41.80
N ALA D 86 24.49 -23.60 43.01
CA ALA D 86 25.37 -23.39 44.13
C ALA D 86 26.24 -24.64 44.30
N ARG D 87 27.55 -24.51 44.12
CA ARG D 87 28.44 -25.65 44.24
C ARG D 87 28.98 -25.76 45.66
N LEU D 88 28.99 -26.98 46.23
CA LEU D 88 29.55 -27.24 47.55
C LEU D 88 30.80 -28.07 47.34
N ASN D 89 31.98 -27.49 47.61
CA ASN D 89 33.22 -28.22 47.37
C ASN D 89 33.50 -29.10 48.58
N PHE D 90 33.31 -30.41 48.43
CA PHE D 90 33.55 -31.34 49.53
C PHE D 90 35.07 -31.64 49.78
N SER D 91 35.97 -30.90 49.15
CA SER D 91 37.41 -30.95 49.42
C SER D 91 37.73 -30.11 50.66
N HIS D 92 36.90 -29.11 50.98
CA HIS D 92 37.05 -28.20 52.10
C HIS D 92 35.79 -28.22 52.94
N GLY D 93 35.96 -28.27 54.22
CA GLY D 93 34.85 -28.25 55.14
C GLY D 93 34.41 -29.64 55.55
N SER D 94 33.69 -29.67 56.67
CA SER D 94 33.06 -30.82 57.30
C SER D 94 31.60 -30.90 56.80
N HIS D 95 30.91 -32.01 57.11
CA HIS D 95 29.50 -32.18 56.79
C HIS D 95 28.62 -31.12 57.46
N GLU D 96 28.98 -30.70 58.66
CA GLU D 96 28.24 -29.66 59.40
C GLU D 96 28.36 -28.32 58.69
N TYR D 97 29.55 -28.06 58.09
CA TYR D 97 29.79 -26.87 57.32
C TYR D 97 28.87 -26.86 56.11
N HIS D 98 28.86 -27.95 55.35
CA HIS D 98 28.06 -28.02 54.13
C HIS D 98 26.56 -28.04 54.41
N ALA D 99 26.10 -28.58 55.52
CA ALA D 99 24.69 -28.55 55.87
C ALA D 99 24.24 -27.11 56.15
N GLU D 100 25.12 -26.27 56.75
CA GLU D 100 24.84 -24.85 57.02
C GLU D 100 24.78 -24.11 55.68
N SER D 101 25.67 -24.46 54.71
CA SER D 101 25.63 -23.83 53.40
C SER D 101 24.28 -24.10 52.72
N ILE D 102 23.85 -25.40 52.71
CA ILE D 102 22.59 -25.84 52.12
C ILE D 102 21.42 -25.09 52.70
N ALA D 103 21.41 -24.94 54.00
CA ALA D 103 20.36 -24.24 54.70
C ALA D 103 20.33 -22.77 54.37
N ASN D 104 21.53 -22.14 54.25
CA ASN D 104 21.61 -20.71 53.95
C ASN D 104 21.20 -20.47 52.57
N VAL D 105 21.60 -21.33 51.63
CA VAL D 105 21.15 -21.20 50.25
C VAL D 105 19.62 -21.32 50.19
N ARG D 106 19.05 -22.39 50.77
CA ARG D 106 17.62 -22.58 50.73
C ARG D 106 16.85 -21.42 51.37
N GLU D 107 17.39 -20.82 52.43
CA GLU D 107 16.75 -19.67 53.07
C GLU D 107 16.74 -18.45 52.15
N ALA D 108 17.86 -18.21 51.46
CA ALA D 108 17.95 -17.10 50.51
C ALA D 108 17.03 -17.32 49.29
N VAL D 109 16.92 -18.56 48.80
CA VAL D 109 16.13 -18.86 47.62
C VAL D 109 14.65 -18.77 47.96
N GLU D 110 14.25 -19.32 49.11
CA GLU D 110 12.85 -19.30 49.50
C GLU D 110 12.35 -17.94 49.97
N SER D 111 13.24 -16.97 50.19
CA SER D 111 12.83 -15.60 50.55
C SER D 111 12.08 -14.92 49.35
N PHE D 112 12.22 -15.45 48.14
CA PHE D 112 11.56 -14.92 46.96
C PHE D 112 10.33 -15.72 46.55
N ALA D 113 9.99 -16.77 47.29
CA ALA D 113 8.87 -17.62 46.94
C ALA D 113 7.49 -16.95 47.09
N GLY D 114 7.43 -15.80 47.75
CA GLY D 114 6.19 -15.04 47.93
C GLY D 114 5.62 -14.49 46.63
N SER D 115 6.43 -14.40 45.58
CA SER D 115 5.99 -13.93 44.28
C SER D 115 6.36 -15.04 43.30
N PRO D 116 5.45 -16.03 43.06
CA PRO D 116 5.82 -17.17 42.22
C PRO D 116 6.10 -16.86 40.75
N LEU D 117 5.68 -15.68 40.27
CA LEU D 117 5.93 -15.29 38.88
C LEU D 117 7.36 -14.80 38.68
N SER D 118 8.05 -14.42 39.78
CA SER D 118 9.44 -13.96 39.68
C SER D 118 10.41 -14.78 40.57
N TYR D 119 9.96 -15.93 41.09
CA TYR D 119 10.76 -16.83 41.93
C TYR D 119 11.79 -17.56 41.06
N ARG D 120 13.04 -17.56 41.47
CA ARG D 120 14.09 -18.24 40.72
C ARG D 120 14.61 -19.47 41.45
N PRO D 121 14.41 -20.66 40.91
CA PRO D 121 14.94 -21.86 41.58
C PRO D 121 16.46 -21.91 41.49
N VAL D 122 17.12 -22.41 42.53
CA VAL D 122 18.59 -22.51 42.50
C VAL D 122 18.99 -23.95 42.81
N ALA D 123 19.72 -24.62 41.92
CA ALA D 123 20.17 -25.99 42.16
C ALA D 123 21.29 -26.06 43.18
N ILE D 124 21.44 -27.19 43.88
CA ILE D 124 22.54 -27.39 44.83
C ILE D 124 23.36 -28.55 44.31
N ALA D 125 24.63 -28.33 44.04
CA ALA D 125 25.50 -29.38 43.50
C ALA D 125 26.61 -29.74 44.48
N LEU D 126 26.89 -31.04 44.64
CA LEU D 126 27.91 -31.54 45.55
C LEU D 126 29.10 -31.95 44.73
N ASP D 127 30.24 -31.29 44.93
CA ASP D 127 31.45 -31.61 44.22
C ASP D 127 32.27 -32.52 45.12
N THR D 128 32.47 -33.78 44.74
CA THR D 128 33.17 -34.74 45.58
C THR D 128 34.65 -34.45 45.69
N LYS D 129 35.29 -34.92 46.80
CA LYS D 129 36.71 -34.74 47.06
C LYS D 129 37.57 -35.49 46.02
N GLY D 130 37.20 -36.71 45.72
CA GLY D 130 37.91 -37.50 44.73
C GLY D 130 38.62 -38.73 45.25
N PRO D 131 39.03 -39.62 44.32
CA PRO D 131 39.73 -40.85 44.73
C PRO D 131 41.20 -40.65 45.09
N GLY D 132 41.83 -39.58 44.60
CA GLY D 132 43.24 -39.28 44.83
C GLY D 132 44.16 -40.44 44.48
N SER D 133 44.92 -40.92 45.49
CA SER D 133 45.84 -42.06 45.37
C SER D 133 45.12 -43.38 45.06
N GLY D 134 43.91 -43.53 45.59
CA GLY D 134 43.10 -44.71 45.41
C GLY D 134 42.59 -44.96 44.01
N PRO D 135 42.16 -46.21 43.76
CA PRO D 135 41.65 -46.56 42.42
C PRO D 135 40.13 -46.34 42.23
N GLY D 136 39.31 -46.90 43.14
CA GLY D 136 37.86 -46.80 43.08
C GLY D 136 37.33 -45.63 43.87
N LEU D 137 36.07 -45.71 44.28
CA LEU D 137 35.42 -44.67 45.05
C LEU D 137 35.97 -44.67 46.45
N SER D 138 36.48 -43.53 46.93
CA SER D 138 37.04 -43.47 48.28
C SER D 138 35.99 -43.64 49.39
N GLU D 139 36.42 -43.95 50.62
CA GLU D 139 35.49 -44.11 51.73
C GLU D 139 34.83 -42.79 52.06
N GLN D 140 35.59 -41.68 52.00
CA GLN D 140 35.05 -40.35 52.28
C GLN D 140 34.01 -39.98 51.24
N ASP D 141 34.23 -40.32 49.97
CA ASP D 141 33.26 -40.03 48.90
C ASP D 141 31.96 -40.75 49.14
N VAL D 142 31.99 -41.98 49.62
CA VAL D 142 30.78 -42.74 49.91
C VAL D 142 29.98 -42.08 51.02
N ARG D 143 30.65 -41.52 52.02
CA ARG D 143 30.01 -40.82 53.11
C ARG D 143 29.46 -39.47 52.66
N ASP D 144 30.21 -38.74 51.81
CA ASP D 144 29.80 -37.43 51.28
C ASP D 144 28.61 -37.57 50.35
N LEU D 145 28.57 -38.65 49.53
CA LEU D 145 27.46 -38.97 48.63
C LEU D 145 26.20 -39.31 49.42
N ARG D 146 26.35 -40.07 50.54
CA ARG D 146 25.20 -40.37 51.37
CA ARG D 146 25.20 -40.39 51.40
C ARG D 146 24.65 -39.10 52.00
N PHE D 147 25.56 -38.14 52.36
CA PHE D 147 25.20 -36.85 52.90
C PHE D 147 24.36 -36.07 51.88
N GLY D 148 24.78 -36.09 50.63
CA GLY D 148 24.09 -35.41 49.57
C GLY D 148 22.68 -35.92 49.38
N VAL D 149 22.54 -37.25 49.47
CA VAL D 149 21.23 -37.89 49.35
C VAL D 149 20.36 -37.48 50.52
N GLU D 150 20.87 -37.58 51.76
CA GLU D 150 20.14 -37.19 52.96
C GLU D 150 19.72 -35.72 52.96
N HIS D 151 20.49 -34.86 52.29
CA HIS D 151 20.20 -33.42 52.28
C HIS D 151 19.55 -32.92 51.00
N GLY D 152 19.24 -33.82 50.08
CA GLY D 152 18.51 -33.47 48.89
C GLY D 152 19.23 -32.65 47.85
N VAL D 153 20.51 -33.00 47.60
CA VAL D 153 21.24 -32.28 46.56
C VAL D 153 20.68 -32.69 45.20
N ASP D 154 20.78 -31.80 44.20
CA ASP D 154 20.24 -32.07 42.89
C ASP D 154 21.27 -32.67 41.94
N ILE D 155 22.51 -32.20 42.04
CA ILE D 155 23.57 -32.62 41.13
C ILE D 155 24.80 -33.07 41.92
N VAL D 156 25.62 -33.93 41.31
CA VAL D 156 26.88 -34.37 41.86
C VAL D 156 27.92 -34.11 40.79
N PHE D 157 29.02 -33.42 41.14
CA PHE D 157 30.13 -33.25 40.20
C PHE D 157 31.11 -34.30 40.71
N ALA D 158 31.11 -35.49 40.07
CA ALA D 158 32.00 -36.56 40.49
C ALA D 158 33.42 -36.28 40.03
N SER D 159 34.36 -36.04 40.98
CA SER D 159 35.77 -35.75 40.69
C SER D 159 36.54 -36.96 40.16
N PHE D 160 37.51 -36.67 39.28
CA PHE D 160 38.46 -37.59 38.65
C PHE D 160 37.84 -38.88 38.09
N VAL D 161 36.83 -38.73 37.23
CA VAL D 161 36.21 -39.88 36.58
C VAL D 161 37.20 -40.33 35.50
N ARG D 162 37.56 -41.61 35.52
CA ARG D 162 38.52 -42.18 34.57
C ARG D 162 37.91 -43.26 33.65
N LYS D 163 36.76 -43.81 34.02
CA LYS D 163 36.11 -44.86 33.24
C LYS D 163 34.62 -44.94 33.61
N ALA D 164 33.83 -45.70 32.86
CA ALA D 164 32.40 -45.83 33.13
C ALA D 164 32.09 -46.53 34.46
N SER D 165 32.99 -47.41 34.93
CA SER D 165 32.81 -48.10 36.20
C SER D 165 32.83 -47.13 37.39
N ASP D 166 33.56 -45.98 37.27
CA ASP D 166 33.64 -44.93 38.29
C ASP D 166 32.27 -44.23 38.42
N VAL D 167 31.58 -44.01 37.31
CA VAL D 167 30.25 -43.39 37.32
C VAL D 167 29.25 -44.36 37.99
N ALA D 168 29.36 -45.67 37.68
CA ALA D 168 28.49 -46.70 38.24
C ALA D 168 28.67 -46.75 39.75
N ALA D 169 29.92 -46.58 40.25
CA ALA D 169 30.21 -46.58 41.69
C ALA D 169 29.53 -45.40 42.38
N VAL D 170 29.51 -44.19 41.74
CA VAL D 170 28.85 -43.02 42.28
C VAL D 170 27.35 -43.21 42.32
N ARG D 171 26.79 -43.80 41.26
CA ARG D 171 25.37 -44.07 41.19
C ARG D 171 24.94 -45.03 42.28
N ALA D 172 25.77 -46.06 42.54
CA ALA D 172 25.53 -47.06 43.57
C ALA D 172 25.58 -46.43 44.97
N ALA D 173 26.60 -45.57 45.27
CA ALA D 173 26.73 -44.88 46.57
C ALA D 173 25.55 -43.96 46.88
N LEU D 174 24.88 -43.44 45.85
CA LEU D 174 23.70 -42.62 46.02
C LEU D 174 22.50 -43.43 46.52
N GLY D 175 22.53 -44.74 46.32
CA GLY D 175 21.48 -45.64 46.78
C GLY D 175 20.20 -45.55 45.98
N PRO D 176 19.14 -46.15 46.52
CA PRO D 176 17.84 -46.10 45.81
C PRO D 176 17.15 -44.73 45.88
N GLU D 177 17.41 -43.97 46.92
CA GLU D 177 16.81 -42.65 47.12
C GLU D 177 17.50 -41.56 46.25
N GLY D 178 18.74 -41.78 45.84
CA GLY D 178 19.48 -40.84 45.02
C GLY D 178 19.39 -41.14 43.52
N HIS D 179 18.26 -41.71 43.08
CA HIS D 179 18.07 -42.05 41.68
CA HIS D 179 18.08 -42.04 41.68
C HIS D 179 17.85 -40.81 40.81
N GLY D 180 17.18 -39.80 41.37
CA GLY D 180 16.90 -38.59 40.62
C GLY D 180 18.04 -37.60 40.49
N ILE D 181 19.13 -37.76 41.29
CA ILE D 181 20.29 -36.89 41.28
C ILE D 181 21.05 -37.00 39.94
N LYS D 182 21.51 -35.87 39.40
CA LYS D 182 22.23 -35.86 38.13
C LYS D 182 23.73 -36.04 38.37
N ILE D 183 24.40 -36.88 37.58
CA ILE D 183 25.83 -37.08 37.71
C ILE D 183 26.61 -36.40 36.58
N ILE D 184 27.36 -35.34 36.91
CA ILE D 184 28.18 -34.61 35.97
C ILE D 184 29.62 -35.11 36.22
N SER D 185 30.21 -35.83 35.28
CA SER D 185 31.54 -36.39 35.44
C SER D 185 32.62 -35.41 35.18
N LYS D 186 33.46 -35.13 36.17
CA LYS D 186 34.59 -34.22 35.97
C LYS D 186 35.71 -34.94 35.27
N ILE D 187 36.12 -34.44 34.08
CA ILE D 187 37.25 -35.02 33.35
C ILE D 187 38.44 -34.16 33.75
N GLU D 188 39.35 -34.75 34.58
CA GLU D 188 40.48 -33.99 35.13
C GLU D 188 41.85 -34.56 34.75
N ASN D 189 41.91 -35.68 34.01
CA ASN D 189 43.19 -36.29 33.67
C ASN D 189 43.20 -36.91 32.25
N HIS D 190 44.37 -37.38 31.77
CA HIS D 190 44.48 -37.99 30.44
C HIS D 190 43.61 -39.21 30.23
N GLU D 191 43.48 -40.10 31.23
CA GLU D 191 42.66 -41.31 31.06
C GLU D 191 41.20 -40.96 30.81
N GLY D 192 40.70 -39.96 31.52
CA GLY D 192 39.32 -39.49 31.38
C GLY D 192 39.08 -38.93 29.99
N VAL D 193 40.05 -38.19 29.45
CA VAL D 193 39.96 -37.62 28.11
C VAL D 193 39.92 -38.73 27.04
N LYS D 194 40.71 -39.79 27.24
CA LYS D 194 40.74 -40.90 26.30
C LYS D 194 39.53 -41.81 26.41
N ARG D 195 39.03 -42.07 27.62
CA ARG D 195 37.83 -42.91 27.79
C ARG D 195 36.53 -42.09 27.79
N PHE D 196 36.58 -40.82 27.33
CA PHE D 196 35.47 -39.86 27.27
C PHE D 196 34.14 -40.44 26.75
N ASP D 197 34.18 -41.15 25.63
CA ASP D 197 32.97 -41.66 25.02
C ASP D 197 32.20 -42.63 25.92
N GLU D 198 32.93 -43.49 26.65
CA GLU D 198 32.28 -44.46 27.55
C GLU D 198 31.74 -43.79 28.83
N ILE D 199 32.43 -42.74 29.29
CA ILE D 199 32.06 -41.96 30.47
C ILE D 199 30.81 -41.14 30.18
N LEU D 200 30.79 -40.38 29.05
CA LEU D 200 29.65 -39.58 28.64
C LEU D 200 28.40 -40.44 28.44
N GLU D 201 28.57 -41.66 27.94
CA GLU D 201 27.45 -42.56 27.69
C GLU D 201 26.66 -42.89 28.94
N VAL D 202 27.38 -43.03 30.08
CA VAL D 202 26.76 -43.38 31.35
C VAL D 202 26.52 -42.18 32.28
N SER D 203 27.02 -40.98 31.92
CA SER D 203 26.84 -39.78 32.75
C SER D 203 25.67 -38.95 32.24
N ASP D 204 25.14 -38.07 33.09
CA ASP D 204 24.09 -37.14 32.70
C ASP D 204 24.69 -35.90 31.96
N GLY D 205 25.97 -35.62 32.18
CA GLY D 205 26.70 -34.52 31.58
C GLY D 205 28.17 -34.56 31.98
N ILE D 206 28.95 -33.55 31.55
CA ILE D 206 30.39 -33.49 31.81
C ILE D 206 30.84 -32.15 32.36
N MET D 207 31.94 -32.14 33.09
CA MET D 207 32.56 -30.91 33.53
C MET D 207 34.03 -30.91 33.05
N VAL D 208 34.44 -29.85 32.36
CA VAL D 208 35.80 -29.70 31.92
C VAL D 208 36.56 -29.01 33.06
N ALA D 209 37.10 -29.85 33.96
CA ALA D 209 37.81 -29.44 35.16
C ALA D 209 39.20 -29.08 34.75
N ARG D 210 39.38 -27.85 34.23
CA ARG D 210 40.63 -27.35 33.66
C ARG D 210 41.80 -27.21 34.64
N GLY D 211 41.53 -27.03 35.92
CA GLY D 211 42.60 -26.92 36.92
C GLY D 211 43.49 -28.15 37.00
N ASP D 212 42.90 -29.32 37.34
CA ASP D 212 43.66 -30.55 37.38
C ASP D 212 44.07 -30.99 35.99
N LEU D 213 43.20 -30.79 34.99
CA LEU D 213 43.48 -31.14 33.61
C LEU D 213 44.72 -30.41 33.06
N GLY D 214 44.91 -29.17 33.49
CA GLY D 214 46.07 -28.37 33.10
C GLY D 214 47.39 -28.79 33.73
N ILE D 215 47.35 -29.73 34.68
CA ILE D 215 48.50 -30.28 35.38
C ILE D 215 48.73 -31.72 34.87
N GLU D 216 47.64 -32.50 34.64
CA GLU D 216 47.72 -33.88 34.15
C GLU D 216 48.17 -33.98 32.68
N ILE D 217 47.70 -33.02 31.85
CA ILE D 217 48.05 -32.91 30.43
C ILE D 217 48.80 -31.57 30.19
N PRO D 218 49.58 -31.43 29.09
CA PRO D 218 50.30 -30.16 28.86
C PRO D 218 49.35 -28.96 28.87
N ALA D 219 49.71 -27.87 29.57
CA ALA D 219 48.85 -26.69 29.67
C ALA D 219 48.37 -26.14 28.33
N GLU D 220 49.21 -26.25 27.30
CA GLU D 220 48.92 -25.76 25.96
C GLU D 220 47.96 -26.66 25.17
N LYS D 221 47.55 -27.81 25.70
CA LYS D 221 46.64 -28.72 25.03
C LYS D 221 45.23 -28.71 25.66
N VAL D 222 45.03 -28.04 26.82
CA VAL D 222 43.74 -28.02 27.54
C VAL D 222 42.59 -27.45 26.68
N PHE D 223 42.87 -26.41 25.86
CA PHE D 223 41.84 -25.83 24.99
C PHE D 223 41.30 -26.83 23.95
N LEU D 224 42.13 -27.78 23.47
CA LEU D 224 41.71 -28.81 22.53
C LEU D 224 40.73 -29.78 23.21
N ALA D 225 41.04 -30.16 24.47
CA ALA D 225 40.23 -31.06 25.27
C ALA D 225 38.92 -30.38 25.62
N GLN D 226 38.94 -29.09 25.97
CA GLN D 226 37.73 -28.34 26.27
C GLN D 226 36.82 -28.31 25.05
N LYS D 227 37.34 -27.83 23.89
CA LYS D 227 36.60 -27.75 22.62
C LYS D 227 36.07 -29.11 22.13
N MET D 228 36.84 -30.20 22.26
CA MET D 228 36.36 -31.52 21.85
C MET D 228 35.23 -31.99 22.76
N MET D 229 35.41 -31.86 24.08
CA MET D 229 34.42 -32.32 25.03
C MET D 229 33.14 -31.55 24.90
N ILE D 230 33.21 -30.21 24.77
CA ILE D 230 32.02 -29.39 24.59
C ILE D 230 31.24 -29.82 23.33
N GLY D 231 31.97 -30.03 22.23
CA GLY D 231 31.38 -30.45 20.96
C GLY D 231 30.74 -31.82 21.03
N ARG D 232 31.38 -32.76 21.73
CA ARG D 232 30.82 -34.11 21.87
C ARG D 232 29.59 -34.11 22.75
N CYS D 233 29.58 -33.26 23.78
CA CYS D 233 28.43 -33.12 24.67
C CYS D 233 27.27 -32.50 23.93
N ASN D 234 27.56 -31.47 23.09
CA ASN D 234 26.55 -30.80 22.26
C ASN D 234 25.89 -31.79 21.30
N LEU D 235 26.72 -32.68 20.72
CA LEU D 235 26.27 -33.70 19.80
C LEU D 235 25.36 -34.70 20.53
N ALA D 236 25.74 -35.11 21.74
CA ALA D 236 25.03 -36.05 22.61
C ALA D 236 23.73 -35.49 23.22
N GLY D 237 23.61 -34.16 23.29
CA GLY D 237 22.48 -33.50 23.93
C GLY D 237 22.55 -33.51 25.44
N LYS D 238 23.78 -33.60 25.99
CA LYS D 238 24.01 -33.62 27.44
C LYS D 238 24.74 -32.33 27.90
N PRO D 239 24.42 -31.82 29.09
CA PRO D 239 25.09 -30.60 29.56
C PRO D 239 26.60 -30.70 29.72
N VAL D 240 27.29 -29.57 29.50
CA VAL D 240 28.75 -29.50 29.65
C VAL D 240 29.11 -28.23 30.36
N VAL D 241 29.86 -28.35 31.48
CA VAL D 241 30.25 -27.21 32.28
C VAL D 241 31.70 -26.84 32.00
N CYS D 242 32.01 -25.55 31.80
CA CYS D 242 33.38 -25.11 31.70
C CYS D 242 33.77 -24.59 33.08
N ALA D 243 34.85 -25.12 33.67
CA ALA D 243 35.25 -24.78 35.02
C ALA D 243 36.69 -24.30 35.17
N THR D 244 36.99 -23.60 36.30
CA THR D 244 38.29 -23.17 36.84
C THR D 244 39.01 -21.99 36.13
N GLN D 245 39.39 -21.00 36.95
CA GLN D 245 40.17 -19.80 36.65
C GLN D 245 39.58 -18.92 35.55
N MET D 246 38.25 -18.92 35.39
CA MET D 246 37.61 -18.12 34.37
C MET D 246 37.78 -16.60 34.62
N LEU D 247 37.61 -16.15 35.86
CA LEU D 247 37.77 -14.74 36.22
C LEU D 247 38.66 -14.64 37.48
N GLU D 248 39.72 -15.44 37.53
CA GLU D 248 40.60 -15.56 38.68
C GLU D 248 41.04 -14.23 39.33
N SER D 249 41.41 -13.25 38.52
CA SER D 249 41.82 -11.96 39.06
C SER D 249 40.73 -11.24 39.83
N MET D 250 39.46 -11.66 39.72
CA MET D 250 38.36 -11.03 40.46
C MET D 250 38.27 -11.45 41.92
N ILE D 251 39.13 -12.40 42.33
CA ILE D 251 39.24 -12.76 43.73
C ILE D 251 39.80 -11.53 44.50
N THR D 252 40.76 -10.79 43.90
CA THR D 252 41.35 -9.63 44.56
C THR D 252 41.02 -8.29 43.90
N LYS D 253 40.82 -8.30 42.57
CA LYS D 253 40.58 -7.10 41.75
C LYS D 253 39.13 -6.93 41.31
N PRO D 254 38.65 -5.68 41.28
CA PRO D 254 37.21 -5.46 41.00
C PRO D 254 36.76 -5.68 39.55
N ARG D 255 37.73 -5.81 38.62
CA ARG D 255 37.54 -5.99 37.20
C ARG D 255 38.49 -7.09 36.69
N PRO D 256 38.06 -7.90 35.70
CA PRO D 256 38.92 -8.98 35.21
C PRO D 256 39.90 -8.54 34.11
N THR D 257 40.84 -9.44 33.75
CA THR D 257 41.83 -9.18 32.71
C THR D 257 41.19 -9.35 31.32
N ARG D 258 41.85 -8.89 30.26
CA ARG D 258 41.35 -9.02 28.90
C ARG D 258 41.30 -10.47 28.49
N ALA D 259 42.17 -11.33 29.05
CA ALA D 259 42.20 -12.76 28.75
C ALA D 259 41.03 -13.48 29.41
N GLU D 260 40.61 -13.01 30.62
CA GLU D 260 39.53 -13.57 31.40
C GLU D 260 38.16 -13.32 30.77
N THR D 261 37.89 -12.08 30.32
CA THR D 261 36.63 -11.80 29.63
C THR D 261 36.56 -12.60 28.32
N SER D 262 37.69 -12.69 27.61
CA SER D 262 37.83 -13.45 26.38
C SER D 262 37.55 -14.93 26.65
N ASP D 263 38.09 -15.48 27.72
CA ASP D 263 37.91 -16.88 28.11
C ASP D 263 36.43 -17.22 28.33
N VAL D 264 35.72 -16.41 29.14
CA VAL D 264 34.31 -16.61 29.45
C VAL D 264 33.48 -16.60 28.19
N ALA D 265 33.72 -15.60 27.33
CA ALA D 265 33.01 -15.46 26.08
C ALA D 265 33.26 -16.61 25.14
N ASN D 266 34.49 -17.11 25.11
CA ASN D 266 34.85 -18.22 24.22
C ASN D 266 34.29 -19.55 24.72
N ALA D 267 34.14 -19.75 26.04
CA ALA D 267 33.52 -20.97 26.56
C ALA D 267 32.05 -21.01 26.11
N VAL D 268 31.36 -19.86 26.14
CA VAL D 268 29.98 -19.75 25.68
C VAL D 268 29.94 -19.99 24.18
N LEU D 269 30.83 -19.34 23.42
CA LEU D 269 30.88 -19.52 21.97
C LEU D 269 31.17 -20.95 21.57
N ASP D 270 31.98 -21.68 22.36
CA ASP D 270 32.29 -23.10 22.12
C ASP D 270 31.04 -24.00 22.22
N GLY D 271 30.13 -23.62 23.11
CA GLY D 271 28.88 -24.36 23.31
C GLY D 271 28.70 -24.87 24.72
N ALA D 272 29.32 -24.23 25.70
CA ALA D 272 29.20 -24.69 27.09
C ALA D 272 27.81 -24.35 27.62
N ASP D 273 27.15 -25.29 28.28
CA ASP D 273 25.83 -25.12 28.86
C ASP D 273 25.94 -24.29 30.13
N CYS D 274 27.04 -24.49 30.91
CA CYS D 274 27.28 -23.78 32.18
C CYS D 274 28.69 -23.21 32.26
N ILE D 275 28.83 -22.13 33.01
CA ILE D 275 30.13 -21.53 33.32
C ILE D 275 30.26 -21.48 34.84
N MET D 276 31.48 -21.65 35.36
CA MET D 276 31.66 -21.72 36.80
C MET D 276 32.60 -20.67 37.44
N LEU D 277 32.32 -20.34 38.70
CA LEU D 277 33.12 -19.50 39.55
C LEU D 277 33.53 -20.40 40.77
N SER D 278 34.82 -20.40 41.10
CA SER D 278 35.35 -21.18 42.22
C SER D 278 35.78 -20.15 43.29
N GLY D 279 37.07 -19.74 43.32
CA GLY D 279 37.61 -18.78 44.26
C GLY D 279 36.98 -17.41 44.12
N GLU D 280 36.49 -17.10 42.92
CA GLU D 280 35.82 -15.84 42.65
C GLU D 280 34.61 -15.64 43.52
N THR D 281 33.90 -16.73 43.93
CA THR D 281 32.69 -16.66 44.79
C THR D 281 32.87 -17.32 46.17
N ALA D 282 33.76 -18.31 46.26
CA ALA D 282 34.04 -18.98 47.52
C ALA D 282 34.79 -18.13 48.52
N LYS D 283 35.91 -17.48 48.11
CA LYS D 283 36.74 -16.76 49.05
C LYS D 283 37.15 -15.36 48.64
N GLY D 284 36.70 -14.91 47.48
CA GLY D 284 37.09 -13.59 46.97
C GLY D 284 36.40 -12.41 47.58
N ASN D 285 36.88 -11.26 47.15
CA ASN D 285 36.35 -9.99 47.62
C ASN D 285 35.19 -9.45 46.74
N PHE D 286 35.01 -10.05 45.57
CA PHE D 286 34.00 -9.62 44.64
C PHE D 286 33.06 -10.79 44.25
N PRO D 287 32.36 -11.52 45.18
CA PRO D 287 31.53 -12.66 44.70
C PRO D 287 30.31 -12.20 43.86
N VAL D 288 29.57 -11.17 44.33
CA VAL D 288 28.43 -10.67 43.58
C VAL D 288 28.87 -10.05 42.28
N GLU D 289 29.97 -9.33 42.30
CA GLU D 289 30.52 -8.68 41.11
C GLU D 289 30.99 -9.70 40.13
N ALA D 290 31.48 -10.86 40.57
CA ALA D 290 31.98 -11.91 39.68
C ALA D 290 30.80 -12.53 38.93
N VAL D 291 29.68 -12.77 39.61
CA VAL D 291 28.47 -13.32 39.03
C VAL D 291 27.90 -12.32 38.01
N LYS D 292 27.84 -11.02 38.37
CA LYS D 292 27.36 -9.98 37.45
C LYS D 292 28.23 -9.95 36.19
N MET D 293 29.56 -10.09 36.33
CA MET D 293 30.47 -10.09 35.18
C MET D 293 30.25 -11.30 34.27
N GLN D 294 30.12 -12.51 34.84
CA GLN D 294 29.83 -13.70 34.02
C GLN D 294 28.48 -13.57 33.33
N HIS D 295 27.49 -12.97 33.98
CA HIS D 295 26.20 -12.73 33.38
C HIS D 295 26.33 -11.81 32.15
N ALA D 296 27.01 -10.66 32.33
CA ALA D 296 27.21 -9.67 31.28
C ALA D 296 27.93 -10.20 30.05
N ILE D 297 29.03 -10.96 30.25
CA ILE D 297 29.81 -11.52 29.15
C ILE D 297 29.01 -12.59 28.41
N ALA D 298 28.34 -13.53 29.15
CA ALA D 298 27.55 -14.61 28.54
C ALA D 298 26.46 -14.04 27.64
N ARG D 299 25.70 -13.04 28.10
CA ARG D 299 24.67 -12.38 27.29
C ARG D 299 25.20 -11.86 25.96
N GLU D 300 26.39 -11.25 25.94
CA GLU D 300 27.02 -10.73 24.73
C GLU D 300 27.40 -11.86 23.78
N ALA D 301 28.07 -12.89 24.34
CA ALA D 301 28.57 -14.05 23.63
C ALA D 301 27.48 -14.87 22.99
N GLU D 302 26.33 -15.03 23.66
CA GLU D 302 25.20 -15.80 23.14
C GLU D 302 24.56 -15.12 21.91
N ALA D 303 24.53 -13.78 21.87
CA ALA D 303 24.00 -13.06 20.73
C ALA D 303 24.91 -13.26 19.52
N ALA D 304 26.23 -13.31 19.75
CA ALA D 304 27.24 -13.51 18.74
C ALA D 304 27.35 -14.97 18.24
N VAL D 305 26.50 -15.88 18.72
CA VAL D 305 26.52 -17.26 18.24
C VAL D 305 25.94 -17.34 16.83
N TYR D 306 26.68 -18.01 15.92
CA TYR D 306 26.28 -18.16 14.53
C TYR D 306 25.24 -19.29 14.41
N HIS D 307 23.99 -19.01 14.81
CA HIS D 307 22.92 -20.00 14.80
C HIS D 307 22.64 -20.62 13.42
N ARG D 308 22.86 -19.89 12.31
CA ARG D 308 22.60 -20.40 10.97
C ARG D 308 23.33 -21.74 10.74
N GLN D 309 24.64 -21.77 10.99
CA GLN D 309 25.41 -22.99 10.82
C GLN D 309 25.24 -23.93 12.00
N LEU D 310 25.13 -23.37 13.23
CA LEU D 310 24.97 -24.19 14.43
C LEU D 310 23.76 -25.11 14.35
N PHE D 311 22.58 -24.52 14.09
CA PHE D 311 21.33 -25.29 14.00
C PHE D 311 21.40 -26.29 12.89
N GLU D 312 21.90 -25.89 11.71
CA GLU D 312 21.99 -26.75 10.54
C GLU D 312 22.86 -27.97 10.78
N GLU D 313 23.99 -27.77 11.47
CA GLU D 313 24.92 -28.85 11.79
C GLU D 313 24.33 -29.76 12.85
N LEU D 314 23.67 -29.18 13.88
CA LEU D 314 23.02 -29.94 14.95
C LEU D 314 21.89 -30.79 14.36
N ARG D 315 21.12 -30.23 13.43
CA ARG D 315 20.03 -30.92 12.73
C ARG D 315 20.55 -32.15 11.99
N ARG D 316 21.55 -31.95 11.08
CA ARG D 316 22.16 -32.98 10.25
C ARG D 316 22.80 -34.05 11.12
N ALA D 317 23.56 -33.64 12.14
CA ALA D 317 24.25 -34.57 13.03
C ALA D 317 23.35 -35.42 13.86
N ALA D 318 22.18 -34.90 14.28
CA ALA D 318 21.27 -35.67 15.11
C ALA D 318 20.65 -36.81 14.31
N PRO D 319 20.66 -38.03 14.86
CA PRO D 319 20.10 -39.17 14.13
C PRO D 319 18.57 -39.16 14.09
N LEU D 320 17.99 -39.94 13.18
CA LEU D 320 16.54 -40.09 13.11
C LEU D 320 16.02 -40.66 14.44
N SER D 321 14.76 -40.35 14.79
CA SER D 321 14.19 -40.86 16.03
C SER D 321 12.76 -41.17 15.88
N ARG D 322 12.28 -42.21 16.55
CA ARG D 322 10.85 -42.52 16.59
C ARG D 322 10.21 -42.15 17.96
N ASP D 323 10.89 -41.33 18.78
CA ASP D 323 10.38 -40.89 20.07
C ASP D 323 9.64 -39.59 19.85
N PRO D 324 8.34 -39.54 20.18
CA PRO D 324 7.55 -38.32 19.95
C PRO D 324 8.11 -37.08 20.60
N THR D 325 8.78 -37.21 21.76
CA THR D 325 9.37 -36.07 22.45
C THR D 325 10.49 -35.51 21.59
N GLU D 326 11.34 -36.37 21.05
CA GLU D 326 12.48 -36.00 20.24
C GLU D 326 12.05 -35.36 18.92
N VAL D 327 10.98 -35.90 18.30
CA VAL D 327 10.42 -35.42 17.04
C VAL D 327 9.74 -34.06 17.20
N THR D 328 8.95 -33.93 18.27
CA THR D 328 8.30 -32.66 18.60
C THR D 328 9.33 -31.56 18.89
N ALA D 329 10.45 -31.92 19.52
CA ALA D 329 11.49 -30.95 19.87
C ALA D 329 12.11 -30.30 18.65
N ILE D 330 12.46 -31.09 17.62
CA ILE D 330 13.04 -30.53 16.41
C ILE D 330 12.02 -29.74 15.60
N GLY D 331 10.77 -30.19 15.59
CA GLY D 331 9.72 -29.48 14.89
C GLY D 331 9.48 -28.14 15.52
N ALA D 332 9.47 -28.06 16.88
CA ALA D 332 9.23 -26.83 17.65
C ALA D 332 10.37 -25.84 17.48
N VAL D 333 11.61 -26.32 17.47
CA VAL D 333 12.76 -25.44 17.32
C VAL D 333 12.75 -24.86 15.90
N GLU D 334 12.45 -25.67 14.89
CA GLU D 334 12.36 -25.23 13.52
CA GLU D 334 12.35 -25.23 13.51
C GLU D 334 11.22 -24.18 13.36
N ALA D 335 10.09 -24.40 14.03
CA ALA D 335 8.97 -23.48 14.00
C ALA D 335 9.37 -22.17 14.67
N ALA D 336 10.09 -22.24 15.79
CA ALA D 336 10.56 -21.04 16.53
C ALA D 336 11.51 -20.18 15.70
N PHE D 337 12.34 -20.82 14.86
CA PHE D 337 13.24 -20.08 14.01
C PHE D 337 12.50 -19.37 12.89
N LYS D 338 11.51 -20.03 12.29
CA LYS D 338 10.69 -19.51 11.21
C LYS D 338 9.92 -18.23 11.54
N CYS D 339 9.48 -18.04 12.76
CA CYS D 339 8.71 -16.84 13.14
C CYS D 339 9.44 -15.89 14.13
N CYS D 340 10.74 -16.18 14.42
CA CYS D 340 11.55 -15.49 15.42
C CYS D 340 10.78 -15.44 16.74
N ALA D 341 10.39 -16.64 17.20
CA ALA D 341 9.58 -16.83 18.41
C ALA D 341 10.33 -16.29 19.60
N ALA D 342 9.64 -15.57 20.46
CA ALA D 342 10.27 -15.00 21.65
C ALA D 342 10.63 -16.07 22.65
N ALA D 343 9.85 -17.14 22.70
CA ALA D 343 10.05 -18.23 23.63
C ALA D 343 9.36 -19.52 23.14
N ILE D 344 9.80 -20.66 23.68
CA ILE D 344 9.20 -21.95 23.52
C ILE D 344 8.76 -22.29 24.95
N ILE D 345 7.45 -22.38 25.22
CA ILE D 345 6.97 -22.74 26.56
C ILE D 345 6.70 -24.23 26.58
N VAL D 346 7.37 -24.98 27.44
CA VAL D 346 7.23 -26.44 27.52
C VAL D 346 6.82 -26.92 28.90
N LEU D 347 5.84 -27.86 28.97
CA LEU D 347 5.48 -28.45 30.26
C LEU D 347 6.31 -29.71 30.34
N THR D 348 6.93 -29.90 31.47
CA THR D 348 7.87 -31.01 31.68
C THR D 348 7.79 -31.48 33.13
N THR D 349 7.87 -32.78 33.40
CA THR D 349 7.78 -33.31 34.78
C THR D 349 9.21 -33.60 35.29
N THR D 350 10.03 -34.23 34.45
CA THR D 350 11.39 -34.61 34.75
C THR D 350 12.44 -33.65 34.15
N GLY D 351 12.03 -32.70 33.29
CA GLY D 351 12.90 -31.77 32.59
C GLY D 351 13.30 -32.27 31.22
N ARG D 352 13.08 -33.55 30.94
CA ARG D 352 13.52 -34.15 29.67
C ARG D 352 13.05 -33.40 28.41
N SER D 353 11.73 -32.98 28.35
CA SER D 353 11.21 -32.27 27.19
C SER D 353 12.00 -31.01 26.94
N ALA D 354 12.31 -30.27 27.99
CA ALA D 354 13.08 -29.02 27.93
C ALA D 354 14.51 -29.30 27.47
N GLN D 355 15.11 -30.39 27.91
CA GLN D 355 16.45 -30.77 27.52
C GLN D 355 16.52 -31.06 26.04
N LEU D 356 15.52 -31.76 25.48
CA LEU D 356 15.47 -32.06 24.06
C LEU D 356 15.25 -30.84 23.17
N LEU D 357 14.63 -29.80 23.70
CA LEU D 357 14.45 -28.55 22.96
C LEU D 357 15.81 -27.85 22.96
N SER D 358 16.49 -27.78 24.15
CA SER D 358 17.77 -27.17 24.41
C SER D 358 18.90 -27.68 23.51
N ARG D 359 18.95 -28.99 23.25
CA ARG D 359 20.01 -29.60 22.46
C ARG D 359 20.14 -29.04 21.04
N TYR D 360 19.02 -28.50 20.48
CA TYR D 360 19.02 -27.88 19.14
C TYR D 360 19.40 -26.41 19.17
N ARG D 361 19.76 -25.86 20.35
CA ARG D 361 20.21 -24.49 20.57
C ARG D 361 19.34 -23.42 19.91
N PRO D 362 18.04 -23.39 20.22
CA PRO D 362 17.19 -22.33 19.68
C PRO D 362 17.59 -20.94 20.22
N ARG D 363 17.29 -19.90 19.44
CA ARG D 363 17.49 -18.53 19.90
C ARG D 363 16.36 -18.18 20.91
N ALA D 364 15.17 -18.80 20.80
CA ALA D 364 14.05 -18.57 21.68
C ALA D 364 14.29 -19.21 23.02
N ALA D 365 13.88 -18.54 24.09
CA ALA D 365 14.07 -19.05 25.44
C ALA D 365 13.18 -20.25 25.64
N VAL D 366 13.69 -21.30 26.26
CA VAL D 366 12.87 -22.45 26.60
C VAL D 366 12.32 -22.22 28.01
N ILE D 367 11.12 -21.67 28.11
CA ILE D 367 10.48 -21.45 29.38
C ILE D 367 9.83 -22.79 29.80
N ALA D 368 10.41 -23.46 30.82
CA ALA D 368 9.94 -24.76 31.25
C ALA D 368 9.07 -24.65 32.47
N VAL D 369 7.77 -25.03 32.39
CA VAL D 369 6.89 -25.02 33.57
C VAL D 369 6.86 -26.43 34.12
N THR D 370 7.12 -26.56 35.41
CA THR D 370 7.14 -27.85 36.08
C THR D 370 6.64 -27.72 37.50
N ARG D 371 6.08 -28.79 38.06
CA ARG D 371 5.70 -28.84 39.49
C ARG D 371 6.81 -29.51 40.32
N SER D 372 7.77 -30.19 39.64
CA SER D 372 8.87 -30.82 40.31
C SER D 372 9.92 -29.76 40.66
N ALA D 373 10.12 -29.51 41.94
CA ALA D 373 11.11 -28.57 42.43
C ALA D 373 12.51 -29.06 42.05
N GLN D 374 12.77 -30.37 42.15
CA GLN D 374 14.05 -30.95 41.76
C GLN D 374 14.32 -30.75 40.25
N ALA D 375 13.33 -31.06 39.38
CA ALA D 375 13.46 -30.82 37.94
C ALA D 375 13.71 -29.35 37.65
N ALA D 376 13.01 -28.46 38.32
CA ALA D 376 13.16 -27.02 38.10
C ALA D 376 14.59 -26.56 38.41
N ARG D 377 15.22 -27.17 39.45
CA ARG D 377 16.57 -26.83 39.81
C ARG D 377 17.54 -27.43 38.84
N GLN D 378 17.34 -28.70 38.46
CA GLN D 378 18.24 -29.42 37.55
C GLN D 378 18.25 -28.94 36.10
N VAL D 379 17.16 -28.29 35.60
CA VAL D 379 17.19 -27.85 34.20
C VAL D 379 18.13 -26.68 33.97
N HIS D 380 18.68 -26.06 35.02
CA HIS D 380 19.69 -25.02 34.88
C HIS D 380 20.95 -25.60 34.19
N LEU D 381 21.16 -26.93 34.25
CA LEU D 381 22.27 -27.55 33.57
C LEU D 381 22.12 -27.41 32.06
N CYS D 382 20.90 -27.26 31.53
CA CYS D 382 20.68 -27.11 30.08
C CYS D 382 20.61 -25.67 29.64
N ARG D 383 21.42 -25.30 28.65
CA ARG D 383 21.48 -23.93 28.16
C ARG D 383 20.19 -23.48 27.56
N GLY D 384 19.76 -22.30 27.96
CA GLY D 384 18.54 -21.71 27.40
C GLY D 384 17.26 -22.17 28.03
N VAL D 385 17.34 -23.00 29.10
CA VAL D 385 16.13 -23.43 29.79
C VAL D 385 15.94 -22.53 31.00
N PHE D 386 14.76 -21.92 31.11
CA PHE D 386 14.37 -21.02 32.19
C PHE D 386 13.25 -21.68 32.96
N PRO D 387 13.57 -22.32 34.08
CA PRO D 387 12.53 -23.03 34.84
C PRO D 387 11.60 -22.17 35.64
N LEU D 388 10.33 -22.58 35.70
CA LEU D 388 9.29 -21.95 36.49
C LEU D 388 8.64 -23.04 37.37
N LEU D 389 8.57 -22.84 38.67
CA LEU D 389 7.93 -23.81 39.57
C LEU D 389 6.47 -23.44 39.77
N TYR D 390 5.57 -24.33 39.33
CA TYR D 390 4.13 -24.15 39.46
C TYR D 390 3.69 -24.78 40.78
N ARG D 391 3.13 -23.98 41.67
CA ARG D 391 2.78 -24.43 43.01
C ARG D 391 1.31 -24.75 43.20
N GLU D 392 0.44 -24.24 42.31
CA GLU D 392 -1.00 -24.50 42.37
C GLU D 392 -1.36 -25.98 42.28
N PRO D 393 -2.38 -26.40 43.05
CA PRO D 393 -2.80 -27.81 42.98
C PRO D 393 -3.54 -28.10 41.67
N PRO D 394 -3.43 -29.37 41.20
CA PRO D 394 -4.05 -29.75 39.93
C PRO D 394 -5.54 -29.45 39.82
N GLU D 395 -5.99 -28.91 38.68
CA GLU D 395 -7.40 -28.66 38.38
C GLU D 395 -8.05 -30.00 38.06
N ALA D 396 -9.39 -30.08 38.26
CA ALA D 396 -10.15 -31.30 37.99
C ALA D 396 -10.09 -31.68 36.49
N ILE D 397 -10.25 -30.70 35.59
CA ILE D 397 -10.20 -30.95 34.17
C ILE D 397 -8.73 -30.82 33.74
N TRP D 398 -8.11 -31.89 33.25
CA TRP D 398 -6.69 -31.89 32.85
C TRP D 398 -6.30 -30.79 31.87
N ALA D 399 -6.98 -30.64 30.71
CA ALA D 399 -6.65 -29.60 29.77
C ALA D 399 -6.79 -28.18 30.37
N ASP D 400 -7.57 -28.02 31.43
CA ASP D 400 -7.69 -26.74 32.13
C ASP D 400 -6.39 -26.48 32.95
N ASP D 401 -5.89 -27.54 33.60
CA ASP D 401 -4.67 -27.51 34.36
C ASP D 401 -3.51 -27.24 33.43
N VAL D 402 -3.52 -27.83 32.23
CA VAL D 402 -2.48 -27.62 31.25
C VAL D 402 -2.52 -26.16 30.79
N ASP D 403 -3.71 -25.57 30.60
CA ASP D 403 -3.79 -24.18 30.17
C ASP D 403 -3.37 -23.22 31.25
N ARG D 404 -3.66 -23.52 32.52
CA ARG D 404 -3.24 -22.66 33.61
C ARG D 404 -1.73 -22.63 33.71
N ARG D 405 -1.06 -23.76 33.45
CA ARG D 405 0.37 -23.80 33.49
C ARG D 405 0.96 -22.97 32.35
N VAL D 406 0.41 -23.08 31.13
CA VAL D 406 0.84 -22.30 29.96
C VAL D 406 0.66 -20.83 30.22
N GLN D 407 -0.44 -20.44 30.87
CA GLN D 407 -0.70 -19.04 31.23
C GLN D 407 0.26 -18.54 32.29
N PHE D 408 0.65 -19.41 33.22
CA PHE D 408 1.64 -19.11 34.23
C PHE D 408 3.00 -18.79 33.57
N GLY D 409 3.34 -19.52 32.51
CA GLY D 409 4.56 -19.33 31.73
C GLY D 409 4.51 -18.03 30.97
N ILE D 410 3.34 -17.64 30.44
CA ILE D 410 3.20 -16.38 29.72
C ILE D 410 3.28 -15.22 30.69
N GLU D 411 2.56 -15.29 31.82
CA GLU D 411 2.58 -14.24 32.81
C GLU D 411 3.97 -14.06 33.42
N SER D 412 4.68 -15.17 33.69
CA SER D 412 6.04 -15.10 34.22
C SER D 412 6.96 -14.47 33.19
N GLY D 413 6.81 -14.88 31.93
CA GLY D 413 7.66 -14.40 30.85
C GLY D 413 7.42 -12.95 30.54
N LYS D 414 6.17 -12.47 30.69
CA LYS D 414 5.80 -11.08 30.45
C LYS D 414 6.45 -10.21 31.53
N LEU D 415 6.28 -10.61 32.78
CA LEU D 415 6.84 -9.95 33.95
C LEU D 415 8.36 -9.93 33.92
N ARG D 416 9.00 -11.01 33.48
CA ARG D 416 10.47 -11.07 33.47
C ARG D 416 11.11 -10.43 32.22
N GLY D 417 10.31 -9.93 31.29
CA GLY D 417 10.85 -9.29 30.10
C GLY D 417 11.07 -10.15 28.87
N PHE D 418 10.82 -11.46 28.96
CA PHE D 418 10.97 -12.35 27.78
C PHE D 418 9.89 -12.14 26.73
N LEU D 419 8.70 -11.75 27.17
CA LEU D 419 7.57 -11.64 26.28
C LEU D 419 6.92 -10.33 26.34
N ARG D 420 6.39 -9.94 25.20
CA ARG D 420 5.60 -8.74 25.01
C ARG D 420 4.37 -9.13 24.22
N VAL D 421 3.33 -8.31 24.30
CA VAL D 421 2.12 -8.52 23.49
C VAL D 421 2.47 -8.38 22.02
N GLY D 422 1.99 -9.30 21.21
CA GLY D 422 2.31 -9.30 19.79
C GLY D 422 3.34 -10.33 19.41
N ASP D 423 4.14 -10.78 20.39
CA ASP D 423 5.16 -11.82 20.18
C ASP D 423 4.52 -13.19 19.82
N LEU D 424 5.29 -14.04 19.14
CA LEU D 424 4.84 -15.37 18.84
C LEU D 424 5.59 -16.32 19.74
N VAL D 425 4.90 -17.31 20.26
CA VAL D 425 5.47 -18.27 21.17
C VAL D 425 5.08 -19.71 20.71
N ILE D 426 5.97 -20.69 20.89
CA ILE D 426 5.70 -22.08 20.52
C ILE D 426 5.39 -22.77 21.80
N VAL D 427 4.23 -23.42 21.91
CA VAL D 427 3.86 -24.13 23.13
C VAL D 427 3.99 -25.66 22.92
N VAL D 428 4.77 -26.33 23.75
CA VAL D 428 5.04 -27.76 23.67
C VAL D 428 4.46 -28.47 24.86
N THR D 429 3.48 -29.38 24.64
CA THR D 429 2.76 -30.16 25.65
C THR D 429 2.63 -31.65 25.20
N GLY D 430 1.92 -32.47 25.97
CA GLY D 430 1.68 -33.88 25.69
C GLY D 430 0.21 -34.17 25.62
N TRP D 431 -0.11 -35.41 25.26
CA TRP D 431 -1.50 -35.85 25.08
C TRP D 431 -2.17 -36.40 26.33
N ARG D 432 -1.39 -36.73 27.36
CA ARG D 432 -1.90 -37.25 28.61
C ARG D 432 -0.97 -36.83 29.78
N PRO D 433 -1.46 -36.92 31.03
CA PRO D 433 -0.58 -36.67 32.20
C PRO D 433 0.62 -37.63 32.28
N GLY D 434 1.60 -37.30 33.11
CA GLY D 434 2.76 -38.14 33.29
C GLY D 434 3.89 -37.88 32.35
N SER D 435 5.10 -38.19 32.80
CA SER D 435 6.30 -37.97 32.03
CA SER D 435 6.31 -37.99 32.02
C SER D 435 6.37 -38.87 30.78
N GLY D 436 7.02 -38.37 29.74
CA GLY D 436 7.31 -39.13 28.53
C GLY D 436 6.33 -39.07 27.40
N TYR D 437 5.25 -38.28 27.54
CA TYR D 437 4.21 -38.22 26.52
C TYR D 437 4.13 -36.91 25.73
N THR D 438 5.21 -36.06 25.74
CA THR D 438 5.22 -34.83 24.92
C THR D 438 5.03 -35.20 23.46
N ASN D 439 4.12 -34.54 22.77
CA ASN D 439 3.92 -34.82 21.32
C ASN D 439 3.24 -33.68 20.54
N ILE D 440 2.90 -32.57 21.21
CA ILE D 440 2.17 -31.49 20.59
C ILE D 440 3.00 -30.20 20.57
N MET D 441 2.89 -29.46 19.45
CA MET D 441 3.54 -28.16 19.24
C MET D 441 2.44 -27.21 18.68
N ARG D 442 2.18 -26.09 19.38
CA ARG D 442 1.17 -25.10 19.02
C ARG D 442 1.86 -23.74 18.76
N VAL D 443 1.41 -22.99 17.75
CA VAL D 443 1.89 -21.63 17.48
C VAL D 443 0.90 -20.65 18.15
N LEU D 444 1.34 -19.88 19.15
CA LEU D 444 0.47 -18.97 19.90
C LEU D 444 0.92 -17.49 19.81
N SER D 445 -0.04 -16.57 19.76
CA SER D 445 0.27 -15.14 19.72
C SER D 445 0.01 -14.56 21.08
N ILE D 446 1.00 -13.87 21.66
CA ILE D 446 0.85 -13.29 22.99
C ILE D 446 -0.13 -12.14 22.99
N SER D 447 -1.17 -12.27 23.82
CA SER D 447 -2.22 -11.26 23.93
C SER D 447 -2.16 -10.53 25.30
N ALA E 25 -15.82 18.30 24.96
CA ALA E 25 -15.82 19.66 24.42
C ALA E 25 -17.25 20.18 24.16
N PHE E 26 -17.42 21.52 24.12
CA PHE E 26 -18.71 22.15 23.83
C PHE E 26 -19.14 21.82 22.40
N PHE E 27 -18.19 21.85 21.46
CA PHE E 27 -18.45 21.63 20.05
C PHE E 27 -18.65 20.14 19.65
N GLN E 28 -18.56 19.21 20.61
CA GLN E 28 -18.85 17.80 20.35
C GLN E 28 -20.28 17.42 20.77
N GLN E 29 -20.86 18.16 21.75
CA GLN E 29 -22.21 17.98 22.25
C GLN E 29 -23.29 18.56 21.31
N GLN E 30 -24.57 18.23 21.58
CA GLN E 30 -25.82 18.61 20.90
C GLN E 30 -25.73 18.59 19.35
N GLN E 31 -25.06 17.55 18.81
CA GLN E 31 -24.84 17.33 17.37
C GLN E 31 -24.28 18.56 16.65
N LEU E 32 -23.38 19.29 17.32
CA LEU E 32 -22.77 20.48 16.72
C LEU E 32 -21.90 20.17 15.49
N PRO E 33 -21.13 19.05 15.42
CA PRO E 33 -20.38 18.76 14.18
C PRO E 33 -21.33 18.51 13.00
N ALA E 34 -22.45 17.82 13.25
CA ALA E 34 -23.48 17.51 12.26
C ALA E 34 -24.20 18.77 11.75
N ALA E 35 -24.45 19.75 12.63
CA ALA E 35 -25.15 20.98 12.25
C ALA E 35 -24.26 21.95 11.46
N MET E 36 -22.92 21.85 11.62
CA MET E 36 -21.93 22.67 10.90
C MET E 36 -21.67 22.18 9.46
N ALA E 37 -22.16 20.98 9.09
CA ALA E 37 -21.97 20.36 7.79
C ALA E 37 -22.52 21.20 6.65
N ASP E 38 -21.81 21.21 5.50
CA ASP E 38 -22.16 21.99 4.31
C ASP E 38 -23.30 21.39 3.51
N THR E 39 -23.52 20.07 3.62
CA THR E 39 -24.60 19.36 2.94
C THR E 39 -25.41 18.52 3.93
N PHE E 40 -26.63 18.17 3.54
CA PHE E 40 -27.52 17.31 4.34
C PHE E 40 -26.97 15.87 4.41
N LEU E 41 -26.29 15.39 3.34
CA LEU E 41 -25.69 14.06 3.35
C LEU E 41 -24.55 14.05 4.39
N GLU E 42 -23.70 15.11 4.41
CA GLU E 42 -22.59 15.24 5.37
CA GLU E 42 -22.61 15.21 5.38
C GLU E 42 -23.15 15.36 6.81
N HIS E 43 -24.30 16.04 6.96
CA HIS E 43 -24.98 16.23 8.23
C HIS E 43 -25.38 14.87 8.78
N LEU E 44 -25.98 14.01 7.95
CA LEU E 44 -26.40 12.66 8.35
C LEU E 44 -25.18 11.83 8.78
N CYS E 45 -24.10 11.89 7.99
CA CYS E 45 -22.86 11.16 8.29
C CYS E 45 -22.19 11.60 9.59
N LEU E 46 -22.39 12.85 9.99
CA LEU E 46 -21.81 13.39 11.21
C LEU E 46 -22.68 13.22 12.47
N LEU E 47 -23.81 12.50 12.39
CA LEU E 47 -24.65 12.28 13.56
C LEU E 47 -23.92 11.30 14.47
N ASP E 48 -23.78 11.67 15.76
CA ASP E 48 -23.04 10.88 16.74
C ASP E 48 -23.95 10.46 17.88
N ILE E 49 -24.04 9.15 18.19
CA ILE E 49 -24.85 8.68 19.33
C ILE E 49 -24.21 9.06 20.69
N ASP E 50 -22.90 9.33 20.70
CA ASP E 50 -22.15 9.76 21.88
C ASP E 50 -22.24 11.28 22.12
N SER E 51 -22.85 12.02 21.18
CA SER E 51 -23.04 13.47 21.28
C SER E 51 -24.31 13.68 22.09
N GLU E 52 -24.17 14.10 23.36
CA GLU E 52 -25.30 14.28 24.25
C GLU E 52 -26.02 15.62 24.08
N PRO E 53 -27.36 15.62 24.18
CA PRO E 53 -28.09 16.89 24.05
C PRO E 53 -27.91 17.76 25.29
N VAL E 54 -27.59 19.04 25.11
CA VAL E 54 -27.42 19.94 26.24
C VAL E 54 -28.65 20.85 26.41
N ALA E 55 -29.23 21.32 25.29
CA ALA E 55 -30.40 22.19 25.31
C ALA E 55 -31.66 21.55 25.94
N ALA E 56 -32.58 22.38 26.44
CA ALA E 56 -33.82 21.88 27.03
C ALA E 56 -34.76 21.40 25.93
N ARG E 57 -35.65 20.46 26.29
CA ARG E 57 -36.60 19.89 25.33
C ARG E 57 -37.65 20.92 24.90
N SER E 58 -37.60 21.31 23.61
CA SER E 58 -38.45 22.31 23.00
C SER E 58 -39.84 21.82 22.50
N THR E 59 -39.93 20.60 21.93
CA THR E 59 -41.21 20.09 21.44
C THR E 59 -42.10 19.75 22.62
N SER E 60 -43.27 20.40 22.70
CA SER E 60 -44.15 20.19 23.83
C SER E 60 -44.91 18.85 23.79
N ILE E 61 -45.21 18.30 24.98
CA ILE E 61 -45.89 17.02 25.12
C ILE E 61 -47.34 17.18 25.58
N ILE E 62 -48.30 16.70 24.78
CA ILE E 62 -49.71 16.72 25.13
C ILE E 62 -50.06 15.34 25.67
N ALA E 63 -50.62 15.26 26.87
CA ALA E 63 -50.99 13.99 27.46
C ALA E 63 -52.48 13.93 27.63
N THR E 64 -53.13 12.87 27.12
CA THR E 64 -54.58 12.68 27.27
C THR E 64 -54.87 12.20 28.68
N ILE E 65 -55.79 12.88 29.37
CA ILE E 65 -56.15 12.56 30.74
C ILE E 65 -57.33 11.58 30.76
N GLY E 66 -57.14 10.47 31.45
CA GLY E 66 -58.15 9.43 31.59
C GLY E 66 -58.05 8.76 32.94
N PRO E 67 -58.59 7.54 33.06
CA PRO E 67 -58.51 6.83 34.36
C PRO E 67 -57.09 6.58 34.87
N ALA E 68 -56.16 6.26 33.96
CA ALA E 68 -54.77 5.97 34.29
C ALA E 68 -53.94 7.20 34.70
N SER E 69 -54.45 8.42 34.48
CA SER E 69 -53.71 9.64 34.76
C SER E 69 -54.57 10.76 35.34
N ARG E 70 -55.55 10.40 36.16
CA ARG E 70 -56.49 11.38 36.72
C ARG E 70 -56.16 11.81 38.14
N SER E 71 -55.45 10.98 38.91
CA SER E 71 -55.13 11.29 40.30
C SER E 71 -54.18 12.47 40.41
N VAL E 72 -54.37 13.33 41.43
CA VAL E 72 -53.54 14.50 41.66
C VAL E 72 -52.06 14.12 41.80
N GLU E 73 -51.78 13.00 42.48
CA GLU E 73 -50.42 12.48 42.71
C GLU E 73 -49.77 11.97 41.41
N ARG E 74 -50.56 11.36 40.52
CA ARG E 74 -50.09 10.84 39.23
C ARG E 74 -49.82 12.02 38.29
N LEU E 75 -50.70 13.03 38.29
CA LEU E 75 -50.56 14.24 37.49
C LEU E 75 -49.29 15.01 37.83
N LYS E 76 -48.90 15.06 39.13
CA LYS E 76 -47.67 15.70 39.60
C LYS E 76 -46.44 15.00 39.03
N GLU E 77 -46.49 13.65 38.90
CA GLU E 77 -45.41 12.86 38.33
C GLU E 77 -45.29 13.10 36.84
N MET E 78 -46.42 13.29 36.14
CA MET E 78 -46.44 13.57 34.72
CA MET E 78 -46.44 13.57 34.71
C MET E 78 -45.93 14.98 34.42
N ILE E 79 -46.20 15.94 35.33
CA ILE E 79 -45.71 17.31 35.19
C ILE E 79 -44.18 17.27 35.30
N LYS E 80 -43.66 16.52 36.29
CA LYS E 80 -42.22 16.36 36.50
C LYS E 80 -41.55 15.59 35.33
N ALA E 81 -42.29 14.65 34.71
CA ALA E 81 -41.82 13.87 33.56
C ALA E 81 -41.75 14.70 32.26
N GLY E 82 -42.55 15.75 32.17
CA GLY E 82 -42.53 16.64 31.01
C GLY E 82 -43.84 17.02 30.35
N MET E 83 -44.98 16.72 30.97
CA MET E 83 -46.28 17.06 30.39
C MET E 83 -46.45 18.59 30.35
N ASN E 84 -46.81 19.13 29.18
CA ASN E 84 -47.00 20.57 29.03
C ASN E 84 -48.46 20.92 28.82
N ILE E 85 -49.20 20.07 28.11
CA ILE E 85 -50.62 20.28 27.82
C ILE E 85 -51.41 19.03 28.23
N ALA E 86 -52.57 19.22 28.89
CA ALA E 86 -53.45 18.13 29.33
C ALA E 86 -54.67 18.10 28.42
N ARG E 87 -54.85 17.01 27.67
CA ARG E 87 -55.97 16.85 26.74
C ARG E 87 -57.18 16.15 27.38
N LEU E 88 -58.38 16.73 27.23
CA LEU E 88 -59.60 16.13 27.72
C LEU E 88 -60.39 15.65 26.51
N ASN E 89 -60.55 14.33 26.35
CA ASN E 89 -61.30 13.79 25.21
C ASN E 89 -62.80 13.79 25.54
N PHE E 90 -63.55 14.69 24.91
CA PHE E 90 -64.99 14.78 25.16
C PHE E 90 -65.82 13.71 24.44
N SER E 91 -65.16 12.74 23.78
CA SER E 91 -65.83 11.58 23.19
C SER E 91 -66.24 10.59 24.30
N HIS E 92 -65.53 10.61 25.44
CA HIS E 92 -65.78 9.74 26.58
C HIS E 92 -65.91 10.60 27.84
N GLY E 93 -66.80 10.23 28.74
CA GLY E 93 -66.98 10.94 30.00
C GLY E 93 -68.00 12.05 30.00
N SER E 94 -68.53 12.34 31.18
CA SER E 94 -69.54 13.38 31.39
C SER E 94 -68.89 14.74 31.71
N HIS E 95 -69.68 15.83 31.71
CA HIS E 95 -69.17 17.15 32.08
C HIS E 95 -68.67 17.17 33.54
N GLU E 96 -69.32 16.40 34.42
CA GLU E 96 -68.90 16.31 35.82
C GLU E 96 -67.55 15.60 35.95
N TYR E 97 -67.31 14.59 35.10
CA TYR E 97 -66.07 13.83 35.07
C TYR E 97 -64.92 14.75 34.64
N HIS E 98 -65.12 15.49 33.54
CA HIS E 98 -64.10 16.39 33.02
C HIS E 98 -63.84 17.59 33.92
N ALA E 99 -64.85 18.08 34.65
CA ALA E 99 -64.65 19.18 35.60
C ALA E 99 -63.75 18.72 36.75
N GLU E 100 -63.89 17.44 37.18
CA GLU E 100 -63.04 16.86 38.23
C GLU E 100 -61.61 16.71 37.72
N SER E 101 -61.43 16.32 36.44
CA SER E 101 -60.12 16.22 35.82
C SER E 101 -59.43 17.60 35.83
N ILE E 102 -60.14 18.66 35.38
CA ILE E 102 -59.65 20.05 35.35
C ILE E 102 -59.20 20.50 36.74
N ALA E 103 -60.00 20.20 37.76
CA ALA E 103 -59.69 20.55 39.14
C ALA E 103 -58.46 19.81 39.66
N ASN E 104 -58.31 18.51 39.31
CA ASN E 104 -57.17 17.69 39.72
C ASN E 104 -55.89 18.16 39.07
N VAL E 105 -55.98 18.54 37.79
CA VAL E 105 -54.83 19.07 37.05
C VAL E 105 -54.42 20.40 37.68
N ARG E 106 -55.37 21.33 37.87
CA ARG E 106 -55.05 22.61 38.50
C ARG E 106 -54.43 22.48 39.89
N GLU E 107 -54.90 21.50 40.68
CA GLU E 107 -54.38 21.23 42.02
C GLU E 107 -52.92 20.75 41.92
N ALA E 108 -52.64 19.84 40.97
CA ALA E 108 -51.29 19.31 40.76
C ALA E 108 -50.32 20.39 40.23
N VAL E 109 -50.79 21.30 39.34
CA VAL E 109 -49.95 22.36 38.78
C VAL E 109 -49.66 23.42 39.82
N GLU E 110 -50.68 23.81 40.59
CA GLU E 110 -50.50 24.84 41.60
C GLU E 110 -49.74 24.37 42.84
N SER E 111 -49.49 23.06 42.98
CA SER E 111 -48.67 22.55 44.07
C SER E 111 -47.19 23.02 43.95
N PHE E 112 -46.77 23.44 42.73
CA PHE E 112 -45.42 23.92 42.47
C PHE E 112 -45.30 25.45 42.43
N ALA E 113 -46.42 26.19 42.60
CA ALA E 113 -46.45 27.65 42.55
C ALA E 113 -45.70 28.36 43.66
N GLY E 114 -45.32 27.63 44.71
CA GLY E 114 -44.58 28.17 45.84
C GLY E 114 -43.18 28.65 45.49
N SER E 115 -42.63 28.14 44.39
CA SER E 115 -41.31 28.55 43.92
C SER E 115 -41.52 29.07 42.48
N PRO E 116 -41.79 30.39 42.32
CA PRO E 116 -42.09 30.93 40.96
C PRO E 116 -40.94 30.87 39.94
N LEU E 117 -39.69 30.67 40.41
CA LEU E 117 -38.54 30.54 39.51
C LEU E 117 -38.47 29.14 38.86
N SER E 118 -39.16 28.13 39.45
CA SER E 118 -39.20 26.77 38.91
C SER E 118 -40.65 26.25 38.66
N TYR E 119 -41.64 27.15 38.66
CA TYR E 119 -43.05 26.82 38.42
C TYR E 119 -43.26 26.58 36.92
N ARG E 120 -43.92 25.47 36.59
CA ARG E 120 -44.19 25.14 35.19
C ARG E 120 -45.69 25.24 34.87
N PRO E 121 -46.08 26.19 34.00
CA PRO E 121 -47.50 26.29 33.62
C PRO E 121 -47.94 25.10 32.77
N VAL E 122 -49.17 24.62 32.93
CA VAL E 122 -49.68 23.51 32.11
C VAL E 122 -50.99 23.93 31.44
N ALA E 123 -51.07 23.84 30.11
CA ALA E 123 -52.28 24.20 29.40
C ALA E 123 -53.36 23.11 29.51
N ILE E 124 -54.64 23.50 29.39
CA ILE E 124 -55.73 22.53 29.39
C ILE E 124 -56.43 22.62 28.05
N ALA E 125 -56.51 21.51 27.32
CA ALA E 125 -57.11 21.48 26.00
C ALA E 125 -58.35 20.60 25.95
N LEU E 126 -59.40 21.08 25.27
CA LEU E 126 -60.65 20.34 25.14
C LEU E 126 -60.75 19.78 23.74
N ASP E 127 -60.78 18.46 23.62
CA ASP E 127 -60.90 17.81 22.32
C ASP E 127 -62.38 17.48 22.12
N THR E 128 -63.04 18.14 21.15
CA THR E 128 -64.46 17.93 20.91
C THR E 128 -64.79 16.56 20.34
N LYS E 129 -66.03 16.08 20.56
CA LYS E 129 -66.51 14.78 20.11
C LYS E 129 -66.56 14.71 18.57
N GLY E 130 -67.06 15.76 17.95
CA GLY E 130 -67.13 15.83 16.48
C GLY E 130 -68.52 15.84 15.90
N PRO E 131 -68.62 16.17 14.60
CA PRO E 131 -69.93 16.20 13.96
C PRO E 131 -70.44 14.81 13.54
N GLY E 136 -72.91 20.12 10.17
CA GLY E 136 -72.35 21.27 10.87
C GLY E 136 -71.90 20.94 12.28
N LEU E 137 -71.84 21.94 13.17
CA LEU E 137 -71.43 21.74 14.55
C LEU E 137 -72.55 21.02 15.28
N SER E 138 -72.26 19.86 15.91
CA SER E 138 -73.28 19.08 16.61
C SER E 138 -73.82 19.81 17.86
N GLU E 139 -74.99 19.36 18.35
CA GLU E 139 -75.58 19.98 19.55
C GLU E 139 -74.72 19.72 20.78
N GLN E 140 -74.14 18.50 20.88
CA GLN E 140 -73.26 18.14 21.99
C GLN E 140 -72.00 18.99 21.97
N ASP E 141 -71.44 19.26 20.78
CA ASP E 141 -70.26 20.11 20.65
C ASP E 141 -70.51 21.54 21.14
N VAL E 142 -71.70 22.09 20.87
CA VAL E 142 -72.06 23.42 21.33
C VAL E 142 -72.10 23.47 22.88
N ARG E 143 -72.57 22.40 23.50
CA ARG E 143 -72.64 22.29 24.95
C ARG E 143 -71.25 22.08 25.57
N ASP E 144 -70.41 21.26 24.93
CA ASP E 144 -69.06 20.97 25.39
C ASP E 144 -68.16 22.22 25.27
N LEU E 145 -68.35 23.01 24.20
CA LEU E 145 -67.60 24.25 23.97
C LEU E 145 -68.00 25.32 25.01
N ARG E 146 -69.29 25.37 25.36
CA ARG E 146 -69.78 26.26 26.40
C ARG E 146 -69.12 25.90 27.74
N PHE E 147 -69.00 24.59 28.01
CA PHE E 147 -68.37 24.04 29.19
C PHE E 147 -66.91 24.50 29.27
N GLY E 148 -66.20 24.41 28.15
CA GLY E 148 -64.80 24.82 28.08
C GLY E 148 -64.61 26.28 28.40
N VAL E 149 -65.52 27.13 27.91
CA VAL E 149 -65.46 28.56 28.18
C VAL E 149 -65.69 28.80 29.67
N GLU E 150 -66.74 28.18 30.23
CA GLU E 150 -67.07 28.31 31.66
C GLU E 150 -65.99 27.79 32.58
N HIS E 151 -65.19 26.82 32.12
CA HIS E 151 -64.13 26.25 32.94
C HIS E 151 -62.73 26.77 32.63
N GLY E 152 -62.61 27.76 31.74
CA GLY E 152 -61.35 28.39 31.42
C GLY E 152 -60.31 27.54 30.71
N VAL E 153 -60.74 26.74 29.70
CA VAL E 153 -59.78 25.95 28.94
C VAL E 153 -58.97 26.90 28.05
N ASP E 154 -57.74 26.51 27.71
CA ASP E 154 -56.86 27.37 26.91
C ASP E 154 -56.94 27.05 25.43
N ILE E 155 -57.06 25.76 25.10
CA ILE E 155 -57.08 25.31 23.71
C ILE E 155 -58.28 24.42 23.42
N VAL E 156 -58.71 24.38 22.17
CA VAL E 156 -59.77 23.52 21.68
C VAL E 156 -59.21 22.76 20.50
N PHE E 157 -59.30 21.42 20.52
CA PHE E 157 -58.91 20.61 19.37
C PHE E 157 -60.23 20.31 18.70
N ALA E 158 -60.59 21.08 17.68
CA ALA E 158 -61.86 20.90 16.99
C ALA E 158 -61.78 19.69 16.06
N SER E 159 -62.55 18.63 16.37
CA SER E 159 -62.58 17.39 15.58
C SER E 159 -63.27 17.53 14.23
N PHE E 160 -62.77 16.76 13.24
CA PHE E 160 -63.25 16.64 11.87
C PHE E 160 -63.54 17.99 11.18
N VAL E 161 -62.55 18.89 11.16
CA VAL E 161 -62.70 20.16 10.47
C VAL E 161 -62.59 19.83 8.97
N ARG E 162 -63.57 20.27 8.17
CA ARG E 162 -63.61 20.00 6.73
C ARG E 162 -63.52 21.26 5.88
N LYS E 163 -63.79 22.44 6.45
CA LYS E 163 -63.78 23.72 5.73
C LYS E 163 -63.62 24.88 6.73
N ALA E 164 -63.39 26.11 6.23
CA ALA E 164 -63.23 27.29 7.09
C ALA E 164 -64.52 27.64 7.85
N SER E 165 -65.70 27.29 7.29
CA SER E 165 -66.99 27.55 7.94
C SER E 165 -67.14 26.74 9.25
N ASP E 166 -66.49 25.56 9.34
CA ASP E 166 -66.48 24.71 10.53
C ASP E 166 -65.71 25.40 11.66
N VAL E 167 -64.59 26.06 11.34
CA VAL E 167 -63.79 26.79 12.33
C VAL E 167 -64.59 28.01 12.85
N ALA E 168 -65.28 28.70 11.93
CA ALA E 168 -66.11 29.85 12.28
C ALA E 168 -67.24 29.44 13.23
N ALA E 169 -67.81 28.24 13.04
CA ALA E 169 -68.87 27.70 13.89
C ALA E 169 -68.35 27.46 15.32
N VAL E 170 -67.12 26.95 15.45
CA VAL E 170 -66.50 26.70 16.76
C VAL E 170 -66.19 28.03 17.45
N ARG E 171 -65.71 29.02 16.70
CA ARG E 171 -65.41 30.35 17.24
C ARG E 171 -66.69 31.03 17.75
N ALA E 172 -67.80 30.85 17.02
CA ALA E 172 -69.11 31.39 17.39
C ALA E 172 -69.66 30.72 18.66
N ALA E 173 -69.57 29.37 18.73
CA ALA E 173 -70.03 28.59 19.89
C ALA E 173 -69.22 28.86 21.18
N LEU E 174 -68.04 29.49 21.07
CA LEU E 174 -67.24 29.92 22.23
C LEU E 174 -67.76 31.28 22.81
N GLY E 175 -68.49 32.05 22.00
CA GLY E 175 -69.08 33.32 22.41
C GLY E 175 -68.06 34.44 22.53
N PRO E 176 -68.46 35.56 23.14
CA PRO E 176 -67.55 36.70 23.30
C PRO E 176 -66.43 36.48 24.33
N GLU E 177 -66.72 35.66 25.35
CA GLU E 177 -65.80 35.32 26.44
C GLU E 177 -64.71 34.30 26.03
N GLY E 178 -65.00 33.49 25.01
CA GLY E 178 -64.06 32.49 24.53
C GLY E 178 -63.22 32.97 23.36
N HIS E 179 -62.95 34.27 23.30
CA HIS E 179 -62.17 34.88 22.23
C HIS E 179 -60.66 34.56 22.36
N GLY E 180 -60.17 34.42 23.59
CA GLY E 180 -58.77 34.14 23.87
C GLY E 180 -58.35 32.69 23.70
N ILE E 181 -59.34 31.76 23.60
CA ILE E 181 -59.09 30.33 23.42
C ILE E 181 -58.49 30.05 22.03
N LYS E 182 -57.48 29.17 21.96
CA LYS E 182 -56.84 28.83 20.69
C LYS E 182 -57.56 27.68 20.01
N ILE E 183 -57.81 27.78 18.70
CA ILE E 183 -58.46 26.71 17.96
C ILE E 183 -57.47 25.94 17.09
N ILE E 184 -57.22 24.70 17.45
CA ILE E 184 -56.35 23.79 16.72
C ILE E 184 -57.27 22.86 15.91
N SER E 185 -57.31 23.03 14.59
CA SER E 185 -58.19 22.23 13.75
C SER E 185 -57.64 20.85 13.46
N LYS E 186 -58.38 19.80 13.86
CA LYS E 186 -57.96 18.44 13.58
C LYS E 186 -58.33 18.07 12.16
N ILE E 187 -57.32 17.73 11.35
CA ILE E 187 -57.57 17.31 9.98
C ILE E 187 -57.63 15.78 10.05
N GLU E 188 -58.84 15.21 9.88
CA GLU E 188 -59.04 13.77 10.03
C GLU E 188 -59.59 13.06 8.78
N ASN E 189 -59.87 13.80 7.69
CA ASN E 189 -60.43 13.18 6.48
C ASN E 189 -59.91 13.81 5.17
N HIS E 190 -60.26 13.22 4.01
CA HIS E 190 -59.82 13.75 2.71
C HIS E 190 -60.21 15.20 2.44
N GLU E 191 -61.45 15.59 2.80
CA GLU E 191 -61.91 16.96 2.54
C GLU E 191 -61.06 17.99 3.30
N GLY E 192 -60.71 17.68 4.53
CA GLY E 192 -59.89 18.56 5.37
C GLY E 192 -58.51 18.73 4.79
N VAL E 193 -57.94 17.65 4.26
CA VAL E 193 -56.62 17.68 3.64
C VAL E 193 -56.64 18.56 2.39
N LYS E 194 -57.70 18.46 1.59
CA LYS E 194 -57.82 19.24 0.36
C LYS E 194 -58.12 20.72 0.62
N ARG E 195 -58.97 21.03 1.61
CA ARG E 195 -59.28 22.41 1.94
C ARG E 195 -58.35 23.01 3.01
N PHE E 196 -57.19 22.36 3.26
CA PHE E 196 -56.18 22.72 4.25
C PHE E 196 -55.81 24.20 4.30
N ASP E 197 -55.53 24.82 3.15
CA ASP E 197 -55.10 26.20 3.12
C ASP E 197 -56.14 27.17 3.68
N GLU E 198 -57.43 26.92 3.40
CA GLU E 198 -58.51 27.78 3.90
C GLU E 198 -58.76 27.58 5.39
N ILE E 199 -58.55 26.34 5.87
CA ILE E 199 -58.71 25.96 7.27
C ILE E 199 -57.57 26.57 8.11
N LEU E 200 -56.31 26.40 7.68
CA LEU E 200 -55.16 26.95 8.37
C LEU E 200 -55.23 28.48 8.45
N GLU E 201 -55.78 29.13 7.43
CA GLU E 201 -55.89 30.59 7.40
C GLU E 201 -56.74 31.13 8.56
N VAL E 202 -57.80 30.40 8.92
CA VAL E 202 -58.72 30.80 9.98
C VAL E 202 -58.46 30.12 11.34
N SER E 203 -57.54 29.14 11.39
CA SER E 203 -57.20 28.44 12.62
C SER E 203 -55.95 29.03 13.28
N ASP E 204 -55.78 28.79 14.58
CA ASP E 204 -54.58 29.20 15.30
C ASP E 204 -53.41 28.19 15.10
N GLY E 205 -53.75 26.95 14.73
CA GLY E 205 -52.85 25.85 14.48
C GLY E 205 -53.58 24.61 13.98
N ILE E 206 -52.85 23.53 13.71
CA ILE E 206 -53.43 22.30 13.17
C ILE E 206 -53.02 21.07 13.96
N MET E 207 -53.83 20.02 13.90
CA MET E 207 -53.48 18.75 14.48
C MET E 207 -53.61 17.68 13.42
N VAL E 208 -52.55 16.89 13.22
CA VAL E 208 -52.57 15.79 12.27
C VAL E 208 -53.12 14.59 13.03
N ALA E 209 -54.45 14.44 12.99
CA ALA E 209 -55.18 13.37 13.64
C ALA E 209 -55.09 12.12 12.76
N ARG E 210 -53.97 11.41 12.89
CA ARG E 210 -53.61 10.24 12.08
C ARG E 210 -54.53 9.03 12.23
N GLY E 211 -55.20 8.89 13.36
CA GLY E 211 -56.11 7.77 13.59
C GLY E 211 -57.25 7.71 12.59
N ASP E 212 -58.10 8.76 12.56
CA ASP E 212 -59.21 8.82 11.61
C ASP E 212 -58.69 9.04 10.19
N LEU E 213 -57.61 9.82 10.04
CA LEU E 213 -57.01 10.10 8.74
C LEU E 213 -56.53 8.80 8.07
N GLY E 214 -56.02 7.87 8.86
CA GLY E 214 -55.56 6.56 8.38
C GLY E 214 -56.66 5.61 7.94
N ILE E 215 -57.93 5.98 8.20
CA ILE E 215 -59.11 5.20 7.83
C ILE E 215 -59.81 5.91 6.65
N GLU E 216 -59.87 7.27 6.68
CA GLU E 216 -60.50 8.08 5.63
C GLU E 216 -59.71 8.07 4.32
N ILE E 217 -58.38 8.12 4.43
CA ILE E 217 -57.47 8.04 3.28
C ILE E 217 -56.62 6.74 3.38
N PRO E 218 -56.02 6.23 2.27
CA PRO E 218 -55.22 4.99 2.38
C PRO E 218 -54.13 5.09 3.45
N ALA E 219 -53.97 4.06 4.28
CA ALA E 219 -52.99 4.09 5.37
C ALA E 219 -51.57 4.46 4.93
N GLU E 220 -51.19 4.04 3.71
CA GLU E 220 -49.87 4.29 3.14
C GLU E 220 -49.67 5.72 2.61
N LYS E 221 -50.70 6.58 2.68
CA LYS E 221 -50.60 7.96 2.23
C LYS E 221 -50.57 8.97 3.39
N VAL E 222 -50.84 8.53 4.63
CA VAL E 222 -50.91 9.40 5.82
C VAL E 222 -49.60 10.19 6.07
N PHE E 223 -48.44 9.57 5.83
CA PHE E 223 -47.14 10.25 6.01
C PHE E 223 -46.97 11.47 5.07
N LEU E 224 -47.57 11.44 3.86
CA LEU E 224 -47.51 12.54 2.90
C LEU E 224 -48.30 13.72 3.45
N ALA E 225 -49.49 13.42 4.01
CA ALA E 225 -50.38 14.40 4.59
C ALA E 225 -49.74 15.01 5.83
N GLN E 226 -49.11 14.18 6.69
CA GLN E 226 -48.43 14.67 7.89
C GLN E 226 -47.32 15.66 7.51
N LYS E 227 -46.39 15.22 6.63
CA LYS E 227 -45.25 16.02 6.17
C LYS E 227 -45.65 17.31 5.45
N MET E 228 -46.71 17.27 4.60
CA MET E 228 -47.18 18.46 3.91
C MET E 228 -47.76 19.46 4.90
N MET E 229 -48.62 18.98 5.82
CA MET E 229 -49.27 19.82 6.81
C MET E 229 -48.28 20.47 7.75
N ILE E 230 -47.31 19.69 8.25
CA ILE E 230 -46.27 20.22 9.14
C ILE E 230 -45.47 21.33 8.43
N GLY E 231 -45.09 21.08 7.18
CA GLY E 231 -44.34 22.03 6.36
C GLY E 231 -45.10 23.31 6.08
N ARG E 232 -46.40 23.18 5.78
CA ARG E 232 -47.24 24.35 5.53
C ARG E 232 -47.46 25.17 6.80
N CYS E 233 -47.57 24.49 7.96
CA CYS E 233 -47.72 25.15 9.26
C CYS E 233 -46.45 25.89 9.62
N ASN E 234 -45.29 25.25 9.37
CA ASN E 234 -43.98 25.85 9.63
C ASN E 234 -43.78 27.14 8.80
N LEU E 235 -44.25 27.09 7.54
CA LEU E 235 -44.19 28.20 6.62
C LEU E 235 -45.08 29.35 7.14
N ALA E 236 -46.29 29.00 7.61
CA ALA E 236 -47.29 29.92 8.15
C ALA E 236 -46.92 30.51 9.54
N GLY E 237 -46.03 29.85 10.27
CA GLY E 237 -45.64 30.25 11.62
C GLY E 237 -46.67 29.88 12.67
N LYS E 238 -47.52 28.86 12.39
CA LYS E 238 -48.59 28.40 13.28
C LYS E 238 -48.27 27.00 13.83
N PRO E 239 -48.62 26.75 15.11
CA PRO E 239 -48.32 25.43 15.69
C PRO E 239 -48.97 24.23 14.99
N VAL E 240 -48.26 23.10 15.00
CA VAL E 240 -48.76 21.87 14.40
C VAL E 240 -48.50 20.70 15.35
N VAL E 241 -49.55 19.92 15.67
CA VAL E 241 -49.46 18.79 16.59
C VAL E 241 -49.47 17.49 15.83
N CYS E 242 -48.56 16.54 16.18
CA CYS E 242 -48.60 15.22 15.58
C CYS E 242 -49.30 14.32 16.60
N ALA E 243 -50.35 13.62 16.18
CA ALA E 243 -51.16 12.83 17.10
C ALA E 243 -51.40 11.39 16.66
N THR E 244 -51.79 10.51 17.64
CA THR E 244 -52.26 9.11 17.52
C THR E 244 -51.21 8.03 17.19
N GLN E 245 -51.19 6.97 18.03
CA GLN E 245 -50.38 5.76 17.94
C GLN E 245 -48.87 6.00 17.90
N MET E 246 -48.38 7.10 18.50
CA MET E 246 -46.95 7.40 18.52
C MET E 246 -46.14 6.36 19.32
N LEU E 247 -46.63 5.97 20.51
CA LEU E 247 -45.98 4.96 21.35
C LEU E 247 -47.04 3.93 21.78
N GLU E 248 -47.92 3.53 20.86
CA GLU E 248 -49.03 2.61 21.11
C GLU E 248 -48.69 1.35 21.93
N SER E 249 -47.55 0.71 21.67
CA SER E 249 -47.15 -0.49 22.42
C SER E 249 -46.93 -0.21 23.91
N MET E 250 -46.65 1.05 24.29
CA MET E 250 -46.46 1.44 25.69
C MET E 250 -47.75 1.43 26.54
N ILE E 251 -48.92 1.18 25.90
CA ILE E 251 -50.18 1.03 26.64
C ILE E 251 -50.08 -0.24 27.51
N THR E 252 -49.53 -1.32 26.94
CA THR E 252 -49.37 -2.60 27.61
C THR E 252 -47.91 -2.89 28.05
N LYS E 253 -46.89 -2.44 27.28
CA LYS E 253 -45.47 -2.73 27.50
C LYS E 253 -44.62 -1.55 28.05
N PRO E 254 -43.58 -1.83 28.87
CA PRO E 254 -42.79 -0.72 29.44
C PRO E 254 -41.79 -0.03 28.48
N ARG E 255 -41.56 -0.64 27.32
CA ARG E 255 -40.65 -0.14 26.30
C ARG E 255 -41.36 -0.09 24.94
N PRO E 256 -41.08 0.94 24.10
CA PRO E 256 -41.74 0.98 22.79
C PRO E 256 -41.00 0.20 21.71
N THR E 257 -41.64 0.03 20.53
CA THR E 257 -41.05 -0.68 19.41
C THR E 257 -40.05 0.23 18.69
N ARG E 258 -39.21 -0.35 17.80
CA ARG E 258 -38.24 0.41 17.04
C ARG E 258 -38.90 1.38 16.08
N ALA E 259 -40.12 1.06 15.61
CA ALA E 259 -40.92 1.90 14.73
C ALA E 259 -41.47 3.12 15.48
N GLU E 260 -41.85 2.93 16.76
CA GLU E 260 -42.42 3.96 17.62
C GLU E 260 -41.45 5.03 18.01
N THR E 261 -40.23 4.63 18.42
CA THR E 261 -39.19 5.63 18.74
C THR E 261 -38.82 6.42 17.47
N SER E 262 -38.72 5.70 16.32
CA SER E 262 -38.46 6.29 15.01
C SER E 262 -39.54 7.31 14.65
N ASP E 263 -40.82 6.96 14.86
CA ASP E 263 -41.96 7.81 14.57
C ASP E 263 -41.92 9.13 15.36
N VAL E 264 -41.68 9.07 16.68
CA VAL E 264 -41.62 10.24 17.55
C VAL E 264 -40.51 11.17 17.09
N ALA E 265 -39.33 10.60 16.83
CA ALA E 265 -38.16 11.35 16.39
C ALA E 265 -38.39 12.00 15.04
N ASN E 266 -39.08 11.29 14.14
CA ASN E 266 -39.35 11.82 12.82
C ASN E 266 -40.42 12.91 12.82
N ALA E 267 -41.40 12.86 13.74
CA ALA E 267 -42.39 13.93 13.86
C ALA E 267 -41.69 15.23 14.28
N VAL E 268 -40.72 15.14 15.21
CA VAL E 268 -39.92 16.27 15.66
C VAL E 268 -39.05 16.75 14.49
N LEU E 269 -38.36 15.83 13.81
CA LEU E 269 -37.52 16.19 12.67
C LEU E 269 -38.30 16.86 11.54
N ASP E 270 -39.57 16.44 11.30
CA ASP E 270 -40.46 17.02 10.29
C ASP E 270 -40.75 18.51 10.58
N GLY E 271 -40.80 18.87 11.86
CA GLY E 271 -41.06 20.23 12.30
C GLY E 271 -42.31 20.37 13.14
N ALA E 272 -42.75 19.29 13.82
CA ALA E 272 -43.95 19.35 14.65
C ALA E 272 -43.65 20.15 15.91
N ASP E 273 -44.56 21.07 16.26
CA ASP E 273 -44.43 21.89 17.45
C ASP E 273 -44.76 21.07 18.71
N CYS E 274 -45.74 20.14 18.60
CA CYS E 274 -46.20 19.30 19.69
C CYS E 274 -46.29 17.84 19.29
N ILE E 275 -46.11 16.95 20.26
CA ILE E 275 -46.31 15.52 20.10
C ILE E 275 -47.34 15.07 21.14
N MET E 276 -48.18 14.07 20.80
CA MET E 276 -49.27 13.66 21.67
C MET E 276 -49.29 12.18 22.08
N LEU E 277 -49.89 11.91 23.25
CA LEU E 277 -50.08 10.57 23.77
C LEU E 277 -51.57 10.42 24.04
N SER E 278 -52.25 9.48 23.36
CA SER E 278 -53.68 9.29 23.57
C SER E 278 -53.93 8.16 24.61
N GLY E 279 -54.09 6.90 24.15
CA GLY E 279 -54.32 5.74 24.99
C GLY E 279 -53.10 5.28 25.79
N GLU E 280 -51.93 5.86 25.51
CA GLU E 280 -50.64 5.62 26.17
C GLU E 280 -50.64 6.21 27.60
N THR E 281 -51.34 7.35 27.80
CA THR E 281 -51.46 7.98 29.12
C THR E 281 -52.89 7.88 29.69
N ALA E 282 -53.92 7.99 28.85
CA ALA E 282 -55.30 7.94 29.32
C ALA E 282 -55.70 6.59 29.92
N LYS E 283 -55.32 5.47 29.29
CA LYS E 283 -55.71 4.14 29.77
C LYS E 283 -54.56 3.12 29.92
N GLY E 284 -53.36 3.48 29.49
CA GLY E 284 -52.22 2.59 29.52
C GLY E 284 -51.56 2.40 30.86
N ASN E 285 -50.91 1.22 31.05
CA ASN E 285 -50.21 0.81 32.26
C ASN E 285 -48.96 1.65 32.55
N PHE E 286 -48.44 2.38 31.54
CA PHE E 286 -47.24 3.18 31.72
C PHE E 286 -47.46 4.64 31.26
N PRO E 287 -48.27 5.44 31.96
CA PRO E 287 -48.48 6.83 31.50
C PRO E 287 -47.29 7.76 31.77
N VAL E 288 -46.69 7.67 32.96
CA VAL E 288 -45.52 8.49 33.28
C VAL E 288 -44.30 8.07 32.42
N GLU E 289 -44.19 6.76 32.13
CA GLU E 289 -43.10 6.22 31.32
C GLU E 289 -43.22 6.62 29.85
N ALA E 290 -44.47 6.80 29.36
CA ALA E 290 -44.68 7.24 27.97
C ALA E 290 -44.28 8.70 27.82
N VAL E 291 -44.55 9.54 28.86
CA VAL E 291 -44.17 10.96 28.87
C VAL E 291 -42.64 11.08 28.92
N LYS E 292 -42.00 10.30 29.80
CA LYS E 292 -40.54 10.28 29.93
C LYS E 292 -39.88 9.86 28.61
N MET E 293 -40.46 8.87 27.93
CA MET E 293 -39.95 8.39 26.65
C MET E 293 -40.08 9.45 25.55
N GLN E 294 -41.25 10.12 25.45
CA GLN E 294 -41.43 11.20 24.47
C GLN E 294 -40.46 12.34 24.76
N HIS E 295 -40.20 12.64 26.03
CA HIS E 295 -39.25 13.68 26.40
C HIS E 295 -37.84 13.31 25.91
N ALA E 296 -37.40 12.07 26.22
CA ALA E 296 -36.07 11.57 25.86
C ALA E 296 -35.79 11.58 24.35
N ILE E 297 -36.76 11.10 23.53
CA ILE E 297 -36.65 11.05 22.09
C ILE E 297 -36.62 12.47 21.49
N ALA E 298 -37.55 13.35 21.93
CA ALA E 298 -37.61 14.72 21.41
C ALA E 298 -36.29 15.48 21.63
N ARG E 299 -35.71 15.42 22.82
CA ARG E 299 -34.43 16.04 23.15
C ARG E 299 -33.32 15.66 22.16
N GLU E 300 -33.25 14.35 21.80
CA GLU E 300 -32.26 13.82 20.87
C GLU E 300 -32.52 14.33 19.45
N ALA E 301 -33.78 14.26 19.01
CA ALA E 301 -34.24 14.65 17.68
C ALA E 301 -34.03 16.13 17.40
N GLU E 302 -34.21 16.99 18.41
CA GLU E 302 -34.04 18.44 18.25
C GLU E 302 -32.57 18.81 18.01
N ALA E 303 -31.64 18.09 18.65
CA ALA E 303 -30.22 18.33 18.45
C ALA E 303 -29.82 17.93 17.01
N ALA E 304 -30.42 16.85 16.48
CA ALA E 304 -30.19 16.34 15.13
C ALA E 304 -30.86 17.16 14.00
N VAL E 305 -31.54 18.26 14.33
CA VAL E 305 -32.15 19.11 13.32
C VAL E 305 -31.06 19.87 12.56
N TYR E 306 -31.11 19.83 11.21
CA TYR E 306 -30.14 20.51 10.35
C TYR E 306 -30.46 22.00 10.27
N HIS E 307 -30.12 22.77 11.32
CA HIS E 307 -30.42 24.19 11.40
C HIS E 307 -29.85 25.03 10.26
N ARG E 308 -28.68 24.66 9.71
CA ARG E 308 -28.08 25.41 8.61
C ARG E 308 -29.04 25.63 7.43
N GLN E 309 -29.64 24.55 6.93
CA GLN E 309 -30.59 24.67 5.83
C GLN E 309 -31.98 25.06 6.34
N LEU E 310 -32.38 24.59 7.53
CA LEU E 310 -33.68 24.95 8.10
C LEU E 310 -33.85 26.46 8.24
N PHE E 311 -32.91 27.13 8.92
CA PHE E 311 -32.99 28.57 9.13
C PHE E 311 -32.94 29.32 7.83
N GLU E 312 -32.05 28.91 6.93
CA GLU E 312 -31.91 29.54 5.62
C GLU E 312 -33.15 29.48 4.76
N GLU E 313 -33.83 28.32 4.78
CA GLU E 313 -35.06 28.12 4.02
C GLU E 313 -36.21 28.88 4.66
N LEU E 314 -36.29 28.88 6.01
CA LEU E 314 -37.32 29.61 6.75
C LEU E 314 -37.13 31.11 6.53
N ARG E 315 -35.88 31.58 6.53
CA ARG E 315 -35.43 32.94 6.32
C ARG E 315 -35.88 33.48 4.95
N ARG E 316 -35.67 32.70 3.87
CA ARG E 316 -36.02 33.07 2.52
C ARG E 316 -37.53 33.02 2.33
N ALA E 317 -38.19 31.97 2.88
CA ALA E 317 -39.64 31.72 2.72
C ALA E 317 -40.56 32.65 3.49
N ALA E 318 -40.09 33.20 4.61
CA ALA E 318 -40.88 34.16 5.38
C ALA E 318 -40.87 35.45 4.58
N PRO E 319 -42.05 35.97 4.20
CA PRO E 319 -42.09 37.15 3.37
C PRO E 319 -41.56 38.38 4.07
N LEU E 320 -41.22 39.42 3.27
CA LEU E 320 -40.76 40.70 3.81
C LEU E 320 -41.88 41.29 4.66
N SER E 321 -41.49 42.00 5.72
CA SER E 321 -42.47 42.56 6.64
C SER E 321 -42.06 43.92 7.09
N ARG E 322 -43.06 44.77 7.29
CA ARG E 322 -42.83 46.09 7.85
C ARG E 322 -43.33 46.19 9.31
N ASP E 323 -43.56 45.03 9.98
CA ASP E 323 -44.00 44.96 11.36
C ASP E 323 -42.75 44.85 12.21
N PRO E 324 -42.52 45.83 13.10
CA PRO E 324 -41.31 45.81 13.92
C PRO E 324 -41.14 44.55 14.76
N THR E 325 -42.23 43.90 15.19
CA THR E 325 -42.16 42.66 15.96
C THR E 325 -41.55 41.57 15.07
N GLU E 326 -42.04 41.46 13.83
CA GLU E 326 -41.57 40.49 12.84
C GLU E 326 -40.12 40.70 12.44
N VAL E 327 -39.71 41.97 12.30
CA VAL E 327 -38.36 42.37 11.93
C VAL E 327 -37.38 42.13 13.07
N THR E 328 -37.77 42.47 14.29
CA THR E 328 -36.94 42.26 15.47
C THR E 328 -36.74 40.76 15.72
N ALA E 329 -37.77 39.93 15.44
CA ALA E 329 -37.71 38.48 15.63
C ALA E 329 -36.63 37.83 14.76
N ILE E 330 -36.56 38.19 13.47
CA ILE E 330 -35.54 37.62 12.59
C ILE E 330 -34.13 38.17 12.92
N GLY E 331 -34.05 39.42 13.34
CA GLY E 331 -32.78 40.01 13.74
C GLY E 331 -32.24 39.34 14.99
N ALA E 332 -33.12 39.04 15.97
CA ALA E 332 -32.75 38.38 17.23
C ALA E 332 -32.32 36.95 17.04
N VAL E 333 -33.01 36.20 16.18
CA VAL E 333 -32.67 34.81 15.90
C VAL E 333 -31.31 34.76 15.18
N GLU E 334 -31.06 35.69 14.24
CA GLU E 334 -29.77 35.78 13.54
C GLU E 334 -28.64 36.11 14.53
N ALA E 335 -28.90 37.03 15.46
CA ALA E 335 -27.92 37.42 16.47
C ALA E 335 -27.61 36.23 17.39
N ALA E 336 -28.65 35.46 17.78
CA ALA E 336 -28.52 34.28 18.63
C ALA E 336 -27.66 33.20 17.99
N PHE E 337 -27.76 33.03 16.67
CA PHE E 337 -26.97 32.03 15.97
C PHE E 337 -25.49 32.44 15.90
N LYS E 338 -25.23 33.74 15.67
CA LYS E 338 -23.89 34.31 15.55
C LYS E 338 -23.01 34.11 16.78
N CYS E 339 -23.59 34.19 17.97
CA CYS E 339 -22.82 34.04 19.21
C CYS E 339 -23.07 32.74 19.98
N CYS E 340 -23.94 31.85 19.45
CA CYS E 340 -24.36 30.61 20.11
C CYS E 340 -24.99 30.96 21.45
N ALA E 341 -25.96 31.88 21.38
CA ALA E 341 -26.69 32.38 22.54
C ALA E 341 -27.37 31.25 23.26
N ALA E 342 -27.26 31.24 24.59
CA ALA E 342 -27.87 30.20 25.39
C ALA E 342 -29.41 30.31 25.35
N ALA E 343 -29.93 31.53 25.26
CA ALA E 343 -31.36 31.77 25.26
C ALA E 343 -31.70 33.13 24.67
N ILE E 344 -32.96 33.30 24.26
CA ILE E 344 -33.53 34.55 23.82
C ILE E 344 -34.61 34.84 24.86
N ILE E 345 -34.46 35.91 25.65
CA ILE E 345 -35.45 36.27 26.67
C ILE E 345 -36.37 37.32 26.08
N VAL E 346 -37.66 37.03 25.96
CA VAL E 346 -38.62 37.94 25.36
C VAL E 346 -39.77 38.30 26.32
N LEU E 347 -40.13 39.59 26.35
CA LEU E 347 -41.22 40.14 27.16
C LEU E 347 -42.47 40.11 26.28
N THR E 348 -43.46 39.29 26.64
CA THR E 348 -44.68 39.18 25.83
C THR E 348 -45.95 39.26 26.67
N THR E 349 -47.03 39.81 26.08
CA THR E 349 -48.30 39.95 26.77
C THR E 349 -49.28 38.87 26.27
N THR E 350 -49.38 38.74 24.94
CA THR E 350 -50.27 37.77 24.30
C THR E 350 -49.58 36.48 23.82
N GLY E 351 -48.26 36.43 23.90
CA GLY E 351 -47.46 35.31 23.40
C GLY E 351 -47.00 35.49 21.96
N ARG E 352 -47.48 36.54 21.27
CA ARG E 352 -47.17 36.79 19.87
C ARG E 352 -45.68 36.99 19.59
N SER E 353 -44.96 37.82 20.39
CA SER E 353 -43.53 38.04 20.18
C SER E 353 -42.72 36.76 20.31
N ALA E 354 -43.10 35.90 21.26
CA ALA E 354 -42.44 34.62 21.44
C ALA E 354 -42.75 33.71 20.24
N GLN E 355 -43.99 33.75 19.71
CA GLN E 355 -44.39 32.94 18.57
C GLN E 355 -43.58 33.32 17.34
N LEU E 356 -43.35 34.64 17.12
CA LEU E 356 -42.56 35.13 15.98
C LEU E 356 -41.09 34.78 16.08
N LEU E 357 -40.56 34.59 17.29
CA LEU E 357 -39.18 34.16 17.47
C LEU E 357 -39.11 32.65 17.13
N SER E 358 -40.10 31.86 17.65
CA SER E 358 -40.24 30.40 17.47
CA SER E 358 -40.20 30.41 17.47
C SER E 358 -40.30 29.96 16.02
N ARG E 359 -41.04 30.68 15.18
CA ARG E 359 -41.23 30.34 13.76
C ARG E 359 -39.91 30.22 12.98
N TYR E 360 -38.83 30.93 13.42
CA TYR E 360 -37.51 30.86 12.80
C TYR E 360 -36.64 29.71 13.32
N ARG E 361 -37.20 28.86 14.22
CA ARG E 361 -36.57 27.68 14.81
C ARG E 361 -35.14 27.92 15.31
N PRO E 362 -34.95 28.86 16.24
CA PRO E 362 -33.59 29.07 16.79
C PRO E 362 -33.15 27.88 17.65
N ARG E 363 -31.84 27.69 17.77
CA ARG E 363 -31.31 26.66 18.67
C ARG E 363 -31.38 27.18 20.13
N ALA E 364 -31.34 28.52 20.34
CA ALA E 364 -31.45 29.14 21.66
C ALA E 364 -32.90 29.04 22.17
N ALA E 365 -33.06 28.79 23.46
CA ALA E 365 -34.37 28.66 24.07
C ALA E 365 -35.05 29.99 24.10
N VAL E 366 -36.34 30.04 23.73
CA VAL E 366 -37.10 31.28 23.82
C VAL E 366 -37.74 31.35 25.19
N ILE E 367 -37.08 32.01 26.15
CA ILE E 367 -37.61 32.19 27.49
C ILE E 367 -38.60 33.35 27.45
N ALA E 368 -39.89 33.05 27.51
CA ALA E 368 -40.93 34.08 27.42
C ALA E 368 -41.42 34.48 28.80
N VAL E 369 -41.23 35.75 29.18
CA VAL E 369 -41.69 36.29 30.46
C VAL E 369 -43.01 37.04 30.25
N THR E 370 -44.10 36.49 30.79
CA THR E 370 -45.42 37.07 30.66
C THR E 370 -46.15 37.16 31.98
N ARG E 371 -47.05 38.13 32.09
CA ARG E 371 -47.92 38.27 33.23
C ARG E 371 -49.26 37.53 32.99
N SER E 372 -49.57 37.17 31.72
CA SER E 372 -50.79 36.47 31.38
C SER E 372 -50.64 34.97 31.62
N ALA E 373 -51.43 34.43 32.56
CA ALA E 373 -51.42 33.01 32.88
C ALA E 373 -51.91 32.20 31.68
N GLN E 374 -52.94 32.70 30.99
CA GLN E 374 -53.47 32.06 29.78
C GLN E 374 -52.40 32.02 28.67
N ALA E 375 -51.73 33.16 28.39
CA ALA E 375 -50.66 33.21 27.40
C ALA E 375 -49.52 32.27 27.77
N ALA E 376 -49.14 32.20 29.06
CA ALA E 376 -48.07 31.31 29.52
C ALA E 376 -48.42 29.84 29.26
N ARG E 377 -49.69 29.47 29.38
CA ARG E 377 -50.12 28.10 29.13
C ARG E 377 -50.18 27.83 27.63
N GLN E 378 -50.74 28.78 26.86
CA GLN E 378 -50.88 28.64 25.40
C GLN E 378 -49.57 28.67 24.58
N VAL E 379 -48.48 29.29 25.08
CA VAL E 379 -47.22 29.29 24.33
C VAL E 379 -46.55 27.92 24.28
N HIS E 380 -47.06 26.92 25.03
CA HIS E 380 -46.58 25.54 24.93
C HIS E 380 -46.87 24.98 23.52
N LEU E 381 -47.86 25.55 22.80
CA LEU E 381 -48.16 25.16 21.44
C LEU E 381 -46.98 25.50 20.52
N CYS E 382 -46.16 26.52 20.84
CA CYS E 382 -45.00 26.89 20.03
C CYS E 382 -43.72 26.22 20.49
N ARG E 383 -43.05 25.53 19.56
CA ARG E 383 -41.83 24.82 19.85
C ARG E 383 -40.71 25.77 20.27
N GLY E 384 -40.03 25.42 21.33
CA GLY E 384 -38.89 26.19 21.81
C GLY E 384 -39.23 27.35 22.71
N VAL E 385 -40.52 27.55 23.03
CA VAL E 385 -40.93 28.61 23.92
C VAL E 385 -41.10 28.03 25.32
N PHE E 386 -40.37 28.62 26.28
CA PHE E 386 -40.36 28.22 27.68
C PHE E 386 -41.00 29.34 28.50
N PRO E 387 -42.31 29.19 28.81
CA PRO E 387 -43.00 30.28 29.52
C PRO E 387 -42.66 30.41 30.99
N LEU E 388 -42.59 31.66 31.46
CA LEU E 388 -42.37 32.00 32.85
C LEU E 388 -43.49 32.95 33.25
N LEU E 389 -44.24 32.64 34.32
CA LEU E 389 -45.31 33.51 34.78
C LEU E 389 -44.77 34.48 35.83
N TYR E 390 -44.81 35.78 35.52
CA TYR E 390 -44.33 36.82 36.41
C TYR E 390 -45.51 37.26 37.29
N ARG E 391 -45.36 37.09 38.62
CA ARG E 391 -46.42 37.38 39.58
C ARG E 391 -46.27 38.72 40.31
N GLU E 392 -45.08 39.34 40.25
CA GLU E 392 -44.79 40.61 40.92
C GLU E 392 -45.63 41.78 40.42
N PRO E 393 -45.95 42.74 41.30
CA PRO E 393 -46.75 43.88 40.85
C PRO E 393 -45.93 44.88 40.05
N PRO E 394 -46.59 45.59 39.11
CA PRO E 394 -45.86 46.56 38.27
C PRO E 394 -45.17 47.70 39.02
N GLU E 395 -43.92 48.00 38.66
CA GLU E 395 -43.14 49.10 39.22
C GLU E 395 -43.66 50.43 38.70
N ALA E 396 -43.40 51.53 39.41
CA ALA E 396 -43.83 52.86 39.01
C ALA E 396 -43.16 53.29 37.68
N ILE E 397 -41.84 53.07 37.57
CA ILE E 397 -41.10 53.39 36.35
C ILE E 397 -41.17 52.16 35.42
N TRP E 398 -41.75 52.30 34.22
CA TRP E 398 -41.85 51.17 33.28
C TRP E 398 -40.47 50.60 32.91
N ALA E 399 -39.46 51.50 32.79
CA ALA E 399 -38.05 51.19 32.50
C ALA E 399 -37.45 50.19 33.51
N ASP E 400 -37.91 50.26 34.76
CA ASP E 400 -37.46 49.42 35.87
C ASP E 400 -38.24 48.11 35.95
N ASP E 401 -39.54 48.15 35.60
CA ASP E 401 -40.42 46.99 35.57
C ASP E 401 -39.96 45.99 34.51
N VAL E 402 -39.48 46.49 33.38
CA VAL E 402 -38.96 45.66 32.32
C VAL E 402 -37.67 44.98 32.81
N ASP E 403 -36.74 45.75 33.41
CA ASP E 403 -35.48 45.21 33.95
C ASP E 403 -35.69 44.12 34.97
N ARG E 404 -36.76 44.22 35.77
CA ARG E 404 -37.08 43.20 36.77
C ARG E 404 -37.57 41.92 36.09
N ARG E 405 -38.35 42.07 35.00
CA ARG E 405 -38.88 40.96 34.19
C ARG E 405 -37.79 40.24 33.38
N VAL E 406 -36.69 40.95 33.06
CA VAL E 406 -35.52 40.40 32.36
C VAL E 406 -34.66 39.63 33.38
N GLN E 407 -34.50 40.19 34.59
CA GLN E 407 -33.74 39.54 35.65
C GLN E 407 -34.44 38.29 36.17
N PHE E 408 -35.78 38.29 36.17
CA PHE E 408 -36.59 37.13 36.54
C PHE E 408 -36.32 35.98 35.56
N GLY E 409 -36.21 36.32 34.27
CA GLY E 409 -35.91 35.37 33.21
C GLY E 409 -34.50 34.81 33.32
N ILE E 410 -33.53 35.66 33.73
CA ILE E 410 -32.15 35.20 33.91
C ILE E 410 -32.04 34.29 35.12
N GLU E 411 -32.65 34.69 36.23
CA GLU E 411 -32.62 33.89 37.45
C GLU E 411 -33.35 32.57 37.25
N SER E 412 -34.50 32.57 36.53
CA SER E 412 -35.20 31.32 36.26
C SER E 412 -34.36 30.40 35.37
N GLY E 413 -33.71 30.97 34.37
CA GLY E 413 -32.88 30.21 33.44
C GLY E 413 -31.63 29.67 34.10
N LYS E 414 -31.04 30.44 35.02
CA LYS E 414 -29.85 30.00 35.73
C LYS E 414 -30.20 28.79 36.60
N LEU E 415 -31.30 28.90 37.34
CA LEU E 415 -31.83 27.88 38.22
C LEU E 415 -32.23 26.64 37.43
N ARG E 416 -32.87 26.81 36.25
CA ARG E 416 -33.32 25.65 35.48
C ARG E 416 -32.25 25.02 34.58
N GLY E 417 -31.04 25.57 34.57
CA GLY E 417 -29.93 25.02 33.80
C GLY E 417 -29.72 25.57 32.41
N PHE E 418 -30.60 26.46 31.93
CA PHE E 418 -30.47 27.08 30.60
C PHE E 418 -29.28 28.02 30.53
N LEU E 419 -28.96 28.70 31.64
CA LEU E 419 -27.92 29.71 31.64
C LEU E 419 -26.85 29.48 32.67
N ARG E 420 -25.65 29.88 32.31
CA ARG E 420 -24.50 29.87 33.19
C ARG E 420 -23.83 31.24 33.07
N VAL E 421 -22.92 31.56 33.99
CA VAL E 421 -22.19 32.83 33.95
C VAL E 421 -21.18 32.76 32.79
N GLY E 422 -21.11 33.83 32.00
CA GLY E 422 -20.24 33.85 30.83
C GLY E 422 -21.00 33.67 29.52
N ASP E 423 -22.20 33.05 29.59
CA ASP E 423 -23.08 32.83 28.45
C ASP E 423 -23.58 34.16 27.85
N LEU E 424 -23.98 34.13 26.58
CA LEU E 424 -24.55 35.32 25.95
C LEU E 424 -26.05 35.09 25.73
N VAL E 425 -26.87 36.10 25.97
CA VAL E 425 -28.31 36.00 25.75
C VAL E 425 -28.81 37.17 24.91
N ILE E 426 -29.89 36.95 24.16
CA ILE E 426 -30.50 38.01 23.38
C ILE E 426 -31.75 38.42 24.12
N VAL E 427 -31.90 39.70 24.44
CA VAL E 427 -33.08 40.18 25.14
C VAL E 427 -33.96 40.98 24.18
N VAL E 428 -35.22 40.56 24.02
CA VAL E 428 -36.18 41.19 23.12
C VAL E 428 -37.30 41.87 23.92
N THR E 429 -37.40 43.21 23.81
CA THR E 429 -38.36 44.07 24.51
C THR E 429 -39.04 45.10 23.54
N GLY E 430 -39.91 45.96 24.09
CA GLY E 430 -40.57 46.99 23.31
C GLY E 430 -40.15 48.39 23.74
N TRP E 431 -40.70 49.41 23.07
CA TRP E 431 -40.40 50.81 23.40
C TRP E 431 -41.45 51.45 24.35
N ARG E 432 -42.68 50.89 24.35
CA ARG E 432 -43.80 51.32 25.17
C ARG E 432 -44.63 50.09 25.60
N PRO E 433 -45.34 50.17 26.75
CA PRO E 433 -46.15 49.03 27.19
C PRO E 433 -47.36 48.76 26.30
N GLY E 434 -47.96 47.60 26.46
CA GLY E 434 -49.10 47.20 25.64
C GLY E 434 -48.64 46.25 24.56
N SER E 435 -49.56 45.44 24.04
CA SER E 435 -49.24 44.46 23.03
C SER E 435 -48.91 45.06 21.65
N GLY E 436 -47.96 44.44 20.97
CA GLY E 436 -47.57 44.79 19.61
C GLY E 436 -46.48 45.82 19.40
N TYR E 437 -45.77 46.24 20.46
CA TYR E 437 -44.73 47.28 20.31
C TYR E 437 -43.30 46.77 20.44
N THR E 438 -43.07 45.45 20.28
CA THR E 438 -41.74 44.86 20.36
C THR E 438 -40.87 45.39 19.22
N ASN E 439 -39.74 46.03 19.54
CA ASN E 439 -38.85 46.59 18.50
C ASN E 439 -37.36 46.65 18.90
N ILE E 440 -37.00 46.13 20.07
CA ILE E 440 -35.64 46.22 20.57
C ILE E 440 -34.98 44.85 20.79
N MET E 441 -33.69 44.77 20.47
CA MET E 441 -32.89 43.57 20.67
CA MET E 441 -32.86 43.58 20.61
C MET E 441 -31.57 43.97 21.34
N ARG E 442 -31.22 43.28 22.42
CA ARG E 442 -30.02 43.58 23.18
C ARG E 442 -29.17 42.36 23.34
N VAL E 443 -27.84 42.51 23.21
CA VAL E 443 -26.93 41.39 23.42
C VAL E 443 -26.36 41.52 24.84
N LEU E 444 -26.69 40.57 25.73
CA LEU E 444 -26.31 40.61 27.13
C LEU E 444 -25.40 39.46 27.56
N SER E 445 -24.41 39.75 28.42
CA SER E 445 -23.51 38.72 28.93
CA SER E 445 -23.50 38.73 28.93
C SER E 445 -23.96 38.34 30.33
N ILE E 446 -24.22 37.05 30.58
CA ILE E 446 -24.67 36.59 31.90
C ILE E 446 -23.59 36.77 32.95
N SER E 447 -23.91 37.55 33.99
CA SER E 447 -23.00 37.82 35.09
C SER E 447 -23.45 37.13 36.39
N ALA F 13 -44.70 35.31 -3.86
CA ALA F 13 -45.44 35.07 -2.62
C ALA F 13 -44.69 35.63 -1.39
N ASP F 14 -43.35 35.62 -1.43
CA ASP F 14 -42.56 36.20 -0.34
C ASP F 14 -42.47 37.76 -0.45
N VAL F 15 -43.04 38.36 -1.51
CA VAL F 15 -43.08 39.80 -1.71
C VAL F 15 -44.53 40.33 -1.84
N ALA F 16 -45.52 39.47 -2.17
CA ALA F 16 -46.95 39.76 -2.38
C ALA F 16 -47.55 40.86 -1.47
N GLN F 17 -47.31 40.79 -0.15
CA GLN F 17 -47.83 41.79 0.77
C GLN F 17 -47.06 43.11 0.68
N LEU F 18 -45.71 43.08 0.65
CA LEU F 18 -44.95 44.32 0.51
C LEU F 18 -45.09 44.96 -0.87
N THR F 19 -45.55 44.19 -1.87
CA THR F 19 -45.84 44.62 -3.24
C THR F 19 -47.12 45.45 -3.22
N GLN F 20 -48.14 44.96 -2.52
CA GLN F 20 -49.39 45.66 -2.33
C GLN F 20 -49.15 46.98 -1.55
N GLU F 21 -48.27 46.95 -0.53
CA GLU F 21 -47.93 48.08 0.34
C GLU F 21 -47.03 49.14 -0.30
N LEU F 22 -45.81 48.78 -0.71
CA LEU F 22 -44.84 49.69 -1.33
C LEU F 22 -45.12 49.99 -2.81
N GLY F 23 -45.90 49.11 -3.45
CA GLY F 23 -46.31 49.27 -4.83
C GLY F 23 -45.51 48.49 -5.85
N THR F 24 -46.04 48.36 -7.06
CA THR F 24 -45.32 47.67 -8.12
C THR F 24 -44.17 48.53 -8.65
N ALA F 25 -44.27 49.87 -8.57
CA ALA F 25 -43.21 50.73 -9.06
C ALA F 25 -41.96 50.66 -8.18
N PHE F 26 -42.12 50.41 -6.86
CA PHE F 26 -40.96 50.31 -5.96
C PHE F 26 -40.11 49.10 -6.32
N PHE F 27 -40.78 47.98 -6.60
CA PHE F 27 -40.14 46.70 -6.89
C PHE F 27 -39.58 46.59 -8.31
N GLN F 28 -39.72 47.64 -9.16
CA GLN F 28 -39.10 47.65 -10.49
C GLN F 28 -37.76 48.42 -10.44
N GLN F 29 -37.59 49.37 -9.50
CA GLN F 29 -36.39 50.18 -9.33
C GLN F 29 -35.25 49.42 -8.63
N GLN F 30 -34.03 50.01 -8.63
CA GLN F 30 -32.75 49.56 -8.05
C GLN F 30 -32.48 48.05 -8.23
N GLN F 31 -32.79 47.52 -9.44
CA GLN F 31 -32.62 46.11 -9.85
C GLN F 31 -33.21 45.14 -8.86
N LEU F 32 -34.37 45.49 -8.29
CA LEU F 32 -35.02 44.64 -7.32
C LEU F 32 -35.50 43.31 -7.92
N PRO F 33 -36.01 43.21 -9.18
CA PRO F 33 -36.39 41.89 -9.69
C PRO F 33 -35.18 40.97 -9.83
N ALA F 34 -34.02 41.54 -10.24
CA ALA F 34 -32.75 40.85 -10.42
C ALA F 34 -32.18 40.36 -9.07
N ALA F 35 -32.33 41.15 -7.99
CA ALA F 35 -31.82 40.77 -6.67
C ALA F 35 -32.67 39.70 -5.97
N MET F 36 -33.95 39.57 -6.35
CA MET F 36 -34.88 38.56 -5.79
C MET F 36 -34.71 37.18 -6.45
N ALA F 37 -33.93 37.09 -7.55
CA ALA F 37 -33.71 35.86 -8.31
C ALA F 37 -33.08 34.76 -7.46
N ASP F 38 -33.49 33.49 -7.69
CA ASP F 38 -33.01 32.31 -6.97
C ASP F 38 -31.62 31.87 -7.39
N THR F 39 -31.21 32.19 -8.64
CA THR F 39 -29.88 31.86 -9.15
C THR F 39 -29.19 33.09 -9.72
N PHE F 40 -27.86 33.03 -9.83
CA PHE F 40 -27.04 34.09 -10.40
C PHE F 40 -27.30 34.24 -11.92
N LEU F 41 -27.61 33.14 -12.63
CA LEU F 41 -27.93 33.19 -14.04
C LEU F 41 -29.25 33.95 -14.22
N GLU F 42 -30.25 33.65 -13.38
CA GLU F 42 -31.55 34.31 -13.38
C GLU F 42 -31.39 35.81 -13.03
N HIS F 43 -30.47 36.11 -12.11
CA HIS F 43 -30.14 37.47 -11.68
C HIS F 43 -29.64 38.27 -12.87
N LEU F 44 -28.71 37.68 -13.66
CA LEU F 44 -28.15 38.35 -14.84
C LEU F 44 -29.24 38.60 -15.87
N CYS F 45 -30.09 37.60 -16.13
CA CYS F 45 -31.20 37.73 -17.08
C CYS F 45 -32.21 38.79 -16.69
N LEU F 46 -32.37 39.05 -15.37
CA LEU F 46 -33.33 40.03 -14.85
C LEU F 46 -32.77 41.44 -14.74
N LEU F 47 -31.53 41.71 -15.19
CA LEU F 47 -30.99 43.07 -15.11
C LEU F 47 -31.74 43.93 -16.13
N ASP F 48 -32.20 45.10 -15.71
CA ASP F 48 -33.01 45.99 -16.54
C ASP F 48 -32.34 47.36 -16.66
N ILE F 49 -32.11 47.85 -17.90
CA ILE F 49 -31.52 49.18 -18.09
C ILE F 49 -32.54 50.31 -17.72
N ASP F 50 -33.84 49.99 -17.73
CA ASP F 50 -34.92 50.89 -17.35
C ASP F 50 -35.18 50.94 -15.81
N SER F 51 -34.51 50.07 -15.05
CA SER F 51 -34.58 50.02 -13.62
C SER F 51 -33.58 51.05 -13.09
N GLU F 52 -34.10 52.19 -12.60
CA GLU F 52 -33.26 53.27 -12.11
C GLU F 52 -32.77 53.07 -10.68
N PRO F 53 -31.50 53.44 -10.41
CA PRO F 53 -30.98 53.30 -9.03
C PRO F 53 -31.61 54.33 -8.09
N VAL F 54 -32.09 53.89 -6.91
CA VAL F 54 -32.71 54.83 -5.98
C VAL F 54 -31.75 55.16 -4.86
N ALA F 55 -31.01 54.16 -4.34
CA ALA F 55 -30.07 54.35 -3.25
C ALA F 55 -28.93 55.36 -3.54
N ALA F 56 -28.35 55.95 -2.49
CA ALA F 56 -27.21 56.86 -2.64
C ALA F 56 -25.96 56.04 -2.99
N ARG F 57 -25.01 56.66 -3.67
CA ARG F 57 -23.80 55.98 -4.10
C ARG F 57 -22.91 55.63 -2.93
N SER F 58 -22.72 54.33 -2.69
CA SER F 58 -21.96 53.76 -1.59
C SER F 58 -20.44 53.62 -1.82
N THR F 59 -19.99 53.26 -3.03
CA THR F 59 -18.55 53.12 -3.31
C THR F 59 -17.91 54.49 -3.34
N SER F 60 -16.93 54.71 -2.50
CA SER F 60 -16.30 56.03 -2.38
C SER F 60 -15.34 56.32 -3.52
N ILE F 61 -15.22 57.60 -3.88
CA ILE F 61 -14.37 58.05 -4.97
C ILE F 61 -13.13 58.78 -4.45
N ILE F 62 -11.94 58.27 -4.78
CA ILE F 62 -10.67 58.90 -4.44
C ILE F 62 -10.21 59.67 -5.67
N ALA F 63 -9.97 60.97 -5.52
CA ALA F 63 -9.53 61.79 -6.64
C ALA F 63 -8.13 62.30 -6.36
N THR F 64 -7.21 62.09 -7.31
CA THR F 64 -5.85 62.57 -7.18
C THR F 64 -5.84 64.06 -7.45
N ILE F 65 -5.23 64.84 -6.54
CA ILE F 65 -5.16 66.28 -6.67
C ILE F 65 -3.88 66.67 -7.39
N GLY F 66 -4.02 67.47 -8.43
CA GLY F 66 -2.91 67.95 -9.22
C GLY F 66 -3.18 69.32 -9.78
N PRO F 67 -2.46 69.72 -10.84
CA PRO F 67 -2.70 71.05 -11.42
C PRO F 67 -4.14 71.28 -11.91
N ALA F 68 -4.77 70.25 -12.49
CA ALA F 68 -6.12 70.33 -13.02
C ALA F 68 -7.23 70.42 -11.96
N SER F 69 -6.90 70.12 -10.70
CA SER F 69 -7.90 70.08 -9.64
C SER F 69 -7.40 70.68 -8.33
N ARG F 70 -6.59 71.74 -8.41
CA ARG F 70 -6.00 72.35 -7.22
C ARG F 70 -6.70 73.61 -6.75
N SER F 71 -7.40 74.31 -7.65
CA SER F 71 -8.08 75.56 -7.28
C SER F 71 -9.22 75.31 -6.32
N VAL F 72 -9.42 76.23 -5.36
CA VAL F 72 -10.48 76.10 -4.36
C VAL F 72 -11.87 75.97 -5.02
N GLU F 73 -12.09 76.72 -6.11
CA GLU F 73 -13.34 76.70 -6.86
C GLU F 73 -13.59 75.40 -7.62
N ARG F 74 -12.52 74.79 -8.13
CA ARG F 74 -12.58 73.51 -8.85
C ARG F 74 -12.82 72.38 -7.85
N LEU F 75 -12.17 72.44 -6.68
CA LEU F 75 -12.33 71.45 -5.62
C LEU F 75 -13.77 71.41 -5.09
N LYS F 76 -14.45 72.58 -5.02
CA LYS F 76 -15.86 72.69 -4.61
C LYS F 76 -16.76 71.96 -5.58
N GLU F 77 -16.45 72.05 -6.90
CA GLU F 77 -17.20 71.37 -7.96
CA GLU F 77 -17.26 71.36 -7.90
C GLU F 77 -17.01 69.85 -7.85
N MET F 78 -15.79 69.41 -7.50
CA MET F 78 -15.49 67.98 -7.36
CA MET F 78 -15.49 67.98 -7.36
C MET F 78 -16.16 67.39 -6.13
N ILE F 79 -16.27 68.20 -5.05
CA ILE F 79 -16.95 67.77 -3.83
C ILE F 79 -18.43 67.56 -4.18
N LYS F 80 -19.03 68.52 -4.93
CA LYS F 80 -20.42 68.44 -5.36
C LYS F 80 -20.67 67.27 -6.30
N ALA F 81 -19.66 66.94 -7.16
CA ALA F 81 -19.69 65.83 -8.12
C ALA F 81 -19.59 64.45 -7.45
N GLY F 82 -18.98 64.38 -6.26
CA GLY F 82 -18.88 63.14 -5.52
C GLY F 82 -17.55 62.72 -4.95
N MET F 83 -16.55 63.60 -4.96
CA MET F 83 -15.24 63.26 -4.40
C MET F 83 -15.35 63.03 -2.88
N ASN F 84 -14.83 61.90 -2.38
CA ASN F 84 -14.88 61.60 -0.95
C ASN F 84 -13.51 61.66 -0.31
N ILE F 85 -12.48 61.24 -1.05
CA ILE F 85 -11.10 61.23 -0.57
C ILE F 85 -10.22 61.96 -1.59
N ALA F 86 -9.30 62.81 -1.11
CA ALA F 86 -8.37 63.57 -1.95
C ALA F 86 -6.98 62.94 -1.81
N ARG F 87 -6.44 62.40 -2.92
CA ARG F 87 -5.13 61.76 -2.91
C ARG F 87 -4.01 62.71 -3.30
N LEU F 88 -2.93 62.74 -2.52
CA LEU F 88 -1.76 63.56 -2.82
C LEU F 88 -0.65 62.62 -3.23
N ASN F 89 -0.22 62.68 -4.50
CA ASN F 89 0.86 61.81 -4.97
C ASN F 89 2.22 62.43 -4.64
N PHE F 90 2.92 61.85 -3.66
CA PHE F 90 4.23 62.39 -3.26
C PHE F 90 5.39 62.01 -4.20
N SER F 91 5.08 61.35 -5.34
CA SER F 91 6.06 61.08 -6.40
C SER F 91 6.38 62.38 -7.17
N HIS F 92 5.43 63.33 -7.20
CA HIS F 92 5.55 64.61 -7.88
C HIS F 92 5.21 65.73 -6.89
N GLY F 93 5.91 66.86 -6.99
CA GLY F 93 5.64 68.00 -6.12
C GLY F 93 6.43 68.07 -4.83
N SER F 94 6.64 69.29 -4.34
CA SER F 94 7.37 69.55 -3.11
C SER F 94 6.44 69.54 -1.88
N HIS F 95 7.01 69.58 -0.67
CA HIS F 95 6.21 69.66 0.56
C HIS F 95 5.38 70.95 0.59
N GLU F 96 5.93 72.04 0.06
CA GLU F 96 5.25 73.34 0.00
C GLU F 96 4.04 73.27 -0.94
N TYR F 97 4.18 72.54 -2.05
CA TYR F 97 3.13 72.36 -3.04
C TYR F 97 1.97 71.57 -2.42
N HIS F 98 2.28 70.44 -1.76
CA HIS F 98 1.27 69.60 -1.14
C HIS F 98 0.60 70.25 0.05
N ALA F 99 1.31 71.11 0.82
CA ALA F 99 0.69 71.83 1.92
C ALA F 99 -0.36 72.84 1.39
N GLU F 100 -0.09 73.45 0.22
CA GLU F 100 -1.04 74.38 -0.42
C GLU F 100 -2.25 73.61 -0.91
N SER F 101 -2.06 72.40 -1.43
CA SER F 101 -3.16 71.54 -1.88
C SER F 101 -4.07 71.21 -0.69
N ILE F 102 -3.48 70.78 0.46
CA ILE F 102 -4.18 70.45 1.70
C ILE F 102 -5.03 71.64 2.16
N ALA F 103 -4.44 72.83 2.13
CA ALA F 103 -5.12 74.05 2.54
C ALA F 103 -6.29 74.40 1.60
N ASN F 104 -6.10 74.21 0.29
CA ASN F 104 -7.13 74.50 -0.71
C ASN F 104 -8.30 73.53 -0.57
N VAL F 105 -8.00 72.26 -0.31
CA VAL F 105 -9.00 71.23 -0.09
C VAL F 105 -9.79 71.58 1.17
N ARG F 106 -9.10 71.84 2.30
CA ARG F 106 -9.77 72.20 3.54
C ARG F 106 -10.64 73.45 3.41
N GLU F 107 -10.20 74.44 2.63
CA GLU F 107 -10.96 75.67 2.39
C GLU F 107 -12.25 75.36 1.62
N ALA F 108 -12.16 74.50 0.58
CA ALA F 108 -13.31 74.09 -0.23
C ALA F 108 -14.31 73.23 0.58
N VAL F 109 -13.80 72.34 1.47
CA VAL F 109 -14.66 71.47 2.28
C VAL F 109 -15.37 72.28 3.35
N GLU F 110 -14.64 73.19 4.01
CA GLU F 110 -15.22 74.00 5.08
C GLU F 110 -16.16 75.10 4.58
N SER F 111 -16.20 75.36 3.25
CA SER F 111 -17.15 76.30 2.69
C SER F 111 -18.62 75.80 2.84
N PHE F 112 -18.81 74.49 3.09
CA PHE F 112 -20.14 73.90 3.26
C PHE F 112 -20.52 73.62 4.73
N ALA F 113 -19.60 73.92 5.68
CA ALA F 113 -19.78 73.67 7.13
C ALA F 113 -20.88 74.48 7.81
N GLY F 114 -21.37 75.53 7.13
CA GLY F 114 -22.42 76.38 7.64
C GLY F 114 -23.74 75.67 7.87
N SER F 115 -23.95 74.57 7.16
CA SER F 115 -25.15 73.76 7.30
C SER F 115 -24.70 72.36 7.68
N PRO F 116 -24.61 72.06 8.99
CA PRO F 116 -24.11 70.72 9.41
C PRO F 116 -24.98 69.52 9.02
N LEU F 117 -26.26 69.75 8.66
CA LEU F 117 -27.15 68.67 8.21
C LEU F 117 -26.85 68.25 6.75
N SER F 118 -26.13 69.10 5.97
CA SER F 118 -25.76 68.80 4.59
C SER F 118 -24.22 68.93 4.32
N TYR F 119 -23.40 69.02 5.38
CA TYR F 119 -21.95 69.11 5.28
C TYR F 119 -21.36 67.76 4.92
N ARG F 120 -20.46 67.73 3.93
CA ARG F 120 -19.81 66.48 3.52
C ARG F 120 -18.31 66.44 3.88
N PRO F 121 -17.91 65.55 4.79
CA PRO F 121 -16.48 65.45 5.14
C PRO F 121 -15.67 64.86 3.99
N VAL F 122 -14.42 65.34 3.80
CA VAL F 122 -13.56 64.80 2.75
C VAL F 122 -12.23 64.37 3.36
N ALA F 123 -11.85 63.09 3.19
CA ALA F 123 -10.58 62.59 3.72
C ALA F 123 -9.38 63.06 2.90
N ILE F 124 -8.20 63.16 3.52
CA ILE F 124 -6.97 63.52 2.81
C ILE F 124 -6.01 62.34 2.91
N ALA F 125 -5.59 61.80 1.77
CA ALA F 125 -4.70 60.64 1.75
C ALA F 125 -3.35 60.97 1.14
N LEU F 126 -2.27 60.48 1.75
CA LEU F 126 -0.91 60.71 1.27
C LEU F 126 -0.41 59.45 0.61
N ASP F 127 -0.09 59.52 -0.68
CA ASP F 127 0.44 58.38 -1.40
C ASP F 127 1.96 58.53 -1.44
N THR F 128 2.69 57.64 -0.76
CA THR F 128 4.15 57.72 -0.69
C THR F 128 4.84 57.43 -2.02
N LYS F 129 6.06 57.99 -2.20
CA LYS F 129 6.86 57.81 -3.41
C LYS F 129 7.27 56.35 -3.61
N GLY F 130 7.71 55.70 -2.54
CA GLY F 130 8.10 54.29 -2.59
C GLY F 130 9.58 54.03 -2.37
N PRO F 131 9.93 52.75 -2.16
CA PRO F 131 11.34 52.40 -1.94
C PRO F 131 12.16 52.31 -3.23
N PRO F 135 15.43 48.50 -0.62
CA PRO F 135 14.84 47.43 0.18
C PRO F 135 13.85 47.91 1.27
N GLY F 136 14.30 48.77 2.18
CA GLY F 136 13.45 49.24 3.26
C GLY F 136 12.76 50.55 2.94
N LEU F 137 12.31 51.25 3.98
CA LEU F 137 11.63 52.54 3.83
C LEU F 137 12.66 53.58 3.41
N SER F 138 12.43 54.29 2.30
CA SER F 138 13.38 55.29 1.81
C SER F 138 13.48 56.52 2.74
N GLU F 139 14.55 57.32 2.59
CA GLU F 139 14.73 58.52 3.41
C GLU F 139 13.66 59.54 3.10
N GLN F 140 13.28 59.67 1.81
CA GLN F 140 12.25 60.62 1.39
C GLN F 140 10.90 60.22 1.97
N ASP F 141 10.61 58.91 2.01
CA ASP F 141 9.36 58.42 2.59
C ASP F 141 9.23 58.75 4.07
N VAL F 142 10.33 58.66 4.81
CA VAL F 142 10.33 59.01 6.23
C VAL F 142 9.99 60.49 6.43
N ARG F 143 10.50 61.36 5.54
CA ARG F 143 10.24 62.78 5.60
C ARG F 143 8.80 63.12 5.18
N ASP F 144 8.29 62.44 4.14
CA ASP F 144 6.95 62.63 3.63
C ASP F 144 5.89 62.17 4.64
N LEU F 145 6.18 61.06 5.35
CA LEU F 145 5.28 60.50 6.38
C LEU F 145 5.22 61.43 7.59
N ARG F 146 6.38 62.03 7.97
CA ARG F 146 6.45 63.01 9.05
C ARG F 146 5.58 64.23 8.69
N PHE F 147 5.64 64.65 7.40
CA PHE F 147 4.88 65.76 6.84
C PHE F 147 3.38 65.47 6.98
N GLY F 148 2.97 64.24 6.64
CA GLY F 148 1.58 63.82 6.73
C GLY F 148 1.04 63.90 8.14
N VAL F 149 1.86 63.49 9.11
CA VAL F 149 1.47 63.55 10.52
C VAL F 149 1.31 65.02 10.94
N GLU F 150 2.31 65.86 10.62
CA GLU F 150 2.28 67.29 10.93
C GLU F 150 1.13 68.04 10.27
N HIS F 151 0.66 67.56 9.12
CA HIS F 151 -0.44 68.20 8.42
C HIS F 151 -1.80 67.55 8.60
N GLY F 152 -1.89 66.53 9.45
CA GLY F 152 -3.13 65.87 9.78
C GLY F 152 -3.81 65.08 8.67
N VAL F 153 -3.01 64.29 7.93
CA VAL F 153 -3.60 63.42 6.91
C VAL F 153 -4.33 62.28 7.60
N ASP F 154 -5.37 61.76 6.95
CA ASP F 154 -6.19 60.69 7.53
C ASP F 154 -5.72 59.30 7.09
N ILE F 155 -5.29 59.19 5.82
CA ILE F 155 -4.89 57.90 5.25
C ILE F 155 -3.51 58.00 4.61
N VAL F 156 -2.80 56.88 4.55
CA VAL F 156 -1.51 56.75 3.87
C VAL F 156 -1.65 55.58 2.90
N PHE F 157 -1.32 55.79 1.62
CA PHE F 157 -1.28 54.71 0.66
C PHE F 157 0.19 54.39 0.58
N ALA F 158 0.64 53.37 1.33
CA ALA F 158 2.04 52.98 1.35
C ALA F 158 2.40 52.22 0.08
N SER F 159 3.27 52.82 -0.76
CA SER F 159 3.71 52.23 -2.02
C SER F 159 4.65 51.03 -1.86
N PHE F 160 4.55 50.08 -2.80
CA PHE F 160 5.35 48.87 -2.92
C PHE F 160 5.55 48.07 -1.63
N VAL F 161 4.44 47.73 -0.97
CA VAL F 161 4.49 46.90 0.23
C VAL F 161 4.80 45.46 -0.25
N ARG F 162 5.85 44.84 0.29
CA ARG F 162 6.26 43.48 -0.09
C ARG F 162 6.14 42.44 1.05
N LYS F 163 6.06 42.91 2.29
CA LYS F 163 5.98 42.04 3.47
C LYS F 163 5.39 42.82 4.67
N ALA F 164 5.07 42.12 5.77
CA ALA F 164 4.51 42.78 6.95
C ALA F 164 5.50 43.75 7.64
N SER F 165 6.82 43.49 7.49
CA SER F 165 7.85 44.36 8.06
C SER F 165 7.85 45.76 7.42
N ASP F 166 7.41 45.86 6.15
CA ASP F 166 7.30 47.11 5.42
C ASP F 166 6.18 47.98 6.02
N VAL F 167 5.06 47.35 6.40
CA VAL F 167 3.94 48.05 7.03
C VAL F 167 4.36 48.58 8.41
N ALA F 168 5.13 47.76 9.16
CA ALA F 168 5.64 48.12 10.47
C ALA F 168 6.58 49.33 10.37
N ALA F 169 7.38 49.41 9.28
CA ALA F 169 8.28 50.54 9.04
C ALA F 169 7.51 51.83 8.84
N VAL F 170 6.38 51.76 8.10
CA VAL F 170 5.51 52.93 7.87
C VAL F 170 4.83 53.38 9.15
N ARG F 171 4.36 52.41 9.97
CA ARG F 171 3.70 52.71 11.23
CA ARG F 171 3.70 52.70 11.25
C ARG F 171 4.68 53.37 12.21
N ALA F 172 5.96 52.92 12.19
CA ALA F 172 7.02 53.48 13.03
C ALA F 172 7.38 54.91 12.58
N ALA F 173 7.50 55.15 11.26
CA ALA F 173 7.81 56.49 10.72
C ALA F 173 6.71 57.52 11.03
N LEU F 174 5.46 57.07 11.25
CA LEU F 174 4.36 57.95 11.62
C LEU F 174 4.48 58.44 13.09
N GLY F 175 5.25 57.72 13.92
CA GLY F 175 5.47 58.06 15.32
C GLY F 175 4.28 57.81 16.22
N PRO F 176 4.33 58.37 17.43
CA PRO F 176 3.23 58.18 18.38
C PRO F 176 1.95 58.92 18.00
N GLU F 177 2.09 60.09 17.36
CA GLU F 177 0.97 60.91 16.94
C GLU F 177 0.25 60.41 15.68
N GLY F 178 0.92 59.60 14.88
CA GLY F 178 0.33 59.02 13.68
C GLY F 178 -0.28 57.65 13.91
N HIS F 179 -0.77 57.40 15.10
CA HIS F 179 -1.40 56.13 15.47
C HIS F 179 -2.82 55.99 14.86
N GLY F 180 -3.53 57.11 14.73
CA GLY F 180 -4.87 57.14 14.21
C GLY F 180 -4.97 57.11 12.69
N ILE F 181 -3.85 57.35 11.99
CA ILE F 181 -3.79 57.33 10.52
C ILE F 181 -4.00 55.91 10.00
N LYS F 182 -4.79 55.76 8.94
CA LYS F 182 -5.04 54.45 8.36
C LYS F 182 -3.96 54.10 7.31
N ILE F 183 -3.44 52.87 7.36
CA ILE F 183 -2.45 52.43 6.38
C ILE F 183 -3.06 51.47 5.35
N ILE F 184 -3.18 51.95 4.11
CA ILE F 184 -3.69 51.17 2.98
C ILE F 184 -2.44 50.71 2.21
N SER F 185 -2.13 49.41 2.26
CA SER F 185 -0.95 48.88 1.61
C SER F 185 -1.15 48.66 0.12
N LYS F 186 -0.34 49.35 -0.71
CA LYS F 186 -0.43 49.18 -2.16
C LYS F 186 0.32 47.92 -2.57
N ILE F 187 -0.41 46.96 -3.17
CA ILE F 187 0.22 45.74 -3.68
C ILE F 187 0.55 46.03 -5.13
N GLU F 188 1.85 46.20 -5.45
CA GLU F 188 2.29 46.58 -6.79
C GLU F 188 3.23 45.59 -7.49
N ASN F 189 3.60 44.48 -6.83
CA ASN F 189 4.53 43.52 -7.43
C ASN F 189 4.20 42.05 -7.06
N HIS F 190 4.92 41.08 -7.66
CA HIS F 190 4.70 39.67 -7.38
C HIS F 190 4.87 39.28 -5.90
N GLU F 191 5.89 39.84 -5.22
CA GLU F 191 6.13 39.48 -3.82
C GLU F 191 4.97 39.89 -2.92
N GLY F 192 4.41 41.06 -3.16
CA GLY F 192 3.27 41.57 -2.42
C GLY F 192 2.04 40.70 -2.59
N VAL F 193 1.82 40.20 -3.83
CA VAL F 193 0.71 39.30 -4.12
C VAL F 193 0.87 37.97 -3.39
N LYS F 194 2.09 37.44 -3.35
CA LYS F 194 2.35 36.17 -2.67
C LYS F 194 2.29 36.27 -1.14
N ARG F 195 2.84 37.35 -0.57
CA ARG F 195 2.84 37.57 0.87
C ARG F 195 1.58 38.32 1.36
N PHE F 196 0.51 38.43 0.52
CA PHE F 196 -0.74 39.15 0.77
C PHE F 196 -1.37 38.94 2.15
N ASP F 197 -1.50 37.67 2.59
CA ASP F 197 -2.17 37.40 3.86
C ASP F 197 -1.48 38.02 5.06
N GLU F 198 -0.13 38.04 5.06
CA GLU F 198 0.62 38.64 6.16
C GLU F 198 0.56 40.17 6.14
N ILE F 199 0.48 40.77 4.93
CA ILE F 199 0.39 42.20 4.72
C ILE F 199 -0.99 42.70 5.17
N LEU F 200 -2.08 42.05 4.70
CA LEU F 200 -3.45 42.43 5.06
C LEU F 200 -3.67 42.33 6.56
N GLU F 201 -3.05 41.34 7.22
CA GLU F 201 -3.21 41.16 8.65
C GLU F 201 -2.75 42.37 9.47
N VAL F 202 -1.67 43.02 9.01
CA VAL F 202 -1.10 44.17 9.70
C VAL F 202 -1.53 45.53 9.08
N SER F 203 -2.26 45.53 7.96
CA SER F 203 -2.71 46.77 7.33
C SER F 203 -4.18 47.07 7.70
N ASP F 204 -4.59 48.32 7.53
CA ASP F 204 -5.99 48.71 7.76
C ASP F 204 -6.89 48.39 6.51
N GLY F 205 -6.26 48.26 5.35
CA GLY F 205 -6.87 47.97 4.07
C GLY F 205 -5.83 47.81 2.97
N ILE F 206 -6.28 47.54 1.74
CA ILE F 206 -5.38 47.30 0.61
C ILE F 206 -5.73 48.16 -0.59
N MET F 207 -4.74 48.41 -1.45
CA MET F 207 -4.97 49.08 -2.72
C MET F 207 -4.38 48.23 -3.83
N VAL F 208 -5.21 47.91 -4.83
CA VAL F 208 -4.77 47.14 -5.99
C VAL F 208 -4.20 48.14 -6.99
N ALA F 209 -2.90 48.39 -6.86
CA ALA F 209 -2.15 49.34 -7.67
C ALA F 209 -1.81 48.65 -8.98
N ARG F 210 -2.77 48.65 -9.93
CA ARG F 210 -2.71 47.95 -11.21
C ARG F 210 -1.65 48.45 -12.16
N GLY F 211 -1.25 49.71 -12.05
CA GLY F 211 -0.21 50.25 -12.93
C GLY F 211 1.12 49.53 -12.82
N ASP F 212 1.74 49.53 -11.64
CA ASP F 212 3.00 48.84 -11.43
C ASP F 212 2.81 47.34 -11.46
N LEU F 213 1.66 46.85 -10.94
CA LEU F 213 1.34 45.42 -10.92
C LEU F 213 1.27 44.85 -12.34
N GLY F 214 0.78 45.66 -13.30
CA GLY F 214 0.69 45.26 -14.71
C GLY F 214 2.02 45.20 -15.44
N ILE F 215 3.10 45.67 -14.80
CA ILE F 215 4.46 45.67 -15.32
C ILE F 215 5.27 44.56 -14.61
N GLU F 216 5.06 44.40 -13.28
CA GLU F 216 5.75 43.41 -12.46
C GLU F 216 5.30 41.97 -12.77
N ILE F 217 4.00 41.81 -13.01
CA ILE F 217 3.41 40.52 -13.39
C ILE F 217 2.82 40.61 -14.82
N PRO F 218 2.58 39.48 -15.52
CA PRO F 218 2.00 39.56 -16.89
C PRO F 218 0.70 40.37 -16.91
N ALA F 219 0.55 41.26 -17.86
CA ALA F 219 -0.64 42.11 -17.94
C ALA F 219 -1.97 41.31 -17.93
N GLU F 220 -1.97 40.11 -18.51
CA GLU F 220 -3.15 39.27 -18.58
C GLU F 220 -3.48 38.52 -17.29
N LYS F 221 -2.65 38.69 -16.22
CA LYS F 221 -2.88 38.05 -14.93
C LYS F 221 -3.37 39.04 -13.86
N VAL F 222 -3.31 40.36 -14.12
CA VAL F 222 -3.68 41.41 -13.15
C VAL F 222 -5.12 41.29 -12.64
N PHE F 223 -6.07 40.90 -13.51
CA PHE F 223 -7.48 40.74 -13.11
C PHE F 223 -7.66 39.65 -12.06
N LEU F 224 -6.82 38.59 -12.08
CA LEU F 224 -6.88 37.49 -11.09
C LEU F 224 -6.46 38.02 -9.73
N ALA F 225 -5.40 38.84 -9.70
CA ALA F 225 -4.84 39.45 -8.51
C ALA F 225 -5.84 40.44 -7.94
N GLN F 226 -6.47 41.26 -8.80
CA GLN F 226 -7.48 42.22 -8.34
C GLN F 226 -8.66 41.48 -7.65
N LYS F 227 -9.26 40.51 -8.36
CA LYS F 227 -10.38 39.71 -7.86
C LYS F 227 -10.09 38.92 -6.58
N MET F 228 -8.88 38.32 -6.47
CA MET F 228 -8.50 37.58 -5.27
C MET F 228 -8.33 38.56 -4.09
N MET F 229 -7.64 39.69 -4.30
CA MET F 229 -7.39 40.65 -3.25
C MET F 229 -8.68 41.28 -2.74
N ILE F 230 -9.58 41.69 -3.65
CA ILE F 230 -10.87 42.23 -3.27
C ILE F 230 -11.69 41.22 -2.42
N GLY F 231 -11.73 39.97 -2.87
CA GLY F 231 -12.44 38.89 -2.17
C GLY F 231 -11.87 38.59 -0.80
N ARG F 232 -10.53 38.60 -0.67
CA ARG F 232 -9.89 38.36 0.62
C ARG F 232 -10.12 39.53 1.58
N CYS F 233 -10.15 40.77 1.06
CA CYS F 233 -10.44 41.97 1.85
C CYS F 233 -11.88 41.94 2.33
N ASN F 234 -12.80 41.53 1.45
CA ASN F 234 -14.23 41.41 1.77
C ASN F 234 -14.46 40.38 2.91
N LEU F 235 -13.71 39.28 2.84
CA LEU F 235 -13.75 38.22 3.83
C LEU F 235 -13.24 38.76 5.19
N ALA F 236 -12.13 39.53 5.15
CA ALA F 236 -11.48 40.14 6.32
C ALA F 236 -12.24 41.32 6.92
N GLY F 237 -13.16 41.92 6.15
CA GLY F 237 -13.91 43.10 6.59
C GLY F 237 -13.09 44.39 6.54
N LYS F 238 -12.01 44.42 5.71
CA LYS F 238 -11.14 45.59 5.57
C LYS F 238 -11.31 46.25 4.20
N PRO F 239 -11.24 47.60 4.14
CA PRO F 239 -11.42 48.28 2.85
C PRO F 239 -10.42 47.90 1.75
N VAL F 240 -10.88 47.91 0.49
CA VAL F 240 -10.04 47.60 -0.66
C VAL F 240 -10.29 48.64 -1.75
N VAL F 241 -9.21 49.27 -2.26
CA VAL F 241 -9.30 50.30 -3.30
C VAL F 241 -8.88 49.73 -4.64
N CYS F 242 -9.64 50.02 -5.71
CA CYS F 242 -9.22 49.63 -7.05
C CYS F 242 -8.62 50.89 -7.69
N ALA F 243 -7.39 50.78 -8.18
CA ALA F 243 -6.70 51.95 -8.70
C ALA F 243 -6.11 51.77 -10.11
N THR F 244 -5.80 52.93 -10.78
CA THR F 244 -5.06 53.13 -12.05
C THR F 244 -5.81 52.75 -13.36
N GLN F 245 -5.84 53.73 -14.29
CA GLN F 245 -6.37 53.66 -15.65
C GLN F 245 -7.84 53.25 -15.74
N MET F 246 -8.63 53.57 -14.72
CA MET F 246 -10.07 53.25 -14.72
C MET F 246 -10.84 54.02 -15.81
N LEU F 247 -10.58 55.32 -15.97
CA LEU F 247 -11.22 56.13 -17.00
C LEU F 247 -10.13 56.94 -17.74
N GLU F 248 -8.98 56.30 -18.04
CA GLU F 248 -7.82 56.90 -18.69
C GLU F 248 -8.14 57.81 -19.90
N SER F 249 -9.05 57.39 -20.80
CA SER F 249 -9.40 58.21 -21.98
C SER F 249 -10.03 59.56 -21.61
N MET F 250 -10.62 59.68 -20.40
CA MET F 250 -11.20 60.94 -19.94
C MET F 250 -10.18 62.02 -19.60
N ILE F 251 -8.85 61.71 -19.67
CA ILE F 251 -7.81 62.70 -19.48
C ILE F 251 -7.90 63.72 -20.63
N THR F 252 -8.13 63.23 -21.86
CA THR F 252 -8.22 64.03 -23.08
C THR F 252 -9.66 64.16 -23.62
N LYS F 253 -10.51 63.13 -23.45
CA LYS F 253 -11.87 63.08 -24.00
C LYS F 253 -13.01 63.26 -22.98
N PRO F 254 -14.15 63.84 -23.39
CA PRO F 254 -15.25 64.07 -22.44
C PRO F 254 -16.07 62.82 -22.06
N ARG F 255 -15.91 61.74 -22.82
CA ARG F 255 -16.62 60.48 -22.60
C ARG F 255 -15.61 59.32 -22.56
N PRO F 256 -15.82 58.31 -21.69
CA PRO F 256 -14.88 57.18 -21.64
C PRO F 256 -15.18 56.09 -22.68
N THR F 257 -14.24 55.11 -22.80
CA THR F 257 -14.40 54.00 -23.72
C THR F 257 -15.36 52.96 -23.12
N ARG F 258 -15.83 52.01 -23.96
CA ARG F 258 -16.72 50.95 -23.50
C ARG F 258 -16.03 50.01 -22.51
N ALA F 259 -14.70 49.89 -22.59
CA ALA F 259 -13.88 49.09 -21.69
C ALA F 259 -13.75 49.75 -20.31
N GLU F 260 -13.68 51.10 -20.28
CA GLU F 260 -13.53 51.92 -19.08
C GLU F 260 -14.76 51.93 -18.23
N THR F 261 -15.95 52.12 -18.83
CA THR F 261 -17.19 52.07 -18.06
C THR F 261 -17.38 50.66 -17.49
N SER F 262 -17.09 49.63 -18.29
CA SER F 262 -17.14 48.24 -17.91
C SER F 262 -16.20 47.98 -16.74
N ASP F 263 -14.96 48.49 -16.80
CA ASP F 263 -13.96 48.33 -15.74
C ASP F 263 -14.44 48.89 -14.39
N VAL F 264 -14.94 50.14 -14.36
CA VAL F 264 -15.43 50.79 -13.14
C VAL F 264 -16.55 49.98 -12.52
N ALA F 265 -17.51 49.58 -13.34
CA ALA F 265 -18.65 48.79 -12.89
C ALA F 265 -18.22 47.43 -12.37
N ASN F 266 -17.21 46.80 -12.99
CA ASN F 266 -16.73 45.50 -12.57
C ASN F 266 -15.93 45.57 -11.30
N ALA F 267 -15.20 46.68 -11.02
CA ALA F 267 -14.47 46.85 -9.76
C ALA F 267 -15.49 46.93 -8.60
N VAL F 268 -16.61 47.63 -8.81
CA VAL F 268 -17.69 47.74 -7.83
C VAL F 268 -18.33 46.36 -7.67
N LEU F 269 -18.66 45.69 -8.78
CA LEU F 269 -19.26 44.36 -8.72
C LEU F 269 -18.36 43.33 -8.03
N ASP F 270 -17.03 43.47 -8.15
CA ASP F 270 -16.06 42.58 -7.50
C ASP F 270 -16.14 42.70 -5.97
N GLY F 271 -16.45 43.91 -5.48
CA GLY F 271 -16.57 44.20 -4.06
C GLY F 271 -15.60 45.26 -3.57
N ALA F 272 -15.15 46.16 -4.47
CA ALA F 272 -14.21 47.20 -4.08
C ALA F 272 -14.93 48.25 -3.26
N ASP F 273 -14.33 48.65 -2.13
CA ASP F 273 -14.90 49.66 -1.26
C ASP F 273 -14.71 51.05 -1.87
N CYS F 274 -13.57 51.28 -2.57
CA CYS F 274 -13.24 52.55 -3.19
C CYS F 274 -12.79 52.38 -4.63
N ILE F 275 -13.02 53.41 -5.45
CA ILE F 275 -12.53 53.49 -6.83
C ILE F 275 -11.70 54.76 -6.95
N MET F 276 -10.64 54.75 -7.77
CA MET F 276 -9.74 55.89 -7.86
C MET F 276 -9.58 56.51 -9.26
N LEU F 277 -9.22 57.82 -9.29
CA LEU F 277 -8.94 58.57 -10.51
C LEU F 277 -7.56 59.16 -10.30
N SER F 278 -6.59 58.80 -11.15
CA SER F 278 -5.23 59.34 -11.03
C SER F 278 -5.07 60.58 -11.96
N GLY F 279 -4.52 60.43 -13.17
CA GLY F 279 -4.34 61.51 -14.12
C GLY F 279 -5.65 62.12 -14.56
N GLU F 280 -6.73 61.30 -14.58
CA GLU F 280 -8.09 61.69 -14.97
C GLU F 280 -8.57 63.00 -14.30
N THR F 281 -8.23 63.17 -12.98
CA THR F 281 -8.50 64.37 -12.17
C THR F 281 -7.20 65.19 -11.90
N ALA F 282 -6.03 64.52 -11.82
CA ALA F 282 -4.76 65.19 -11.57
C ALA F 282 -4.30 66.10 -12.69
N LYS F 283 -4.32 65.65 -13.93
CA LYS F 283 -3.84 66.43 -15.07
C LYS F 283 -4.81 66.51 -16.26
N GLY F 284 -5.94 65.81 -16.19
CA GLY F 284 -6.88 65.75 -17.30
C GLY F 284 -7.69 67.00 -17.53
N ASN F 285 -8.25 67.11 -18.74
CA ASN F 285 -9.12 68.20 -19.17
C ASN F 285 -10.54 68.09 -18.59
N PHE F 286 -10.92 66.91 -18.09
CA PHE F 286 -12.26 66.71 -17.54
C PHE F 286 -12.18 66.12 -16.13
N PRO F 287 -11.69 66.86 -15.09
CA PRO F 287 -11.63 66.26 -13.75
C PRO F 287 -12.99 66.12 -13.07
N VAL F 288 -13.84 67.15 -13.19
CA VAL F 288 -15.17 67.12 -12.61
C VAL F 288 -16.06 66.08 -13.34
N GLU F 289 -15.88 65.95 -14.67
CA GLU F 289 -16.63 65.01 -15.49
C GLU F 289 -16.22 63.55 -15.21
N ALA F 290 -14.93 63.32 -14.83
CA ALA F 290 -14.45 61.97 -14.48
C ALA F 290 -15.07 61.52 -13.14
N VAL F 291 -15.19 62.47 -12.18
CA VAL F 291 -15.80 62.21 -10.88
C VAL F 291 -17.30 61.91 -11.08
N LYS F 292 -17.99 62.73 -11.90
CA LYS F 292 -19.41 62.53 -12.19
C LYS F 292 -19.64 61.18 -12.86
N MET F 293 -18.72 60.78 -13.78
CA MET F 293 -18.82 59.49 -14.47
C MET F 293 -18.62 58.33 -13.51
N GLN F 294 -17.61 58.39 -12.62
CA GLN F 294 -17.41 57.33 -11.63
C GLN F 294 -18.61 57.23 -10.70
N HIS F 295 -19.21 58.36 -10.34
CA HIS F 295 -20.39 58.37 -9.50
C HIS F 295 -21.56 57.66 -10.21
N ALA F 296 -21.83 58.03 -11.46
CA ALA F 296 -22.90 57.47 -12.28
C ALA F 296 -22.80 55.97 -12.46
N ILE F 297 -21.59 55.45 -12.79
CA ILE F 297 -21.35 54.02 -13.00
C ILE F 297 -21.49 53.26 -11.67
N ALA F 298 -20.86 53.75 -10.58
CA ALA F 298 -20.94 53.08 -9.28
C ALA F 298 -22.38 52.89 -8.82
N ARG F 299 -23.22 53.93 -8.90
CA ARG F 299 -24.64 53.88 -8.54
C ARG F 299 -25.39 52.74 -9.27
N GLU F 300 -25.11 52.57 -10.57
CA GLU F 300 -25.75 51.54 -11.41
C GLU F 300 -25.27 50.15 -10.99
N ALA F 301 -23.93 50.01 -10.80
CA ALA F 301 -23.26 48.77 -10.45
C ALA F 301 -23.65 48.24 -9.10
N GLU F 302 -23.86 49.13 -8.11
CA GLU F 302 -24.26 48.75 -6.76
C GLU F 302 -25.67 48.14 -6.73
N ALA F 303 -26.59 48.67 -7.57
CA ALA F 303 -27.94 48.13 -7.65
C ALA F 303 -27.89 46.71 -8.24
N ALA F 304 -26.99 46.48 -9.22
CA ALA F 304 -26.79 45.20 -9.90
C ALA F 304 -26.05 44.13 -9.05
N VAL F 305 -25.66 44.46 -7.81
CA VAL F 305 -25.01 43.49 -6.93
C VAL F 305 -26.03 42.45 -6.47
N TYR F 306 -25.66 41.15 -6.60
CA TYR F 306 -26.53 40.04 -6.24
C TYR F 306 -26.48 39.83 -4.72
N HIS F 307 -27.18 40.70 -3.95
CA HIS F 307 -27.17 40.66 -2.48
C HIS F 307 -27.61 39.33 -1.88
N ARG F 308 -28.54 38.59 -2.54
CA ARG F 308 -29.02 37.32 -2.03
C ARG F 308 -27.89 36.34 -1.71
N GLN F 309 -27.00 36.11 -2.67
CA GLN F 309 -25.88 35.22 -2.46
C GLN F 309 -24.73 35.94 -1.75
N LEU F 310 -24.53 37.23 -2.02
CA LEU F 310 -23.47 37.98 -1.36
C LEU F 310 -23.60 37.98 0.16
N PHE F 311 -24.78 38.36 0.68
CA PHE F 311 -25.00 38.39 2.13
C PHE F 311 -24.91 36.99 2.74
N GLU F 312 -25.51 35.99 2.09
CA GLU F 312 -25.49 34.63 2.56
C GLU F 312 -24.08 34.05 2.65
N GLU F 313 -23.22 34.37 1.66
CA GLU F 313 -21.84 33.91 1.63
C GLU F 313 -21.02 34.63 2.66
N LEU F 314 -21.23 35.94 2.82
CA LEU F 314 -20.53 36.75 3.81
C LEU F 314 -20.87 36.25 5.21
N ARG F 315 -22.14 35.91 5.43
CA ARG F 315 -22.64 35.36 6.68
C ARG F 315 -21.99 34.00 7.03
N ARG F 316 -22.00 33.04 6.10
CA ARG F 316 -21.42 31.71 6.30
C ARG F 316 -19.90 31.79 6.49
N ALA F 317 -19.23 32.62 5.69
CA ALA F 317 -17.79 32.78 5.74
C ALA F 317 -17.29 33.47 7.00
N ALA F 318 -18.10 34.39 7.57
CA ALA F 318 -17.70 35.09 8.79
C ALA F 318 -17.70 34.09 9.96
N PRO F 319 -16.60 34.09 10.76
CA PRO F 319 -16.55 33.17 11.89
C PRO F 319 -17.48 33.57 13.02
N LEU F 320 -17.79 32.62 13.93
CA LEU F 320 -18.63 32.94 15.08
C LEU F 320 -17.94 33.99 15.96
N SER F 321 -18.72 34.85 16.59
CA SER F 321 -18.16 35.90 17.41
C SER F 321 -18.95 36.10 18.65
N ARG F 322 -18.23 36.38 19.74
CA ARG F 322 -18.88 36.72 20.99
C ARG F 322 -18.68 38.21 21.34
N ASP F 323 -18.34 39.05 20.34
CA ASP F 323 -18.19 40.50 20.47
C ASP F 323 -19.55 41.10 20.17
N PRO F 324 -20.13 41.80 21.15
CA PRO F 324 -21.48 42.36 20.96
C PRO F 324 -21.61 43.30 19.77
N THR F 325 -20.54 44.02 19.40
CA THR F 325 -20.55 44.92 18.25
C THR F 325 -20.72 44.07 16.98
N GLU F 326 -19.96 42.98 16.87
CA GLU F 326 -19.98 42.07 15.73
C GLU F 326 -21.34 41.37 15.60
N VAL F 327 -21.93 40.97 16.74
CA VAL F 327 -23.23 40.28 16.81
C VAL F 327 -24.38 41.22 16.47
N THR F 328 -24.32 42.44 17.00
CA THR F 328 -25.34 43.45 16.73
C THR F 328 -25.32 43.84 15.25
N ALA F 329 -24.11 43.90 14.64
CA ALA F 329 -23.96 44.25 13.23
C ALA F 329 -24.68 43.27 12.31
N ILE F 330 -24.52 41.96 12.53
CA ILE F 330 -25.20 40.97 11.68
C ILE F 330 -26.71 40.95 11.93
N GLY F 331 -27.13 41.16 13.17
CA GLY F 331 -28.55 41.22 13.52
C GLY F 331 -29.22 42.41 12.85
N ALA F 332 -28.53 43.58 12.84
CA ALA F 332 -29.05 44.83 12.25
C ALA F 332 -29.15 44.75 10.73
N VAL F 333 -28.14 44.15 10.09
CA VAL F 333 -28.14 44.01 8.64
C VAL F 333 -29.26 43.04 8.23
N GLU F 334 -29.46 41.95 8.99
CA GLU F 334 -30.51 40.98 8.72
CA GLU F 334 -30.52 40.97 8.72
C GLU F 334 -31.89 41.64 8.86
N ALA F 335 -32.07 42.48 9.90
CA ALA F 335 -33.31 43.21 10.16
C ALA F 335 -33.58 44.20 9.01
N ALA F 336 -32.53 44.93 8.56
CA ALA F 336 -32.61 45.88 7.46
C ALA F 336 -33.06 45.24 6.16
N PHE F 337 -32.62 44.00 5.89
CA PHE F 337 -33.00 43.31 4.67
C PHE F 337 -34.46 42.87 4.74
N LYS F 338 -34.92 42.40 5.91
CA LYS F 338 -36.28 41.91 6.12
C LYS F 338 -37.38 42.95 5.82
N CYS F 339 -37.13 44.21 6.17
CA CYS F 339 -38.13 45.27 5.96
C CYS F 339 -37.80 46.25 4.84
N CYS F 340 -36.66 46.05 4.12
CA CYS F 340 -36.15 46.95 3.07
C CYS F 340 -35.92 48.32 3.68
N ALA F 341 -35.18 48.34 4.81
CA ALA F 341 -34.86 49.54 5.59
C ALA F 341 -34.17 50.53 4.73
N ALA F 342 -34.58 51.78 4.83
CA ALA F 342 -33.96 52.85 4.03
C ALA F 342 -32.54 53.12 4.48
N ALA F 343 -32.26 52.96 5.78
CA ALA F 343 -30.95 53.23 6.33
C ALA F 343 -30.75 52.51 7.66
N ILE F 344 -29.49 52.36 8.06
CA ILE F 344 -29.07 51.86 9.35
C ILE F 344 -28.33 53.05 9.96
N ILE F 345 -28.85 53.63 11.05
CA ILE F 345 -28.19 54.76 11.70
C ILE F 345 -27.38 54.22 12.85
N VAL F 346 -26.06 54.46 12.83
CA VAL F 346 -25.17 53.95 13.86
C VAL F 346 -24.36 55.05 14.51
N LEU F 347 -24.29 54.98 15.84
CA LEU F 347 -23.48 55.93 16.61
C LEU F 347 -22.09 55.30 16.71
N THR F 348 -21.05 56.04 16.32
CA THR F 348 -19.71 55.50 16.36
C THR F 348 -18.69 56.55 16.78
N THR F 349 -17.63 56.12 17.47
CA THR F 349 -16.58 57.03 17.94
C THR F 349 -15.34 56.91 17.03
N THR F 350 -14.92 55.65 16.78
CA THR F 350 -13.75 55.32 15.98
C THR F 350 -14.07 54.90 14.53
N GLY F 351 -15.36 54.73 14.22
CA GLY F 351 -15.82 54.22 12.93
C GLY F 351 -15.97 52.71 12.88
N ARG F 352 -15.54 52.00 13.95
CA ARG F 352 -15.57 50.55 14.00
C ARG F 352 -16.96 49.95 13.85
N SER F 353 -17.96 50.46 14.56
CA SER F 353 -19.33 49.93 14.49
C SER F 353 -19.91 50.06 13.07
N ALA F 354 -19.60 51.17 12.41
CA ALA F 354 -20.04 51.39 11.04
C ALA F 354 -19.30 50.41 10.11
N GLN F 355 -18.00 50.15 10.36
CA GLN F 355 -17.21 49.22 9.57
C GLN F 355 -17.77 47.82 9.66
N LEU F 356 -18.18 47.38 10.86
CA LEU F 356 -18.75 46.06 11.05
C LEU F 356 -20.12 45.88 10.43
N LEU F 357 -20.86 46.97 10.24
CA LEU F 357 -22.14 46.92 9.55
C LEU F 357 -21.83 46.79 8.04
N SER F 358 -20.87 47.61 7.53
CA SER F 358 -20.40 47.67 6.14
C SER F 358 -19.90 46.34 5.58
N ARG F 359 -19.15 45.55 6.38
CA ARG F 359 -18.62 44.26 5.95
C ARG F 359 -19.67 43.27 5.50
N TYR F 360 -20.92 43.38 5.99
CA TYR F 360 -22.03 42.51 5.57
C TYR F 360 -22.77 43.00 4.33
N ARG F 361 -22.27 44.10 3.71
CA ARG F 361 -22.77 44.71 2.49
C ARG F 361 -24.29 44.90 2.45
N PRO F 362 -24.86 45.67 3.40
CA PRO F 362 -26.31 45.90 3.35
C PRO F 362 -26.69 46.80 2.20
N ARG F 363 -27.93 46.66 1.73
CA ARG F 363 -28.46 47.56 0.70
C ARG F 363 -28.82 48.91 1.36
N ALA F 364 -29.18 48.92 2.67
CA ALA F 364 -29.50 50.13 3.43
C ALA F 364 -28.23 50.96 3.68
N ALA F 365 -28.35 52.28 3.60
CA ALA F 365 -27.23 53.17 3.81
C ALA F 365 -26.84 53.15 5.27
N VAL F 366 -25.54 53.05 5.56
CA VAL F 366 -25.08 53.10 6.94
C VAL F 366 -24.79 54.55 7.27
N ILE F 367 -25.76 55.23 7.87
CA ILE F 367 -25.60 56.62 8.29
C ILE F 367 -24.85 56.62 9.62
N ALA F 368 -23.55 57.00 9.60
CA ALA F 368 -22.73 56.98 10.79
C ALA F 368 -22.64 58.34 11.42
N VAL F 369 -23.14 58.49 12.67
CA VAL F 369 -23.07 59.75 13.40
C VAL F 369 -21.89 59.72 14.37
N THR F 370 -20.91 60.58 14.15
CA THR F 370 -19.72 60.64 14.97
C THR F 370 -19.35 62.06 15.33
N ARG F 371 -18.68 62.21 16.47
CA ARG F 371 -18.13 63.50 16.89
C ARG F 371 -16.67 63.63 16.43
N SER F 372 -16.01 62.51 16.05
CA SER F 372 -14.64 62.52 15.58
C SER F 372 -14.58 62.96 14.11
N ALA F 373 -13.94 64.11 13.84
CA ALA F 373 -13.77 64.60 12.48
C ALA F 373 -12.89 63.65 11.66
N GLN F 374 -11.82 63.12 12.29
CA GLN F 374 -10.93 62.15 11.65
C GLN F 374 -11.69 60.87 11.29
N ALA F 375 -12.47 60.29 12.24
CA ALA F 375 -13.28 59.09 11.97
C ALA F 375 -14.29 59.35 10.85
N ALA F 376 -14.92 60.53 10.83
CA ALA F 376 -15.89 60.88 9.78
C ALA F 376 -15.24 60.91 8.40
N ARG F 377 -13.98 61.35 8.32
CA ARG F 377 -13.27 61.37 7.05
C ARG F 377 -12.82 59.97 6.65
N GLN F 378 -12.29 59.20 7.62
CA GLN F 378 -11.80 57.85 7.38
C GLN F 378 -12.86 56.78 7.06
N VAL F 379 -14.13 56.96 7.48
CA VAL F 379 -15.16 55.94 7.16
C VAL F 379 -15.54 55.94 5.67
N HIS F 380 -15.04 56.90 4.88
CA HIS F 380 -15.24 56.89 3.43
C HIS F 380 -14.54 55.65 2.82
N LEU F 381 -13.53 55.09 3.51
CA LEU F 381 -12.86 53.88 3.08
C LEU F 381 -13.83 52.69 3.06
N CYS F 382 -14.88 52.71 3.90
CA CYS F 382 -15.87 51.62 3.95
C CYS F 382 -17.07 51.89 3.07
N ARG F 383 -17.37 50.93 2.20
CA ARG F 383 -18.48 51.05 1.28
C ARG F 383 -19.82 51.11 2.00
N GLY F 384 -20.63 52.07 1.61
CA GLY F 384 -21.97 52.22 2.15
C GLY F 384 -22.07 53.02 3.43
N VAL F 385 -20.94 53.56 3.91
CA VAL F 385 -20.96 54.37 5.12
C VAL F 385 -21.01 55.83 4.73
N PHE F 386 -22.02 56.54 5.24
CA PHE F 386 -22.29 57.94 5.01
C PHE F 386 -22.06 58.71 6.31
N PRO F 387 -20.86 59.28 6.48
CA PRO F 387 -20.55 59.97 7.73
C PRO F 387 -21.24 61.33 7.94
N LEU F 388 -21.63 61.59 9.19
CA LEU F 388 -22.21 62.86 9.62
C LEU F 388 -21.41 63.33 10.81
N LEU F 389 -20.89 64.56 10.76
CA LEU F 389 -20.13 65.11 11.88
C LEU F 389 -21.06 65.87 12.82
N TYR F 390 -21.18 65.40 14.07
CA TYR F 390 -22.02 66.01 15.10
C TYR F 390 -21.19 67.07 15.85
N ARG F 391 -21.62 68.34 15.77
CA ARG F 391 -20.87 69.46 16.35
C ARG F 391 -21.42 69.96 17.70
N GLU F 392 -22.64 69.55 18.09
CA GLU F 392 -23.29 69.96 19.35
C GLU F 392 -22.55 69.48 20.59
N PRO F 393 -22.59 70.28 21.67
CA PRO F 393 -21.90 69.86 22.91
C PRO F 393 -22.66 68.76 23.66
N PRO F 394 -21.93 67.90 24.40
CA PRO F 394 -22.60 66.79 25.11
C PRO F 394 -23.62 67.23 26.15
N GLU F 395 -24.78 66.55 26.17
CA GLU F 395 -25.85 66.78 27.13
C GLU F 395 -25.44 66.19 28.49
N ALA F 396 -26.06 66.69 29.57
CA ALA F 396 -25.78 66.20 30.92
C ALA F 396 -26.19 64.73 31.08
N ILE F 397 -27.39 64.38 30.60
CA ILE F 397 -27.87 63.00 30.66
C ILE F 397 -27.38 62.28 29.39
N TRP F 398 -26.57 61.23 29.53
CA TRP F 398 -26.05 60.51 28.38
C TRP F 398 -27.15 59.95 27.48
N ALA F 399 -28.23 59.41 28.06
CA ALA F 399 -29.35 58.85 27.30
C ALA F 399 -30.02 59.89 26.40
N ASP F 400 -30.00 61.17 26.80
CA ASP F 400 -30.56 62.28 26.02
C ASP F 400 -29.60 62.69 24.89
N ASP F 401 -28.27 62.63 25.16
CA ASP F 401 -27.22 62.94 24.19
C ASP F 401 -27.28 61.95 23.01
N VAL F 402 -27.56 60.68 23.32
CA VAL F 402 -27.70 59.60 22.35
C VAL F 402 -28.90 59.91 21.44
N ASP F 403 -30.05 60.23 22.05
CA ASP F 403 -31.29 60.54 21.33
C ASP F 403 -31.13 61.73 20.39
N ARG F 404 -30.32 62.72 20.79
CA ARG F 404 -30.09 63.90 19.95
C ARG F 404 -29.27 63.53 18.71
N ARG F 405 -28.28 62.64 18.88
CA ARG F 405 -27.45 62.19 17.77
C ARG F 405 -28.24 61.34 16.79
N VAL F 406 -29.17 60.51 17.29
CA VAL F 406 -30.04 59.68 16.45
C VAL F 406 -30.99 60.59 15.64
N GLN F 407 -31.53 61.63 16.28
CA GLN F 407 -32.41 62.59 15.61
C GLN F 407 -31.66 63.42 14.59
N PHE F 408 -30.37 63.72 14.85
CA PHE F 408 -29.49 64.43 13.93
C PHE F 408 -29.32 63.58 12.64
N GLY F 409 -29.19 62.26 12.80
CA GLY F 409 -29.06 61.32 11.70
C GLY F 409 -30.34 61.22 10.90
N ILE F 410 -31.51 61.28 11.58
CA ILE F 410 -32.79 61.22 10.88
C ILE F 410 -33.02 62.49 10.12
N GLU F 411 -32.78 63.65 10.76
CA GLU F 411 -32.96 64.95 10.10
C GLU F 411 -31.99 65.11 8.94
N SER F 412 -30.72 64.68 9.08
CA SER F 412 -29.77 64.76 7.97
C SER F 412 -30.21 63.84 6.83
N GLY F 413 -30.67 62.64 7.16
CA GLY F 413 -31.11 61.65 6.18
C GLY F 413 -32.36 62.08 5.46
N LYS F 414 -33.29 62.77 6.16
CA LYS F 414 -34.54 63.26 5.56
C LYS F 414 -34.21 64.36 4.57
N LEU F 415 -33.38 65.31 5.00
CA LEU F 415 -32.92 66.44 4.22
C LEU F 415 -32.11 65.97 3.03
N ARG F 416 -31.25 64.94 3.15
CA ARG F 416 -30.44 64.49 2.01
C ARG F 416 -31.13 63.51 1.07
N GLY F 417 -32.38 63.15 1.35
CA GLY F 417 -33.14 62.26 0.48
C GLY F 417 -33.09 60.79 0.81
N PHE F 418 -32.29 60.38 1.81
CA PHE F 418 -32.21 58.97 2.22
C PHE F 418 -33.49 58.48 2.89
N LEU F 419 -34.16 59.37 3.62
CA LEU F 419 -35.34 58.99 4.38
C LEU F 419 -36.55 59.78 4.01
N ARG F 420 -37.64 59.03 3.87
CA ARG F 420 -38.99 59.47 3.54
C ARG F 420 -39.92 59.05 4.72
N VAL F 421 -40.95 59.87 5.06
CA VAL F 421 -41.88 59.50 6.13
C VAL F 421 -42.60 58.18 5.74
N GLY F 422 -42.69 57.25 6.67
CA GLY F 422 -43.24 55.93 6.39
C GLY F 422 -42.16 54.87 6.27
N ASP F 423 -40.92 55.28 5.96
CA ASP F 423 -39.77 54.39 5.84
C ASP F 423 -39.41 53.74 7.19
N LEU F 424 -38.70 52.62 7.14
CA LEU F 424 -38.24 51.96 8.35
C LEU F 424 -36.73 52.13 8.43
N VAL F 425 -36.20 52.35 9.62
CA VAL F 425 -34.76 52.49 9.84
C VAL F 425 -34.34 51.60 11.00
N ILE F 426 -33.09 51.12 10.95
CA ILE F 426 -32.53 50.32 12.02
C ILE F 426 -31.56 51.25 12.75
N VAL F 427 -31.73 51.40 14.07
CA VAL F 427 -30.85 52.26 14.85
C VAL F 427 -29.93 51.40 15.71
N VAL F 428 -28.62 51.58 15.56
CA VAL F 428 -27.60 50.82 16.28
C VAL F 428 -26.83 51.73 17.24
N THR F 429 -26.96 51.46 18.55
CA THR F 429 -26.34 52.23 19.65
C THR F 429 -25.69 51.28 20.72
N GLY F 430 -25.11 51.83 21.78
CA GLY F 430 -24.54 51.03 22.85
C GLY F 430 -25.26 51.22 24.18
N TRP F 431 -24.72 50.62 25.25
CA TRP F 431 -25.31 50.71 26.60
C TRP F 431 -24.58 51.73 27.51
N ARG F 432 -23.30 52.03 27.20
CA ARG F 432 -22.48 52.96 27.97
C ARG F 432 -21.54 53.74 27.03
N PRO F 433 -21.12 54.96 27.42
CA PRO F 433 -20.22 55.74 26.54
C PRO F 433 -18.84 55.09 26.38
N GLY F 434 -18.09 55.56 25.39
CA GLY F 434 -16.78 55.00 25.08
C GLY F 434 -16.86 54.04 23.92
N SER F 435 -15.70 53.75 23.31
CA SER F 435 -15.66 52.84 22.17
C SER F 435 -15.80 51.38 22.57
N GLY F 436 -16.45 50.61 21.71
CA GLY F 436 -16.58 49.18 21.86
C GLY F 436 -17.77 48.62 22.61
N TYR F 437 -18.75 49.46 22.97
CA TYR F 437 -19.90 48.98 23.75
C TYR F 437 -21.21 48.94 22.99
N THR F 438 -21.15 48.97 21.65
CA THR F 438 -22.34 48.87 20.80
C THR F 438 -23.00 47.51 21.01
N ASN F 439 -24.29 47.47 21.38
CA ASN F 439 -24.98 46.21 21.63
C ASN F 439 -26.52 46.28 21.42
N ILE F 440 -27.04 47.42 20.94
CA ILE F 440 -28.48 47.58 20.80
C ILE F 440 -28.91 47.83 19.36
N MET F 441 -30.05 47.26 18.98
CA MET F 441 -30.64 47.45 17.66
CA MET F 441 -30.66 47.38 17.66
C MET F 441 -32.12 47.78 17.86
N ARG F 442 -32.59 48.84 17.22
CA ARG F 442 -33.97 49.29 17.34
C ARG F 442 -34.60 49.43 15.98
N VAL F 443 -35.86 49.02 15.83
CA VAL F 443 -36.60 49.17 14.58
C VAL F 443 -37.47 50.43 14.73
N LEU F 444 -37.19 51.48 13.94
CA LEU F 444 -37.96 52.72 14.04
CA LEU F 444 -37.93 52.73 14.03
C LEU F 444 -38.68 53.08 12.73
N SER F 445 -39.90 53.64 12.85
CA SER F 445 -40.69 54.07 11.70
C SER F 445 -40.52 55.58 11.58
N ILE F 446 -40.07 56.06 10.42
CA ILE F 446 -39.85 57.50 10.23
CA ILE F 446 -39.85 57.49 10.18
C ILE F 446 -41.17 58.26 10.21
N SER F 447 -41.31 59.20 11.15
CA SER F 447 -42.51 60.02 11.26
C SER F 447 -42.24 61.48 10.87
N ALA G 25 -51.54 15.96 -17.04
CA ALA G 25 -51.87 14.87 -16.13
C ALA G 25 -50.63 14.10 -15.67
N PHE G 26 -49.60 14.01 -16.55
CA PHE G 26 -48.34 13.33 -16.23
C PHE G 26 -47.62 14.06 -15.11
N PHE G 27 -47.61 15.41 -15.17
CA PHE G 27 -46.89 16.25 -14.21
C PHE G 27 -47.60 16.43 -12.86
N GLN G 28 -48.78 15.81 -12.67
CA GLN G 28 -49.46 15.84 -11.37
C GLN G 28 -49.19 14.54 -10.57
N GLN G 29 -48.89 13.42 -11.27
CA GLN G 29 -48.59 12.13 -10.67
C GLN G 29 -47.15 12.06 -10.11
N GLN G 30 -46.86 10.96 -9.35
CA GLN G 30 -45.60 10.60 -8.69
C GLN G 30 -44.87 11.78 -8.01
N GLN G 31 -45.64 12.68 -7.35
CA GLN G 31 -45.15 13.86 -6.63
C GLN G 31 -44.23 14.74 -7.47
N LEU G 32 -44.53 14.86 -8.77
CA LEU G 32 -43.73 15.68 -9.67
C LEU G 32 -43.74 17.17 -9.32
N PRO G 33 -44.85 17.80 -8.87
CA PRO G 33 -44.77 19.22 -8.48
C PRO G 33 -43.84 19.43 -7.28
N ALA G 34 -43.87 18.49 -6.32
CA ALA G 34 -43.05 18.50 -5.11
C ALA G 34 -41.56 18.33 -5.42
N ALA G 35 -41.23 17.49 -6.41
CA ALA G 35 -39.82 17.24 -6.78
C ALA G 35 -39.20 18.41 -7.58
N MET G 36 -40.04 19.22 -8.26
CA MET G 36 -39.59 20.39 -9.03
C MET G 36 -39.30 21.61 -8.13
N ALA G 37 -39.70 21.58 -6.84
CA ALA G 37 -39.54 22.67 -5.89
C ALA G 37 -38.08 23.10 -5.70
N ASP G 38 -37.84 24.41 -5.54
CA ASP G 38 -36.50 25.00 -5.38
C ASP G 38 -35.92 24.79 -3.99
N THR G 39 -36.78 24.62 -2.97
CA THR G 39 -36.36 24.37 -1.59
C THR G 39 -37.04 23.11 -1.03
N PHE G 40 -36.45 22.55 0.04
CA PHE G 40 -36.99 21.40 0.74
C PHE G 40 -38.31 21.75 1.46
N LEU G 41 -38.43 23.00 1.97
CA LEU G 41 -39.65 23.46 2.62
C LEU G 41 -40.78 23.48 1.58
N GLU G 42 -40.51 24.04 0.37
CA GLU G 42 -41.48 24.10 -0.72
CA GLU G 42 -41.50 24.10 -0.69
C GLU G 42 -41.85 22.70 -1.19
N HIS G 43 -40.88 21.77 -1.18
CA HIS G 43 -41.05 20.37 -1.55
C HIS G 43 -42.08 19.72 -0.62
N LEU G 44 -41.92 19.94 0.71
CA LEU G 44 -42.83 19.40 1.71
C LEU G 44 -44.23 19.95 1.51
N CYS G 45 -44.35 21.28 1.28
CA CYS G 45 -45.63 21.93 1.06
C CYS G 45 -46.35 21.46 -0.19
N LEU G 46 -45.61 20.99 -1.20
CA LEU G 46 -46.17 20.52 -2.46
C LEU G 46 -46.51 19.02 -2.49
N LEU G 47 -46.38 18.30 -1.36
CA LEU G 47 -46.72 16.89 -1.33
C LEU G 47 -48.23 16.77 -1.42
N ASP G 48 -48.71 15.92 -2.33
CA ASP G 48 -50.13 15.74 -2.58
C ASP G 48 -50.56 14.28 -2.33
N ILE G 49 -51.57 14.05 -1.48
CA ILE G 49 -52.06 12.68 -1.25
C ILE G 49 -52.84 12.14 -2.47
N ASP G 50 -53.34 13.04 -3.35
CA ASP G 50 -54.04 12.68 -4.58
C ASP G 50 -53.08 12.39 -5.74
N SER G 51 -51.76 12.63 -5.55
CA SER G 51 -50.72 12.36 -6.54
C SER G 51 -50.34 10.88 -6.39
N GLU G 52 -50.80 10.07 -7.35
CA GLU G 52 -50.57 8.63 -7.30
C GLU G 52 -49.20 8.23 -7.85
N PRO G 53 -48.57 7.22 -7.23
CA PRO G 53 -47.27 6.76 -7.73
C PRO G 53 -47.43 5.98 -9.03
N VAL G 54 -46.60 6.31 -10.04
CA VAL G 54 -46.65 5.59 -11.30
C VAL G 54 -45.48 4.61 -11.38
N ALA G 55 -44.29 5.01 -10.90
CA ALA G 55 -43.09 4.19 -10.89
C ALA G 55 -43.23 2.88 -10.12
N ALA G 56 -42.46 1.85 -10.51
CA ALA G 56 -42.48 0.57 -9.81
C ALA G 56 -41.76 0.71 -8.47
N ARG G 57 -42.12 -0.14 -7.50
CA ARG G 57 -41.53 -0.12 -6.18
C ARG G 57 -40.06 -0.52 -6.19
N SER G 58 -39.18 0.42 -5.88
CA SER G 58 -37.72 0.28 -5.91
C SER G 58 -37.08 -0.32 -4.63
N THR G 59 -37.59 0.04 -3.43
CA THR G 59 -37.04 -0.49 -2.18
C THR G 59 -37.40 -1.96 -2.03
N SER G 60 -36.39 -2.83 -1.96
CA SER G 60 -36.65 -4.27 -1.90
C SER G 60 -37.18 -4.73 -0.58
N ILE G 61 -37.99 -5.81 -0.60
CA ILE G 61 -38.60 -6.37 0.60
C ILE G 61 -37.96 -7.73 0.98
N ILE G 62 -37.37 -7.79 2.20
CA ILE G 62 -36.79 -9.03 2.72
C ILE G 62 -37.83 -9.63 3.63
N ALA G 63 -38.23 -10.87 3.39
CA ALA G 63 -39.22 -11.55 4.20
C ALA G 63 -38.57 -12.71 4.92
N THR G 64 -38.72 -12.80 6.26
CA THR G 64 -38.18 -13.92 7.04
C THR G 64 -39.06 -15.14 6.86
N ILE G 65 -38.47 -16.26 6.49
CA ILE G 65 -39.19 -17.50 6.26
C ILE G 65 -39.24 -18.33 7.54
N GLY G 66 -40.45 -18.73 7.91
CA GLY G 66 -40.68 -19.54 9.09
C GLY G 66 -41.86 -20.46 8.92
N PRO G 67 -42.48 -20.91 10.02
CA PRO G 67 -43.64 -21.81 9.88
C PRO G 67 -44.83 -21.18 9.14
N ALA G 68 -45.06 -19.87 9.34
CA ALA G 68 -46.16 -19.15 8.69
C ALA G 68 -45.97 -18.91 7.17
N SER G 69 -44.75 -19.11 6.66
CA SER G 69 -44.46 -18.82 5.26
C SER G 69 -43.53 -19.85 4.62
N ARG G 70 -43.69 -21.12 4.96
CA ARG G 70 -42.81 -22.18 4.47
C ARG G 70 -43.40 -22.99 3.34
N SER G 71 -44.74 -23.03 3.23
CA SER G 71 -45.37 -23.83 2.19
C SER G 71 -45.10 -23.26 0.79
N VAL G 72 -44.94 -24.14 -0.21
CA VAL G 72 -44.68 -23.73 -1.58
C VAL G 72 -45.79 -22.82 -2.10
N GLU G 73 -47.05 -23.11 -1.74
CA GLU G 73 -48.19 -22.31 -2.15
C GLU G 73 -48.25 -20.93 -1.50
N ARG G 74 -47.81 -20.83 -0.25
CA ARG G 74 -47.76 -19.56 0.49
C ARG G 74 -46.61 -18.69 -0.05
N LEU G 75 -45.47 -19.31 -0.35
CA LEU G 75 -44.31 -18.64 -0.92
C LEU G 75 -44.62 -18.01 -2.27
N LYS G 76 -45.45 -18.68 -3.12
CA LYS G 76 -45.91 -18.19 -4.43
C LYS G 76 -46.75 -16.92 -4.25
N GLU G 77 -47.55 -16.85 -3.18
CA GLU G 77 -48.36 -15.69 -2.87
C GLU G 77 -47.50 -14.53 -2.42
N MET G 78 -46.42 -14.82 -1.66
CA MET G 78 -45.51 -13.78 -1.19
CA MET G 78 -45.51 -13.78 -1.19
C MET G 78 -44.67 -13.22 -2.34
N ILE G 79 -44.33 -14.07 -3.33
CA ILE G 79 -43.58 -13.65 -4.50
C ILE G 79 -44.46 -12.68 -5.30
N LYS G 80 -45.77 -13.04 -5.46
CA LYS G 80 -46.77 -12.20 -6.14
C LYS G 80 -47.03 -10.89 -5.37
N ALA G 81 -46.93 -10.92 -4.03
CA ALA G 81 -47.11 -9.75 -3.19
C ALA G 81 -45.93 -8.76 -3.24
N GLY G 82 -44.74 -9.26 -3.59
CA GLY G 82 -43.56 -8.40 -3.71
C GLY G 82 -42.30 -8.82 -2.97
N MET G 83 -42.24 -10.06 -2.47
CA MET G 83 -41.05 -10.52 -1.75
C MET G 83 -39.88 -10.60 -2.72
N ASN G 84 -38.74 -9.99 -2.37
CA ASN G 84 -37.56 -10.03 -3.24
C ASN G 84 -36.48 -10.92 -2.66
N ILE G 85 -36.31 -10.87 -1.34
CA ILE G 85 -35.28 -11.65 -0.65
C ILE G 85 -35.94 -12.47 0.44
N ALA G 86 -35.54 -13.74 0.59
CA ALA G 86 -36.05 -14.65 1.61
C ALA G 86 -34.99 -14.82 2.69
N ARG G 87 -35.27 -14.38 3.92
CA ARG G 87 -34.32 -14.47 5.03
C ARG G 87 -34.49 -15.75 5.84
N LEU G 88 -33.41 -16.47 6.11
CA LEU G 88 -33.44 -17.67 6.95
C LEU G 88 -32.76 -17.31 8.27
N ASN G 89 -33.52 -17.28 9.39
CA ASN G 89 -32.92 -16.96 10.70
C ASN G 89 -32.32 -18.21 11.29
N PHE G 90 -30.98 -18.29 11.31
CA PHE G 90 -30.29 -19.45 11.86
C PHE G 90 -30.23 -19.48 13.41
N SER G 91 -30.91 -18.53 14.08
CA SER G 91 -31.06 -18.55 15.53
C SER G 91 -32.08 -19.66 15.94
N HIS G 92 -33.01 -20.02 15.03
CA HIS G 92 -34.03 -21.02 15.27
C HIS G 92 -33.98 -22.02 14.10
N GLY G 93 -34.23 -23.29 14.37
CA GLY G 93 -34.29 -24.30 13.31
C GLY G 93 -33.01 -25.04 13.00
N SER G 94 -33.15 -26.27 12.51
CA SER G 94 -32.02 -27.12 12.15
C SER G 94 -31.56 -26.92 10.70
N HIS G 95 -30.39 -27.48 10.33
CA HIS G 95 -29.91 -27.41 8.96
C HIS G 95 -30.89 -28.14 8.01
N GLU G 96 -31.50 -29.23 8.46
CA GLU G 96 -32.45 -29.99 7.65
C GLU G 96 -33.73 -29.17 7.40
N TYR G 97 -34.14 -28.38 8.41
CA TYR G 97 -35.31 -27.52 8.35
C TYR G 97 -35.07 -26.39 7.30
N HIS G 98 -33.91 -25.71 7.40
CA HIS G 98 -33.57 -24.63 6.51
C HIS G 98 -33.34 -25.11 5.08
N ALA G 99 -32.81 -26.33 4.89
CA ALA G 99 -32.63 -26.89 3.54
C ALA G 99 -33.98 -27.10 2.86
N GLU G 100 -34.99 -27.51 3.63
CA GLU G 100 -36.34 -27.72 3.10
CA GLU G 100 -36.35 -27.73 3.12
C GLU G 100 -36.97 -26.36 2.75
N SER G 101 -36.69 -25.31 3.57
CA SER G 101 -37.19 -23.96 3.28
C SER G 101 -36.58 -23.48 1.92
N ILE G 102 -35.25 -23.62 1.74
CA ILE G 102 -34.54 -23.25 0.52
C ILE G 102 -35.14 -23.96 -0.70
N ALA G 103 -35.43 -25.27 -0.56
CA ALA G 103 -36.01 -26.07 -1.64
C ALA G 103 -37.42 -25.61 -2.00
N ASN G 104 -38.22 -25.25 -0.98
CA ASN G 104 -39.60 -24.79 -1.15
C ASN G 104 -39.63 -23.43 -1.82
N VAL G 105 -38.70 -22.54 -1.43
CA VAL G 105 -38.57 -21.21 -2.03
C VAL G 105 -38.17 -21.40 -3.51
N ARG G 106 -37.12 -22.19 -3.79
CA ARG G 106 -36.71 -22.42 -5.17
C ARG G 106 -37.83 -23.03 -6.04
N GLU G 107 -38.65 -23.92 -5.47
CA GLU G 107 -39.77 -24.54 -6.17
C GLU G 107 -40.85 -23.47 -6.50
N ALA G 108 -41.15 -22.59 -5.53
CA ALA G 108 -42.12 -21.53 -5.76
C ALA G 108 -41.62 -20.48 -6.79
N VAL G 109 -40.31 -20.15 -6.79
CA VAL G 109 -39.73 -19.18 -7.72
C VAL G 109 -39.70 -19.76 -9.13
N GLU G 110 -39.26 -21.02 -9.25
CA GLU G 110 -39.16 -21.66 -10.56
C GLU G 110 -40.50 -22.04 -11.18
N SER G 111 -41.61 -21.96 -10.41
CA SER G 111 -42.93 -22.22 -10.97
C SER G 111 -43.32 -21.11 -12.01
N PHE G 112 -42.66 -19.94 -11.97
CA PHE G 112 -42.92 -18.84 -12.90
C PHE G 112 -41.89 -18.72 -14.03
N ALA G 113 -40.89 -19.61 -14.07
CA ALA G 113 -39.82 -19.59 -15.09
C ALA G 113 -40.26 -19.91 -16.53
N GLY G 114 -41.49 -20.39 -16.69
CA GLY G 114 -42.07 -20.70 -17.99
C GLY G 114 -42.33 -19.47 -18.85
N SER G 115 -42.39 -18.28 -18.22
CA SER G 115 -42.57 -17.03 -18.94
C SER G 115 -41.38 -16.15 -18.56
N PRO G 116 -40.24 -16.23 -19.29
CA PRO G 116 -39.04 -15.46 -18.87
C PRO G 116 -39.16 -13.93 -18.93
N LEU G 117 -40.17 -13.39 -19.64
CA LEU G 117 -40.39 -11.94 -19.69
C LEU G 117 -41.05 -11.40 -18.40
N SER G 118 -41.70 -12.26 -17.61
CA SER G 118 -42.35 -11.84 -16.35
C SER G 118 -41.72 -12.52 -15.09
N TYR G 119 -40.74 -13.47 -15.29
CA TYR G 119 -40.08 -14.24 -14.23
C TYR G 119 -39.40 -13.33 -13.20
N ARG G 120 -39.69 -13.57 -11.91
CA ARG G 120 -39.09 -12.78 -10.87
C ARG G 120 -38.04 -13.54 -10.06
N PRO G 121 -36.73 -13.15 -10.10
CA PRO G 121 -35.74 -13.83 -9.26
C PRO G 121 -35.90 -13.47 -7.80
N VAL G 122 -35.63 -14.43 -6.90
CA VAL G 122 -35.73 -14.17 -5.47
C VAL G 122 -34.43 -14.58 -4.79
N ALA G 123 -33.77 -13.67 -4.07
CA ALA G 123 -32.52 -13.98 -3.36
C ALA G 123 -32.75 -14.79 -2.09
N ILE G 124 -31.76 -15.57 -1.66
CA ILE G 124 -31.85 -16.30 -0.41
C ILE G 124 -30.76 -15.78 0.53
N ALA G 125 -31.14 -15.24 1.70
CA ALA G 125 -30.18 -14.69 2.64
C ALA G 125 -30.12 -15.49 3.94
N LEU G 126 -28.92 -15.71 4.46
CA LEU G 126 -28.72 -16.48 5.68
C LEU G 126 -28.37 -15.51 6.77
N ASP G 127 -29.19 -15.43 7.79
CA ASP G 127 -28.93 -14.57 8.93
C ASP G 127 -28.27 -15.43 10.05
N THR G 128 -27.00 -15.17 10.36
CA THR G 128 -26.28 -15.97 11.34
C THR G 128 -26.77 -15.78 12.77
N LYS G 129 -26.56 -16.80 13.64
CA LYS G 129 -26.98 -16.78 15.04
C LYS G 129 -26.20 -15.70 15.83
N GLY G 130 -24.89 -15.59 15.60
CA GLY G 130 -24.08 -14.59 16.27
C GLY G 130 -23.04 -15.12 17.23
N PRO G 131 -22.10 -14.25 17.64
CA PRO G 131 -21.05 -14.69 18.59
C PRO G 131 -21.53 -14.70 20.04
N GLY G 134 -19.26 -14.53 23.29
CA GLY G 134 -18.02 -14.96 22.64
C GLY G 134 -17.33 -13.86 21.88
N PRO G 135 -16.01 -14.02 21.62
CA PRO G 135 -15.23 -12.95 20.96
C PRO G 135 -15.25 -12.97 19.42
N GLY G 136 -14.78 -14.08 18.83
CA GLY G 136 -14.71 -14.21 17.39
C GLY G 136 -15.93 -14.89 16.80
N LEU G 137 -15.74 -15.51 15.66
CA LEU G 137 -16.81 -16.21 14.98
C LEU G 137 -17.10 -17.51 15.75
N SER G 138 -18.36 -17.72 16.16
CA SER G 138 -18.72 -18.93 16.90
C SER G 138 -18.59 -20.22 16.09
N GLU G 139 -18.57 -21.38 16.77
CA GLU G 139 -18.45 -22.67 16.08
C GLU G 139 -19.70 -22.93 15.25
N GLN G 140 -20.88 -22.57 15.78
CA GLN G 140 -22.14 -22.76 15.07
C GLN G 140 -22.18 -21.92 13.82
N ASP G 141 -21.68 -20.66 13.90
CA ASP G 141 -21.63 -19.79 12.74
C ASP G 141 -20.77 -20.35 11.62
N VAL G 142 -19.64 -20.97 11.96
CA VAL G 142 -18.78 -21.59 10.96
C VAL G 142 -19.50 -22.72 10.23
N ARG G 143 -20.33 -23.48 10.95
CA ARG G 143 -21.08 -24.58 10.38
C ARG G 143 -22.24 -24.07 9.54
N ASP G 144 -22.93 -23.01 10.02
CA ASP G 144 -24.06 -22.41 9.31
C ASP G 144 -23.61 -21.73 8.01
N LEU G 145 -22.43 -21.06 8.02
CA LEU G 145 -21.85 -20.40 6.86
C LEU G 145 -21.43 -21.43 5.82
N ARG G 146 -20.87 -22.58 6.26
CA ARG G 146 -20.51 -23.67 5.37
C ARG G 146 -21.78 -24.22 4.69
N PHE G 147 -22.89 -24.30 5.46
CA PHE G 147 -24.18 -24.75 4.97
C PHE G 147 -24.66 -23.79 3.87
N GLY G 148 -24.55 -22.49 4.11
CA GLY G 148 -24.97 -21.47 3.16
C GLY G 148 -24.23 -21.58 1.85
N VAL G 149 -22.93 -21.83 1.95
CA VAL G 149 -22.09 -22.02 0.79
C VAL G 149 -22.56 -23.25 0.02
N GLU G 150 -22.69 -24.40 0.70
CA GLU G 150 -23.13 -25.66 0.08
C GLU G 150 -24.53 -25.62 -0.51
N HIS G 151 -25.37 -24.73 0.00
CA HIS G 151 -26.74 -24.60 -0.49
C HIS G 151 -26.96 -23.42 -1.42
N GLY G 152 -25.90 -22.70 -1.77
CA GLY G 152 -25.99 -21.60 -2.72
C GLY G 152 -26.78 -20.38 -2.28
N VAL G 153 -26.58 -19.95 -1.03
CA VAL G 153 -27.21 -18.71 -0.58
C VAL G 153 -26.50 -17.54 -1.26
N ASP G 154 -27.22 -16.45 -1.44
CA ASP G 154 -26.68 -15.29 -2.15
C ASP G 154 -26.12 -14.25 -1.16
N ILE G 155 -26.80 -14.07 -0.03
CA ILE G 155 -26.42 -13.07 0.95
C ILE G 155 -26.27 -13.66 2.34
N VAL G 156 -25.43 -13.02 3.17
CA VAL G 156 -25.23 -13.40 4.57
C VAL G 156 -25.46 -12.15 5.38
N PHE G 157 -26.34 -12.21 6.38
CA PHE G 157 -26.51 -11.09 7.31
C PHE G 157 -25.69 -11.53 8.52
N ALA G 158 -24.46 -11.04 8.62
CA ALA G 158 -23.58 -11.41 9.71
C ALA G 158 -23.97 -10.66 10.96
N SER G 159 -24.46 -11.40 11.99
CA SER G 159 -24.89 -10.84 13.27
C SER G 159 -23.74 -10.34 14.14
N PHE G 160 -24.01 -9.25 14.89
CA PHE G 160 -23.12 -8.60 15.85
C PHE G 160 -21.70 -8.33 15.36
N VAL G 161 -21.58 -7.64 14.23
CA VAL G 161 -20.29 -7.23 13.72
C VAL G 161 -19.81 -6.08 14.61
N ARG G 162 -18.57 -6.14 15.16
CA ARG G 162 -18.05 -5.06 16.02
C ARG G 162 -16.82 -4.37 15.47
N LYS G 163 -16.10 -5.01 14.54
CA LYS G 163 -14.86 -4.52 13.96
C LYS G 163 -14.62 -5.15 12.58
N ALA G 164 -13.64 -4.66 11.81
CA ALA G 164 -13.35 -5.20 10.49
C ALA G 164 -12.84 -6.65 10.52
N SER G 165 -12.19 -7.05 11.63
CA SER G 165 -11.68 -8.41 11.78
C SER G 165 -12.83 -9.46 11.86
N ASP G 166 -14.02 -9.03 12.33
CA ASP G 166 -15.22 -9.87 12.39
C ASP G 166 -15.72 -10.17 10.98
N VAL G 167 -15.69 -9.17 10.09
CA VAL G 167 -16.12 -9.36 8.69
C VAL G 167 -15.14 -10.26 7.97
N ALA G 168 -13.83 -10.08 8.27
CA ALA G 168 -12.79 -10.88 7.67
C ALA G 168 -12.95 -12.35 8.04
N ALA G 169 -13.44 -12.64 9.27
CA ALA G 169 -13.70 -13.99 9.74
C ALA G 169 -14.88 -14.59 8.99
N VAL G 170 -15.92 -13.78 8.69
CA VAL G 170 -17.05 -14.27 7.90
C VAL G 170 -16.60 -14.57 6.45
N ARG G 171 -15.76 -13.70 5.89
CA ARG G 171 -15.24 -13.88 4.55
C ARG G 171 -14.43 -15.15 4.46
N ALA G 172 -13.58 -15.44 5.47
CA ALA G 172 -12.77 -16.65 5.54
C ALA G 172 -13.68 -17.88 5.69
N ALA G 173 -14.74 -17.75 6.49
CA ALA G 173 -15.70 -18.82 6.70
C ALA G 173 -16.48 -19.15 5.43
N LEU G 174 -16.70 -18.14 4.57
CA LEU G 174 -17.41 -18.38 3.31
C LEU G 174 -16.58 -19.23 2.30
N GLY G 175 -15.66 -20.03 2.87
CA GLY G 175 -14.85 -21.09 2.31
C GLY G 175 -14.29 -20.77 0.97
N PRO G 176 -13.95 -21.84 0.19
CA PRO G 176 -13.37 -21.61 -1.14
C PRO G 176 -14.40 -21.22 -2.21
N GLU G 177 -15.65 -21.64 -2.03
CA GLU G 177 -16.65 -21.43 -3.04
C GLU G 177 -17.70 -20.39 -2.71
N GLY G 178 -17.51 -19.58 -1.68
CA GLY G 178 -18.51 -18.59 -1.31
C GLY G 178 -18.05 -17.15 -1.34
N HIS G 179 -16.96 -16.87 -2.04
CA HIS G 179 -16.43 -15.51 -2.15
C HIS G 179 -17.42 -14.55 -2.87
N GLY G 180 -18.31 -15.10 -3.72
CA GLY G 180 -19.34 -14.35 -4.44
C GLY G 180 -20.53 -13.96 -3.58
N ILE G 181 -20.68 -14.59 -2.40
CA ILE G 181 -21.76 -14.29 -1.45
C ILE G 181 -21.56 -12.87 -0.91
N LYS G 182 -22.65 -12.12 -0.77
CA LYS G 182 -22.57 -10.75 -0.26
C LYS G 182 -22.64 -10.73 1.25
N ILE G 183 -21.77 -9.97 1.92
CA ILE G 183 -21.81 -9.86 3.37
C ILE G 183 -22.40 -8.54 3.82
N ILE G 184 -23.59 -8.60 4.41
CA ILE G 184 -24.28 -7.45 4.96
C ILE G 184 -24.02 -7.50 6.47
N SER G 185 -23.21 -6.56 7.01
CA SER G 185 -22.87 -6.54 8.43
C SER G 185 -23.95 -5.95 9.28
N LYS G 186 -24.48 -6.73 10.21
CA LYS G 186 -25.50 -6.23 11.13
C LYS G 186 -24.83 -5.44 12.23
N ILE G 187 -25.15 -4.14 12.35
CA ILE G 187 -24.63 -3.30 13.41
C ILE G 187 -25.68 -3.36 14.50
N GLU G 188 -25.37 -4.07 15.61
CA GLU G 188 -26.31 -4.31 16.69
C GLU G 188 -25.87 -3.79 18.06
N ASN G 189 -24.69 -3.18 18.19
CA ASN G 189 -24.20 -2.70 19.48
C ASN G 189 -23.39 -1.39 19.38
N HIS G 190 -23.01 -0.79 20.53
CA HIS G 190 -22.26 0.47 20.54
C HIS G 190 -20.90 0.37 19.83
N GLU G 191 -20.19 -0.75 19.99
CA GLU G 191 -18.87 -0.90 19.36
C GLU G 191 -18.96 -0.87 17.83
N GLY G 192 -19.98 -1.54 17.29
CA GLY G 192 -20.23 -1.58 15.86
C GLY G 192 -20.54 -0.21 15.30
N VAL G 193 -21.34 0.60 16.06
CA VAL G 193 -21.67 1.96 15.66
C VAL G 193 -20.42 2.84 15.64
N LYS G 194 -19.52 2.68 16.61
CA LYS G 194 -18.31 3.47 16.68
C LYS G 194 -17.27 3.06 15.64
N ARG G 195 -17.12 1.75 15.40
CA ARG G 195 -16.16 1.28 14.39
C ARG G 195 -16.77 1.13 12.98
N PHE G 196 -17.95 1.74 12.75
CA PHE G 196 -18.72 1.72 11.52
C PHE G 196 -17.90 1.92 10.24
N ASP G 197 -17.05 2.95 10.18
CA ASP G 197 -16.30 3.24 8.97
C ASP G 197 -15.39 2.09 8.53
N GLU G 198 -14.74 1.42 9.50
CA GLU G 198 -13.84 0.31 9.20
C GLU G 198 -14.61 -0.94 8.79
N ILE G 199 -15.82 -1.12 9.34
CA ILE G 199 -16.72 -2.24 9.05
C ILE G 199 -17.30 -2.09 7.64
N LEU G 200 -17.86 -0.91 7.33
CA LEU G 200 -18.44 -0.65 6.01
C LEU G 200 -17.40 -0.80 4.91
N GLU G 201 -16.15 -0.41 5.17
CA GLU G 201 -15.08 -0.50 4.18
C GLU G 201 -14.84 -1.92 3.69
N VAL G 202 -14.97 -2.90 4.60
CA VAL G 202 -14.74 -4.31 4.27
C VAL G 202 -16.05 -5.12 4.03
N SER G 203 -17.22 -4.50 4.24
CA SER G 203 -18.49 -5.17 4.01
C SER G 203 -19.06 -4.80 2.63
N ASP G 204 -20.00 -5.64 2.12
CA ASP G 204 -20.70 -5.34 0.88
C ASP G 204 -21.89 -4.37 1.12
N GLY G 205 -22.35 -4.29 2.36
CA GLY G 205 -23.46 -3.44 2.79
C GLY G 205 -23.69 -3.57 4.28
N ILE G 206 -24.68 -2.86 4.82
CA ILE G 206 -24.96 -2.84 6.25
C ILE G 206 -26.42 -3.10 6.55
N MET G 207 -26.69 -3.62 7.74
CA MET G 207 -28.05 -3.79 8.21
C MET G 207 -28.17 -3.10 9.54
N VAL G 208 -29.15 -2.20 9.67
CA VAL G 208 -29.39 -1.50 10.91
C VAL G 208 -30.33 -2.39 11.69
N ALA G 209 -29.72 -3.29 12.49
CA ALA G 209 -30.40 -4.28 13.33
C ALA G 209 -30.85 -3.57 14.58
N ARG G 210 -32.00 -2.89 14.48
CA ARG G 210 -32.59 -2.05 15.52
C ARG G 210 -33.01 -2.79 16.79
N GLY G 211 -33.33 -4.07 16.70
CA GLY G 211 -33.73 -4.87 17.85
C GLY G 211 -32.68 -4.91 18.95
N ASP G 212 -31.52 -5.49 18.64
CA ASP G 212 -30.42 -5.54 19.60
C ASP G 212 -29.83 -4.17 19.85
N LEU G 213 -29.77 -3.32 18.82
CA LEU G 213 -29.24 -1.96 18.94
C LEU G 213 -30.04 -1.13 19.93
N GLY G 214 -31.35 -1.35 19.99
CA GLY G 214 -32.24 -0.68 20.93
C GLY G 214 -32.10 -1.13 22.38
N ILE G 215 -31.32 -2.20 22.62
CA ILE G 215 -31.03 -2.75 23.95
C ILE G 215 -29.59 -2.36 24.36
N GLU G 216 -28.64 -2.43 23.40
CA GLU G 216 -27.22 -2.10 23.62
C GLU G 216 -26.99 -0.60 23.83
N ILE G 217 -27.72 0.23 23.08
CA ILE G 217 -27.66 1.69 23.22
C ILE G 217 -29.04 2.22 23.68
N PRO G 218 -29.14 3.43 24.27
CA PRO G 218 -30.46 3.95 24.69
C PRO G 218 -31.48 3.90 23.56
N ALA G 219 -32.70 3.42 23.84
CA ALA G 219 -33.75 3.29 22.80
C ALA G 219 -34.00 4.59 22.03
N GLU G 220 -33.88 5.74 22.70
CA GLU G 220 -34.11 7.05 22.13
C GLU G 220 -32.98 7.55 21.23
N LYS G 221 -31.87 6.79 21.11
CA LYS G 221 -30.74 7.17 20.26
C LYS G 221 -30.63 6.34 18.98
N VAL G 222 -31.44 5.25 18.85
CA VAL G 222 -31.42 4.34 17.70
C VAL G 222 -31.66 5.06 16.35
N PHE G 223 -32.59 6.04 16.32
CA PHE G 223 -32.88 6.80 15.11
C PHE G 223 -31.65 7.59 14.58
N LEU G 224 -30.75 8.07 15.48
CA LEU G 224 -29.54 8.80 15.09
C LEU G 224 -28.58 7.85 14.38
N ALA G 225 -28.45 6.62 14.93
CA ALA G 225 -27.59 5.58 14.40
C ALA G 225 -28.13 5.12 13.05
N GLN G 226 -29.47 4.94 12.93
CA GLN G 226 -30.09 4.53 11.66
C GLN G 226 -29.80 5.58 10.58
N LYS G 227 -30.14 6.85 10.84
CA LYS G 227 -29.94 7.95 9.92
C LYS G 227 -28.46 8.18 9.53
N MET G 228 -27.52 8.06 10.48
CA MET G 228 -26.11 8.22 10.17
C MET G 228 -25.60 7.08 9.27
N MET G 229 -25.96 5.83 9.63
CA MET G 229 -25.54 4.65 8.89
C MET G 229 -26.10 4.62 7.49
N ILE G 230 -27.40 4.95 7.32
CA ILE G 230 -28.01 5.02 6.00
C ILE G 230 -27.29 6.07 5.12
N GLY G 231 -27.03 7.25 5.68
CA GLY G 231 -26.35 8.33 5.01
C GLY G 231 -24.94 7.96 4.60
N ARG G 232 -24.20 7.29 5.49
CA ARG G 232 -22.83 6.87 5.20
C ARG G 232 -22.79 5.78 4.12
N CYS G 233 -23.79 4.89 4.12
CA CYS G 233 -23.91 3.83 3.11
C CYS G 233 -24.25 4.43 1.77
N ASN G 234 -25.15 5.44 1.74
CA ASN G 234 -25.53 6.15 0.52
C ASN G 234 -24.30 6.87 -0.09
N LEU G 235 -23.46 7.45 0.79
CA LEU G 235 -22.24 8.12 0.39
C LEU G 235 -21.24 7.08 -0.22
N ALA G 236 -21.12 5.91 0.41
CA ALA G 236 -20.25 4.82 0.00
C ALA G 236 -20.74 4.06 -1.23
N GLY G 237 -22.03 4.16 -1.56
CA GLY G 237 -22.64 3.44 -2.68
C GLY G 237 -22.87 1.96 -2.39
N LYS G 238 -23.08 1.62 -1.10
CA LYS G 238 -23.30 0.24 -0.66
C LYS G 238 -24.70 0.09 -0.08
N PRO G 239 -25.36 -1.08 -0.30
CA PRO G 239 -26.72 -1.26 0.21
C PRO G 239 -26.86 -1.14 1.72
N VAL G 240 -28.00 -0.62 2.20
CA VAL G 240 -28.29 -0.50 3.61
C VAL G 240 -29.70 -1.02 3.87
N VAL G 241 -29.86 -1.98 4.79
CA VAL G 241 -31.14 -2.58 5.13
C VAL G 241 -31.65 -2.00 6.43
N CYS G 242 -32.94 -1.65 6.49
CA CYS G 242 -33.54 -1.22 7.74
C CYS G 242 -34.30 -2.43 8.25
N ALA G 243 -34.00 -2.85 9.49
CA ALA G 243 -34.57 -4.07 10.02
C ALA G 243 -35.21 -3.90 11.40
N THR G 244 -36.10 -4.87 11.76
CA THR G 244 -36.76 -5.11 13.05
C THR G 244 -37.89 -4.14 13.44
N GLN G 245 -39.04 -4.74 13.79
CA GLN G 245 -40.25 -4.13 14.32
C GLN G 245 -40.86 -3.06 13.41
N MET G 246 -40.66 -3.17 12.08
CA MET G 246 -41.22 -2.19 11.15
C MET G 246 -42.75 -2.23 11.11
N LEU G 247 -43.34 -3.43 11.07
CA LEU G 247 -44.79 -3.60 11.08
C LEU G 247 -45.16 -4.66 12.13
N GLU G 248 -44.51 -4.60 13.31
CA GLU G 248 -44.69 -5.54 14.42
C GLU G 248 -46.15 -5.90 14.77
N SER G 249 -47.07 -4.91 14.79
CA SER G 249 -48.47 -5.18 15.08
C SER G 249 -49.13 -6.12 14.08
N MET G 250 -48.60 -6.21 12.85
CA MET G 250 -49.14 -7.09 11.82
C MET G 250 -48.89 -8.60 12.07
N ILE G 251 -48.14 -8.94 13.14
CA ILE G 251 -47.93 -10.34 13.53
C ILE G 251 -49.29 -10.91 13.97
N THR G 252 -50.03 -10.13 14.75
CA THR G 252 -51.33 -10.49 15.29
C THR G 252 -52.51 -9.81 14.58
N LYS G 253 -52.35 -8.56 14.11
CA LYS G 253 -53.42 -7.74 13.51
C LYS G 253 -53.34 -7.58 11.98
N PRO G 254 -54.49 -7.45 11.28
CA PRO G 254 -54.44 -7.31 9.80
C PRO G 254 -54.02 -5.93 9.28
N ARG G 255 -53.97 -4.92 10.17
CA ARG G 255 -53.58 -3.57 9.79
C ARG G 255 -52.50 -3.06 10.75
N PRO G 256 -51.53 -2.26 10.26
CA PRO G 256 -50.49 -1.74 11.17
C PRO G 256 -50.88 -0.43 11.88
N THR G 257 -50.07 -0.02 12.85
CA THR G 257 -50.30 1.22 13.59
C THR G 257 -49.84 2.43 12.77
N ARG G 258 -50.23 3.62 13.19
CA ARG G 258 -49.83 4.87 12.53
C ARG G 258 -48.33 5.11 12.64
N ALA G 259 -47.67 4.59 13.70
CA ALA G 259 -46.24 4.71 13.88
C ALA G 259 -45.48 3.78 12.93
N GLU G 260 -46.05 2.59 12.66
CA GLU G 260 -45.47 1.57 11.80
C GLU G 260 -45.46 1.97 10.33
N THR G 261 -46.57 2.51 9.81
CA THR G 261 -46.62 2.99 8.44
C THR G 261 -45.63 4.18 8.27
N SER G 262 -45.59 5.07 9.27
CA SER G 262 -44.68 6.20 9.33
C SER G 262 -43.23 5.73 9.30
N ASP G 263 -42.91 4.71 10.11
CA ASP G 263 -41.57 4.13 10.19
C ASP G 263 -41.07 3.58 8.83
N VAL G 264 -41.90 2.77 8.15
CA VAL G 264 -41.57 2.18 6.85
C VAL G 264 -41.28 3.29 5.84
N ALA G 265 -42.17 4.29 5.78
CA ALA G 265 -42.02 5.41 4.87
C ALA G 265 -40.77 6.24 5.17
N ASN G 266 -40.45 6.41 6.45
CA ASN G 266 -39.28 7.19 6.84
C ASN G 266 -37.96 6.46 6.59
N ALA G 267 -37.95 5.12 6.66
CA ALA G 267 -36.76 4.34 6.34
C ALA G 267 -36.44 4.53 4.85
N VAL G 268 -37.49 4.51 3.99
CA VAL G 268 -37.35 4.74 2.56
C VAL G 268 -36.87 6.18 2.34
N LEU G 269 -37.51 7.15 2.98
CA LEU G 269 -37.12 8.55 2.84
C LEU G 269 -35.68 8.84 3.29
N ASP G 270 -35.19 8.10 4.31
CA ASP G 270 -33.82 8.23 4.81
C ASP G 270 -32.79 7.80 3.74
N GLY G 271 -33.16 6.81 2.94
CA GLY G 271 -32.30 6.29 1.89
C GLY G 271 -31.99 4.82 2.02
N ALA G 272 -32.87 4.05 2.69
CA ALA G 272 -32.64 2.61 2.85
C ALA G 272 -32.87 1.89 1.54
N ASP G 273 -31.96 1.00 1.19
CA ASP G 273 -32.08 0.21 -0.02
C ASP G 273 -33.11 -0.93 0.15
N CYS G 274 -33.16 -1.52 1.35
CA CYS G 274 -34.07 -2.61 1.67
C CYS G 274 -34.84 -2.37 2.95
N ILE G 275 -36.02 -2.96 3.05
CA ILE G 275 -36.82 -2.97 4.25
C ILE G 275 -37.10 -4.44 4.61
N MET G 276 -37.18 -4.75 5.91
CA MET G 276 -37.35 -6.14 6.34
C MET G 276 -38.57 -6.44 7.21
N LEU G 277 -39.02 -7.70 7.14
CA LEU G 277 -40.11 -8.22 7.95
C LEU G 277 -39.55 -9.46 8.67
N SER G 278 -39.50 -9.45 10.02
CA SER G 278 -39.00 -10.59 10.76
CA SER G 278 -39.01 -10.60 10.76
C SER G 278 -40.16 -11.51 11.24
N GLY G 279 -40.70 -11.31 12.45
CA GLY G 279 -41.82 -12.11 12.94
C GLY G 279 -43.08 -11.93 12.13
N GLU G 280 -43.23 -10.75 11.49
CA GLU G 280 -44.36 -10.35 10.66
C GLU G 280 -44.69 -11.38 9.55
N THR G 281 -43.65 -12.02 8.99
CA THR G 281 -43.75 -13.01 7.90
C THR G 281 -43.42 -14.45 8.33
N ALA G 282 -42.52 -14.60 9.33
CA ALA G 282 -42.06 -15.91 9.82
C ALA G 282 -43.05 -16.64 10.72
N LYS G 283 -43.66 -15.91 11.67
CA LYS G 283 -44.57 -16.51 12.62
C LYS G 283 -45.93 -15.83 12.72
N GLY G 284 -46.08 -14.65 12.13
CA GLY G 284 -47.32 -13.91 12.18
C GLY G 284 -48.47 -14.57 11.46
N ASN G 285 -49.68 -14.04 11.68
CA ASN G 285 -50.94 -14.47 11.07
C ASN G 285 -51.17 -13.82 9.68
N PHE G 286 -50.44 -12.74 9.38
CA PHE G 286 -50.62 -12.04 8.11
C PHE G 286 -49.28 -11.87 7.37
N PRO G 287 -48.66 -12.96 6.87
CA PRO G 287 -47.37 -12.80 6.18
C PRO G 287 -47.50 -12.16 4.80
N VAL G 288 -48.51 -12.60 4.00
CA VAL G 288 -48.75 -12.03 2.68
C VAL G 288 -49.22 -10.56 2.78
N GLU G 289 -50.02 -10.26 3.79
CA GLU G 289 -50.52 -8.91 4.02
C GLU G 289 -49.45 -7.95 4.49
N ALA G 290 -48.42 -8.45 5.20
CA ALA G 290 -47.31 -7.60 5.65
C ALA G 290 -46.43 -7.21 4.45
N VAL G 291 -46.24 -8.15 3.51
CA VAL G 291 -45.48 -7.91 2.28
C VAL G 291 -46.23 -6.89 1.42
N LYS G 292 -47.55 -7.07 1.23
CA LYS G 292 -48.38 -6.16 0.46
C LYS G 292 -48.35 -4.74 1.07
N MET G 293 -48.38 -4.65 2.41
CA MET G 293 -48.33 -3.37 3.09
C MET G 293 -47.00 -2.65 2.91
N GLN G 294 -45.88 -3.40 3.06
CA GLN G 294 -44.56 -2.79 2.83
C GLN G 294 -44.42 -2.32 1.40
N HIS G 295 -44.99 -3.07 0.45
CA HIS G 295 -44.98 -2.69 -0.96
C HIS G 295 -45.71 -1.34 -1.16
N ALA G 296 -46.94 -1.26 -0.63
CA ALA G 296 -47.78 -0.07 -0.74
C ALA G 296 -47.16 1.20 -0.18
N ILE G 297 -46.56 1.12 1.02
CA ILE G 297 -45.93 2.26 1.68
C ILE G 297 -44.67 2.71 0.93
N ALA G 298 -43.80 1.73 0.55
CA ALA G 298 -42.55 2.06 -0.14
C ALA G 298 -42.81 2.82 -1.44
N ARG G 299 -43.76 2.35 -2.27
CA ARG G 299 -44.17 3.01 -3.52
C ARG G 299 -44.50 4.50 -3.32
N GLU G 300 -45.25 4.82 -2.22
CA GLU G 300 -45.65 6.18 -1.90
C GLU G 300 -44.46 7.03 -1.49
N ALA G 301 -43.63 6.48 -0.60
CA ALA G 301 -42.46 7.13 -0.04
C ALA G 301 -41.38 7.47 -1.06
N GLU G 302 -41.20 6.58 -2.06
CA GLU G 302 -40.21 6.79 -3.12
C GLU G 302 -40.58 7.98 -4.01
N ALA G 303 -41.89 8.17 -4.26
CA ALA G 303 -42.36 9.30 -5.05
C ALA G 303 -42.08 10.63 -4.31
N ALA G 304 -42.23 10.61 -2.98
CA ALA G 304 -42.00 11.77 -2.13
C ALA G 304 -40.51 12.13 -1.88
N VAL G 305 -39.59 11.37 -2.47
CA VAL G 305 -38.16 11.67 -2.31
C VAL G 305 -37.78 12.97 -3.07
N TYR G 306 -37.05 13.88 -2.39
CA TYR G 306 -36.62 15.16 -2.98
C TYR G 306 -35.37 14.97 -3.86
N HIS G 307 -35.58 14.41 -5.06
CA HIS G 307 -34.50 14.09 -5.97
C HIS G 307 -33.62 15.27 -6.36
N ARG G 308 -34.19 16.49 -6.46
CA ARG G 308 -33.40 17.68 -6.83
C ARG G 308 -32.16 17.87 -5.98
N GLN G 309 -32.32 17.88 -4.65
CA GLN G 309 -31.20 18.04 -3.74
C GLN G 309 -30.47 16.73 -3.51
N LEU G 310 -31.20 15.61 -3.49
CA LEU G 310 -30.59 14.29 -3.31
C LEU G 310 -29.51 14.01 -4.37
N PHE G 311 -29.89 14.12 -5.66
CA PHE G 311 -28.97 13.87 -6.75
C PHE G 311 -27.80 14.85 -6.75
N GLU G 312 -28.08 16.13 -6.53
CA GLU G 312 -27.06 17.17 -6.50
C GLU G 312 -26.02 16.94 -5.39
N GLU G 313 -26.49 16.49 -4.21
CA GLU G 313 -25.61 16.23 -3.08
C GLU G 313 -24.82 14.97 -3.32
N LEU G 314 -25.48 13.92 -3.85
CA LEU G 314 -24.80 12.66 -4.17
C LEU G 314 -23.71 12.90 -5.21
N ARG G 315 -24.00 13.75 -6.20
CA ARG G 315 -23.09 14.14 -7.27
C ARG G 315 -21.86 14.85 -6.72
N ARG G 316 -22.05 15.90 -5.89
CA ARG G 316 -20.96 16.68 -5.30
C ARG G 316 -20.11 15.83 -4.34
N ALA G 317 -20.78 14.99 -3.53
CA ALA G 317 -20.12 14.13 -2.56
C ALA G 317 -19.31 13.00 -3.20
N ALA G 318 -19.75 12.50 -4.35
CA ALA G 318 -19.01 11.45 -5.03
C ALA G 318 -17.69 12.01 -5.58
N PRO G 319 -16.58 11.30 -5.34
CA PRO G 319 -15.29 11.81 -5.81
C PRO G 319 -15.11 11.67 -7.31
N LEU G 320 -14.13 12.39 -7.87
CA LEU G 320 -13.81 12.23 -9.29
C LEU G 320 -13.34 10.80 -9.55
N SER G 321 -13.68 10.25 -10.71
CA SER G 321 -13.29 8.89 -10.99
C SER G 321 -12.78 8.75 -12.36
N ARG G 322 -11.78 7.90 -12.54
CA ARG G 322 -11.28 7.59 -13.87
C ARG G 322 -11.70 6.16 -14.29
N ASP G 323 -12.72 5.59 -13.62
CA ASP G 323 -13.27 4.28 -13.95
C ASP G 323 -14.44 4.53 -14.91
N PRO G 324 -14.34 4.00 -16.13
CA PRO G 324 -15.42 4.21 -17.11
C PRO G 324 -16.80 3.80 -16.65
N THR G 325 -16.91 2.76 -15.80
CA THR G 325 -18.20 2.33 -15.28
C THR G 325 -18.77 3.42 -14.39
N GLU G 326 -17.96 3.98 -13.52
CA GLU G 326 -18.40 5.02 -12.59
CA GLU G 326 -18.39 5.02 -12.60
C GLU G 326 -18.78 6.32 -13.32
N VAL G 327 -18.05 6.66 -14.39
CA VAL G 327 -18.29 7.85 -15.22
C VAL G 327 -19.56 7.69 -16.05
N THR G 328 -19.72 6.51 -16.67
CA THR G 328 -20.91 6.21 -17.45
C THR G 328 -22.17 6.23 -16.59
N ALA G 329 -22.08 5.76 -15.33
CA ALA G 329 -23.21 5.71 -14.42
C ALA G 329 -23.75 7.09 -14.12
N ILE G 330 -22.88 8.09 -13.83
CA ILE G 330 -23.36 9.43 -13.53
C ILE G 330 -23.89 10.14 -14.79
N GLY G 331 -23.27 9.85 -15.92
CA GLY G 331 -23.72 10.41 -17.19
C GLY G 331 -25.12 9.91 -17.53
N ALA G 332 -25.37 8.60 -17.29
CA ALA G 332 -26.66 7.97 -17.60
C ALA G 332 -27.76 8.44 -16.71
N VAL G 333 -27.47 8.61 -15.43
CA VAL G 333 -28.47 9.07 -14.47
C VAL G 333 -28.82 10.55 -14.76
N GLU G 334 -27.82 11.37 -15.12
CA GLU G 334 -28.04 12.76 -15.49
CA GLU G 334 -28.03 12.77 -15.50
C GLU G 334 -28.92 12.85 -16.76
N ALA G 335 -28.64 11.98 -17.76
CA ALA G 335 -29.40 11.91 -18.99
C ALA G 335 -30.82 11.50 -18.70
N ALA G 336 -31.02 10.50 -17.80
CA ALA G 336 -32.35 10.00 -17.39
C ALA G 336 -33.20 11.07 -16.77
N PHE G 337 -32.59 11.95 -16.01
CA PHE G 337 -33.32 13.02 -15.34
C PHE G 337 -33.76 14.10 -16.35
N LYS G 338 -32.90 14.41 -17.30
CA LYS G 338 -33.15 15.43 -18.32
C LYS G 338 -34.36 15.12 -19.18
N CYS G 339 -34.59 13.85 -19.53
CA CYS G 339 -35.72 13.48 -20.39
C CYS G 339 -36.86 12.76 -19.69
N CYS G 340 -36.78 12.59 -18.35
CA CYS G 340 -37.76 11.85 -17.55
C CYS G 340 -37.88 10.42 -18.10
N ALA G 341 -36.71 9.78 -18.29
CA ALA G 341 -36.57 8.44 -18.83
C ALA G 341 -37.38 7.48 -18.03
N ALA G 342 -38.14 6.61 -18.72
CA ALA G 342 -38.97 5.62 -18.05
C ALA G 342 -38.09 4.59 -17.32
N ALA G 343 -36.91 4.29 -17.86
CA ALA G 343 -36.02 3.30 -17.30
C ALA G 343 -34.59 3.48 -17.81
N ILE G 344 -33.62 2.91 -17.09
CA ILE G 344 -32.22 2.79 -17.48
C ILE G 344 -32.00 1.29 -17.68
N ILE G 345 -31.72 0.82 -18.88
CA ILE G 345 -31.50 -0.59 -19.12
C ILE G 345 -30.01 -0.85 -19.13
N VAL G 346 -29.51 -1.65 -18.19
CA VAL G 346 -28.08 -1.93 -18.10
C VAL G 346 -27.77 -3.41 -18.20
N LEU G 347 -26.80 -3.74 -18.99
CA LEU G 347 -26.33 -5.08 -19.16
C LEU G 347 -25.24 -5.26 -18.15
N THR G 348 -25.38 -6.20 -17.23
CA THR G 348 -24.41 -6.45 -16.17
C THR G 348 -24.13 -7.94 -15.96
N THR G 349 -22.95 -8.29 -15.49
CA THR G 349 -22.60 -9.70 -15.27
C THR G 349 -22.46 -10.02 -13.80
N THR G 350 -21.90 -9.08 -13.07
CA THR G 350 -21.68 -9.16 -11.63
C THR G 350 -22.67 -8.29 -10.84
N GLY G 351 -23.44 -7.45 -11.51
CA GLY G 351 -24.35 -6.52 -10.85
C GLY G 351 -23.73 -5.17 -10.57
N ARG G 352 -22.41 -5.03 -10.80
CA ARG G 352 -21.67 -3.81 -10.47
C ARG G 352 -22.17 -2.56 -11.21
N SER G 353 -22.39 -2.67 -12.53
CA SER G 353 -22.85 -1.52 -13.32
C SER G 353 -24.20 -1.05 -12.86
N ALA G 354 -25.09 -1.98 -12.49
CA ALA G 354 -26.40 -1.63 -11.97
C ALA G 354 -26.26 -0.97 -10.61
N GLN G 355 -25.30 -1.43 -9.77
CA GLN G 355 -25.06 -0.86 -8.47
C GLN G 355 -24.62 0.57 -8.56
N LEU G 356 -23.70 0.86 -9.49
CA LEU G 356 -23.21 2.22 -9.69
C LEU G 356 -24.26 3.16 -10.22
N LEU G 357 -25.26 2.65 -10.95
CA LEU G 357 -26.36 3.48 -11.42
C LEU G 357 -27.25 3.80 -10.20
N SER G 358 -27.55 2.78 -9.40
CA SER G 358 -28.38 2.81 -8.21
C SER G 358 -27.93 3.84 -7.15
N ARG G 359 -26.60 3.95 -6.90
CA ARG G 359 -26.03 4.87 -5.91
C ARG G 359 -26.39 6.32 -6.13
N TYR G 360 -26.68 6.74 -7.40
CA TYR G 360 -27.09 8.10 -7.76
C TYR G 360 -28.60 8.34 -7.61
N ARG G 361 -29.33 7.34 -7.14
CA ARG G 361 -30.76 7.38 -6.86
C ARG G 361 -31.62 7.97 -7.98
N PRO G 362 -31.57 7.36 -9.18
CA PRO G 362 -32.41 7.87 -10.27
C PRO G 362 -33.89 7.59 -10.03
N ARG G 363 -34.75 8.42 -10.63
CA ARG G 363 -36.19 8.16 -10.57
C ARG G 363 -36.55 7.04 -11.59
N ALA G 364 -35.74 6.86 -12.64
CA ALA G 364 -35.96 5.84 -13.65
C ALA G 364 -35.57 4.46 -13.09
N ALA G 365 -36.35 3.44 -13.42
CA ALA G 365 -36.07 2.09 -12.96
C ALA G 365 -34.79 1.58 -13.61
N VAL G 366 -33.92 0.96 -12.82
CA VAL G 366 -32.71 0.37 -13.40
C VAL G 366 -33.04 -1.06 -13.77
N ILE G 367 -33.40 -1.29 -15.03
CA ILE G 367 -33.68 -2.63 -15.50
C ILE G 367 -32.34 -3.32 -15.80
N ALA G 368 -31.93 -4.29 -14.96
CA ALA G 368 -30.64 -4.94 -15.15
C ALA G 368 -30.80 -6.27 -15.85
N VAL G 369 -30.22 -6.43 -17.00
CA VAL G 369 -30.27 -7.68 -17.75
C VAL G 369 -28.95 -8.44 -17.54
N THR G 370 -29.06 -9.61 -16.88
CA THR G 370 -27.91 -10.43 -16.63
C THR G 370 -28.18 -11.86 -16.96
N ARG G 371 -27.13 -12.55 -17.31
CA ARG G 371 -27.16 -14.00 -17.51
C ARG G 371 -26.73 -14.74 -16.19
N SER G 372 -26.51 -13.97 -15.09
CA SER G 372 -26.02 -14.51 -13.86
C SER G 372 -27.16 -14.56 -12.89
N ALA G 373 -27.62 -15.79 -12.63
CA ALA G 373 -28.72 -16.02 -11.72
C ALA G 373 -28.39 -15.50 -10.33
N GLN G 374 -27.13 -15.68 -9.86
CA GLN G 374 -26.69 -15.16 -8.57
C GLN G 374 -26.74 -13.63 -8.57
N ALA G 375 -26.15 -12.98 -9.61
CA ALA G 375 -26.17 -11.53 -9.71
C ALA G 375 -27.60 -10.99 -9.76
N ALA G 376 -28.50 -11.67 -10.49
CA ALA G 376 -29.89 -11.26 -10.61
C ALA G 376 -30.57 -11.27 -9.25
N ARG G 377 -30.24 -12.26 -8.40
CA ARG G 377 -30.83 -12.33 -7.07
C ARG G 377 -30.20 -11.30 -6.14
N GLN G 378 -28.88 -11.13 -6.20
CA GLN G 378 -28.16 -10.17 -5.34
C GLN G 378 -28.44 -8.68 -5.61
N VAL G 379 -28.80 -8.30 -6.86
CA VAL G 379 -29.08 -6.88 -7.12
C VAL G 379 -30.33 -6.37 -6.43
N HIS G 380 -31.14 -7.25 -5.80
CA HIS G 380 -32.29 -6.81 -5.03
C HIS G 380 -31.81 -5.98 -3.82
N LEU G 381 -30.56 -6.15 -3.39
CA LEU G 381 -29.97 -5.35 -2.33
C LEU G 381 -29.89 -3.87 -2.73
N CYS G 382 -29.78 -3.56 -4.02
CA CYS G 382 -29.69 -2.18 -4.50
C CYS G 382 -31.03 -1.62 -4.88
N ARG G 383 -31.36 -0.47 -4.31
CA ARG G 383 -32.63 0.20 -4.55
C ARG G 383 -32.78 0.62 -6.01
N GLY G 384 -33.94 0.30 -6.56
CA GLY G 384 -34.28 0.67 -7.92
C GLY G 384 -33.77 -0.26 -8.97
N VAL G 385 -33.13 -1.38 -8.60
CA VAL G 385 -32.64 -2.31 -9.59
C VAL G 385 -33.65 -3.42 -9.74
N PHE G 386 -34.14 -3.63 -10.97
CA PHE G 386 -35.13 -4.63 -11.36
C PHE G 386 -34.45 -5.69 -12.23
N PRO G 387 -34.01 -6.79 -11.64
CA PRO G 387 -33.27 -7.79 -12.40
C PRO G 387 -34.11 -8.64 -13.35
N LEU G 388 -33.53 -8.97 -14.52
CA LEU G 388 -34.09 -9.84 -15.53
C LEU G 388 -33.05 -10.90 -15.84
N LEU G 389 -33.43 -12.19 -15.76
CA LEU G 389 -32.50 -13.26 -16.07
C LEU G 389 -32.62 -13.66 -17.54
N TYR G 390 -31.54 -13.49 -18.31
CA TYR G 390 -31.53 -13.80 -19.73
C TYR G 390 -31.06 -15.24 -19.88
N ARG G 391 -31.91 -16.10 -20.42
CA ARG G 391 -31.61 -17.52 -20.55
C ARG G 391 -31.37 -17.94 -22.00
N GLU G 392 -31.61 -17.05 -22.97
CA GLU G 392 -31.51 -17.35 -24.38
C GLU G 392 -30.14 -17.75 -24.78
N PRO G 393 -30.03 -18.59 -25.85
CA PRO G 393 -28.70 -18.99 -26.30
C PRO G 393 -27.98 -17.85 -27.01
N PRO G 394 -26.65 -17.84 -26.91
CA PRO G 394 -25.91 -16.71 -27.47
C PRO G 394 -25.89 -16.66 -28.96
N GLU G 395 -25.85 -15.44 -29.50
CA GLU G 395 -25.72 -15.14 -30.91
C GLU G 395 -24.20 -15.10 -31.18
N ALA G 396 -23.79 -15.60 -32.36
CA ALA G 396 -22.39 -15.67 -32.80
C ALA G 396 -21.68 -14.29 -32.79
N ILE G 397 -22.36 -13.25 -33.31
CA ILE G 397 -21.83 -11.90 -33.32
C ILE G 397 -22.19 -11.25 -31.99
N TRP G 398 -21.18 -10.78 -31.22
CA TRP G 398 -21.39 -10.19 -29.93
C TRP G 398 -22.34 -9.03 -29.94
N ALA G 399 -22.20 -8.10 -30.89
CA ALA G 399 -23.08 -6.92 -30.93
C ALA G 399 -24.55 -7.29 -31.06
N ASP G 400 -24.85 -8.41 -31.75
CA ASP G 400 -26.23 -8.94 -31.91
C ASP G 400 -26.71 -9.51 -30.59
N ASP G 401 -25.83 -10.21 -29.85
CA ASP G 401 -26.17 -10.72 -28.55
C ASP G 401 -26.44 -9.58 -27.59
N VAL G 402 -25.68 -8.47 -27.69
CA VAL G 402 -25.91 -7.31 -26.85
C VAL G 402 -27.30 -6.72 -27.13
N ASP G 403 -27.61 -6.52 -28.41
CA ASP G 403 -28.87 -5.97 -28.89
C ASP G 403 -30.05 -6.80 -28.52
N ARG G 404 -29.92 -8.14 -28.53
CA ARG G 404 -31.04 -9.00 -28.12
C ARG G 404 -31.31 -8.87 -26.63
N ARG G 405 -30.26 -8.61 -25.80
CA ARG G 405 -30.46 -8.44 -24.36
C ARG G 405 -31.12 -7.10 -24.02
N VAL G 406 -30.77 -6.08 -24.79
CA VAL G 406 -31.38 -4.77 -24.64
C VAL G 406 -32.88 -4.85 -25.05
N GLN G 407 -33.19 -5.56 -26.13
CA GLN G 407 -34.59 -5.77 -26.51
C GLN G 407 -35.31 -6.64 -25.51
N PHE G 408 -34.64 -7.60 -24.89
CA PHE G 408 -35.24 -8.43 -23.85
C PHE G 408 -35.69 -7.58 -22.69
N GLY G 409 -34.89 -6.57 -22.37
CA GLY G 409 -35.18 -5.61 -21.32
C GLY G 409 -36.32 -4.72 -21.69
N ILE G 410 -36.43 -4.31 -22.96
CA ILE G 410 -37.54 -3.48 -23.43
C ILE G 410 -38.83 -4.29 -23.45
N GLU G 411 -38.80 -5.51 -24.01
CA GLU G 411 -39.97 -6.35 -24.07
C GLU G 411 -40.44 -6.71 -22.66
N SER G 412 -39.50 -7.00 -21.71
CA SER G 412 -39.89 -7.29 -20.31
C SER G 412 -40.48 -6.04 -19.66
N GLY G 413 -39.90 -4.89 -19.89
CA GLY G 413 -40.36 -3.63 -19.33
C GLY G 413 -41.69 -3.21 -19.87
N LYS G 414 -41.96 -3.49 -21.16
CA LYS G 414 -43.25 -3.17 -21.82
C LYS G 414 -44.35 -4.03 -21.19
N LEU G 415 -44.08 -5.33 -21.08
CA LEU G 415 -44.95 -6.32 -20.50
C LEU G 415 -45.26 -6.04 -19.05
N ARG G 416 -44.25 -5.62 -18.27
CA ARG G 416 -44.44 -5.34 -16.82
C ARG G 416 -44.99 -3.96 -16.50
N GLY G 417 -45.21 -3.12 -17.50
CA GLY G 417 -45.78 -1.79 -17.29
C GLY G 417 -44.82 -0.64 -17.11
N PHE G 418 -43.50 -0.91 -17.08
CA PHE G 418 -42.50 0.17 -16.94
C PHE G 418 -42.41 1.04 -18.22
N LEU G 419 -42.64 0.43 -19.40
CA LEU G 419 -42.43 1.12 -20.66
C LEU G 419 -43.63 1.08 -21.57
N ARG G 420 -43.75 2.13 -22.38
CA ARG G 420 -44.77 2.30 -23.42
C ARG G 420 -44.06 2.82 -24.68
N VAL G 421 -44.66 2.62 -25.84
CA VAL G 421 -44.11 3.13 -27.10
C VAL G 421 -44.11 4.67 -27.05
N GLY G 422 -43.00 5.28 -27.44
CA GLY G 422 -42.88 6.73 -27.35
C GLY G 422 -42.02 7.18 -26.19
N ASP G 423 -41.88 6.34 -25.15
CA ASP G 423 -41.04 6.60 -23.99
C ASP G 423 -39.56 6.68 -24.36
N LEU G 424 -38.75 7.34 -23.51
CA LEU G 424 -37.33 7.41 -23.70
C LEU G 424 -36.63 6.55 -22.64
N VAL G 425 -35.60 5.79 -23.04
CA VAL G 425 -34.84 4.97 -22.11
C VAL G 425 -33.36 5.22 -22.30
N ILE G 426 -32.59 5.01 -21.24
CA ILE G 426 -31.15 5.15 -21.33
C ILE G 426 -30.59 3.75 -21.31
N VAL G 427 -29.77 3.39 -22.28
CA VAL G 427 -29.20 2.05 -22.35
C VAL G 427 -27.72 2.12 -22.02
N VAL G 428 -27.29 1.34 -21.02
CA VAL G 428 -25.91 1.31 -20.58
C VAL G 428 -25.25 -0.05 -20.88
N THR G 429 -24.20 -0.05 -21.70
CA THR G 429 -23.46 -1.22 -22.11
C THR G 429 -21.91 -0.90 -22.03
N GLY G 430 -21.10 -1.75 -22.62
CA GLY G 430 -19.66 -1.63 -22.69
C GLY G 430 -19.19 -1.97 -24.09
N TRP G 431 -17.91 -1.78 -24.36
CA TRP G 431 -17.36 -1.99 -25.72
C TRP G 431 -16.98 -3.39 -26.08
N ARG G 432 -16.70 -4.20 -25.07
CA ARG G 432 -16.27 -5.56 -25.28
C ARG G 432 -16.90 -6.51 -24.24
N PRO G 433 -16.99 -7.85 -24.56
CA PRO G 433 -17.58 -8.79 -23.61
C PRO G 433 -16.74 -8.90 -22.37
N GLY G 434 -17.39 -9.29 -21.29
CA GLY G 434 -16.69 -9.50 -20.05
C GLY G 434 -17.00 -8.40 -19.08
N SER G 435 -17.04 -8.75 -17.84
CA SER G 435 -17.32 -7.80 -16.79
C SER G 435 -16.23 -6.72 -16.68
N GLY G 436 -16.59 -5.54 -16.15
CA GLY G 436 -15.60 -4.50 -15.95
C GLY G 436 -15.36 -3.48 -17.02
N TYR G 437 -15.99 -3.64 -18.20
CA TYR G 437 -15.81 -2.72 -19.34
C TYR G 437 -16.98 -1.79 -19.69
N THR G 438 -17.94 -1.54 -18.79
CA THR G 438 -19.05 -0.64 -19.10
C THR G 438 -18.57 0.76 -19.41
N ASN G 439 -18.70 1.22 -20.65
CA ASN G 439 -18.30 2.58 -21.01
C ASN G 439 -19.26 3.29 -21.98
N ILE G 440 -20.49 2.74 -22.26
CA ILE G 440 -21.38 3.37 -23.25
C ILE G 440 -22.74 3.70 -22.68
N MET G 441 -23.31 4.84 -23.07
CA MET G 441 -24.64 5.30 -22.65
C MET G 441 -25.35 5.76 -23.96
N ARG G 442 -26.55 5.21 -24.26
CA ARG G 442 -27.34 5.52 -25.47
C ARG G 442 -28.69 6.01 -25.08
N VAL G 443 -29.21 7.03 -25.77
CA VAL G 443 -30.58 7.52 -25.54
C VAL G 443 -31.48 6.85 -26.61
N LEU G 444 -32.38 5.94 -26.20
CA LEU G 444 -33.25 5.20 -27.11
C LEU G 444 -34.73 5.55 -26.96
N SER G 445 -35.44 5.61 -28.09
CA SER G 445 -36.87 5.89 -28.09
C SER G 445 -37.59 4.53 -28.25
N ILE G 446 -38.47 4.18 -27.31
CA ILE G 446 -39.18 2.90 -27.39
C ILE G 446 -40.12 2.86 -28.62
N SER G 447 -39.89 1.90 -29.49
CA SER G 447 -40.69 1.72 -30.69
C SER G 447 -41.55 0.41 -30.64
N GLY H 23 -1.37 13.52 -9.94
CA GLY H 23 -0.25 14.26 -9.38
C GLY H 23 -0.65 15.54 -8.69
N THR H 24 0.20 16.03 -7.77
CA THR H 24 -0.08 17.28 -7.05
C THR H 24 0.07 18.53 -7.96
N ALA H 25 0.95 18.44 -8.97
CA ALA H 25 1.19 19.52 -9.90
C ALA H 25 -0.02 19.76 -10.80
N PHE H 26 -0.78 18.70 -11.17
CA PHE H 26 -1.96 18.85 -12.03
C PHE H 26 -3.03 19.69 -11.35
N PHE H 27 -3.24 19.44 -10.05
CA PHE H 27 -4.28 20.11 -9.26
C PHE H 27 -3.92 21.54 -8.82
N GLN H 28 -2.73 22.03 -9.16
CA GLN H 28 -2.35 23.43 -8.88
C GLN H 28 -2.57 24.33 -10.12
N GLN H 29 -2.52 23.74 -11.33
CA GLN H 29 -2.72 24.44 -12.59
C GLN H 29 -4.22 24.70 -12.89
N GLN H 30 -4.48 25.53 -13.94
CA GLN H 30 -5.77 25.98 -14.48
C GLN H 30 -6.82 26.33 -13.42
N GLN H 31 -6.37 27.02 -12.33
CA GLN H 31 -7.18 27.47 -11.18
C GLN H 31 -8.03 26.37 -10.59
N LEU H 32 -7.47 25.14 -10.52
CA LEU H 32 -8.20 24.00 -9.98
C LEU H 32 -8.53 24.17 -8.48
N PRO H 33 -7.65 24.75 -7.61
CA PRO H 33 -8.06 24.95 -6.21
C PRO H 33 -9.25 25.90 -6.09
N ALA H 34 -9.27 26.96 -6.92
CA ALA H 34 -10.33 27.96 -6.95
C ALA H 34 -11.66 27.39 -7.46
N ALA H 35 -11.63 26.46 -8.44
CA ALA H 35 -12.85 25.85 -8.99
C ALA H 35 -13.48 24.80 -8.06
N MET H 36 -12.67 24.21 -7.16
CA MET H 36 -13.14 23.22 -6.17
C MET H 36 -13.83 23.89 -4.96
N ALA H 37 -13.71 25.23 -4.80
CA ALA H 37 -14.28 25.98 -3.69
C ALA H 37 -15.79 25.83 -3.56
N ASP H 38 -16.29 25.78 -2.32
CA ASP H 38 -17.71 25.59 -1.99
C ASP H 38 -18.53 26.85 -2.17
N THR H 39 -17.89 28.03 -2.09
CA THR H 39 -18.54 29.32 -2.28
C THR H 39 -17.80 30.17 -3.32
N PHE H 40 -18.49 31.16 -3.89
CA PHE H 40 -17.92 32.09 -4.84
C PHE H 40 -16.89 33.02 -4.16
N LEU H 41 -17.11 33.38 -2.88
CA LEU H 41 -16.16 34.21 -2.16
C LEU H 41 -14.86 33.43 -1.97
N GLU H 42 -14.96 32.14 -1.59
CA GLU H 42 -13.81 31.23 -1.42
C GLU H 42 -13.08 31.04 -2.75
N HIS H 43 -13.85 30.94 -3.87
CA HIS H 43 -13.35 30.79 -5.23
C HIS H 43 -12.46 31.99 -5.57
N LEU H 44 -12.93 33.22 -5.28
CA LEU H 44 -12.18 34.43 -5.54
C LEU H 44 -10.90 34.45 -4.74
N CYS H 45 -10.96 34.09 -3.45
CA CYS H 45 -9.79 34.08 -2.57
C CYS H 45 -8.75 33.04 -2.99
N LEU H 46 -9.16 31.97 -3.67
CA LEU H 46 -8.27 30.91 -4.13
C LEU H 46 -7.67 31.13 -5.54
N LEU H 47 -7.91 32.30 -6.16
CA LEU H 47 -7.35 32.58 -7.48
C LEU H 47 -5.86 32.82 -7.30
N ASP H 48 -5.05 32.15 -8.12
CA ASP H 48 -3.60 32.19 -8.03
C ASP H 48 -3.00 32.68 -9.36
N ILE H 49 -2.17 33.74 -9.33
CA ILE H 49 -1.50 34.21 -10.54
C ILE H 49 -0.40 33.24 -10.99
N ASP H 50 0.11 32.38 -10.10
CA ASP H 50 1.11 31.37 -10.41
C ASP H 50 0.49 30.06 -10.97
N SER H 51 -0.85 29.97 -10.98
CA SER H 51 -1.56 28.83 -11.51
C SER H 51 -1.70 29.07 -13.03
N GLU H 52 -0.91 28.32 -13.84
CA GLU H 52 -0.92 28.50 -15.29
C GLU H 52 -2.05 27.78 -16.01
N PRO H 53 -2.62 28.42 -17.05
CA PRO H 53 -3.73 27.75 -17.77
C PRO H 53 -3.24 26.57 -18.61
N VAL H 54 -3.98 25.43 -18.54
CA VAL H 54 -3.63 24.17 -19.24
C VAL H 54 -4.43 23.99 -20.50
N ALA H 55 -5.72 24.31 -20.38
CA ALA H 55 -6.69 24.15 -21.44
C ALA H 55 -6.49 25.12 -22.59
N ALA H 56 -6.98 24.74 -23.79
CA ALA H 56 -6.88 25.58 -24.96
C ALA H 56 -7.89 26.70 -24.83
N ARG H 57 -7.61 27.82 -25.50
CA ARG H 57 -8.47 28.99 -25.42
C ARG H 57 -9.79 28.74 -26.13
N SER H 58 -10.87 28.74 -25.37
CA SER H 58 -12.23 28.45 -25.82
C SER H 58 -13.02 29.65 -26.41
N THR H 59 -12.84 30.87 -25.88
CA THR H 59 -13.54 32.04 -26.38
C THR H 59 -12.96 32.43 -27.73
N SER H 60 -13.80 32.49 -28.77
CA SER H 60 -13.28 32.80 -30.11
C SER H 60 -12.94 34.25 -30.27
N ILE H 61 -12.00 34.54 -31.18
CA ILE H 61 -11.58 35.88 -31.47
C ILE H 61 -12.05 36.29 -32.87
N ILE H 62 -12.86 37.36 -32.95
CA ILE H 62 -13.29 37.93 -34.24
C ILE H 62 -12.36 39.12 -34.52
N ALA H 63 -11.72 39.14 -35.70
CA ALA H 63 -10.83 40.21 -36.05
C ALA H 63 -11.40 40.91 -37.26
N THR H 64 -11.55 42.25 -37.17
CA THR H 64 -12.06 43.05 -38.30
C THR H 64 -10.96 43.24 -39.28
N ILE H 65 -11.23 42.93 -40.56
CA ILE H 65 -10.24 42.99 -41.62
C ILE H 65 -10.29 44.37 -42.27
N GLY H 66 -9.13 45.00 -42.33
CA GLY H 66 -8.98 46.32 -42.92
C GLY H 66 -7.63 46.44 -43.58
N PRO H 67 -7.16 47.68 -43.84
CA PRO H 67 -5.85 47.86 -44.48
C PRO H 67 -4.69 47.26 -43.70
N ALA H 68 -4.76 47.30 -42.37
CA ALA H 68 -3.70 46.78 -41.49
C ALA H 68 -3.58 45.25 -41.45
N SER H 69 -4.62 44.55 -41.91
CA SER H 69 -4.68 43.12 -41.79
C SER H 69 -5.22 42.47 -43.03
N ARG H 70 -4.91 43.00 -44.20
CA ARG H 70 -5.40 42.44 -45.44
C ARG H 70 -4.37 41.63 -46.21
N SER H 71 -3.09 41.80 -45.92
CA SER H 71 -2.09 41.07 -46.64
C SER H 71 -2.18 39.59 -46.33
N VAL H 72 -2.02 38.73 -47.33
CA VAL H 72 -2.08 37.28 -47.14
C VAL H 72 -1.07 36.81 -46.07
N GLU H 73 0.13 37.40 -46.05
CA GLU H 73 1.18 37.07 -45.06
C GLU H 73 0.87 37.52 -43.65
N ARG H 74 0.16 38.63 -43.51
CA ARG H 74 -0.25 39.17 -42.22
C ARG H 74 -1.39 38.33 -41.69
N LEU H 75 -2.35 37.94 -42.56
CA LEU H 75 -3.50 37.08 -42.22
C LEU H 75 -3.05 35.72 -41.70
N LYS H 76 -1.95 35.14 -42.25
CA LYS H 76 -1.33 33.89 -41.79
C LYS H 76 -0.80 34.02 -40.37
N GLU H 77 -0.25 35.19 -40.04
CA GLU H 77 0.25 35.46 -38.70
C GLU H 77 -0.91 35.59 -37.71
N MET H 78 -2.03 36.19 -38.14
CA MET H 78 -3.20 36.36 -37.29
CA MET H 78 -3.20 36.36 -37.29
C MET H 78 -3.88 35.01 -37.05
N ILE H 79 -3.85 34.10 -38.05
CA ILE H 79 -4.42 32.77 -37.89
C ILE H 79 -3.58 32.03 -36.83
N LYS H 80 -2.25 32.13 -36.93
CA LYS H 80 -1.34 31.51 -35.96
C LYS H 80 -1.48 32.11 -34.57
N ALA H 81 -1.80 33.41 -34.48
CA ALA H 81 -1.99 34.15 -33.22
C ALA H 81 -3.31 33.81 -32.55
N GLY H 82 -4.29 33.34 -33.30
CA GLY H 82 -5.56 32.93 -32.73
C GLY H 82 -6.85 33.44 -33.35
N MET H 83 -6.79 34.08 -34.52
CA MET H 83 -8.00 34.59 -35.16
C MET H 83 -8.88 33.43 -35.58
N ASN H 84 -10.18 33.50 -35.21
CA ASN H 84 -11.10 32.42 -35.57
C ASN H 84 -12.12 32.88 -36.59
N ILE H 85 -12.57 34.12 -36.49
CA ILE H 85 -13.57 34.70 -37.40
C ILE H 85 -13.02 36.03 -37.97
N ALA H 86 -13.21 36.26 -39.27
CA ALA H 86 -12.78 37.46 -39.96
C ALA H 86 -14.01 38.31 -40.27
N ARG H 87 -14.08 39.49 -39.68
CA ARG H 87 -15.22 40.38 -39.87
C ARG H 87 -14.99 41.37 -40.98
N LEU H 88 -15.97 41.50 -41.90
CA LEU H 88 -15.93 42.47 -42.98
C LEU H 88 -16.93 43.56 -42.67
N ASN H 89 -16.45 44.79 -42.37
CA ASN H 89 -17.38 45.88 -42.06
C ASN H 89 -17.88 46.51 -43.35
N PHE H 90 -19.15 46.28 -43.71
CA PHE H 90 -19.72 46.86 -44.93
C PHE H 90 -20.09 48.35 -44.82
N SER H 91 -19.76 49.01 -43.69
CA SER H 91 -19.89 50.45 -43.52
C SER H 91 -18.78 51.19 -44.30
N HIS H 92 -17.64 50.53 -44.52
CA HIS H 92 -16.48 51.06 -45.22
C HIS H 92 -16.10 50.09 -46.34
N GLY H 93 -15.73 50.62 -47.48
CA GLY H 93 -15.30 49.81 -48.60
C GLY H 93 -16.37 49.42 -49.59
N SER H 94 -15.94 49.13 -50.82
CA SER H 94 -16.80 48.70 -51.92
C SER H 94 -16.93 47.17 -51.96
N HIS H 95 -17.83 46.63 -52.80
CA HIS H 95 -17.95 45.18 -52.98
C HIS H 95 -16.67 44.57 -53.52
N GLU H 96 -15.96 45.30 -54.37
CA GLU H 96 -14.69 44.84 -54.96
C GLU H 96 -13.63 44.73 -53.88
N TYR H 97 -13.65 45.66 -52.92
CA TYR H 97 -12.72 45.69 -51.83
C TYR H 97 -12.92 44.46 -50.94
N HIS H 98 -14.15 44.23 -50.55
CA HIS H 98 -14.49 43.10 -49.68
C HIS H 98 -14.31 41.75 -50.34
N ALA H 99 -14.49 41.63 -51.67
CA ALA H 99 -14.24 40.40 -52.37
C ALA H 99 -12.74 40.06 -52.34
N GLU H 100 -11.85 41.10 -52.39
CA GLU H 100 -10.38 40.95 -52.31
C GLU H 100 -10.03 40.47 -50.91
N SER H 101 -10.71 41.01 -49.88
CA SER H 101 -10.47 40.60 -48.51
C SER H 101 -10.80 39.11 -48.32
N ILE H 102 -12.00 38.67 -48.81
CA ILE H 102 -12.47 37.29 -48.75
C ILE H 102 -11.46 36.37 -49.39
N ALA H 103 -10.96 36.74 -50.55
CA ALA H 103 -9.98 35.96 -51.29
C ALA H 103 -8.67 35.85 -50.56
N ASN H 104 -8.20 36.97 -49.95
CA ASN H 104 -6.94 36.99 -49.18
C ASN H 104 -7.02 36.12 -47.95
N VAL H 105 -8.16 36.20 -47.27
CA VAL H 105 -8.41 35.39 -46.09
C VAL H 105 -8.42 33.91 -46.49
N ARG H 106 -9.22 33.55 -47.52
CA ARG H 106 -9.25 32.16 -47.97
C ARG H 106 -7.88 31.64 -48.41
N GLU H 107 -7.07 32.48 -49.05
CA GLU H 107 -5.72 32.10 -49.46
C GLU H 107 -4.83 31.82 -48.25
N ALA H 108 -4.91 32.66 -47.22
CA ALA H 108 -4.13 32.47 -46.00
C ALA H 108 -4.58 31.23 -45.20
N VAL H 109 -5.88 30.96 -45.17
CA VAL H 109 -6.42 29.81 -44.44
C VAL H 109 -6.09 28.51 -45.15
N GLU H 110 -6.24 28.50 -46.47
CA GLU H 110 -5.98 27.30 -47.25
C GLU H 110 -4.50 26.98 -47.41
N SER H 111 -3.60 27.91 -47.05
CA SER H 111 -2.16 27.65 -47.08
C SER H 111 -1.78 26.57 -46.02
N PHE H 112 -2.63 26.31 -45.04
CA PHE H 112 -2.40 25.32 -44.00
C PHE H 112 -3.14 24.00 -44.25
N ALA H 113 -3.87 23.88 -45.35
CA ALA H 113 -4.63 22.66 -45.62
C ALA H 113 -3.75 21.42 -45.84
N GLY H 114 -2.51 21.63 -46.29
CA GLY H 114 -1.55 20.57 -46.56
C GLY H 114 -1.27 19.64 -45.40
N SER H 115 -1.56 20.08 -44.18
CA SER H 115 -1.41 19.26 -42.97
C SER H 115 -2.77 19.26 -42.30
N PRO H 116 -3.67 18.30 -42.65
CA PRO H 116 -5.05 18.37 -42.15
C PRO H 116 -5.22 18.22 -40.65
N LEU H 117 -4.22 17.70 -39.96
CA LEU H 117 -4.28 17.52 -38.50
C LEU H 117 -4.05 18.84 -37.77
N SER H 118 -3.46 19.83 -38.43
CA SER H 118 -3.17 21.12 -37.80
C SER H 118 -3.82 22.32 -38.56
N TYR H 119 -4.73 22.05 -39.52
CA TYR H 119 -5.41 23.07 -40.30
C TYR H 119 -6.47 23.70 -39.43
N ARG H 120 -6.53 25.04 -39.40
CA ARG H 120 -7.54 25.74 -38.61
C ARG H 120 -8.57 26.43 -39.49
N PRO H 121 -9.84 26.02 -39.43
CA PRO H 121 -10.87 26.73 -40.24
C PRO H 121 -11.08 28.17 -39.72
N VAL H 122 -11.33 29.13 -40.64
CA VAL H 122 -11.61 30.51 -40.21
C VAL H 122 -12.92 30.97 -40.83
N ALA H 123 -13.91 31.39 -40.01
CA ALA H 123 -15.18 31.86 -40.52
C ALA H 123 -15.10 33.25 -41.13
N ILE H 124 -15.98 33.59 -42.09
CA ILE H 124 -16.03 34.92 -42.67
C ILE H 124 -17.38 35.51 -42.32
N ALA H 125 -17.40 36.64 -41.64
CA ALA H 125 -18.66 37.27 -41.22
C ALA H 125 -18.85 38.63 -41.90
N LEU H 126 -20.07 38.91 -42.35
CA LEU H 126 -20.41 40.15 -43.03
C LEU H 126 -21.17 41.02 -42.06
N ASP H 127 -20.61 42.17 -41.71
CA ASP H 127 -21.28 43.08 -40.80
C ASP H 127 -21.98 44.14 -41.67
N THR H 128 -23.32 44.16 -41.67
CA THR H 128 -24.08 45.08 -42.51
C THR H 128 -23.96 46.53 -42.08
N LYS H 129 -24.15 47.48 -43.04
CA LYS H 129 -24.06 48.92 -42.81
C LYS H 129 -25.16 49.39 -41.85
N GLY H 130 -26.38 48.91 -42.06
CA GLY H 130 -27.50 49.24 -41.21
C GLY H 130 -28.60 50.06 -41.85
N PRO H 131 -29.75 50.15 -41.17
CA PRO H 131 -30.88 50.92 -41.72
C PRO H 131 -30.75 52.44 -41.57
N GLY H 132 -29.89 52.90 -40.66
CA GLY H 132 -29.69 54.33 -40.40
C GLY H 132 -30.98 55.07 -40.12
N SER H 133 -31.27 56.10 -40.96
CA SER H 133 -32.49 56.91 -40.88
C SER H 133 -33.76 56.08 -41.15
N GLY H 134 -33.64 55.12 -42.07
CA GLY H 134 -34.74 54.27 -42.50
C GLY H 134 -35.32 53.34 -41.46
N PRO H 135 -36.53 52.84 -41.76
CA PRO H 135 -37.21 51.91 -40.84
C PRO H 135 -36.88 50.41 -41.06
N GLY H 136 -37.05 49.92 -42.30
CA GLY H 136 -36.79 48.53 -42.65
C GLY H 136 -35.38 48.31 -43.14
N LEU H 137 -35.19 47.22 -43.90
CA LEU H 137 -33.89 46.86 -44.45
C LEU H 137 -33.55 47.83 -45.56
N SER H 138 -32.40 48.49 -45.49
CA SER H 138 -32.01 49.46 -46.52
C SER H 138 -31.74 48.80 -47.88
N GLU H 139 -31.71 49.61 -48.95
CA GLU H 139 -31.44 49.06 -50.29
C GLU H 139 -30.01 48.56 -50.38
N GLN H 140 -29.06 49.30 -49.75
CA GLN H 140 -27.66 48.89 -49.74
C GLN H 140 -27.49 47.57 -49.00
N ASP H 141 -28.21 47.38 -47.88
CA ASP H 141 -28.15 46.13 -47.13
C ASP H 141 -28.61 44.94 -47.95
N VAL H 142 -29.66 45.11 -48.75
CA VAL H 142 -30.14 44.03 -49.60
C VAL H 142 -29.09 43.63 -50.64
N ARG H 143 -28.35 44.61 -51.16
CA ARG H 143 -27.28 44.36 -52.12
C ARG H 143 -26.07 43.72 -51.44
N ASP H 144 -25.72 44.17 -50.24
CA ASP H 144 -24.58 43.63 -49.49
C ASP H 144 -24.84 42.21 -49.05
N LEU H 145 -26.08 41.89 -48.65
CA LEU H 145 -26.51 40.55 -48.24
C LEU H 145 -26.49 39.59 -49.44
N ARG H 146 -26.90 40.06 -50.62
CA ARG H 146 -26.84 39.28 -51.84
C ARG H 146 -25.36 38.96 -52.17
N PHE H 147 -24.46 39.92 -51.94
CA PHE H 147 -23.03 39.78 -52.14
C PHE H 147 -22.49 38.67 -51.22
N GLY H 148 -22.91 38.69 -49.97
CA GLY H 148 -22.48 37.72 -48.99
C GLY H 148 -22.88 36.32 -49.39
N VAL H 149 -24.09 36.18 -49.93
CA VAL H 149 -24.58 34.88 -50.39
C VAL H 149 -23.76 34.43 -51.58
N GLU H 150 -23.55 35.30 -52.57
CA GLU H 150 -22.74 34.99 -53.75
C GLU H 150 -21.30 34.62 -53.41
N HIS H 151 -20.77 35.16 -52.34
CA HIS H 151 -19.38 34.91 -51.95
C HIS H 151 -19.19 33.90 -50.83
N GLY H 152 -20.28 33.30 -50.38
CA GLY H 152 -20.22 32.23 -49.40
C GLY H 152 -19.83 32.62 -48.00
N VAL H 153 -20.36 33.74 -47.50
CA VAL H 153 -20.04 34.13 -46.12
C VAL H 153 -20.75 33.17 -45.19
N ASP H 154 -20.20 32.97 -43.98
CA ASP H 154 -20.78 32.02 -43.04
C ASP H 154 -21.75 32.69 -42.08
N ILE H 155 -21.40 33.91 -41.64
CA ILE H 155 -22.18 34.62 -40.64
C ILE H 155 -22.51 36.02 -41.13
N VAL H 156 -23.61 36.59 -40.62
CA VAL H 156 -24.02 37.94 -40.88
C VAL H 156 -24.21 38.60 -39.53
N PHE H 157 -23.59 39.76 -39.30
CA PHE H 157 -23.83 40.52 -38.09
C PHE H 157 -24.80 41.58 -38.58
N ALA H 158 -26.10 41.36 -38.37
CA ALA H 158 -27.10 42.31 -38.82
C ALA H 158 -27.14 43.52 -37.90
N SER H 159 -26.75 44.70 -38.39
CA SER H 159 -26.74 45.97 -37.65
C SER H 159 -28.13 46.52 -37.33
N PHE H 160 -28.23 47.16 -36.15
CA PHE H 160 -29.40 47.84 -35.59
C PHE H 160 -30.71 47.05 -35.66
N VAL H 161 -30.69 45.82 -35.13
CA VAL H 161 -31.89 45.01 -35.08
C VAL H 161 -32.74 45.59 -33.97
N ARG H 162 -34.02 45.89 -34.26
CA ARG H 162 -34.91 46.47 -33.26
C ARG H 162 -36.16 45.62 -32.97
N LYS H 163 -36.44 44.63 -33.82
CA LYS H 163 -37.58 43.75 -33.64
C LYS H 163 -37.36 42.46 -34.43
N ALA H 164 -38.21 41.44 -34.23
CA ALA H 164 -38.10 40.17 -34.94
C ALA H 164 -38.35 40.30 -36.43
N SER H 165 -39.14 41.29 -36.86
CA SER H 165 -39.41 41.50 -38.29
C SER H 165 -38.14 41.93 -39.05
N ASP H 166 -37.17 42.60 -38.35
CA ASP H 166 -35.88 43.00 -38.93
C ASP H 166 -35.02 41.77 -39.25
N VAL H 167 -35.05 40.76 -38.37
CA VAL H 167 -34.31 39.52 -38.59
C VAL H 167 -34.91 38.77 -39.79
N ALA H 168 -36.25 38.75 -39.88
CA ALA H 168 -36.97 38.09 -40.96
C ALA H 168 -36.62 38.72 -42.28
N ALA H 169 -36.45 40.08 -42.31
CA ALA H 169 -36.07 40.81 -43.51
C ALA H 169 -34.68 40.40 -43.99
N VAL H 170 -33.72 40.20 -43.05
CA VAL H 170 -32.36 39.78 -43.37
C VAL H 170 -32.37 38.37 -43.91
N ARG H 171 -33.17 37.47 -43.30
N ARG H 171 -33.16 37.48 -43.30
CA ARG H 171 -33.27 36.09 -43.75
CA ARG H 171 -33.26 36.09 -43.75
C ARG H 171 -33.83 36.04 -45.18
C ARG H 171 -33.84 36.04 -45.19
N ALA H 172 -34.86 36.87 -45.45
CA ALA H 172 -35.48 36.97 -46.77
C ALA H 172 -34.49 37.49 -47.80
N ALA H 173 -33.70 38.54 -47.46
CA ALA H 173 -32.69 39.10 -48.37
C ALA H 173 -31.58 38.12 -48.72
N LEU H 174 -31.34 37.12 -47.87
CA LEU H 174 -30.35 36.08 -48.13
C LEU H 174 -30.84 35.08 -49.19
N GLY H 175 -32.16 35.02 -49.41
CA GLY H 175 -32.76 34.15 -50.40
C GLY H 175 -32.75 32.68 -50.03
N PRO H 176 -33.05 31.83 -51.00
CA PRO H 176 -33.04 30.38 -50.73
C PRO H 176 -31.64 29.77 -50.54
N GLU H 177 -30.66 30.35 -51.20
CA GLU H 177 -29.28 29.91 -51.15
C GLU H 177 -28.55 30.32 -49.83
N GLY H 178 -29.05 31.35 -49.15
CA GLY H 178 -28.48 31.81 -47.89
C GLY H 178 -29.17 31.25 -46.66
N HIS H 179 -29.70 30.03 -46.76
CA HIS H 179 -30.40 29.39 -45.65
CA HIS H 179 -30.39 29.40 -45.64
C HIS H 179 -29.43 28.94 -44.55
N GLY H 180 -28.23 28.51 -44.95
CA GLY H 180 -27.23 28.02 -44.02
C GLY H 180 -26.44 29.09 -43.27
N ILE H 181 -26.52 30.36 -43.72
CA ILE H 181 -25.83 31.47 -43.10
C ILE H 181 -26.41 31.75 -41.71
N LYS H 182 -25.54 32.03 -40.72
CA LYS H 182 -25.98 32.32 -39.36
C LYS H 182 -26.25 33.82 -39.18
N ILE H 183 -27.35 34.18 -38.54
CA ILE H 183 -27.68 35.58 -38.29
C ILE H 183 -27.44 35.95 -36.84
N ILE H 184 -26.43 36.80 -36.58
CA ILE H 184 -26.10 37.30 -35.26
C ILE H 184 -26.66 38.72 -35.22
N SER H 185 -27.71 38.97 -34.44
CA SER H 185 -28.35 40.27 -34.36
C SER H 185 -27.61 41.22 -33.48
N LYS H 186 -27.17 42.35 -34.04
CA LYS H 186 -26.49 43.37 -33.25
C LYS H 186 -27.51 44.21 -32.53
N ILE H 187 -27.45 44.23 -31.19
CA ILE H 187 -28.35 45.07 -30.38
C ILE H 187 -27.56 46.35 -30.12
N GLU H 188 -27.98 47.45 -30.78
CA GLU H 188 -27.24 48.72 -30.71
C GLU H 188 -28.04 49.90 -30.16
N ASN H 189 -29.32 49.70 -29.81
CA ASN H 189 -30.16 50.80 -29.32
C ASN H 189 -31.17 50.35 -28.24
N HIS H 190 -31.89 51.30 -27.62
CA HIS H 190 -32.86 50.98 -26.58
C HIS H 190 -33.98 50.03 -27.03
N GLU H 191 -34.53 50.21 -28.25
CA GLU H 191 -35.62 49.35 -28.72
C GLU H 191 -35.20 47.89 -28.80
N GLY H 192 -33.97 47.65 -29.27
CA GLY H 192 -33.41 46.31 -29.39
C GLY H 192 -33.25 45.65 -28.04
N VAL H 193 -32.81 46.43 -27.03
CA VAL H 193 -32.66 45.93 -25.67
C VAL H 193 -34.03 45.53 -25.07
N LYS H 194 -35.06 46.33 -25.35
CA LYS H 194 -36.39 46.03 -24.85
C LYS H 194 -37.08 44.89 -25.58
N ARG H 195 -36.92 44.80 -26.90
CA ARG H 195 -37.52 43.69 -27.65
C ARG H 195 -36.60 42.47 -27.77
N PHE H 196 -35.53 42.39 -26.93
CA PHE H 196 -34.51 41.35 -26.89
C PHE H 196 -35.04 39.91 -26.97
N ASP H 197 -36.05 39.58 -26.19
CA ASP H 197 -36.56 38.21 -26.16
C ASP H 197 -37.13 37.74 -27.50
N GLU H 198 -37.82 38.65 -28.22
CA GLU H 198 -38.39 38.30 -29.53
C GLU H 198 -37.33 38.22 -30.62
N ILE H 199 -36.26 39.04 -30.49
CA ILE H 199 -35.14 39.09 -31.42
C ILE H 199 -34.29 37.81 -31.27
N LEU H 200 -33.90 37.45 -30.02
CA LEU H 200 -33.11 36.26 -29.75
C LEU H 200 -33.83 35.00 -30.22
N GLU H 201 -35.17 34.98 -30.10
CA GLU H 201 -35.94 33.82 -30.49
C GLU H 201 -35.81 33.47 -31.95
N VAL H 202 -35.70 34.50 -32.80
CA VAL H 202 -35.60 34.33 -34.24
C VAL H 202 -34.15 34.44 -34.79
N SER H 203 -33.17 34.80 -33.94
CA SER H 203 -31.77 34.91 -34.33
C SER H 203 -30.99 33.64 -33.98
N ASP H 204 -29.87 33.42 -34.64
CA ASP H 204 -28.95 32.33 -34.31
C ASP H 204 -28.05 32.67 -33.07
N GLY H 205 -27.91 33.97 -32.78
CA GLY H 205 -27.12 34.50 -31.70
C GLY H 205 -27.21 36.02 -31.65
N ILE H 206 -26.48 36.64 -30.71
CA ILE H 206 -26.51 38.10 -30.51
C ILE H 206 -25.14 38.72 -30.47
N MET H 207 -25.05 39.99 -30.77
CA MET H 207 -23.82 40.74 -30.60
C MET H 207 -24.14 41.99 -29.75
N VAL H 208 -23.37 42.19 -28.69
CA VAL H 208 -23.52 43.36 -27.85
C VAL H 208 -22.63 44.44 -28.45
N ALA H 209 -23.23 45.21 -29.37
CA ALA H 209 -22.59 46.28 -30.11
C ALA H 209 -22.53 47.49 -29.23
N ARG H 210 -21.53 47.53 -28.34
CA ARG H 210 -21.37 48.55 -27.31
C ARG H 210 -21.11 49.97 -27.82
N GLY H 211 -20.54 50.12 -29.01
CA GLY H 211 -20.27 51.45 -29.55
C GLY H 211 -21.50 52.31 -29.75
N ASP H 212 -22.43 51.84 -30.57
CA ASP H 212 -23.70 52.54 -30.79
C ASP H 212 -24.57 52.47 -29.55
N LEU H 213 -24.56 51.33 -28.83
CA LEU H 213 -25.33 51.15 -27.61
C LEU H 213 -24.93 52.16 -26.54
N GLY H 214 -23.65 52.50 -26.46
CA GLY H 214 -23.13 53.47 -25.52
C GLY H 214 -23.50 54.91 -25.82
N ILE H 215 -24.10 55.15 -26.98
CA ILE H 215 -24.54 56.47 -27.36
C ILE H 215 -26.09 56.52 -27.40
N GLU H 216 -26.76 55.41 -27.74
CA GLU H 216 -28.22 55.32 -27.73
C GLU H 216 -28.81 55.26 -26.30
N ILE H 217 -28.10 54.56 -25.39
CA ILE H 217 -28.44 54.46 -23.98
C ILE H 217 -27.32 55.11 -23.11
N PRO H 218 -27.60 55.55 -21.87
CA PRO H 218 -26.55 56.17 -21.05
C PRO H 218 -25.30 55.30 -20.95
N ALA H 219 -24.11 55.89 -21.12
CA ALA H 219 -22.85 55.12 -21.08
C ALA H 219 -22.69 54.23 -19.84
N GLU H 220 -23.17 54.71 -18.69
CA GLU H 220 -23.10 54.01 -17.41
C GLU H 220 -24.10 52.86 -17.27
N LYS H 221 -24.96 52.62 -18.26
CA LYS H 221 -25.91 51.52 -18.21
C LYS H 221 -25.54 50.36 -19.16
N VAL H 222 -24.53 50.54 -20.06
CA VAL H 222 -24.14 49.55 -21.06
C VAL H 222 -23.73 48.20 -20.44
N PHE H 223 -23.03 48.23 -19.30
CA PHE H 223 -22.61 47.01 -18.62
C PHE H 223 -23.80 46.13 -18.17
N LEU H 224 -24.94 46.75 -17.82
CA LEU H 224 -26.15 46.02 -17.41
C LEU H 224 -26.73 45.27 -18.61
N ALA H 225 -26.77 45.96 -19.77
CA ALA H 225 -27.29 45.42 -21.01
C ALA H 225 -26.37 44.29 -21.48
N GLN H 226 -25.04 44.48 -21.38
CA GLN H 226 -24.10 43.44 -21.78
C GLN H 226 -24.32 42.17 -20.93
N LYS H 227 -24.28 42.32 -19.59
CA LYS H 227 -24.48 41.21 -18.64
C LYS H 227 -25.84 40.52 -18.77
N MET H 228 -26.94 41.27 -19.00
CA MET H 228 -28.25 40.67 -19.19
C MET H 228 -28.31 39.86 -20.49
N MET H 229 -27.81 40.45 -21.57
CA MET H 229 -27.84 39.80 -22.87
C MET H 229 -27.00 38.55 -22.90
N ILE H 230 -25.76 38.61 -22.34
CA ILE H 230 -24.89 37.44 -22.25
C ILE H 230 -25.58 36.30 -21.46
N GLY H 231 -26.19 36.64 -20.32
CA GLY H 231 -26.89 35.69 -19.47
C GLY H 231 -28.09 35.06 -20.15
N ARG H 232 -28.86 35.88 -20.90
CA ARG H 232 -30.03 35.36 -21.60
C ARG H 232 -29.64 34.47 -22.74
N CYS H 233 -28.52 34.80 -23.44
CA CYS H 233 -28.00 33.98 -24.52
C CYS H 233 -27.50 32.66 -23.97
N ASN H 234 -26.79 32.70 -22.81
CA ASN H 234 -26.27 31.50 -22.15
C ASN H 234 -27.43 30.56 -21.76
N LEU H 235 -28.53 31.14 -21.29
CA LEU H 235 -29.72 30.41 -20.90
C LEU H 235 -30.35 29.74 -22.15
N ALA H 236 -30.42 30.48 -23.27
CA ALA H 236 -30.97 30.04 -24.55
C ALA H 236 -30.09 29.06 -25.32
N GLY H 237 -28.80 28.99 -24.99
CA GLY H 237 -27.85 28.12 -25.68
C GLY H 237 -27.44 28.67 -27.04
N LYS H 238 -27.50 30.00 -27.21
CA LYS H 238 -27.14 30.67 -28.46
C LYS H 238 -25.88 31.53 -28.26
N PRO H 239 -25.00 31.60 -29.28
CA PRO H 239 -23.78 32.42 -29.12
C PRO H 239 -24.01 33.90 -28.84
N VAL H 240 -23.10 34.52 -28.11
CA VAL H 240 -23.16 35.93 -27.80
C VAL H 240 -21.78 36.54 -27.94
N VAL H 241 -21.65 37.60 -28.76
CA VAL H 241 -20.39 38.26 -29.01
C VAL H 241 -20.30 39.55 -28.22
N CYS H 242 -19.15 39.83 -27.59
CA CYS H 242 -18.92 41.11 -26.95
C CYS H 242 -18.08 41.92 -27.90
N ALA H 243 -18.55 43.12 -28.27
CA ALA H 243 -17.87 43.92 -29.28
C ALA H 243 -17.56 45.36 -28.85
N THR H 244 -16.61 46.01 -29.54
CA THR H 244 -16.22 47.43 -29.53
C THR H 244 -15.40 47.93 -28.32
N GLN H 245 -14.26 48.56 -28.64
CA GLN H 245 -13.31 49.23 -27.77
C GLN H 245 -12.72 48.35 -26.68
N MET H 246 -12.59 47.04 -26.94
CA MET H 246 -12.03 46.11 -25.96
C MET H 246 -10.55 46.38 -25.67
N LEU H 247 -9.75 46.62 -26.70
CA LEU H 247 -8.32 46.92 -26.55
C LEU H 247 -7.99 48.14 -27.42
N GLU H 248 -8.87 49.16 -27.40
CA GLU H 248 -8.75 50.37 -28.20
C GLU H 248 -7.37 51.04 -28.20
N SER H 249 -6.70 51.09 -27.05
CA SER H 249 -5.35 51.70 -26.99
C SER H 249 -4.31 50.97 -27.85
N MET H 250 -4.53 49.69 -28.16
CA MET H 250 -3.62 48.90 -28.97
C MET H 250 -3.63 49.29 -30.47
N ILE H 251 -4.51 50.22 -30.88
CA ILE H 251 -4.50 50.72 -32.25
C ILE H 251 -3.17 51.49 -32.50
N THR H 252 -2.77 52.28 -31.50
CA THR H 252 -1.56 53.10 -31.56
C THR H 252 -0.42 52.56 -30.69
N LYS H 253 -0.74 51.93 -29.51
CA LYS H 253 0.25 51.46 -28.53
C LYS H 253 0.45 49.93 -28.49
N PRO H 254 1.68 49.48 -28.16
CA PRO H 254 1.96 48.03 -28.17
C PRO H 254 1.39 47.21 -26.99
N ARG H 255 0.94 47.90 -25.93
CA ARG H 255 0.39 47.27 -24.75
C ARG H 255 -0.95 47.95 -24.38
N PRO H 256 -1.94 47.20 -23.86
CA PRO H 256 -3.22 47.82 -23.51
C PRO H 256 -3.26 48.42 -22.10
N THR H 257 -4.35 49.17 -21.79
CA THR H 257 -4.52 49.79 -20.48
C THR H 257 -5.02 48.74 -19.45
N ARG H 258 -4.98 49.07 -18.16
CA ARG H 258 -5.44 48.19 -17.12
C ARG H 258 -6.93 47.96 -17.21
N ALA H 259 -7.69 48.94 -17.76
CA ALA H 259 -9.14 48.84 -17.93
C ALA H 259 -9.47 47.89 -19.08
N GLU H 260 -8.62 47.88 -20.13
CA GLU H 260 -8.78 47.06 -21.33
C GLU H 260 -8.58 45.59 -21.07
N THR H 261 -7.49 45.22 -20.35
CA THR H 261 -7.26 43.83 -19.99
C THR H 261 -8.40 43.35 -19.06
N SER H 262 -8.82 44.20 -18.13
CA SER H 262 -9.92 43.93 -17.21
C SER H 262 -11.22 43.69 -18.00
N ASP H 263 -11.50 44.53 -18.99
CA ASP H 263 -12.70 44.44 -19.81
C ASP H 263 -12.78 43.10 -20.56
N VAL H 264 -11.66 42.69 -21.23
CA VAL H 264 -11.61 41.45 -21.99
C VAL H 264 -11.86 40.26 -21.08
N ALA H 265 -11.20 40.26 -19.91
CA ALA H 265 -11.34 39.20 -18.94
C ALA H 265 -12.75 39.10 -18.39
N ASN H 266 -13.38 40.26 -18.16
CA ASN H 266 -14.73 40.29 -17.62
C ASN H 266 -15.79 39.88 -18.64
N ALA H 267 -15.58 40.14 -19.94
CA ALA H 267 -16.50 39.69 -20.98
C ALA H 267 -16.50 38.16 -21.01
N VAL H 268 -15.31 37.54 -20.87
CA VAL H 268 -15.16 36.08 -20.82
C VAL H 268 -15.82 35.57 -19.56
N LEU H 269 -15.53 36.18 -18.40
CA LEU H 269 -16.13 35.78 -17.14
C LEU H 269 -17.65 35.88 -17.16
N ASP H 270 -18.23 36.89 -17.84
CA ASP H 270 -19.67 37.09 -17.98
C ASP H 270 -20.33 35.92 -18.71
N GLY H 271 -19.62 35.34 -19.68
CA GLY H 271 -20.10 34.20 -20.44
C GLY H 271 -20.17 34.45 -21.93
N ALA H 272 -19.35 35.37 -22.44
CA ALA H 272 -19.37 35.68 -23.87
C ALA H 272 -18.73 34.54 -24.64
N ASP H 273 -19.36 34.12 -25.73
CA ASP H 273 -18.84 33.06 -26.58
C ASP H 273 -17.70 33.58 -27.43
N CYS H 274 -17.80 34.85 -27.88
CA CYS H 274 -16.80 35.51 -28.74
C CYS H 274 -16.40 36.88 -28.23
N ILE H 275 -15.17 37.27 -28.53
CA ILE H 275 -14.68 38.62 -28.23
C ILE H 275 -14.21 39.22 -29.56
N MET H 276 -14.35 40.54 -29.73
CA MET H 276 -14.02 41.17 -30.99
C MET H 276 -12.95 42.29 -30.96
N LEU H 277 -12.22 42.45 -32.07
CA LEU H 277 -11.28 43.51 -32.34
C LEU H 277 -11.86 44.29 -33.57
N SER H 278 -12.06 45.60 -33.45
CA SER H 278 -12.53 46.42 -34.54
C SER H 278 -11.30 47.16 -35.10
N GLY H 279 -10.98 48.36 -34.56
CA GLY H 279 -9.86 49.18 -35.01
C GLY H 279 -8.51 48.54 -34.76
N GLU H 280 -8.42 47.74 -33.70
CA GLU H 280 -7.20 47.05 -33.28
C GLU H 280 -6.65 46.21 -34.37
N THR H 281 -7.50 45.56 -35.20
CA THR H 281 -7.03 44.70 -36.30
C THR H 281 -7.30 45.29 -37.69
N ALA H 282 -8.25 46.21 -37.81
CA ALA H 282 -8.54 46.81 -39.10
C ALA H 282 -7.59 47.93 -39.50
N LYS H 283 -7.28 48.89 -38.63
CA LYS H 283 -6.44 50.02 -39.03
C LYS H 283 -5.22 50.30 -38.15
N GLY H 284 -5.03 49.52 -37.11
CA GLY H 284 -3.95 49.73 -36.17
C GLY H 284 -2.56 49.32 -36.55
N ASN H 285 -1.66 49.68 -35.68
CA ASN H 285 -0.25 49.36 -35.83
C ASN H 285 0.11 47.97 -35.24
N PHE H 286 -0.76 47.43 -34.37
CA PHE H 286 -0.48 46.16 -33.74
C PHE H 286 -1.64 45.17 -33.94
N PRO H 287 -1.98 44.72 -35.17
CA PRO H 287 -3.11 43.78 -35.31
C PRO H 287 -2.80 42.35 -34.80
N VAL H 288 -1.58 41.82 -35.10
CA VAL H 288 -1.20 40.51 -34.62
C VAL H 288 -1.04 40.51 -33.10
N GLU H 289 -0.54 41.60 -32.53
CA GLU H 289 -0.35 41.73 -31.10
C GLU H 289 -1.67 41.87 -30.37
N ALA H 290 -2.70 42.46 -31.02
CA ALA H 290 -4.00 42.59 -30.38
C ALA H 290 -4.68 41.21 -30.29
N VAL H 291 -4.48 40.36 -31.30
CA VAL H 291 -5.02 39.00 -31.34
C VAL H 291 -4.30 38.16 -30.28
N LYS H 292 -2.97 38.26 -30.21
CA LYS H 292 -2.18 37.56 -29.18
C LYS H 292 -2.61 37.99 -27.76
N MET H 293 -2.88 39.30 -27.56
CA MET H 293 -3.33 39.80 -26.25
C MET H 293 -4.70 39.28 -25.87
N GLN H 294 -5.66 39.29 -26.81
CA GLN H 294 -7.00 38.74 -26.52
C GLN H 294 -6.91 37.25 -26.24
N HIS H 295 -6.02 36.52 -26.94
CA HIS H 295 -5.81 35.11 -26.70
C HIS H 295 -5.28 34.89 -25.26
N ALA H 296 -4.23 35.61 -24.88
CA ALA H 296 -3.61 35.50 -23.55
C ALA H 296 -4.57 35.77 -22.40
N ILE H 297 -5.36 36.86 -22.47
CA ILE H 297 -6.33 37.22 -21.43
C ILE H 297 -7.46 36.20 -21.37
N ALA H 298 -8.04 35.78 -22.52
CA ALA H 298 -9.15 34.82 -22.53
C ALA H 298 -8.75 33.51 -21.86
N ARG H 299 -7.58 32.96 -22.19
CA ARG H 299 -7.05 31.74 -21.58
C ARG H 299 -7.02 31.83 -20.04
N GLU H 300 -6.58 32.98 -19.48
CA GLU H 300 -6.51 33.21 -18.04
C GLU H 300 -7.91 33.26 -17.44
N ALA H 301 -8.79 34.04 -18.06
CA ALA H 301 -10.16 34.27 -17.62
C ALA H 301 -11.00 33.00 -17.62
N GLU H 302 -10.81 32.12 -18.62
CA GLU H 302 -11.56 30.86 -18.71
C GLU H 302 -11.19 29.89 -17.57
N ALA H 303 -9.91 29.89 -17.13
CA ALA H 303 -9.48 29.05 -16.03
C ALA H 303 -10.14 29.54 -14.72
N ALA H 304 -10.27 30.87 -14.57
CA ALA H 304 -10.88 31.50 -13.42
C ALA H 304 -12.44 31.42 -13.38
N VAL H 305 -13.06 30.73 -14.35
CA VAL H 305 -14.51 30.57 -14.35
C VAL H 305 -14.91 29.56 -13.25
N TYR H 306 -15.90 29.95 -12.43
CA TYR H 306 -16.41 29.15 -11.34
C TYR H 306 -17.38 28.08 -11.89
N HIS H 307 -16.84 27.04 -12.51
CA HIS H 307 -17.65 25.99 -13.10
C HIS H 307 -18.61 25.28 -12.14
N ARG H 308 -18.26 25.17 -10.85
CA ARG H 308 -19.12 24.50 -9.88
C ARG H 308 -20.53 25.09 -9.87
N GLN H 309 -20.65 26.41 -9.73
CA GLN H 309 -21.96 27.05 -9.74
C GLN H 309 -22.47 27.25 -11.15
N LEU H 310 -21.58 27.53 -12.11
CA LEU H 310 -21.98 27.74 -13.50
C LEU H 310 -22.72 26.54 -14.06
N PHE H 311 -22.11 25.33 -13.97
CA PHE H 311 -22.71 24.13 -14.50
C PHE H 311 -24.00 23.79 -13.79
N GLU H 312 -24.02 23.92 -12.45
CA GLU H 312 -25.19 23.64 -11.62
C GLU H 312 -26.35 24.52 -11.97
N GLU H 313 -26.11 25.82 -12.20
CA GLU H 313 -27.15 26.78 -12.57
C GLU H 313 -27.64 26.54 -13.98
N LEU H 314 -26.73 26.23 -14.91
CA LEU H 314 -27.08 25.92 -16.30
C LEU H 314 -27.92 24.66 -16.36
N ARG H 315 -27.60 23.59 -15.55
CA ARG H 315 -28.43 22.39 -15.63
C ARG H 315 -29.79 22.61 -15.02
N ARG H 316 -29.88 23.31 -13.87
CA ARG H 316 -31.16 23.61 -13.21
C ARG H 316 -32.04 24.45 -14.14
N ALA H 317 -31.46 25.52 -14.71
CA ALA H 317 -32.17 26.44 -15.60
C ALA H 317 -32.66 25.81 -16.88
N ALA H 318 -31.89 24.87 -17.45
CA ALA H 318 -32.28 24.25 -18.71
C ALA H 318 -33.51 23.38 -18.52
N PRO H 319 -34.51 23.54 -19.39
CA PRO H 319 -35.74 22.74 -19.25
C PRO H 319 -35.56 21.29 -19.68
N LEU H 320 -36.51 20.44 -19.27
CA LEU H 320 -36.50 19.03 -19.68
C LEU H 320 -36.59 18.93 -21.20
N SER H 321 -36.02 17.87 -21.77
CA SER H 321 -36.04 17.70 -23.21
C SER H 321 -36.22 16.28 -23.58
N ARG H 322 -36.94 16.03 -24.66
CA ARG H 322 -37.10 14.70 -25.19
C ARG H 322 -36.26 14.48 -26.48
N ASP H 323 -35.31 15.39 -26.78
CA ASP H 323 -34.45 15.31 -27.95
C ASP H 323 -33.20 14.57 -27.56
N PRO H 324 -32.94 13.43 -28.22
CA PRO H 324 -31.76 12.63 -27.86
C PRO H 324 -30.44 13.38 -27.94
N THR H 325 -30.31 14.35 -28.86
CA THR H 325 -29.09 15.17 -28.97
C THR H 325 -28.93 15.99 -27.68
N GLU H 326 -30.00 16.61 -27.20
CA GLU H 326 -30.00 17.44 -26.01
C GLU H 326 -29.71 16.64 -24.74
N VAL H 327 -30.28 15.43 -24.65
CA VAL H 327 -30.11 14.50 -23.53
C VAL H 327 -28.69 13.94 -23.49
N THR H 328 -28.17 13.53 -24.64
CA THR H 328 -26.80 13.04 -24.76
C THR H 328 -25.78 14.12 -24.40
N ALA H 329 -26.07 15.39 -24.72
CA ALA H 329 -25.17 16.48 -24.45
C ALA H 329 -24.99 16.72 -22.95
N ILE H 330 -26.08 16.69 -22.17
CA ILE H 330 -25.94 16.89 -20.72
C ILE H 330 -25.30 15.67 -20.05
N GLY H 331 -25.57 14.48 -20.55
CA GLY H 331 -24.98 13.27 -20.01
C GLY H 331 -23.48 13.27 -20.25
N ALA H 332 -23.03 13.70 -21.45
CA ALA H 332 -21.62 13.75 -21.84
C ALA H 332 -20.86 14.80 -21.07
N VAL H 333 -21.48 15.98 -20.81
CA VAL H 333 -20.81 17.02 -20.07
C VAL H 333 -20.64 16.59 -18.63
N GLU H 334 -21.66 15.94 -18.05
CA GLU H 334 -21.58 15.41 -16.69
C GLU H 334 -20.49 14.33 -16.59
N ALA H 335 -20.38 13.47 -17.57
CA ALA H 335 -19.37 12.42 -17.62
C ALA H 335 -17.99 13.05 -17.70
N ALA H 336 -17.82 14.09 -18.54
CA ALA H 336 -16.56 14.81 -18.70
C ALA H 336 -16.09 15.48 -17.40
N PHE H 337 -17.03 15.98 -16.58
CA PHE H 337 -16.66 16.59 -15.34
C PHE H 337 -16.22 15.56 -14.31
N LYS H 338 -16.90 14.41 -14.25
CA LYS H 338 -16.61 13.31 -13.35
C LYS H 338 -15.20 12.76 -13.46
N CYS H 339 -14.66 12.67 -14.65
CA CYS H 339 -13.31 12.11 -14.86
C CYS H 339 -12.24 13.13 -15.22
N CYS H 340 -12.59 14.44 -15.26
CA CYS H 340 -11.70 15.53 -15.71
C CYS H 340 -11.19 15.20 -17.11
N ALA H 341 -12.17 14.93 -18.00
CA ALA H 341 -11.91 14.55 -19.40
C ALA H 341 -11.12 15.67 -20.08
N ALA H 342 -10.13 15.28 -20.85
CA ALA H 342 -9.32 16.24 -21.59
C ALA H 342 -10.13 16.90 -22.70
N ALA H 343 -11.05 16.14 -23.29
CA ALA H 343 -11.85 16.61 -24.41
C ALA H 343 -13.12 15.78 -24.57
N ILE H 344 -14.11 16.34 -25.28
CA ILE H 344 -15.32 15.68 -25.71
C ILE H 344 -15.21 15.69 -27.23
N ILE H 345 -15.06 14.54 -27.88
CA ILE H 345 -14.96 14.49 -29.34
C ILE H 345 -16.36 14.20 -29.89
N VAL H 346 -16.91 15.08 -30.71
CA VAL H 346 -18.24 14.94 -31.26
C VAL H 346 -18.25 14.98 -32.79
N LEU H 347 -18.96 14.05 -33.41
CA LEU H 347 -19.16 14.07 -34.86
C LEU H 347 -20.42 14.90 -35.05
N THR H 348 -20.35 15.78 -36.00
CA THR H 348 -21.44 16.73 -36.29
C THR H 348 -21.45 17.08 -37.81
N THR H 349 -22.62 17.27 -38.40
CA THR H 349 -22.75 17.60 -39.81
C THR H 349 -23.07 19.11 -39.89
N THR H 350 -24.01 19.61 -39.05
CA THR H 350 -24.48 20.98 -39.02
C THR H 350 -23.87 21.82 -37.90
N GLY H 351 -23.18 21.21 -36.94
CA GLY H 351 -22.62 21.88 -35.79
C GLY H 351 -23.52 21.86 -34.56
N ARG H 352 -24.75 21.39 -34.73
CA ARG H 352 -25.72 21.39 -33.65
C ARG H 352 -25.32 20.59 -32.43
N SER H 353 -24.79 19.34 -32.62
CA SER H 353 -24.38 18.51 -31.48
C SER H 353 -23.28 19.18 -30.67
N ALA H 354 -22.37 19.85 -31.34
CA ALA H 354 -21.29 20.57 -30.69
C ALA H 354 -21.86 21.77 -29.91
N GLN H 355 -22.87 22.44 -30.48
CA GLN H 355 -23.49 23.60 -29.84
C GLN H 355 -24.17 23.19 -28.57
N LEU H 356 -24.88 22.03 -28.57
CA LEU H 356 -25.55 21.55 -27.39
C LEU H 356 -24.62 21.10 -26.28
N LEU H 357 -23.42 20.69 -26.63
CA LEU H 357 -22.39 20.33 -25.63
C LEU H 357 -21.90 21.63 -25.00
N SER H 358 -21.60 22.64 -25.85
CA SER H 358 -21.09 23.97 -25.54
C SER H 358 -21.97 24.75 -24.54
N ARG H 359 -23.28 24.70 -24.69
CA ARG H 359 -24.22 25.43 -23.86
C ARG H 359 -24.11 25.12 -22.36
N TYR H 360 -23.62 23.90 -22.01
CA TYR H 360 -23.40 23.48 -20.62
C TYR H 360 -22.03 23.89 -20.07
N ARG H 361 -21.22 24.60 -20.87
CA ARG H 361 -19.91 25.14 -20.51
C ARG H 361 -18.97 24.12 -19.85
N PRO H 362 -18.69 23.00 -20.51
CA PRO H 362 -17.73 22.06 -19.96
C PRO H 362 -16.30 22.64 -19.93
N ARG H 363 -15.48 22.15 -19.00
CA ARG H 363 -14.07 22.51 -18.95
C ARG H 363 -13.33 21.77 -20.09
N ALA H 364 -13.80 20.57 -20.51
CA ALA H 364 -13.19 19.79 -21.58
C ALA H 364 -13.48 20.43 -22.93
N ALA H 365 -12.50 20.40 -23.82
CA ALA H 365 -12.62 20.98 -25.12
C ALA H 365 -13.59 20.15 -25.93
N VAL H 366 -14.48 20.81 -26.68
CA VAL H 366 -15.37 20.11 -27.57
C VAL H 366 -14.69 20.03 -28.93
N ILE H 367 -13.99 18.94 -29.20
CA ILE H 367 -13.34 18.73 -30.48
C ILE H 367 -14.42 18.22 -31.47
N ALA H 368 -14.86 19.08 -32.42
CA ALA H 368 -15.92 18.75 -33.34
C ALA H 368 -15.36 18.32 -34.66
N VAL H 369 -15.62 17.08 -35.08
CA VAL H 369 -15.15 16.57 -36.36
C VAL H 369 -16.31 16.61 -37.34
N THR H 370 -16.14 17.37 -38.42
CA THR H 370 -17.17 17.55 -39.42
C THR H 370 -16.57 17.53 -40.80
N ARG H 371 -17.38 17.11 -41.78
CA ARG H 371 -17.04 17.13 -43.20
C ARG H 371 -17.56 18.43 -43.82
N SER H 372 -18.49 19.16 -43.15
CA SER H 372 -18.98 20.43 -43.64
C SER H 372 -17.97 21.57 -43.35
N ALA H 373 -17.41 22.15 -44.38
CA ALA H 373 -16.48 23.27 -44.28
C ALA H 373 -17.21 24.48 -43.65
N GLN H 374 -18.47 24.73 -44.05
CA GLN H 374 -19.29 25.80 -43.51
C GLN H 374 -19.56 25.60 -42.00
N ALA H 375 -19.98 24.38 -41.60
CA ALA H 375 -20.20 24.07 -40.19
C ALA H 375 -18.93 24.22 -39.39
N ALA H 376 -17.80 23.79 -39.92
CA ALA H 376 -16.50 23.91 -39.24
C ALA H 376 -16.16 25.38 -38.96
N ARG H 377 -16.49 26.27 -39.90
CA ARG H 377 -16.23 27.68 -39.72
C ARG H 377 -17.22 28.29 -38.73
N GLN H 378 -18.50 27.96 -38.86
CA GLN H 378 -19.55 28.49 -38.01
C GLN H 378 -19.52 28.05 -36.53
N VAL H 379 -18.93 26.88 -36.21
CA VAL H 379 -18.91 26.47 -34.79
C VAL H 379 -17.98 27.32 -33.95
N HIS H 380 -17.17 28.20 -34.54
CA HIS H 380 -16.32 29.13 -33.78
C HIS H 380 -17.21 30.09 -32.98
N LEU H 381 -18.50 30.27 -33.38
CA LEU H 381 -19.40 31.09 -32.65
C LEU H 381 -19.68 30.49 -31.27
N CYS H 382 -19.55 29.15 -31.09
CA CYS H 382 -19.79 28.51 -29.81
C CYS H 382 -18.53 28.33 -29.00
N ARG H 383 -18.54 28.81 -27.76
CA ARG H 383 -17.38 28.73 -26.87
C ARG H 383 -16.99 27.31 -26.57
N GLY H 384 -15.70 27.04 -26.68
CA GLY H 384 -15.16 25.73 -26.35
C GLY H 384 -15.26 24.71 -27.45
N VAL H 385 -15.76 25.10 -28.65
CA VAL H 385 -15.81 24.17 -29.77
C VAL H 385 -14.59 24.39 -30.63
N PHE H 386 -13.84 23.33 -30.90
CA PHE H 386 -12.62 23.33 -31.70
C PHE H 386 -12.89 22.49 -32.94
N PRO H 387 -13.23 23.13 -34.06
CA PRO H 387 -13.57 22.37 -35.26
C PRO H 387 -12.39 21.78 -36.01
N LEU H 388 -12.61 20.58 -36.56
CA LEU H 388 -11.65 19.86 -37.39
C LEU H 388 -12.35 19.51 -38.71
N LEU H 389 -11.77 19.85 -39.85
CA LEU H 389 -12.37 19.53 -41.14
C LEU H 389 -11.82 18.17 -41.63
N TYR H 390 -12.70 17.17 -41.76
CA TYR H 390 -12.33 15.83 -42.24
C TYR H 390 -12.49 15.81 -43.75
N ARG H 391 -11.41 15.45 -44.44
CA ARG H 391 -11.32 15.53 -45.89
C ARG H 391 -11.53 14.20 -46.60
N GLU H 392 -11.19 13.10 -45.93
CA GLU H 392 -11.36 11.77 -46.50
C GLU H 392 -12.79 11.48 -46.92
N PRO H 393 -12.95 10.82 -48.07
CA PRO H 393 -14.30 10.44 -48.49
C PRO H 393 -14.78 9.27 -47.62
N PRO H 394 -16.11 9.02 -47.66
CA PRO H 394 -16.68 8.01 -46.78
C PRO H 394 -16.23 6.58 -47.02
N GLU H 395 -15.97 5.81 -45.96
CA GLU H 395 -15.64 4.38 -46.00
C GLU H 395 -16.93 3.62 -46.32
N ALA H 396 -16.78 2.42 -46.88
CA ALA H 396 -17.93 1.56 -47.24
C ALA H 396 -18.74 1.16 -45.99
N ILE H 397 -18.06 0.76 -44.91
CA ILE H 397 -18.75 0.39 -43.69
C ILE H 397 -18.88 1.65 -42.82
N TRP H 398 -20.11 2.06 -42.50
CA TRP H 398 -20.37 3.26 -41.72
C TRP H 398 -19.68 3.30 -40.39
N ALA H 399 -19.69 2.23 -39.61
CA ALA H 399 -19.04 2.22 -38.30
C ALA H 399 -17.56 2.48 -38.42
N ASP H 400 -16.92 1.99 -39.52
CA ASP H 400 -15.49 2.20 -39.77
C ASP H 400 -15.22 3.67 -40.10
N ASP H 401 -16.14 4.32 -40.84
CA ASP H 401 -16.04 5.73 -41.20
C ASP H 401 -16.15 6.60 -39.93
N VAL H 402 -17.00 6.20 -38.98
CA VAL H 402 -17.17 6.89 -37.72
C VAL H 402 -15.87 6.75 -36.93
N ASP H 403 -15.33 5.53 -36.81
CA ASP H 403 -14.10 5.28 -36.07
C ASP H 403 -12.92 6.05 -36.64
N ARG H 404 -12.87 6.26 -37.97
CA ARG H 404 -11.78 7.01 -38.58
C ARG H 404 -11.87 8.47 -38.22
N ARG H 405 -13.09 9.02 -38.15
CA ARG H 405 -13.27 10.41 -37.78
C ARG H 405 -12.92 10.64 -36.32
N VAL H 406 -13.23 9.69 -35.44
CA VAL H 406 -12.89 9.77 -34.01
C VAL H 406 -11.36 9.71 -33.86
N GLN H 407 -10.68 8.86 -34.64
CA GLN H 407 -9.22 8.75 -34.63
C GLN H 407 -8.56 9.98 -35.19
N PHE H 408 -9.21 10.64 -36.16
CA PHE H 408 -8.74 11.91 -36.70
C PHE H 408 -8.77 13.00 -35.60
N GLY H 409 -9.81 12.99 -34.78
CA GLY H 409 -9.97 13.89 -33.65
C GLY H 409 -8.94 13.62 -32.58
N ILE H 410 -8.58 12.35 -32.34
CA ILE H 410 -7.56 12.01 -31.35
C ILE H 410 -6.20 12.42 -31.86
N GLU H 411 -5.87 12.09 -33.10
CA GLU H 411 -4.58 12.44 -33.65
C GLU H 411 -4.40 13.96 -33.75
N SER H 412 -5.47 14.70 -34.13
CA SER H 412 -5.41 16.16 -34.19
C SER H 412 -5.22 16.71 -32.79
N GLY H 413 -5.94 16.18 -31.82
CA GLY H 413 -5.87 16.65 -30.45
C GLY H 413 -4.54 16.35 -29.81
N LYS H 414 -3.91 15.22 -30.16
CA LYS H 414 -2.60 14.81 -29.63
C LYS H 414 -1.55 15.79 -30.15
N LEU H 415 -1.56 16.03 -31.47
CA LEU H 415 -0.67 16.93 -32.16
C LEU H 415 -0.82 18.35 -31.67
N ARG H 416 -2.05 18.81 -31.42
CA ARG H 416 -2.27 20.21 -30.97
C ARG H 416 -2.09 20.43 -29.49
N GLY H 417 -1.77 19.38 -28.71
CA GLY H 417 -1.58 19.54 -27.28
C GLY H 417 -2.78 19.32 -26.36
N PHE H 418 -3.97 19.10 -26.92
CA PHE H 418 -5.17 18.84 -26.09
C PHE H 418 -5.11 17.47 -25.38
N LEU H 419 -4.48 16.49 -26.02
CA LEU H 419 -4.50 15.14 -25.52
C LEU H 419 -3.15 14.57 -25.36
N ARG H 420 -3.04 13.74 -24.38
CA ARG H 420 -1.85 12.98 -24.00
C ARG H 420 -2.31 11.52 -23.86
N VAL H 421 -1.39 10.58 -23.95
CA VAL H 421 -1.71 9.17 -23.69
C VAL H 421 -2.02 9.03 -22.21
N GLY H 422 -3.08 8.31 -21.89
CA GLY H 422 -3.50 8.15 -20.50
C GLY H 422 -4.70 9.00 -20.16
N ASP H 423 -4.95 10.08 -20.93
CA ASP H 423 -6.11 10.96 -20.75
C ASP H 423 -7.44 10.21 -21.04
N LEU H 424 -8.53 10.72 -20.47
CA LEU H 424 -9.84 10.19 -20.72
C LEU H 424 -10.60 11.17 -21.63
N VAL H 425 -11.32 10.67 -22.61
CA VAL H 425 -12.13 11.50 -23.50
C VAL H 425 -13.55 10.95 -23.59
N ILE H 426 -14.50 11.82 -23.89
CA ILE H 426 -15.89 11.42 -24.05
C ILE H 426 -16.13 11.50 -25.52
N VAL H 427 -16.58 10.42 -26.15
CA VAL H 427 -16.86 10.43 -27.57
C VAL H 427 -18.38 10.44 -27.80
N VAL H 428 -18.89 11.43 -28.55
CA VAL H 428 -20.31 11.63 -28.83
C VAL H 428 -20.60 11.43 -30.25
N THR H 429 -21.40 10.39 -30.58
CA THR H 429 -21.78 10.00 -31.93
C THR H 429 -23.33 9.73 -31.96
N GLY H 430 -23.83 9.23 -33.09
CA GLY H 430 -25.23 8.91 -33.31
C GLY H 430 -25.42 7.49 -33.82
N TRP H 431 -26.67 7.08 -33.96
CA TRP H 431 -26.99 5.72 -34.37
C TRP H 431 -27.05 5.49 -35.88
N ARG H 432 -27.07 6.56 -36.65
CA ARG H 432 -27.15 6.43 -38.09
C ARG H 432 -26.53 7.63 -38.76
N PRO H 433 -26.12 7.47 -40.04
CA PRO H 433 -25.62 8.63 -40.78
C PRO H 433 -26.73 9.68 -40.94
N GLY H 434 -26.33 10.88 -41.29
CA GLY H 434 -27.24 11.98 -41.45
C GLY H 434 -27.37 12.71 -40.15
N SER H 435 -27.60 14.00 -40.26
CA SER H 435 -27.73 14.94 -39.20
C SER H 435 -28.94 14.63 -38.32
N GLY H 436 -28.86 14.96 -37.04
CA GLY H 436 -30.00 14.90 -36.14
C GLY H 436 -30.18 13.67 -35.28
N TYR H 437 -29.27 12.70 -35.44
CA TYR H 437 -29.36 11.43 -34.76
C TYR H 437 -28.30 11.13 -33.68
N THR H 438 -27.64 12.18 -33.10
CA THR H 438 -26.70 11.98 -31.97
C THR H 438 -27.44 11.34 -30.83
N ASN H 439 -26.90 10.29 -30.25
CA ASN H 439 -27.54 9.63 -29.10
C ASN H 439 -26.57 8.81 -28.23
N ILE H 440 -25.35 8.59 -28.70
CA ILE H 440 -24.38 7.80 -27.98
C ILE H 440 -23.27 8.65 -27.33
N MET H 441 -22.85 8.26 -26.11
CA MET H 441 -21.69 8.80 -25.41
C MET H 441 -20.83 7.62 -24.87
N ARG H 442 -19.54 7.58 -25.29
CA ARG H 442 -18.58 6.56 -24.87
CA ARG H 442 -18.64 6.56 -24.78
C ARG H 442 -17.46 7.16 -24.05
N VAL H 443 -17.00 6.46 -23.00
CA VAL H 443 -15.85 6.87 -22.20
C VAL H 443 -14.62 6.12 -22.80
N LEU H 444 -13.65 6.86 -23.35
CA LEU H 444 -12.48 6.30 -24.03
C LEU H 444 -11.15 6.70 -23.36
N SER H 445 -10.19 5.78 -23.30
CA SER H 445 -8.87 6.09 -22.74
C SER H 445 -7.91 6.29 -23.91
N ILE H 446 -7.20 7.42 -23.93
CA ILE H 446 -6.26 7.71 -25.00
C ILE H 446 -5.06 6.79 -24.95
N SER H 447 -4.82 6.06 -26.05
CA SER H 447 -3.72 5.12 -26.17
C SER H 447 -2.65 5.61 -27.17
P1 FBP I . 57.15 -32.48 -25.32
O1P FBP I . 57.58 -33.92 -25.24
O2P FBP I . 56.37 -32.18 -26.62
O3P FBP I . 58.32 -31.48 -25.19
O1 FBP I . 56.09 -32.14 -24.10
C1 FBP I . 55.87 -30.86 -23.47
C2 FBP I . 55.18 -31.05 -22.06
O2 FBP I . 54.86 -29.79 -21.53
C3 FBP I . 56.04 -31.89 -21.10
O3 FBP I . 56.89 -31.14 -20.23
C4 FBP I . 55.05 -32.84 -20.45
O4 FBP I . 55.72 -34.04 -20.06
C5 FBP I . 54.09 -33.09 -21.61
O5 FBP I . 53.96 -31.80 -22.22
C6 FBP I . 52.73 -33.61 -21.24
O6 FBP I . 52.57 -34.93 -21.79
P2 FBP I . 51.32 -35.81 -21.28
O4P FBP I . 51.53 -36.04 -19.78
O5P FBP I . 51.36 -37.16 -21.96
O6P FBP I . 50.07 -35.08 -21.57
C1 OXL J . 22.12 -49.33 -27.75
C2 OXL J . 23.56 -49.14 -28.34
O1 OXL J . 21.58 -50.42 -27.79
O2 OXL J . 24.12 -50.20 -28.85
O3 OXL J . 21.55 -48.28 -27.22
O4 OXL J . 24.11 -48.04 -28.31
MG MG K . 22.73 -51.89 -28.39
K K L . 26.99 -52.63 -32.37
C1 OE0 M . 26.79 -32.41 -9.99
C3 OE0 M . 26.28 -30.12 -9.42
C4 OE0 M . 25.38 -28.92 -9.54
C5 OE0 M . 24.15 -29.16 -8.69
C6 OE0 M . 23.04 -29.80 -9.20
O5 OE0 M . 18.65 -31.57 -4.00
S OE0 M . 18.64 -31.08 -5.34
O4 OE0 M . 18.08 -31.90 -6.38
C10 OE0 M . 17.81 -29.53 -5.35
C15 OE0 M . 18.09 -28.60 -4.36
C14 OE0 M . 17.40 -27.41 -4.34
C13 OE0 M . 16.43 -27.14 -5.29
O3 OE0 M . 15.77 -25.95 -5.25
C12 OE0 M . 16.15 -28.08 -6.28
O2 OE0 M . 15.18 -27.86 -7.22
C11 OE0 M . 16.84 -29.28 -6.31
N OE0 M . 20.18 -30.84 -5.75
C9 OE0 M . 20.59 -29.56 -6.34
C8 OE0 M . 21.89 -29.61 -7.09
C7 OE0 M . 21.93 -30.04 -8.41
C16 OE0 M . 23.03 -29.03 -6.57
C17 OE0 M . 24.14 -28.79 -7.36
C2 OE0 M . 26.02 -31.27 -10.16
O1 OE0 M . 26.47 -33.54 -10.66
C18 OE0 M . 27.34 -30.12 -8.53
C19 OE0 M . 28.13 -31.24 -8.38
C OE0 M . 27.88 -32.38 -9.11
O OE0 M . 28.73 -33.44 -8.98
H3 OE0 M . 25.13 -28.75 -10.59
H4 OE0 M . 25.87 -28.01 -9.20
H5 OE0 M . 23.04 -30.14 -10.24
H14 OE0 M . 18.85 -28.81 -3.61
H13 OE0 M . 17.62 -26.69 -3.55
H12 OE0 M . 15.12 -25.91 -5.99
H11 OE0 M . 15.56 -27.20 -7.86
H10 OE0 M . 16.61 -29.99 -7.10
H9 OE0 M . 20.94 -31.50 -5.61
H7 OE0 M . 19.81 -29.21 -7.02
H8 OE0 M . 20.65 -28.79 -5.59
H6 OE0 M . 21.09 -30.56 -8.84
H15 OE0 M . 23.06 -28.73 -5.52
H16 OE0 M . 25.00 -28.30 -6.92
H2 OE0 M . 25.19 -31.29 -10.86
H1 OE0 M . 27.14 -33.67 -11.39
H17 OE0 M . 27.54 -29.24 -7.93
H18 OE0 M . 28.95 -31.20 -7.67
H OE0 M . 28.43 -34.15 -9.62
P1 FBP N . 64.23 -9.88 -8.34
O1P FBP N . 65.12 -10.19 -7.12
O2P FBP N . 63.86 -8.37 -8.30
O3P FBP N . 64.87 -10.30 -9.63
O1 FBP N . 62.83 -10.74 -8.18
C1 FBP N . 62.45 -11.93 -8.91
C2 FBP N . 60.89 -12.14 -8.78
O2 FBP N . 60.60 -13.51 -8.87
C3 FBP N . 60.10 -11.31 -9.80
O3 FBP N . 59.79 -11.99 -11.01
C4 FBP N . 58.89 -10.83 -9.03
O4 FBP N . 58.44 -9.59 -9.56
C5 FBP N . 59.47 -10.66 -7.63
O5 FBP N . 60.46 -11.67 -7.50
C6 FBP N . 58.48 -10.76 -6.48
O6 FBP N . 58.62 -9.58 -5.67
P2 FBP N . 57.33 -8.85 -5.03
O4P FBP N . 56.83 -9.82 -3.98
O5P FBP N . 57.65 -7.52 -4.44
O6P FBP N . 56.24 -8.79 -6.12
C1 OXL O . 46.74 -1.26 24.78
C2 OXL O . 48.15 -1.07 24.17
O1 OXL O . 46.29 -2.37 24.98
O2 OXL O . 48.83 -2.16 23.84
O3 OXL O . 46.05 -0.16 25.02
O4 OXL O . 48.59 0.08 24.02
MG MG P . 47.20 1.63 24.79
K K Q . 51.85 3.26 24.38
C1 OE0 R . 36.57 -18.36 9.08
C3 OE0 R . 36.86 -20.47 10.21
C4 OE0 R . 36.49 -21.92 10.38
C5 OE0 R . 35.11 -22.03 11.00
C6 OE0 R . 34.00 -22.33 10.24
O5 OE0 R . 28.46 -22.06 13.61
S OE0 R . 29.40 -21.94 14.69
O4 OE0 R . 29.21 -20.90 15.66
C10 OE0 R . 29.45 -23.49 15.54
C15 OE0 R . 29.99 -23.56 16.81
C14 OE0 R . 30.01 -24.77 17.48
C13 OE0 R . 29.46 -25.90 16.88
O3 OE0 R . 29.53 -27.08 17.55
C12 OE0 R . 28.88 -25.80 15.61
O2 OE0 R . 28.25 -26.86 15.02
C11 OE0 R . 28.90 -24.61 14.93
N OE0 R . 30.84 -21.70 13.98
C9 OE0 R . 31.19 -22.43 12.76
C8 OE0 R . 32.55 -22.20 12.16
C7 OE0 R . 32.75 -22.41 10.80
C16 OE0 R . 33.67 -21.89 12.94
C17 OE0 R . 34.92 -21.80 12.36
C2 OE0 R . 36.39 -19.74 9.13
O1 OE0 R . 36.08 -17.68 8.00
C18 OE0 R . 37.56 -19.81 11.22
C19 OE0 R . 37.74 -18.44 11.17
C OE0 R . 37.24 -17.70 10.11
O OE0 R . 37.41 -16.34 10.11
H3 OE0 R . 37.24 -22.41 10.98
H4 OE0 R . 36.48 -22.44 9.42
H5 OE0 R . 34.13 -22.47 9.17
H14 OE0 R . 30.42 -22.67 17.27
H13 OE0 R . 30.44 -24.80 18.47
H12 OE0 R . 29.99 -26.97 18.42
H11 OE0 R . 28.81 -27.16 14.26
H10 OE0 R . 28.49 -24.57 13.92
H9 OE0 R . 31.51 -21.00 14.29
H7 OE0 R . 31.01 -23.50 12.92
H8 OE0 R . 30.46 -22.19 11.98
H6 OE0 R . 31.90 -22.63 10.15
H15 OE0 R . 33.59 -21.77 14.01
H16 OE0 R . 35.77 -21.56 13.01
H2 OE0 R . 35.88 -20.25 8.33
H1 OE0 R . 35.13 -17.96 7.87
H17 OE0 R . 37.98 -20.36 12.06
H18 OE0 R . 38.28 -17.97 12.00
H OE0 R . 37.91 -16.07 10.91
P1 FBP S . -13.04 -26.87 10.45
O1P FBP S . -13.65 -27.83 11.45
O2P FBP S . -12.65 -27.57 9.13
O3P FBP S . -13.87 -25.64 10.30
O1 FBP S . -11.63 -26.47 11.04
C1 FBP S . -10.57 -27.43 11.24
C2 FBP S . -9.28 -26.75 10.82
O2 FBP S . -8.22 -27.58 11.16
C3 FBP S . -9.18 -25.33 11.39
O3 FBP S . -8.95 -25.18 12.78
C4 FBP S . -8.16 -24.76 10.50
O4 FBP S . -8.17 -23.35 10.65
C5 FBP S . -8.77 -25.18 9.18
O5 FBP S . -9.28 -26.51 9.42
C6 FBP S . -7.78 -25.19 8.03
O6 FBP S . -8.34 -24.54 6.87
P2 FBP S . -7.35 -24.10 5.67
O4P FBP S . -6.40 -25.15 5.24
O5P FBP S . -8.26 -23.67 4.58
O6P FBP S . -6.66 -22.85 6.21
C1 OXL T . 0.93 -25.54 -25.60
C2 OXL T . -0.34 -25.88 -24.77
O1 OXL T . 2.04 -26.13 -25.23
O2 OXL T . -0.25 -26.60 -23.76
O3 OXL T . 0.85 -24.78 -26.55
O4 OXL T . -1.47 -25.36 -25.17
MG MG U . -0.91 -23.23 -26.69
K K V . -5.96 -24.81 -25.69
P1 FBP W . 1.25 -33.45 33.69
O1P FBP W . 1.49 -34.76 34.30
O2P FBP W . 2.32 -32.42 34.24
O3P FBP W . -0.18 -32.92 33.79
O1 FBP W . 1.56 -33.60 32.15
C1 FBP W . 1.94 -32.52 31.29
C2 FBP W . 3.02 -33.02 30.30
O2 FBP W . 3.11 -32.03 29.30
C3 FBP W . 2.64 -34.42 29.77
O3 FBP W . 1.55 -34.33 28.87
C4 FBP W . 3.92 -34.85 29.16
O4 FBP W . 3.95 -36.25 29.07
C5 FBP W . 4.89 -34.43 30.26
O5 FBP W . 4.31 -33.28 30.85
C6 FBP W . 6.29 -34.16 29.79
O6 FBP W . 7.15 -34.32 30.91
P2 FBP W . 8.61 -34.92 30.64
O4P FBP W . 9.19 -35.10 32.02
O5P FBP W . 8.68 -36.09 29.83
O6P FBP W . 9.38 -33.86 29.90
C1 OXL X . 37.90 -28.69 39.38
C2 OXL X . 39.34 -28.74 38.74
O1 OXL X . 37.65 -29.44 40.31
O2 OXL X . 40.20 -29.61 39.24
O3 OXL X . 37.03 -27.83 38.91
O4 OXL X . 39.60 -27.98 37.82
MG MG Y . 39.88 -31.37 40.56
K K Z . 36.41 -31.32 44.87
P1 FBP AA . -46.04 45.12 28.86
O1P FBP AA . -46.14 43.91 29.80
O2P FBP AA . -47.46 45.36 28.31
O3P FBP AA . -45.40 46.35 29.50
O1 FBP AA . -45.14 44.62 27.61
C1 FBP AA . -43.70 44.65 27.54
C2 FBP AA . -43.25 44.57 26.05
O2 FBP AA . -41.84 44.60 26.01
C3 FBP AA . -43.89 45.68 25.19
O3 FBP AA . -43.12 46.87 25.02
C4 FBP AA . -44.39 44.94 23.93
O4 FBP AA . -45.51 45.56 23.32
C5 FBP AA . -44.76 43.60 24.56
O5 FBP AA . -43.71 43.34 25.48
C6 FBP AA . -44.91 42.45 23.60
O6 FBP AA . -46.18 41.82 23.84
P2 FBP AA . -46.85 40.92 22.68
O4P FBP AA . -46.15 39.63 22.53
O5P FBP AA . -48.30 40.72 23.08
O6P FBP AA . -46.82 41.75 21.40
C1 OXL BA . -57.77 11.94 16.85
C2 OXL BA . -57.63 10.90 15.69
O1 OXL BA . -56.67 12.30 17.49
O2 OXL BA . -56.51 10.51 15.37
O3 OXL BA . -58.88 12.36 17.12
O4 OXL BA . -58.71 10.52 15.09
MG MG CA . -60.45 11.44 15.36
K K DA . -63.10 13.23 19.97
P1 FBP EA . -19.85 57.95 22.97
O1P FBP EA . -18.39 57.80 23.36
O2P FBP EA . -20.04 59.16 21.99
O3P FBP EA . -20.81 58.20 24.16
O1 FBP EA . -20.44 56.62 22.22
C1 FBP EA . -21.81 56.17 22.22
C2 FBP EA . -21.88 54.74 21.59
O2 FBP EA . -23.17 54.51 21.07
C3 FBP EA . -21.46 53.65 22.59
O3 FBP EA . -22.49 53.04 23.34
C4 FBP EA . -20.63 52.70 21.75
O4 FBP EA . -19.64 52.09 22.57
C5 FBP EA . -19.95 53.66 20.78
O5 FBP EA . -20.94 54.67 20.53
C6 FBP EA . -19.49 53.06 19.47
O6 FBP EA . -18.15 53.54 19.20
P2 FBP EA . -17.18 52.61 18.34
O4P FBP EA . -17.17 51.20 18.99
O5P FBP EA . -15.79 53.24 18.42
O6P FBP EA . -17.70 52.57 16.97
C1 OXL FA . 0.07 52.17 -9.42
C2 OXL FA . -0.19 53.40 -8.52
O1 OXL FA . 1.31 51.77 -9.48
O2 OXL FA . 0.87 53.95 -7.97
O3 OXL FA . -0.85 51.62 -9.98
O4 OXL FA . -1.34 53.80 -8.34
MG MG GA . 2.74 52.67 -8.46
K K HA . 3.39 57.23 -5.86
C1 OE0 IA . -19.13 38.42 -4.53
C3 OE0 IA . -21.36 37.54 -4.93
C4 OE0 IA . -22.58 37.45 -5.81
C5 OE0 IA . -22.34 36.40 -6.88
C6 OE0 IA . -21.41 36.63 -7.88
O5 OE0 IA . -20.53 31.00 -11.05
S OE0 IA . -20.22 32.19 -11.78
O4 OE0 IA . -18.91 32.38 -12.32
C10 OE0 IA . -21.40 32.35 -13.09
C15 OE0 IA . -21.17 33.24 -14.13
C14 OE0 IA . -22.16 33.46 -15.06
C13 OE0 IA . -23.37 32.79 -14.99
O3 OE0 IA . -24.34 33.07 -15.89
C12 OE0 IA . -23.57 31.87 -13.94
O2 OE0 IA . -24.73 31.16 -13.82
C11 OE0 IA . -22.59 31.64 -13.01
N OE0 IA . -20.49 33.42 -10.76
C9 OE0 IA . -21.06 33.16 -9.42
C8 OE0 IA . -21.56 34.33 -8.62
C7 OE0 IA . -21.03 35.61 -8.74
C16 OE0 IA . -22.52 34.12 -7.63
C17 OE0 IA . -22.90 35.14 -6.77
C2 OE0 IA . -20.34 38.44 -5.23
O1 OE0 IA . -18.11 39.23 -4.90
C18 OE0 IA . -21.17 36.65 -3.89
C19 OE0 IA . -19.99 36.64 -3.16
C OE0 IA . -18.97 37.51 -3.47
O OE0 IA . -17.84 37.49 -2.73
H3 OE0 IA . -23.45 37.20 -5.20
H4 OE0 IA . -22.82 38.39 -6.28
H5 OE0 IA . -20.97 37.62 -7.98
H14 OE0 IA . -20.22 33.79 -14.20
H13 OE0 IA . -21.96 34.18 -15.86
H12 OE0 IA . -24.03 33.76 -16.53
H11 OE0 IA . -24.50 30.20 -13.87
H10 OE0 IA . -22.78 30.91 -12.22
H9 OE0 IA . -20.32 34.38 -11.01
H7 OE0 IA . -20.34 32.59 -8.84
H8 OE0 IA . -21.89 32.48 -9.53
H6 OE0 IA . -20.25 35.87 -9.44
H15 OE0 IA . -23.00 33.15 -7.54
H16 OE0 IA . -23.67 34.94 -6.04
H2 OE0 IA . -20.47 39.17 -6.02
H1 OE0 IA . -17.84 38.96 -5.82
H17 OE0 IA . -21.96 35.94 -3.63
H18 OE0 IA . -19.89 35.93 -2.34
H OE0 IA . -17.22 38.18 -3.08
P1 FBP JA . -21.16 -9.67 -21.82
O1P FBP JA . -20.04 -10.45 -21.07
O2P FBP JA . -22.51 -10.28 -21.45
O3P FBP JA . -20.93 -9.57 -23.28
O1 FBP JA . -21.20 -8.20 -21.13
C1 FBP JA . -21.64 -7.03 -21.85
C2 FBP JA . -21.28 -5.89 -20.96
O2 FBP JA . -22.10 -4.81 -21.31
C3 FBP JA . -19.77 -5.59 -21.02
O3 FBP JA . -19.27 -4.88 -22.14
C4 FBP JA . -19.56 -4.89 -19.71
O4 FBP JA . -18.17 -4.95 -19.39
C5 FBP JA . -20.34 -5.81 -18.80
O5 FBP JA . -21.49 -6.20 -19.58
C6 FBP JA . -20.76 -5.18 -17.50
O6 FBP JA . -20.64 -6.14 -16.42
P2 FBP JA . -20.45 -5.61 -14.89
O4P FBP JA . -20.45 -6.90 -14.10
O5P FBP JA . -21.67 -4.80 -14.39
O6P FBP JA . -19.11 -4.86 -14.79
C1 OXL KA . -31.80 -7.48 15.31
C2 OXL KA . -31.74 -8.56 14.21
O1 OXL KA . -31.13 -7.71 16.41
O2 OXL KA . -31.16 -9.62 14.44
O3 OXL KA . -32.43 -6.46 15.11
O4 OXL KA . -32.37 -8.31 13.07
MG MG LA . -29.91 -9.59 16.40
K K MA . -30.20 -14.10 13.74
C1 OE0 NA . -37.31 21.56 6.79
C3 OE0 NA . -34.90 21.67 6.65
C4 OE0 NA . -33.55 21.03 6.88
C5 OE0 NA . -33.40 19.92 5.88
C6 OE0 NA . -33.92 18.66 6.13
O5 OE0 NA . -32.81 16.34 -0.80
S OE0 NA . -33.05 15.79 0.49
O4 OE0 NA . -34.27 15.08 0.73
C10 OE0 NA . -31.72 14.71 0.87
C15 OE0 NA . -30.42 15.08 0.59
C14 OE0 NA . -29.39 14.19 0.85
C13 OE0 NA . -29.64 12.95 1.40
O3 OE0 NA . -28.62 12.10 1.72
C12 OE0 NA . -30.98 12.57 1.67
O2 OE0 NA . -31.28 11.35 2.20
C11 OE0 NA . -32.00 13.46 1.41
N OE0 NA . -33.05 17.03 1.52
C9 OE0 NA . -33.16 16.76 2.96
C8 OE0 NA . -33.33 17.92 3.91
C7 OE0 NA . -33.91 17.69 5.15
C16 OE0 NA . -32.80 19.17 3.67
C17 OE0 NA . -32.85 20.16 4.64
C2 OE0 NA . -36.06 21.01 7.05
O1 OE0 NA . -38.43 20.88 7.16
C18 OE0 NA . -35.01 22.87 5.97
C19 OE0 NA . -36.25 23.45 5.74
C OE0 NA . -37.41 22.80 6.16
O OE0 NA . -38.60 23.41 5.99
H3 OE0 NA . -33.49 20.67 7.91
H4 OE0 NA . -32.74 21.74 6.76
H5 OE0 NA . -34.36 18.45 7.09
H14 OE0 NA . -30.20 16.06 0.17
H13 OE0 NA . -28.36 14.50 0.63
H12 OE0 NA . -27.76 12.54 1.51
H11 OE0 NA . -30.49 10.77 2.07
H10 OE0 NA . -33.02 13.14 1.65
H9 OE0 NA . -33.04 18.00 1.23
H7 OE0 NA . -33.93 16.02 3.13
H8 OE0 NA . -32.26 16.26 3.27
H6 OE0 NA . -34.37 16.73 5.37
H15 OE0 NA . -32.30 19.43 2.73
H16 OE0 NA . -32.48 21.16 4.41
H2 OE0 NA . -36.00 20.06 7.58
H1 OE0 NA . -38.42 20.00 6.71
H17 OE0 NA . -34.12 23.37 5.62
H18 OE0 NA . -36.27 24.41 5.24
H OE0 NA . -38.49 24.28 5.54
P1 FBP OA . -22.55 11.05 -40.71
O1P FBP OA . -21.76 9.73 -40.83
O2P FBP OA . -21.65 12.34 -40.76
O3P FBP OA . -23.60 11.20 -41.77
O1 FBP OA . -23.21 10.99 -39.33
C1 FBP OA . -22.38 11.04 -38.17
C2 FBP OA . -23.20 11.66 -37.01
O2 FBP OA . -22.50 11.38 -35.82
C3 FBP OA . -24.61 11.05 -36.99
O3 FBP OA . -24.66 9.74 -36.46
C4 FBP OA . -25.35 12.06 -36.20
O4 FBP OA . -26.71 11.97 -36.60
C5 FBP OA . -24.78 13.36 -36.73
O5 FBP OA . -23.44 13.07 -37.14
C6 FBP OA . -24.82 14.53 -35.78
O6 FBP OA . -24.85 15.70 -36.62
P2 FBP OA . -25.63 17.05 -36.23
O4P FBP OA . -24.72 17.64 -35.18
O5P FBP OA . -27.01 16.90 -35.61
O6P FBP OA . -25.61 17.89 -37.49
C1 OXL PA . -20.73 47.78 -33.70
C2 OXL PA . -21.10 48.97 -32.75
O1 OXL PA . -20.04 46.84 -33.30
O2 OXL PA . -20.58 48.90 -31.56
O3 OXL PA . -21.17 47.88 -34.92
O4 OXL PA . -21.83 49.88 -33.13
MG MG QA . -23.09 49.79 -35.00
K K RA . -21.52 48.14 -39.63
#